data_7M50
#
_entry.id   7M50
#
_cell.length_a   234.050
_cell.length_b   234.050
_cell.length_c   234.050
_cell.angle_alpha   90.000
_cell.angle_beta   90.000
_cell.angle_gamma   90.000
#
_symmetry.space_group_name_H-M   'P 2 3'
#
loop_
_entity.id
_entity.type
_entity.pdbx_description
1 polymer 'Coat protein'
2 polymer "RNA (5'-R(P*AP*AP*AP*AP*AP*AP*AP*A)-3')"
3 polymer "RNA (5'-R(P*AP*AP*AP*AP*AP*A)-3')"
4 polymer "RNA (5'-R(P*UP*UP*UP*UP*UP*UP*UP*UP*UP*U)-3')"
5 polymer "RNA (5'-R(P*UP*UP*UP*UP*UP*UP*U)-3')"
6 polymer "RNA (5'-R(P*UP*UP*UP*UP*UP*UP*UP*UP*UP*UP*UP*U))-3')"
7 polymer "RNA (5'-R(P*UP*UP*UP*UP*UP*UP*UP*UP*UP*U)-3')"
8 polymer "RNA (5'-R(P*UP*UP*UP*UP*UP*UP*UP*UP*U)-3')"
9 polymer "RNA (5'-R(P*UP*UP*UP*UP*UP*UP*UP*U)-3')"
10 non-polymer 'PHOSPHATE ION'
11 non-polymer 'MAGNESIUM ION'
12 non-polymer 'CHLORIDE ION'
13 non-polymer 'SULFATE ION'
14 water water
#
loop_
_entity_poly.entity_id
_entity_poly.type
_entity_poly.pdbx_seq_one_letter_code
_entity_poly.pdbx_strand_id
1 'polypeptide(L)'
;MGRGKVKPNRKSTGDNSNVVTMIRAGSYPKVNPTPTWVRAIPFEVSVQSGIAFKVPVGSLFSANFRTDSFTSVTVMSVRA
WTQLTPPVNEYSFVRLKPLFKTGDSTEEFEGRASNINTRASVGYRIPTNLRQNTVAADNVCEVRSNCRQVALVISCCFN
;
A,B,C,D,E,F,G,H,I,J,K,L,M,N,O,GG,HH,II,JJ,KK
2 'polyribonucleotide' AAAAAAAA P,V,TT
3 'polyribonucleotide' AAAAAA S,T
4 'polyribonucleotide' AAAAAAAAAA X,UU,bb
5 'polyribonucleotide' AAAAAAA Y,a
6 'polyribonucleotide' UUUUUUUUUUUU e,WW
7 'polyribonucleotide' UUUUUUUUUU h
8 'polyribonucleotide' UUUUUUUUU i,ll,qq
9 'polyribonucleotide' UUUUUUUU m,n,kk
#
loop_
_chem_comp.id
_chem_comp.type
_chem_comp.name
_chem_comp.formula
A RNA linking ADENOSINE-5'-MONOPHOSPHATE 'C10 H14 N5 O7 P'
CL non-polymer 'CHLORIDE ION' 'Cl -1'
MG non-polymer 'MAGNESIUM ION' 'Mg 2'
PO4 non-polymer 'PHOSPHATE ION' 'O4 P -3'
SO4 non-polymer 'SULFATE ION' 'O4 S -2'
U RNA linking URIDINE-5'-MONOPHOSPHATE 'C9 H13 N2 O9 P'
#
# COMPACT_ATOMS: atom_id res chain seq x y z
N GLY A 14 39.35 -30.86 -6.31
CA GLY A 14 38.86 -29.55 -5.92
C GLY A 14 37.54 -29.59 -5.17
N ASP A 15 37.21 -30.76 -4.64
CA ASP A 15 35.96 -30.91 -3.89
C ASP A 15 36.00 -32.15 -3.00
N ASN A 16 35.74 -33.32 -3.58
CA ASN A 16 35.60 -34.55 -2.82
C ASN A 16 36.86 -34.85 -2.01
N SER A 17 37.92 -35.32 -2.68
CA SER A 17 39.20 -35.65 -2.06
C SER A 17 39.08 -36.84 -1.12
N ASN A 18 40.06 -37.74 -1.15
CA ASN A 18 40.06 -38.94 -0.33
C ASN A 18 41.21 -39.00 0.66
N VAL A 19 42.07 -37.99 0.69
CA VAL A 19 43.21 -37.95 1.61
C VAL A 19 43.36 -36.52 2.15
N VAL A 20 44.21 -36.39 3.17
CA VAL A 20 44.47 -35.09 3.77
C VAL A 20 45.19 -34.19 2.77
N THR A 21 44.85 -32.90 2.79
CA THR A 21 45.45 -31.91 1.91
C THR A 21 46.00 -30.76 2.73
N MET A 22 47.11 -30.21 2.28
CA MET A 22 47.78 -29.14 3.02
C MET A 22 47.05 -27.82 2.86
N ILE A 23 46.93 -27.10 3.97
CA ILE A 23 46.31 -25.78 3.99
C ILE A 23 47.42 -24.74 4.10
N ARG A 24 47.49 -23.83 3.12
CA ARG A 24 48.51 -22.78 3.11
C ARG A 24 48.01 -21.63 3.98
N ALA A 25 48.14 -21.81 5.30
CA ALA A 25 47.68 -20.82 6.25
C ALA A 25 48.58 -19.58 6.20
N GLY A 26 48.16 -18.54 6.91
CA GLY A 26 48.90 -17.30 6.95
C GLY A 26 49.14 -16.79 8.35
N SER A 27 48.79 -15.54 8.61
CA SER A 27 48.98 -14.95 9.93
C SER A 27 47.97 -15.53 10.91
N TYR A 28 48.29 -15.40 12.20
CA TYR A 28 47.39 -15.88 13.24
C TYR A 28 46.10 -15.08 13.20
N PRO A 29 44.94 -15.72 13.12
CA PRO A 29 43.69 -14.99 12.94
C PRO A 29 43.13 -14.48 14.26
N LYS A 30 42.10 -13.65 14.14
CA LYS A 30 41.34 -13.20 15.31
C LYS A 30 40.54 -14.38 15.85
N VAL A 31 40.75 -14.71 17.13
CA VAL A 31 40.14 -15.89 17.73
C VAL A 31 39.25 -15.46 18.88
N ASN A 32 38.44 -16.40 19.36
CA ASN A 32 37.51 -16.18 20.46
C ASN A 32 37.14 -17.52 21.08
N PRO A 33 37.63 -17.82 22.29
CA PRO A 33 37.33 -19.12 22.90
C PRO A 33 35.95 -19.23 23.52
N THR A 34 35.22 -18.13 23.65
CA THR A 34 33.91 -18.11 24.30
C THR A 34 32.94 -17.28 23.44
N PRO A 35 32.49 -17.82 22.32
CA PRO A 35 31.67 -17.04 21.39
C PRO A 35 30.20 -17.04 21.78
N THR A 36 29.45 -16.17 21.10
CA THR A 36 28.01 -16.11 21.28
C THR A 36 27.36 -17.39 20.76
N TRP A 37 26.09 -17.57 21.13
CA TRP A 37 25.36 -18.77 20.70
C TRP A 37 23.87 -18.45 20.70
N VAL A 38 23.25 -18.46 19.52
CA VAL A 38 21.80 -18.34 19.40
C VAL A 38 21.17 -19.71 19.63
N ARG A 39 20.14 -19.76 20.46
CA ARG A 39 19.57 -21.04 20.90
C ARG A 39 18.06 -20.93 21.01
N ALA A 40 17.43 -22.11 21.02
CA ALA A 40 16.01 -22.27 21.33
C ALA A 40 15.94 -23.21 22.52
N ILE A 41 15.78 -22.66 23.72
CA ILE A 41 15.94 -23.41 24.96
C ILE A 41 14.58 -23.98 25.36
N PRO A 42 14.42 -25.31 25.44
CA PRO A 42 13.17 -25.87 25.96
C PRO A 42 13.27 -26.26 27.43
N PHE A 43 12.35 -25.75 28.25
CA PHE A 43 12.31 -26.12 29.66
C PHE A 43 10.89 -25.91 30.17
N GLU A 44 10.56 -26.59 31.26
CA GLU A 44 9.23 -26.58 31.84
C GLU A 44 9.23 -25.83 33.17
N VAL A 45 8.06 -25.31 33.51
CA VAL A 45 7.85 -24.62 34.78
C VAL A 45 6.55 -25.13 35.40
N SER A 46 6.52 -25.14 36.73
CA SER A 46 5.33 -25.56 37.48
C SER A 46 4.46 -24.35 37.75
N VAL A 47 3.18 -24.44 37.37
CA VAL A 47 2.24 -23.35 37.48
C VAL A 47 1.09 -23.77 38.39
N GLN A 48 0.59 -22.82 39.17
CA GLN A 48 -0.54 -23.03 40.06
C GLN A 48 -1.78 -22.35 39.50
N SER A 49 -2.94 -22.89 39.84
CA SER A 49 -4.20 -22.34 39.35
C SER A 49 -4.42 -20.93 39.89
N GLY A 50 -4.72 -20.00 38.99
CA GLY A 50 -5.00 -18.64 39.38
C GLY A 50 -3.83 -17.86 39.94
N ILE A 51 -2.61 -18.37 39.81
CA ILE A 51 -1.42 -17.71 40.32
C ILE A 51 -0.43 -17.54 39.19
N ALA A 52 0.10 -16.33 39.03
CA ALA A 52 1.04 -16.00 37.97
C ALA A 52 2.46 -16.37 38.43
N PHE A 53 3.07 -17.32 37.75
CA PHE A 53 4.44 -17.75 38.05
C PHE A 53 5.42 -16.90 37.24
N LYS A 54 6.40 -16.33 37.93
CA LYS A 54 7.42 -15.51 37.30
C LYS A 54 8.56 -16.41 36.83
N VAL A 55 8.84 -16.38 35.52
CA VAL A 55 9.86 -17.25 34.93
C VAL A 55 11.24 -16.66 35.19
N PRO A 56 12.11 -17.34 35.93
CA PRO A 56 13.46 -16.80 36.16
C PRO A 56 14.36 -17.00 34.96
N VAL A 57 15.17 -15.98 34.68
CA VAL A 57 16.14 -16.08 33.60
C VAL A 57 17.20 -17.13 33.92
N GLY A 58 17.44 -17.40 35.21
CA GLY A 58 18.49 -18.32 35.59
C GLY A 58 18.26 -19.75 35.11
N SER A 59 17.00 -20.09 34.82
CA SER A 59 16.70 -21.43 34.31
C SER A 59 17.36 -21.66 32.96
N LEU A 60 17.61 -20.60 32.21
CA LEU A 60 18.24 -20.75 30.89
C LEU A 60 19.69 -21.19 31.01
N PHE A 61 20.37 -20.81 32.09
CA PHE A 61 21.77 -21.17 32.30
C PHE A 61 21.83 -22.53 32.99
N SER A 62 22.28 -23.55 32.27
CA SER A 62 22.35 -24.90 32.82
C SER A 62 23.26 -25.74 31.95
N ALA A 63 23.80 -26.80 32.55
CA ALA A 63 24.58 -27.77 31.79
C ALA A 63 23.70 -28.64 30.92
N ASN A 64 22.41 -28.76 31.24
CA ASN A 64 21.46 -29.48 30.40
C ASN A 64 21.19 -28.75 29.09
N PHE A 65 21.65 -27.51 28.96
CA PHE A 65 21.54 -26.77 27.72
C PHE A 65 22.89 -26.37 27.15
N ARG A 66 24.00 -26.81 27.77
CA ARG A 66 25.35 -26.39 27.40
C ARG A 66 25.53 -24.88 27.56
N THR A 67 24.78 -24.27 28.48
CA THR A 67 24.79 -22.83 28.66
C THR A 67 25.19 -22.43 30.09
N ASP A 68 25.75 -23.35 30.86
CA ASP A 68 26.16 -23.00 32.22
C ASP A 68 27.29 -21.99 32.24
N SER A 69 28.11 -21.94 31.17
CA SER A 69 29.22 -21.00 31.11
C SER A 69 28.76 -19.56 30.93
N PHE A 70 27.55 -19.34 30.42
CA PHE A 70 27.06 -18.00 30.22
C PHE A 70 26.51 -17.41 31.52
N THR A 71 26.56 -16.07 31.60
CA THR A 71 25.97 -15.34 32.72
C THR A 71 24.90 -14.36 32.29
N SER A 72 24.86 -13.96 31.03
CA SER A 72 23.83 -13.08 30.50
C SER A 72 23.28 -13.66 29.21
N VAL A 73 22.08 -13.22 28.84
CA VAL A 73 21.42 -13.73 27.65
C VAL A 73 20.42 -12.69 27.17
N THR A 74 20.33 -12.53 25.85
CA THR A 74 19.40 -11.60 25.22
C THR A 74 18.23 -12.40 24.68
N VAL A 75 17.05 -12.19 25.26
CA VAL A 75 15.85 -12.90 24.84
C VAL A 75 15.24 -12.19 23.64
N MET A 76 14.94 -12.95 22.59
CA MET A 76 14.30 -12.43 21.38
C MET A 76 12.80 -12.69 21.36
N SER A 77 12.40 -13.94 21.58
CA SER A 77 10.99 -14.30 21.57
C SER A 77 10.75 -15.39 22.61
N VAL A 78 9.48 -15.57 22.98
CA VAL A 78 9.07 -16.57 23.95
C VAL A 78 7.83 -17.28 23.42
N ARG A 79 7.77 -18.59 23.60
CA ARG A 79 6.61 -19.38 23.23
C ARG A 79 6.32 -20.37 24.35
N ALA A 80 5.04 -20.63 24.60
CA ALA A 80 4.61 -21.44 25.73
C ALA A 80 3.58 -22.47 25.29
N TRP A 81 3.62 -23.63 25.94
CA TRP A 81 2.66 -24.70 25.73
C TRP A 81 2.27 -25.31 27.07
N THR A 82 1.01 -25.72 27.18
CA THR A 82 0.54 -26.40 28.38
C THR A 82 1.08 -27.82 28.41
N GLN A 83 1.84 -28.15 29.44
CA GLN A 83 2.55 -29.43 29.50
C GLN A 83 1.71 -30.56 30.06
N LEU A 84 0.65 -30.26 30.82
CA LEU A 84 -0.20 -31.28 31.41
C LEU A 84 -1.65 -31.03 31.00
N THR A 85 -2.50 -32.00 31.33
CA THR A 85 -3.91 -31.91 30.96
C THR A 85 -4.61 -30.81 31.76
N PRO A 86 -5.69 -30.26 31.23
CA PRO A 86 -6.43 -29.23 31.96
C PRO A 86 -7.31 -29.84 33.03
N PRO A 87 -8.03 -29.03 33.81
CA PRO A 87 -9.06 -29.60 34.70
C PRO A 87 -10.15 -30.30 33.89
N VAL A 88 -11.00 -31.02 34.62
CA VAL A 88 -12.13 -31.69 33.98
C VAL A 88 -13.10 -30.65 33.46
N ASN A 89 -13.69 -30.91 32.30
CA ASN A 89 -14.67 -30.09 31.61
C ASN A 89 -14.10 -28.79 31.05
N GLU A 90 -12.80 -28.55 31.19
CA GLU A 90 -12.19 -27.30 30.76
C GLU A 90 -11.32 -27.52 29.53
N TYR A 91 -11.05 -26.43 28.82
CA TYR A 91 -10.09 -26.40 27.73
C TYR A 91 -8.81 -25.72 28.22
N SER A 92 -7.66 -26.29 27.84
CA SER A 92 -6.39 -25.73 28.28
C SER A 92 -6.21 -24.31 27.76
N PHE A 93 -5.62 -23.45 28.59
CA PHE A 93 -5.26 -22.11 28.20
C PHE A 93 -3.92 -21.76 28.85
N VAL A 94 -3.29 -20.72 28.31
CA VAL A 94 -2.00 -20.24 28.81
C VAL A 94 -1.85 -18.78 28.44
N ARG A 95 -1.44 -17.97 29.41
CA ARG A 95 -1.26 -16.53 29.23
C ARG A 95 0.21 -16.18 29.46
N LEU A 96 0.62 -15.05 28.89
CA LEU A 96 1.99 -14.56 29.01
C LEU A 96 1.97 -13.05 29.18
N LYS A 97 2.73 -12.55 30.15
CA LYS A 97 2.87 -11.11 30.39
C LYS A 97 4.35 -10.75 30.36
N PRO A 98 4.82 -10.06 29.32
CA PRO A 98 6.26 -9.76 29.23
C PRO A 98 6.72 -8.90 30.38
N LEU A 99 7.91 -9.23 30.90
CA LEU A 99 8.54 -8.50 31.99
C LEU A 99 9.86 -7.92 31.50
N PHE A 100 10.10 -6.66 31.83
CA PHE A 100 11.34 -5.99 31.47
C PHE A 100 11.86 -5.21 32.68
N LYS A 101 13.18 -5.11 32.79
CA LYS A 101 13.77 -4.38 33.90
C LYS A 101 13.46 -2.89 33.82
N THR A 102 13.39 -2.33 32.61
CA THR A 102 13.03 -0.93 32.45
C THR A 102 11.55 -0.66 32.69
N GLY A 103 10.74 -1.70 32.83
CA GLY A 103 9.32 -1.52 33.07
C GLY A 103 8.49 -2.71 32.63
N ASP A 104 7.69 -3.25 33.55
CA ASP A 104 6.86 -4.40 33.23
C ASP A 104 5.67 -4.00 32.35
N SER A 105 5.25 -4.92 31.50
CA SER A 105 4.09 -4.71 30.65
C SER A 105 2.84 -5.24 31.35
N THR A 106 1.68 -5.01 30.71
CA THR A 106 0.41 -5.54 31.20
C THR A 106 -0.31 -6.38 30.15
N GLU A 107 0.31 -6.62 29.00
CA GLU A 107 -0.29 -7.49 28.00
C GLU A 107 -0.39 -8.92 28.53
N GLU A 108 -1.50 -9.59 28.21
CA GLU A 108 -1.72 -10.98 28.58
C GLU A 108 -2.01 -11.78 27.31
N PHE A 109 -0.98 -11.97 26.48
CA PHE A 109 -1.09 -12.78 25.28
C PHE A 109 -1.56 -14.19 25.65
N GLU A 110 -2.77 -14.54 25.23
CA GLU A 110 -3.42 -15.77 25.69
C GLU A 110 -3.69 -16.69 24.52
N GLY A 111 -3.56 -17.99 24.78
CA GLY A 111 -3.90 -19.01 23.80
C GLY A 111 -4.70 -20.13 24.43
N ARG A 112 -5.81 -20.50 23.81
CA ARG A 112 -6.67 -21.55 24.32
C ARG A 112 -6.75 -22.70 23.33
N ALA A 113 -6.96 -23.90 23.86
CA ALA A 113 -7.08 -25.09 23.03
C ALA A 113 -8.52 -25.28 22.60
N SER A 114 -8.71 -25.68 21.34
CA SER A 114 -10.03 -26.02 20.83
C SER A 114 -10.38 -27.48 21.05
N ASN A 115 -9.53 -28.22 21.74
CA ASN A 115 -9.79 -29.62 22.08
C ASN A 115 -9.26 -29.88 23.48
N ILE A 116 -10.06 -30.55 24.30
CA ILE A 116 -9.67 -30.77 25.70
C ILE A 116 -8.42 -31.62 25.79
N ASN A 117 -8.17 -32.47 24.79
CA ASN A 117 -7.00 -33.32 24.75
C ASN A 117 -5.80 -32.64 24.11
N THR A 118 -5.96 -31.44 23.58
CA THR A 118 -4.89 -30.74 22.86
C THR A 118 -4.30 -29.63 23.72
N ARG A 119 -3.00 -29.40 23.55
CA ARG A 119 -2.33 -28.33 24.27
C ARG A 119 -2.88 -26.96 23.86
N ALA A 120 -2.58 -25.97 24.69
CA ALA A 120 -2.81 -24.57 24.37
C ALA A 120 -1.46 -23.88 24.17
N SER A 121 -1.39 -22.99 23.18
CA SER A 121 -0.14 -22.37 22.79
C SER A 121 -0.31 -20.88 22.59
N VAL A 122 0.73 -20.13 22.93
CA VAL A 122 0.78 -18.69 22.70
C VAL A 122 2.22 -18.25 22.86
N GLY A 123 2.55 -17.08 22.31
CA GLY A 123 3.90 -16.56 22.41
C GLY A 123 3.91 -15.07 22.14
N TYR A 124 5.08 -14.46 22.29
CA TYR A 124 5.23 -13.05 22.04
C TYR A 124 6.66 -12.77 21.59
N ARG A 125 6.81 -11.76 20.74
CA ARG A 125 8.10 -11.33 20.21
C ARG A 125 8.52 -10.03 20.89
N ILE A 126 9.77 -9.95 21.30
CA ILE A 126 10.32 -8.76 21.94
C ILE A 126 10.92 -7.88 20.85
N PRO A 127 10.52 -6.61 20.74
CA PRO A 127 11.07 -5.75 19.69
C PRO A 127 12.56 -5.50 19.90
N THR A 128 13.21 -5.04 18.83
CA THR A 128 14.65 -4.83 18.85
C THR A 128 15.05 -3.82 19.93
N ASN A 129 14.27 -2.76 20.07
CA ASN A 129 14.60 -1.71 21.04
C ASN A 129 14.55 -2.22 22.48
N LEU A 130 13.88 -3.34 22.73
CA LEU A 130 13.77 -3.90 24.07
C LEU A 130 14.64 -5.14 24.27
N ARG A 131 15.41 -5.55 23.26
CA ARG A 131 16.23 -6.75 23.36
C ARG A 131 17.56 -6.40 24.02
N GLN A 132 17.53 -6.29 25.34
CA GLN A 132 18.71 -6.09 26.15
C GLN A 132 19.04 -7.37 26.92
N ASN A 133 20.20 -7.37 27.56
CA ASN A 133 20.63 -8.55 28.31
C ASN A 133 19.86 -8.70 29.61
N THR A 134 19.79 -9.94 30.10
CA THR A 134 19.19 -10.26 31.38
C THR A 134 20.07 -11.27 32.09
N VAL A 135 20.03 -11.26 33.42
CA VAL A 135 20.85 -12.14 34.24
C VAL A 135 19.93 -13.06 35.03
N ALA A 136 20.56 -14.01 35.75
CA ALA A 136 19.81 -15.07 36.41
C ALA A 136 18.77 -14.49 37.38
N ALA A 137 19.09 -13.37 38.03
CA ALA A 137 18.16 -12.80 38.99
C ALA A 137 16.95 -12.15 38.32
N ASP A 138 17.01 -11.90 37.01
CA ASP A 138 15.92 -11.26 36.31
C ASP A 138 14.84 -12.27 35.96
N ASN A 139 13.71 -11.76 35.46
CA ASN A 139 12.58 -12.57 35.07
C ASN A 139 12.20 -12.26 33.63
N VAL A 140 11.73 -13.30 32.93
CA VAL A 140 11.34 -13.16 31.52
C VAL A 140 9.90 -12.67 31.44
N CYS A 141 8.98 -13.42 32.04
CA CYS A 141 7.56 -13.11 31.95
C CYS A 141 6.80 -13.88 33.03
N GLU A 142 5.53 -13.54 33.18
CA GLU A 142 4.62 -14.28 34.04
C GLU A 142 3.79 -15.24 33.21
N VAL A 143 3.50 -16.40 33.78
CA VAL A 143 2.74 -17.45 33.10
C VAL A 143 1.52 -17.80 33.93
N ARG A 144 0.37 -17.89 33.28
CA ARG A 144 -0.88 -18.29 33.91
C ARG A 144 -1.52 -19.39 33.07
N SER A 145 -1.99 -20.45 33.73
CA SER A 145 -2.59 -21.57 33.02
C SER A 145 -3.39 -22.42 33.99
N ASN A 146 -4.47 -23.01 33.48
CA ASN A 146 -5.25 -23.98 34.25
C ASN A 146 -4.56 -25.34 34.31
N CYS A 147 -3.45 -25.52 33.61
CA CYS A 147 -2.64 -26.74 33.68
C CYS A 147 -1.47 -26.50 34.61
N ARG A 148 -1.13 -27.52 35.39
CA ARG A 148 -0.14 -27.38 36.46
C ARG A 148 1.29 -27.31 35.96
N GLN A 149 1.53 -27.48 34.66
CA GLN A 149 2.86 -27.33 34.09
C GLN A 149 2.75 -26.67 32.72
N VAL A 150 3.79 -25.91 32.37
CA VAL A 150 3.84 -25.18 31.11
C VAL A 150 5.21 -25.44 30.47
N ALA A 151 5.20 -25.81 29.19
CA ALA A 151 6.41 -26.06 28.43
C ALA A 151 6.79 -24.80 27.66
N LEU A 152 7.99 -24.29 27.91
CA LEU A 152 8.47 -23.05 27.32
C LEU A 152 9.58 -23.35 26.32
N VAL A 153 9.63 -22.57 25.24
CA VAL A 153 10.69 -22.62 24.24
C VAL A 153 11.07 -21.18 23.95
N ILE A 154 12.20 -20.74 24.49
CA ILE A 154 12.63 -19.34 24.40
C ILE A 154 13.77 -19.25 23.40
N SER A 155 13.55 -18.49 22.33
CA SER A 155 14.62 -18.17 21.39
C SER A 155 15.43 -17.01 21.97
N CYS A 156 16.72 -17.22 22.15
CA CYS A 156 17.56 -16.24 22.83
C CYS A 156 18.98 -16.31 22.29
N CYS A 157 19.76 -15.27 22.61
CA CYS A 157 21.13 -15.14 22.15
C CYS A 157 22.04 -15.10 23.38
N PHE A 158 22.65 -16.23 23.71
CA PHE A 158 23.56 -16.29 24.85
C PHE A 158 24.85 -15.54 24.55
N ASN A 159 25.29 -14.73 25.51
CA ASN A 159 26.52 -13.99 25.38
C ASN A 159 27.21 -13.81 26.74
N SER B 17 3.13 -58.78 -26.45
CA SER B 17 3.59 -60.16 -26.47
C SER B 17 2.86 -61.01 -25.43
N ASN B 18 2.22 -62.08 -25.89
CA ASN B 18 1.48 -62.98 -25.02
C ASN B 18 2.12 -64.37 -24.95
N VAL B 19 3.35 -64.52 -25.42
CA VAL B 19 4.02 -65.80 -25.49
C VAL B 19 5.50 -65.60 -25.17
N VAL B 20 6.20 -66.71 -24.92
CA VAL B 20 7.62 -66.64 -24.61
C VAL B 20 8.40 -66.17 -25.84
N THR B 21 9.59 -65.62 -25.58
CA THR B 21 10.50 -65.17 -26.62
C THR B 21 11.88 -65.77 -26.37
N MET B 22 12.80 -65.52 -27.29
CA MET B 22 14.17 -66.00 -27.18
C MET B 22 15.10 -64.85 -26.88
N ILE B 23 15.90 -65.00 -25.82
CA ILE B 23 16.89 -64.01 -25.43
C ILE B 23 18.25 -64.45 -25.95
N ARG B 24 18.85 -63.64 -26.81
CA ARG B 24 20.16 -63.95 -27.39
C ARG B 24 21.25 -63.56 -26.39
N ALA B 25 21.38 -64.38 -25.36
CA ALA B 25 22.35 -64.12 -24.30
C ALA B 25 23.78 -64.23 -24.83
N GLY B 26 24.68 -63.51 -24.18
CA GLY B 26 26.08 -63.54 -24.58
C GLY B 26 26.96 -64.25 -23.57
N SER B 27 28.08 -63.64 -23.23
CA SER B 27 29.00 -64.24 -22.27
C SER B 27 28.35 -64.28 -20.87
N TYR B 28 28.95 -65.09 -20.00
CA TYR B 28 28.45 -65.18 -18.64
C TYR B 28 28.66 -63.86 -17.92
N PRO B 29 27.63 -63.24 -17.36
CA PRO B 29 27.79 -61.92 -16.75
C PRO B 29 28.33 -62.01 -15.33
N LYS B 30 28.76 -60.86 -14.82
CA LYS B 30 29.13 -60.76 -13.42
C LYS B 30 27.90 -60.98 -12.55
N VAL B 31 28.03 -61.81 -11.53
CA VAL B 31 26.91 -62.20 -10.68
C VAL B 31 27.26 -61.96 -9.22
N ASN B 32 26.22 -61.91 -8.39
CA ASN B 32 26.38 -61.73 -6.95
C ASN B 32 25.16 -62.36 -6.27
N PRO B 33 25.31 -63.56 -5.70
CA PRO B 33 24.17 -64.22 -5.08
C PRO B 33 23.71 -63.59 -3.79
N THR B 34 24.49 -62.68 -3.20
CA THR B 34 24.17 -62.06 -1.92
C THR B 34 24.36 -60.55 -2.03
N PRO B 35 23.39 -59.84 -2.62
CA PRO B 35 23.52 -58.39 -2.75
C PRO B 35 23.33 -57.65 -1.42
N THR B 36 23.16 -56.33 -1.49
CA THR B 36 23.16 -55.49 -0.30
C THR B 36 21.76 -55.23 0.24
N TRP B 37 20.86 -54.68 -0.58
CA TRP B 37 19.48 -54.38 -0.20
C TRP B 37 19.41 -53.22 0.78
N VAL B 38 18.63 -52.19 0.44
CA VAL B 38 18.38 -51.04 1.30
C VAL B 38 16.98 -51.17 1.88
N ARG B 39 16.84 -50.90 3.17
CA ARG B 39 15.64 -51.27 3.91
C ARG B 39 15.20 -50.14 4.83
N ALA B 40 13.99 -50.32 5.38
CA ALA B 40 13.45 -49.46 6.44
C ALA B 40 12.82 -50.41 7.46
N ILE B 41 13.57 -50.73 8.51
CA ILE B 41 13.24 -51.83 9.41
C ILE B 41 12.32 -51.31 10.51
N PRO B 42 11.11 -51.85 10.67
CA PRO B 42 10.27 -51.47 11.81
C PRO B 42 10.36 -52.44 12.97
N PHE B 43 10.63 -51.95 14.17
CA PHE B 43 10.66 -52.80 15.36
C PHE B 43 10.44 -51.93 16.58
N GLU B 44 9.98 -52.57 17.66
CA GLU B 44 9.66 -51.89 18.90
C GLU B 44 10.68 -52.23 19.97
N VAL B 45 10.74 -51.38 21.00
CA VAL B 45 11.62 -51.56 22.14
C VAL B 45 10.87 -51.20 23.41
N SER B 46 11.24 -51.85 24.51
CA SER B 46 10.66 -51.55 25.82
C SER B 46 11.49 -50.47 26.50
N VAL B 47 10.81 -49.48 27.06
CA VAL B 47 11.45 -48.33 27.70
C VAL B 47 10.91 -48.19 29.12
N GLN B 48 11.81 -47.94 30.07
CA GLN B 48 11.44 -47.69 31.45
C GLN B 48 11.44 -46.20 31.74
N SER B 49 10.74 -45.82 32.81
CA SER B 49 10.61 -44.42 33.17
C SER B 49 11.92 -43.90 33.75
N GLY B 50 12.48 -42.85 33.13
CA GLY B 50 13.70 -42.24 33.58
C GLY B 50 14.97 -42.96 33.21
N ILE B 51 14.88 -44.17 32.66
CA ILE B 51 16.04 -44.98 32.30
C ILE B 51 16.19 -44.96 30.78
N ALA B 52 17.41 -44.71 30.31
CA ALA B 52 17.68 -44.75 28.88
C ALA B 52 17.97 -46.18 28.44
N PHE B 53 17.50 -46.52 27.24
CA PHE B 53 17.65 -47.86 26.69
C PHE B 53 18.50 -47.80 25.43
N LYS B 54 19.55 -48.62 25.39
CA LYS B 54 20.43 -48.70 24.24
C LYS B 54 19.85 -49.67 23.22
N VAL B 55 19.62 -49.19 22.01
CA VAL B 55 19.02 -50.02 20.96
C VAL B 55 20.12 -50.86 20.30
N PRO B 56 20.11 -52.18 20.48
CA PRO B 56 21.16 -53.01 19.87
C PRO B 56 20.93 -53.16 18.38
N VAL B 57 22.02 -53.06 17.61
CA VAL B 57 21.94 -53.21 16.15
C VAL B 57 21.46 -54.60 15.77
N GLY B 58 21.71 -55.59 16.62
CA GLY B 58 21.31 -56.95 16.31
C GLY B 58 19.83 -57.14 16.05
N SER B 59 19.00 -56.21 16.50
CA SER B 59 17.57 -56.30 16.19
C SER B 59 17.32 -56.18 14.69
N LEU B 60 18.22 -55.50 13.97
CA LEU B 60 18.06 -55.34 12.53
C LEU B 60 18.34 -56.62 11.78
N PHE B 61 18.98 -57.61 12.41
CA PHE B 61 19.26 -58.90 11.79
C PHE B 61 18.25 -59.92 12.33
N SER B 62 17.28 -60.29 11.51
CA SER B 62 16.25 -61.22 11.93
C SER B 62 15.55 -61.79 10.70
N ALA B 63 15.01 -63.00 10.86
CA ALA B 63 14.23 -63.61 9.80
C ALA B 63 12.89 -62.91 9.60
N ASN B 64 12.40 -62.20 10.62
CA ASN B 64 11.19 -61.39 10.46
C ASN B 64 11.38 -60.24 9.50
N PHE B 65 12.62 -59.93 9.13
CA PHE B 65 12.92 -58.87 8.16
C PHE B 65 13.63 -59.42 6.93
N ARG B 66 13.75 -60.74 6.80
CA ARG B 66 14.51 -61.38 5.73
C ARG B 66 15.97 -60.96 5.74
N THR B 67 16.49 -60.57 6.91
CA THR B 67 17.85 -60.06 7.03
C THR B 67 18.73 -60.91 7.94
N ASP B 68 18.31 -62.13 8.27
CA ASP B 68 19.14 -63.00 9.09
C ASP B 68 20.40 -63.46 8.38
N SER B 69 20.51 -63.23 7.07
CA SER B 69 21.70 -63.57 6.30
C SER B 69 22.76 -62.49 6.34
N PHE B 70 22.50 -61.37 7.02
CA PHE B 70 23.45 -60.28 7.13
C PHE B 70 24.11 -60.27 8.51
N THR B 71 25.34 -59.75 8.56
CA THR B 71 26.04 -59.53 9.81
C THR B 71 26.43 -58.08 10.03
N SER B 72 26.36 -57.24 9.01
CA SER B 72 26.70 -55.82 9.11
C SER B 72 25.59 -55.01 8.45
N VAL B 73 25.56 -53.72 8.79
CA VAL B 73 24.57 -52.81 8.25
C VAL B 73 25.04 -51.38 8.46
N THR B 74 24.72 -50.51 7.49
CA THR B 74 25.06 -49.09 7.56
C THR B 74 23.78 -48.33 7.83
N VAL B 75 23.70 -47.70 8.99
CA VAL B 75 22.50 -46.96 9.40
C VAL B 75 22.56 -45.56 8.80
N MET B 76 21.45 -45.13 8.20
CA MET B 76 21.33 -43.82 7.60
C MET B 76 20.49 -42.85 8.41
N SER B 77 19.28 -43.26 8.80
CA SER B 77 18.41 -42.41 9.59
C SER B 77 17.61 -43.27 10.55
N VAL B 78 17.28 -42.68 11.71
CA VAL B 78 16.53 -43.36 12.76
C VAL B 78 15.32 -42.51 13.10
N ARG B 79 14.14 -43.12 13.06
CA ARG B 79 12.89 -42.45 13.40
C ARG B 79 12.19 -43.22 14.50
N ALA B 80 11.60 -42.49 15.46
CA ALA B 80 11.03 -43.08 16.66
C ALA B 80 9.61 -42.57 16.87
N TRP B 81 8.74 -43.48 17.32
CA TRP B 81 7.37 -43.15 17.69
C TRP B 81 7.03 -43.85 19.00
N THR B 82 6.31 -43.15 19.87
CA THR B 82 5.81 -43.80 21.08
C THR B 82 4.74 -44.82 20.71
N GLN B 83 4.83 -46.00 21.32
CA GLN B 83 3.97 -47.12 20.95
C GLN B 83 2.81 -47.34 21.92
N LEU B 84 2.94 -46.94 23.17
CA LEU B 84 1.88 -47.08 24.16
C LEU B 84 1.49 -45.71 24.70
N THR B 85 0.33 -45.66 25.35
CA THR B 85 -0.18 -44.40 25.86
C THR B 85 0.72 -43.87 26.97
N PRO B 86 0.76 -42.54 27.15
CA PRO B 86 1.62 -41.96 28.18
C PRO B 86 1.01 -42.12 29.55
N PRO B 87 1.72 -41.73 30.61
CA PRO B 87 1.10 -41.70 31.94
C PRO B 87 -0.08 -40.75 31.98
N VAL B 88 -0.84 -40.85 33.07
CA VAL B 88 -2.04 -40.01 33.22
C VAL B 88 -1.62 -38.55 33.31
N ASN B 89 -2.43 -37.67 32.71
CA ASN B 89 -2.29 -36.22 32.70
C ASN B 89 -1.12 -35.73 31.85
N GLU B 90 -0.36 -36.62 31.22
CA GLU B 90 0.85 -36.23 30.50
C GLU B 90 0.64 -36.33 28.98
N TYR B 91 1.52 -35.66 28.26
CA TYR B 91 1.65 -35.81 26.82
C TYR B 91 2.87 -36.67 26.52
N SER B 92 2.74 -37.57 25.55
CA SER B 92 3.84 -38.47 25.21
C SER B 92 5.04 -37.68 24.71
N PHE B 93 6.23 -38.21 25.00
CA PHE B 93 7.47 -37.66 24.47
C PHE B 93 8.45 -38.80 24.22
N VAL B 94 9.46 -38.51 23.40
CA VAL B 94 10.50 -39.47 23.06
C VAL B 94 11.79 -38.71 22.79
N ARG B 95 12.91 -39.28 23.22
CA ARG B 95 14.22 -38.70 23.00
C ARG B 95 15.13 -39.71 22.33
N LEU B 96 16.05 -39.21 21.52
CA LEU B 96 17.01 -40.04 20.80
C LEU B 96 18.39 -39.44 20.94
N LYS B 97 19.31 -40.20 21.54
CA LYS B 97 20.70 -39.79 21.65
C LYS B 97 21.56 -40.69 20.75
N PRO B 98 22.06 -40.19 19.63
CA PRO B 98 22.85 -41.05 18.73
C PRO B 98 24.09 -41.61 19.41
N LEU B 99 24.49 -42.80 18.99
CA LEU B 99 25.65 -43.48 19.51
C LEU B 99 26.53 -43.96 18.36
N PHE B 100 27.84 -43.84 18.53
CA PHE B 100 28.80 -44.28 17.52
C PHE B 100 29.96 -44.99 18.22
N LYS B 101 30.64 -45.85 17.46
CA LYS B 101 31.81 -46.54 17.99
C LYS B 101 33.02 -45.63 18.05
N THR B 102 33.09 -44.62 17.17
CA THR B 102 34.17 -43.65 17.21
C THR B 102 33.96 -42.57 18.27
N GLY B 103 32.78 -42.54 18.90
CA GLY B 103 32.49 -41.53 19.90
C GLY B 103 31.00 -41.28 20.06
N ASP B 104 30.48 -41.46 21.27
CA ASP B 104 29.06 -41.27 21.50
C ASP B 104 28.67 -39.81 21.41
N SER B 105 27.45 -39.56 20.97
CA SER B 105 26.89 -38.23 20.91
C SER B 105 26.16 -37.88 22.20
N THR B 106 25.96 -36.58 22.41
CA THR B 106 25.27 -36.08 23.59
C THR B 106 23.98 -35.34 23.26
N GLU B 107 23.57 -35.32 21.99
CA GLU B 107 22.31 -34.69 21.63
C GLU B 107 21.13 -35.48 22.19
N GLU B 108 19.99 -34.80 22.31
CA GLU B 108 18.75 -35.42 22.76
C GLU B 108 17.63 -34.89 21.87
N PHE B 109 17.61 -35.34 20.61
CA PHE B 109 16.55 -34.98 19.69
C PHE B 109 15.21 -35.44 20.24
N GLU B 110 14.40 -34.50 20.71
CA GLU B 110 13.17 -34.80 21.43
C GLU B 110 11.95 -34.37 20.64
N GLY B 111 10.87 -35.13 20.79
CA GLY B 111 9.59 -34.78 20.21
C GLY B 111 8.46 -35.08 21.17
N ARG B 112 7.50 -34.16 21.29
CA ARG B 112 6.38 -34.32 22.20
C ARG B 112 5.07 -34.24 21.43
N ALA B 113 4.03 -34.83 22.02
CA ALA B 113 2.71 -34.85 21.41
C ALA B 113 1.87 -33.70 21.92
N SER B 114 1.13 -33.06 21.01
CA SER B 114 0.21 -32.01 21.37
C SER B 114 -1.17 -32.55 21.75
N ASN B 115 -1.41 -33.84 21.54
CA ASN B 115 -2.65 -34.50 21.95
C ASN B 115 -2.28 -35.71 22.78
N ILE B 116 -2.96 -35.87 23.92
CA ILE B 116 -2.62 -36.98 24.83
C ILE B 116 -2.87 -38.32 24.16
N ASN B 117 -3.85 -38.41 23.26
CA ASN B 117 -4.16 -39.64 22.57
C ASN B 117 -3.30 -39.87 21.34
N THR B 118 -2.31 -39.01 21.08
CA THR B 118 -1.50 -39.06 19.88
C THR B 118 -0.06 -39.41 20.22
N ARG B 119 0.60 -40.11 19.30
CA ARG B 119 2.00 -40.49 19.49
C ARG B 119 2.91 -39.25 19.52
N ALA B 120 4.12 -39.45 20.02
CA ALA B 120 5.19 -38.47 19.94
C ALA B 120 6.29 -39.03 19.03
N SER B 121 6.84 -38.17 18.19
CA SER B 121 7.78 -38.62 17.18
C SER B 121 8.97 -37.68 17.09
N VAL B 122 10.13 -38.25 16.75
CA VAL B 122 11.35 -37.50 16.50
C VAL B 122 12.31 -38.42 15.78
N GLY B 123 13.22 -37.83 15.00
CA GLY B 123 14.20 -38.61 14.26
C GLY B 123 15.47 -37.82 14.05
N TYR B 124 16.49 -38.51 13.56
CA TYR B 124 17.76 -37.87 13.26
C TYR B 124 18.43 -38.58 12.09
N ARG B 125 19.14 -37.80 11.29
CA ARG B 125 19.85 -38.29 10.11
C ARG B 125 21.34 -38.42 10.40
N ILE B 126 21.93 -39.52 9.93
CA ILE B 126 23.37 -39.76 10.10
C ILE B 126 24.09 -39.21 8.87
N PRO B 127 25.08 -38.34 9.05
CA PRO B 127 25.78 -37.78 7.90
C PRO B 127 26.64 -38.83 7.19
N THR B 128 27.01 -38.50 5.96
CA THR B 128 27.78 -39.44 5.14
C THR B 128 29.10 -39.82 5.81
N ASN B 129 29.78 -38.85 6.41
CA ASN B 129 31.07 -39.11 7.04
C ASN B 129 30.96 -40.06 8.22
N LEU B 130 29.76 -40.24 8.79
CA LEU B 130 29.56 -41.12 9.94
C LEU B 130 28.78 -42.37 9.59
N ARG B 131 28.64 -42.70 8.30
CA ARG B 131 27.87 -43.87 7.86
C ARG B 131 28.83 -45.02 7.62
N GLN B 132 29.14 -45.74 8.69
CA GLN B 132 29.95 -46.95 8.63
C GLN B 132 29.13 -48.14 9.10
N ASN B 133 29.68 -49.33 8.92
CA ASN B 133 28.96 -50.55 9.30
C ASN B 133 28.91 -50.71 10.81
N THR B 134 27.87 -51.41 11.27
CA THR B 134 27.69 -51.75 12.67
C THR B 134 27.24 -53.20 12.77
N VAL B 135 27.80 -53.94 13.72
CA VAL B 135 27.46 -55.34 13.90
C VAL B 135 26.43 -55.47 15.01
N ALA B 136 26.04 -56.71 15.32
CA ALA B 136 24.95 -56.94 16.27
C ALA B 136 25.31 -56.45 17.67
N ALA B 137 26.58 -56.60 18.06
CA ALA B 137 26.99 -56.21 19.40
C ALA B 137 26.93 -54.70 19.62
N ASP B 138 26.96 -53.91 18.55
CA ASP B 138 26.96 -52.46 18.68
C ASP B 138 25.56 -51.96 19.05
N ASN B 139 25.47 -50.66 19.28
CA ASN B 139 24.21 -49.99 19.59
C ASN B 139 23.96 -48.87 18.60
N VAL B 140 22.69 -48.48 18.47
CA VAL B 140 22.30 -47.43 17.53
C VAL B 140 22.20 -46.11 18.27
N CYS B 141 21.33 -46.06 19.28
CA CYS B 141 21.08 -44.84 20.01
C CYS B 141 20.37 -45.18 21.32
N GLU B 142 20.33 -44.20 22.22
CA GLU B 142 19.59 -44.32 23.46
C GLU B 142 18.19 -43.76 23.28
N VAL B 143 17.20 -44.44 23.88
CA VAL B 143 15.81 -44.07 23.76
C VAL B 143 15.26 -43.79 25.15
N ARG B 144 14.78 -42.56 25.36
CA ARG B 144 14.10 -42.17 26.59
C ARG B 144 12.67 -41.78 26.26
N SER B 145 11.74 -42.19 27.12
CA SER B 145 10.33 -41.92 26.89
C SER B 145 9.54 -42.18 28.16
N ASN B 146 8.48 -41.41 28.36
CA ASN B 146 7.53 -41.69 29.43
C ASN B 146 6.60 -42.84 29.09
N CYS B 147 6.56 -43.27 27.83
CA CYS B 147 5.77 -44.41 27.42
C CYS B 147 6.60 -45.68 27.52
N ARG B 148 5.95 -46.78 27.89
CA ARG B 148 6.66 -48.02 28.15
C ARG B 148 7.12 -48.73 26.87
N GLN B 149 6.78 -48.21 25.69
CA GLN B 149 7.25 -48.79 24.44
C GLN B 149 7.48 -47.68 23.43
N VAL B 150 8.38 -47.95 22.47
CA VAL B 150 8.72 -47.02 21.40
C VAL B 150 8.86 -47.82 20.11
N ALA B 151 8.21 -47.35 19.05
CA ALA B 151 8.28 -48.00 17.74
C ALA B 151 9.31 -47.28 16.89
N LEU B 152 10.30 -48.03 16.41
CA LEU B 152 11.40 -47.49 15.64
C LEU B 152 11.30 -47.90 14.18
N VAL B 153 11.73 -47.00 13.29
CA VAL B 153 11.84 -47.27 11.87
C VAL B 153 13.21 -46.77 11.43
N ILE B 154 14.12 -47.69 11.15
CA ILE B 154 15.51 -47.37 10.85
C ILE B 154 15.75 -47.59 9.36
N SER B 155 16.06 -46.51 8.65
CA SER B 155 16.49 -46.61 7.26
C SER B 155 17.98 -46.95 7.24
N CYS B 156 18.31 -48.12 6.71
CA CYS B 156 19.68 -48.62 6.79
C CYS B 156 20.00 -49.40 5.52
N CYS B 157 21.29 -49.65 5.32
CA CYS B 157 21.80 -50.36 4.15
C CYS B 157 22.55 -51.60 4.63
N PHE B 158 21.94 -52.77 4.46
CA PHE B 158 22.58 -54.02 4.84
C PHE B 158 23.66 -54.38 3.82
N ASN B 159 24.71 -55.02 4.30
CA ASN B 159 25.75 -55.56 3.42
C ASN B 159 26.53 -56.68 4.09
N SER C 17 -38.01 -31.53 -26.53
CA SER C 17 -37.11 -32.10 -25.54
C SER C 17 -37.89 -32.52 -24.31
N ASN C 18 -39.18 -32.18 -24.30
CA ASN C 18 -40.07 -32.53 -23.20
C ASN C 18 -41.04 -33.64 -23.57
N VAL C 19 -40.88 -34.23 -24.76
CA VAL C 19 -41.75 -35.30 -25.24
C VAL C 19 -40.89 -36.42 -25.80
N VAL C 20 -41.52 -37.58 -25.99
CA VAL C 20 -40.84 -38.73 -26.55
C VAL C 20 -40.47 -38.47 -28.00
N THR C 21 -39.31 -38.96 -28.41
CA THR C 21 -38.82 -38.79 -29.78
C THR C 21 -38.50 -40.15 -30.38
N MET C 22 -38.79 -40.30 -31.67
CA MET C 22 -38.58 -41.59 -32.33
C MET C 22 -37.10 -41.87 -32.52
N ILE C 23 -36.73 -43.13 -32.36
CA ILE C 23 -35.37 -43.60 -32.59
C ILE C 23 -35.37 -44.46 -33.85
N ARG C 24 -34.47 -44.15 -34.78
CA ARG C 24 -34.36 -44.90 -36.03
C ARG C 24 -33.37 -46.07 -35.85
N ALA C 25 -33.80 -47.03 -35.04
CA ALA C 25 -32.99 -48.21 -34.80
C ALA C 25 -32.85 -49.03 -36.08
N GLY C 26 -31.80 -49.84 -36.12
CA GLY C 26 -31.53 -50.65 -37.30
C GLY C 26 -31.50 -52.14 -37.01
N SER C 27 -30.37 -52.78 -37.28
CA SER C 27 -30.24 -54.20 -37.04
C SER C 27 -30.18 -54.49 -35.54
N TYR C 28 -30.57 -55.71 -35.17
CA TYR C 28 -30.52 -56.12 -33.78
C TYR C 28 -29.06 -56.14 -33.31
N PRO C 29 -28.72 -55.44 -32.23
CA PRO C 29 -27.31 -55.34 -31.84
C PRO C 29 -26.86 -56.53 -31.03
N LYS C 30 -25.56 -56.54 -30.71
CA LYS C 30 -25.01 -57.55 -29.83
C LYS C 30 -25.45 -57.28 -28.40
N VAL C 31 -25.96 -58.30 -27.72
CA VAL C 31 -26.52 -58.14 -26.39
C VAL C 31 -25.82 -59.10 -25.43
N ASN C 32 -25.99 -58.82 -24.13
CA ASN C 32 -25.43 -59.64 -23.07
C ASN C 32 -26.24 -59.41 -21.79
N PRO C 33 -27.11 -60.35 -21.41
CA PRO C 33 -27.96 -60.12 -20.23
C PRO C 33 -27.21 -60.18 -18.91
N THR C 34 -26.03 -60.80 -18.86
CA THR C 34 -25.25 -60.97 -17.64
C THR C 34 -23.87 -60.37 -17.85
N PRO C 35 -23.74 -59.04 -17.77
CA PRO C 35 -22.45 -58.40 -18.01
C PRO C 35 -21.58 -58.41 -16.75
N THR C 36 -20.36 -57.92 -16.91
CA THR C 36 -19.43 -57.79 -15.80
C THR C 36 -19.76 -56.54 -14.98
N TRP C 37 -19.00 -56.33 -13.91
CA TRP C 37 -19.28 -55.20 -13.02
C TRP C 37 -18.05 -54.93 -12.17
N VAL C 38 -17.49 -53.73 -12.29
CA VAL C 38 -16.40 -53.27 -11.43
C VAL C 38 -16.99 -52.64 -10.18
N ARG C 39 -16.57 -53.12 -9.01
CA ARG C 39 -17.20 -52.74 -7.76
C ARG C 39 -16.15 -52.51 -6.69
N ALA C 40 -16.57 -51.83 -5.61
CA ALA C 40 -15.77 -51.65 -4.41
C ALA C 40 -16.63 -52.16 -3.25
N ILE C 41 -16.39 -53.41 -2.84
CA ILE C 41 -17.27 -54.10 -1.91
C ILE C 41 -16.81 -53.81 -0.49
N PRO C 42 -17.66 -53.24 0.37
CA PRO C 42 -17.30 -53.11 1.79
C PRO C 42 -17.90 -54.23 2.64
N PHE C 43 -17.09 -54.81 3.52
CA PHE C 43 -17.57 -55.85 4.43
C PHE C 43 -16.58 -56.01 5.57
N GLU C 44 -17.08 -56.56 6.67
CA GLU C 44 -16.30 -56.71 7.90
C GLU C 44 -16.01 -58.18 8.17
N VAL C 45 -14.92 -58.42 8.91
CA VAL C 45 -14.53 -59.75 9.32
C VAL C 45 -14.16 -59.73 10.79
N SER C 46 -14.43 -60.85 11.47
CA SER C 46 -14.09 -60.98 12.89
C SER C 46 -12.67 -61.54 13.01
N VAL C 47 -11.82 -60.82 13.73
CA VAL C 47 -10.41 -61.16 13.86
C VAL C 47 -10.10 -61.38 15.33
N GLN C 48 -9.34 -62.43 15.62
CA GLN C 48 -8.84 -62.70 16.96
C GLN C 48 -7.44 -62.13 17.10
N SER C 49 -7.13 -61.62 18.29
CA SER C 49 -5.85 -60.98 18.54
C SER C 49 -4.71 -61.98 18.39
N GLY C 50 -3.69 -61.59 17.61
CA GLY C 50 -2.55 -62.43 17.36
C GLY C 50 -2.78 -63.61 16.45
N ILE C 51 -3.96 -63.73 15.86
CA ILE C 51 -4.32 -64.84 14.99
C ILE C 51 -4.67 -64.29 13.62
N ALA C 52 -4.20 -64.97 12.57
CA ALA C 52 -4.45 -64.56 11.20
C ALA C 52 -5.77 -65.13 10.72
N PHE C 53 -6.59 -64.27 10.10
CA PHE C 53 -7.88 -64.67 9.55
C PHE C 53 -7.80 -64.65 8.03
N LYS C 54 -8.09 -65.80 7.41
CA LYS C 54 -8.09 -65.90 5.96
C LYS C 54 -9.42 -65.35 5.43
N VAL C 55 -9.36 -64.19 4.78
CA VAL C 55 -10.55 -63.57 4.21
C VAL C 55 -11.03 -64.42 3.03
N PRO C 56 -12.22 -65.01 3.10
CA PRO C 56 -12.70 -65.83 1.99
C PRO C 56 -13.22 -64.97 0.84
N VAL C 57 -12.97 -65.43 -0.38
CA VAL C 57 -13.46 -64.73 -1.56
C VAL C 57 -14.98 -64.79 -1.63
N GLY C 58 -15.58 -65.84 -1.06
CA GLY C 58 -17.03 -66.00 -1.10
C GLY C 58 -17.79 -64.89 -0.39
N SER C 59 -17.11 -64.10 0.45
CA SER C 59 -17.78 -62.98 1.11
C SER C 59 -18.20 -61.92 0.10
N LEU C 60 -17.50 -61.83 -1.03
CA LEU C 60 -17.86 -60.83 -2.03
C LEU C 60 -19.17 -61.16 -2.73
N PHE C 61 -19.54 -62.44 -2.80
CA PHE C 61 -20.77 -62.88 -3.44
C PHE C 61 -21.87 -62.89 -2.39
N SER C 62 -22.86 -62.00 -2.55
CA SER C 62 -23.98 -61.92 -1.63
C SER C 62 -25.05 -61.04 -2.23
N ALA C 63 -26.30 -61.33 -1.89
CA ALA C 63 -27.40 -60.47 -2.29
C ALA C 63 -27.32 -59.09 -1.65
N ASN C 64 -26.60 -58.96 -0.53
CA ASN C 64 -26.39 -57.67 0.10
C ASN C 64 -25.50 -56.76 -0.73
N PHE C 65 -24.82 -57.30 -1.74
CA PHE C 65 -23.96 -56.53 -2.63
C PHE C 65 -24.44 -56.58 -4.07
N ARG C 66 -25.61 -57.17 -4.34
CA ARG C 66 -26.12 -57.35 -5.70
C ARG C 66 -25.20 -58.25 -6.53
N THR C 67 -24.43 -59.12 -5.86
CA THR C 67 -23.44 -59.94 -6.53
C THR C 67 -23.63 -61.43 -6.28
N ASP C 68 -24.83 -61.84 -5.85
CA ASP C 68 -25.08 -63.27 -5.64
C ASP C 68 -25.22 -64.05 -6.94
N SER C 69 -25.32 -63.36 -8.07
CA SER C 69 -25.41 -64.02 -9.37
C SER C 69 -24.05 -64.36 -9.96
N PHE C 70 -22.97 -63.81 -9.42
CA PHE C 70 -21.62 -64.11 -9.89
C PHE C 70 -21.06 -65.33 -9.18
N THR C 71 -20.19 -66.05 -9.87
CA THR C 71 -19.46 -67.17 -9.29
C THR C 71 -17.95 -66.97 -9.29
N SER C 72 -17.45 -65.92 -9.93
CA SER C 72 -16.02 -65.63 -9.97
C SER C 72 -15.82 -64.13 -9.90
N VAL C 73 -14.59 -63.72 -9.56
CA VAL C 73 -14.26 -62.31 -9.42
C VAL C 73 -12.75 -62.17 -9.62
N THR C 74 -12.35 -61.01 -10.13
CA THR C 74 -10.94 -60.68 -10.32
C THR C 74 -10.60 -59.51 -9.41
N VAL C 75 -9.87 -59.77 -8.35
CA VAL C 75 -9.51 -58.75 -7.38
C VAL C 75 -8.40 -57.87 -7.95
N MET C 76 -8.55 -56.56 -7.79
CA MET C 76 -7.56 -55.59 -8.23
C MET C 76 -6.76 -54.98 -7.09
N SER C 77 -7.42 -54.65 -5.98
CA SER C 77 -6.74 -54.09 -4.83
C SER C 77 -7.53 -54.44 -3.56
N VAL C 78 -6.84 -54.30 -2.42
CA VAL C 78 -7.44 -54.58 -1.11
C VAL C 78 -7.02 -53.48 -0.16
N ARG C 79 -7.98 -52.94 0.59
CA ARG C 79 -7.71 -51.96 1.65
C ARG C 79 -8.44 -52.40 2.91
N ALA C 80 -7.85 -52.09 4.06
CA ALA C 80 -8.38 -52.56 5.33
C ALA C 80 -8.36 -51.44 6.35
N TRP C 81 -9.34 -51.49 7.27
CA TRP C 81 -9.45 -50.55 8.38
C TRP C 81 -9.93 -51.30 9.60
N THR C 82 -9.42 -50.93 10.77
CA THR C 82 -9.93 -51.50 12.01
C THR C 82 -11.33 -51.00 12.28
N GLN C 83 -12.22 -51.92 12.68
CA GLN C 83 -13.63 -51.59 12.89
C GLN C 83 -13.98 -51.34 14.34
N LEU C 84 -13.15 -51.79 15.29
CA LEU C 84 -13.40 -51.59 16.71
C LEU C 84 -12.18 -50.95 17.36
N THR C 85 -12.32 -50.59 18.63
CA THR C 85 -11.26 -49.92 19.36
C THR C 85 -10.16 -50.91 19.76
N PRO C 86 -8.91 -50.45 19.84
CA PRO C 86 -7.81 -51.35 20.20
C PRO C 86 -7.82 -51.64 21.68
N PRO C 87 -6.99 -52.58 22.14
CA PRO C 87 -6.84 -52.79 23.59
C PRO C 87 -6.37 -51.53 24.29
N VAL C 88 -6.66 -51.45 25.59
CA VAL C 88 -6.30 -50.28 26.36
C VAL C 88 -4.79 -50.08 26.33
N ASN C 89 -4.37 -48.82 26.20
CA ASN C 89 -2.99 -48.34 26.15
C ASN C 89 -2.33 -48.60 24.79
N GLU C 90 -3.01 -49.19 23.82
CA GLU C 90 -2.42 -49.51 22.54
C GLU C 90 -2.99 -48.64 21.43
N TYR C 91 -2.23 -48.53 20.35
CA TYR C 91 -2.70 -47.92 19.11
C TYR C 91 -3.12 -49.00 18.13
N SER C 92 -4.16 -48.72 17.36
CA SER C 92 -4.68 -49.70 16.42
C SER C 92 -3.65 -49.99 15.32
N PHE C 93 -3.65 -51.24 14.84
CA PHE C 93 -2.84 -51.61 13.70
C PHE C 93 -3.57 -52.69 12.92
N VAL C 94 -3.15 -52.89 11.68
CA VAL C 94 -3.74 -53.91 10.81
C VAL C 94 -2.69 -54.32 9.78
N ARG C 95 -2.57 -55.62 9.56
CA ARG C 95 -1.64 -56.18 8.59
C ARG C 95 -2.40 -56.96 7.53
N LEU C 96 -1.88 -56.95 6.31
CA LEU C 96 -2.48 -57.65 5.18
C LEU C 96 -1.41 -58.45 4.46
N LYS C 97 -1.60 -59.76 4.37
CA LYS C 97 -0.67 -60.62 3.65
C LYS C 97 -1.35 -61.19 2.42
N PRO C 98 -0.94 -60.81 1.21
CA PRO C 98 -1.62 -61.31 0.00
C PRO C 98 -1.56 -62.82 -0.12
N LEU C 99 -2.56 -63.37 -0.81
CA LEU C 99 -2.66 -64.80 -1.04
C LEU C 99 -3.04 -65.06 -2.49
N PHE C 100 -2.38 -66.03 -3.12
CA PHE C 100 -2.66 -66.39 -4.50
C PHE C 100 -2.63 -67.91 -4.64
N LYS C 101 -3.44 -68.41 -5.57
CA LYS C 101 -3.51 -69.86 -5.78
C LYS C 101 -2.22 -70.40 -6.38
N THR C 102 -1.51 -69.60 -7.16
CA THR C 102 -0.23 -70.01 -7.71
C THR C 102 0.93 -69.79 -6.74
N GLY C 103 0.65 -69.30 -5.53
CA GLY C 103 1.70 -69.07 -4.55
C GLY C 103 1.39 -67.93 -3.60
N ASP C 104 1.28 -68.24 -2.31
CA ASP C 104 1.00 -67.21 -1.32
C ASP C 104 2.19 -66.29 -1.13
N SER C 105 1.91 -65.07 -0.70
CA SER C 105 2.93 -64.08 -0.42
C SER C 105 3.27 -64.05 1.07
N THR C 106 4.41 -63.44 1.38
CA THR C 106 4.84 -63.25 2.76
C THR C 106 4.96 -61.78 3.13
N GLU C 107 4.46 -60.87 2.30
CA GLU C 107 4.46 -59.46 2.64
C GLU C 107 3.44 -59.17 3.72
N GLU C 108 3.81 -58.32 4.68
CA GLU C 108 2.93 -57.92 5.77
C GLU C 108 2.74 -56.42 5.72
N PHE C 109 1.97 -55.96 4.73
CA PHE C 109 1.64 -54.54 4.61
C PHE C 109 0.90 -54.08 5.87
N GLU C 110 1.60 -53.38 6.75
CA GLU C 110 1.07 -52.99 8.05
C GLU C 110 0.88 -51.49 8.12
N GLY C 111 -0.24 -51.08 8.70
CA GLY C 111 -0.49 -49.68 8.99
C GLY C 111 -0.97 -49.52 10.43
N ARG C 112 -0.49 -48.46 11.07
CA ARG C 112 -0.79 -48.20 12.47
C ARG C 112 -1.41 -46.82 12.62
N ALA C 113 -2.27 -46.68 13.62
CA ALA C 113 -2.91 -45.42 13.94
C ALA C 113 -2.02 -44.59 14.85
N SER C 114 -1.98 -43.28 14.61
CA SER C 114 -1.24 -42.36 15.46
C SER C 114 -2.11 -41.77 16.56
N ASN C 115 -3.41 -42.07 16.56
CA ASN C 115 -4.32 -41.65 17.61
C ASN C 115 -5.10 -42.88 18.06
N ILE C 116 -5.13 -43.12 19.37
CA ILE C 116 -5.75 -44.34 19.90
C ILE C 116 -7.23 -44.40 19.53
N ASN C 117 -7.86 -43.24 19.36
CA ASN C 117 -9.28 -43.17 19.01
C ASN C 117 -9.51 -43.27 17.51
N THR C 118 -8.47 -43.45 16.71
CA THR C 118 -8.57 -43.43 15.25
C THR C 118 -8.25 -44.80 14.68
N ARG C 119 -8.93 -45.13 13.57
CA ARG C 119 -8.68 -46.37 12.87
C ARG C 119 -7.24 -46.42 12.35
N ALA C 120 -6.77 -47.65 12.10
CA ALA C 120 -5.53 -47.90 11.39
C ALA C 120 -5.84 -48.43 10.00
N SER C 121 -5.06 -48.01 9.01
CA SER C 121 -5.35 -48.32 7.62
C SER C 121 -4.12 -48.82 6.91
N VAL C 122 -4.34 -49.71 5.95
CA VAL C 122 -3.29 -50.20 5.06
C VAL C 122 -3.96 -50.90 3.89
N GLY C 123 -3.25 -50.98 2.77
CA GLY C 123 -3.79 -51.64 1.60
C GLY C 123 -2.67 -52.11 0.69
N TYR C 124 -3.07 -52.81 -0.38
CA TYR C 124 -2.11 -53.26 -1.37
C TYR C 124 -2.80 -53.43 -2.72
N ARG C 125 -1.99 -53.39 -3.77
CA ARG C 125 -2.46 -53.50 -5.15
C ARG C 125 -1.93 -54.78 -5.77
N ILE C 126 -2.80 -55.49 -6.48
CA ILE C 126 -2.42 -56.72 -7.19
C ILE C 126 -1.92 -56.33 -8.59
N PRO C 127 -0.76 -56.81 -9.01
CA PRO C 127 -0.27 -56.48 -10.35
C PRO C 127 -1.10 -57.16 -11.42
N THR C 128 -1.01 -56.61 -12.64
CA THR C 128 -1.80 -57.14 -13.76
C THR C 128 -1.47 -58.61 -14.01
N ASN C 129 -0.20 -58.99 -13.89
CA ASN C 129 0.21 -60.36 -14.14
C ASN C 129 -0.36 -61.35 -13.13
N LEU C 130 -0.91 -60.87 -12.00
CA LEU C 130 -1.46 -61.74 -10.97
C LEU C 130 -2.97 -61.60 -10.82
N ARG C 131 -3.62 -60.82 -11.68
CA ARG C 131 -5.07 -60.59 -11.58
C ARG C 131 -5.81 -61.69 -12.33
N GLN C 132 -5.95 -62.84 -11.67
CA GLN C 132 -6.74 -63.94 -12.18
C GLN C 132 -8.01 -64.08 -11.37
N ASN C 133 -8.89 -64.98 -11.82
CA ASN C 133 -10.16 -65.17 -11.15
C ASN C 133 -10.00 -66.00 -9.87
N THR C 134 -10.88 -65.74 -8.91
CA THR C 134 -10.92 -66.49 -7.66
C THR C 134 -12.37 -66.80 -7.33
N VAL C 135 -12.64 -68.05 -6.97
CA VAL C 135 -14.01 -68.49 -6.66
C VAL C 135 -14.26 -68.38 -5.17
N ALA C 136 -15.46 -68.80 -4.74
CA ALA C 136 -15.85 -68.62 -3.34
C ALA C 136 -14.96 -69.40 -2.39
N ALA C 137 -14.49 -70.57 -2.81
CA ALA C 137 -13.65 -71.40 -1.94
C ALA C 137 -12.26 -70.83 -1.73
N ASP C 138 -11.88 -69.79 -2.46
CA ASP C 138 -10.54 -69.23 -2.37
C ASP C 138 -10.46 -68.23 -1.21
N ASN C 139 -9.27 -67.66 -1.04
CA ASN C 139 -9.00 -66.68 0.00
C ASN C 139 -8.26 -65.50 -0.59
N VAL C 140 -8.59 -64.30 -0.13
CA VAL C 140 -7.95 -63.09 -0.64
C VAL C 140 -6.63 -62.85 0.07
N CYS C 141 -6.67 -62.71 1.39
CA CYS C 141 -5.48 -62.34 2.15
C CYS C 141 -5.70 -62.69 3.61
N GLU C 142 -4.60 -62.75 4.35
CA GLU C 142 -4.64 -62.91 5.81
C GLU C 142 -4.68 -61.53 6.47
N VAL C 143 -5.41 -61.45 7.58
CA VAL C 143 -5.59 -60.19 8.30
C VAL C 143 -5.17 -60.39 9.75
N ARG C 144 -4.30 -59.50 10.22
CA ARG C 144 -3.86 -59.49 11.60
C ARG C 144 -4.09 -58.09 12.17
N SER C 145 -4.56 -58.02 13.41
CA SER C 145 -4.86 -56.75 14.06
C SER C 145 -5.07 -56.99 15.54
N ASN C 146 -4.84 -55.93 16.32
CA ASN C 146 -5.18 -55.96 17.74
C ASN C 146 -6.65 -55.68 18.01
N CYS C 147 -7.37 -55.15 17.02
CA CYS C 147 -8.80 -54.91 17.13
C CYS C 147 -9.57 -56.15 16.71
N ARG C 148 -10.75 -56.32 17.30
CA ARG C 148 -11.51 -57.55 17.10
C ARG C 148 -12.16 -57.63 15.72
N GLN C 149 -12.37 -56.50 15.05
CA GLN C 149 -12.99 -56.50 13.73
C GLN C 149 -12.24 -55.57 12.80
N VAL C 150 -12.28 -55.89 11.51
CA VAL C 150 -11.57 -55.15 10.47
C VAL C 150 -12.55 -54.90 9.33
N ALA C 151 -12.59 -53.65 8.85
CA ALA C 151 -13.43 -53.26 7.73
C ALA C 151 -12.60 -53.20 6.46
N LEU C 152 -12.99 -54.01 5.46
CA LEU C 152 -12.28 -54.07 4.20
C LEU C 152 -13.13 -53.45 3.09
N VAL C 153 -12.45 -52.87 2.11
CA VAL C 153 -13.07 -52.34 0.89
C VAL C 153 -12.24 -52.87 -0.27
N ILE C 154 -12.76 -53.89 -0.95
CA ILE C 154 -12.02 -54.59 -1.99
C ILE C 154 -12.52 -54.09 -3.35
N SER C 155 -11.61 -53.49 -4.12
CA SER C 155 -11.90 -53.11 -5.49
C SER C 155 -11.65 -54.32 -6.39
N CYS C 156 -12.72 -54.89 -6.94
CA CYS C 156 -12.63 -56.13 -7.69
C CYS C 156 -13.59 -56.08 -8.87
N CYS C 157 -13.30 -56.93 -9.87
CA CYS C 157 -14.10 -57.01 -11.09
C CYS C 157 -14.88 -58.32 -11.08
N PHE C 158 -16.20 -58.21 -11.00
CA PHE C 158 -17.06 -59.39 -11.04
C PHE C 158 -17.28 -59.85 -12.47
N ASN C 159 -17.23 -61.16 -12.67
CA ASN C 159 -17.47 -61.74 -14.00
C ASN C 159 -17.84 -63.21 -13.89
N ASN D 16 -22.16 8.22 -0.67
CA ASN D 16 -23.51 7.77 -0.99
C ASN D 16 -24.53 8.81 -0.52
N SER D 17 -25.81 8.58 -0.83
CA SER D 17 -26.86 9.51 -0.43
C SER D 17 -27.09 9.44 1.07
N ASN D 18 -27.28 10.62 1.68
CA ASN D 18 -27.54 10.73 3.11
C ASN D 18 -28.97 11.07 3.44
N VAL D 19 -29.85 11.18 2.44
CA VAL D 19 -31.26 11.49 2.65
C VAL D 19 -32.10 10.66 1.69
N VAL D 20 -33.42 10.69 1.92
CA VAL D 20 -34.35 9.96 1.06
C VAL D 20 -34.36 10.59 -0.32
N THR D 21 -34.43 9.75 -1.35
CA THR D 21 -34.51 10.20 -2.73
C THR D 21 -35.79 9.67 -3.37
N MET D 22 -36.33 10.45 -4.30
CA MET D 22 -37.58 10.09 -4.95
C MET D 22 -37.35 9.00 -6.00
N ILE D 23 -38.29 8.07 -6.07
CA ILE D 23 -38.28 6.98 -7.04
C ILE D 23 -39.37 7.27 -8.06
N ARG D 24 -38.98 7.52 -9.31
CA ARG D 24 -39.92 7.78 -10.39
C ARG D 24 -40.52 6.46 -10.87
N ALA D 25 -41.36 5.88 -10.02
CA ALA D 25 -42.03 4.63 -10.34
C ALA D 25 -43.06 4.85 -11.44
N GLY D 26 -43.37 3.75 -12.14
CA GLY D 26 -44.32 3.81 -13.24
C GLY D 26 -45.54 2.94 -13.00
N SER D 27 -45.82 2.04 -13.94
CA SER D 27 -46.97 1.16 -13.83
C SER D 27 -46.82 0.22 -12.63
N TYR D 28 -47.93 -0.34 -12.20
CA TYR D 28 -47.91 -1.29 -11.11
C TYR D 28 -47.25 -2.58 -11.58
N PRO D 29 -46.26 -3.10 -10.87
CA PRO D 29 -45.52 -4.27 -11.36
C PRO D 29 -46.24 -5.58 -11.07
N LYS D 30 -45.69 -6.65 -11.62
CA LYS D 30 -46.14 -7.98 -11.25
C LYS D 30 -45.67 -8.31 -9.84
N VAL D 31 -46.56 -8.87 -9.03
CA VAL D 31 -46.28 -9.11 -7.62
C VAL D 31 -46.57 -10.58 -7.30
N ASN D 32 -46.07 -11.01 -6.14
CA ASN D 32 -46.29 -12.34 -5.61
C ASN D 32 -46.03 -12.33 -4.11
N PRO D 33 -47.08 -12.25 -3.28
CA PRO D 33 -46.86 -12.14 -1.83
C PRO D 33 -46.37 -13.42 -1.18
N THR D 34 -46.39 -14.56 -1.89
CA THR D 34 -45.99 -15.85 -1.35
C THR D 34 -45.01 -16.51 -2.32
N PRO D 35 -43.77 -16.05 -2.34
CA PRO D 35 -42.81 -16.57 -3.32
C PRO D 35 -42.17 -17.87 -2.85
N THR D 36 -41.39 -18.47 -3.75
CA THR D 36 -40.63 -19.67 -3.42
C THR D 36 -39.46 -19.33 -2.52
N TRP D 37 -38.73 -20.36 -2.09
CA TRP D 37 -37.62 -20.16 -1.16
C TRP D 37 -36.73 -21.39 -1.18
N VAL D 38 -35.47 -21.21 -1.57
CA VAL D 38 -34.48 -22.28 -1.51
C VAL D 38 -33.81 -22.23 -0.15
N ARG D 39 -33.72 -23.37 0.52
CA ARG D 39 -33.35 -23.42 1.93
C ARG D 39 -32.45 -24.62 2.20
N ALA D 40 -31.81 -24.58 3.37
CA ALA D 40 -31.12 -25.73 3.95
C ALA D 40 -31.65 -25.90 5.37
N ILE D 41 -32.45 -26.94 5.58
CA ILE D 41 -33.22 -27.11 6.81
C ILE D 41 -32.46 -28.05 7.73
N PRO D 42 -32.04 -27.60 8.92
CA PRO D 42 -31.42 -28.52 9.88
C PRO D 42 -32.42 -29.05 10.89
N PHE D 43 -32.45 -30.38 11.07
CA PHE D 43 -33.30 -30.99 12.08
C PHE D 43 -32.74 -32.36 12.40
N GLU D 44 -33.21 -32.92 13.51
CA GLU D 44 -32.70 -34.19 14.04
C GLU D 44 -33.83 -35.21 14.13
N VAL D 45 -33.46 -36.48 13.99
CA VAL D 45 -34.41 -37.58 14.09
C VAL D 45 -33.83 -38.66 15.00
N SER D 46 -34.71 -39.38 15.67
CA SER D 46 -34.31 -40.48 16.54
C SER D 46 -34.26 -41.79 15.77
N VAL D 47 -33.21 -42.57 15.99
CA VAL D 47 -32.99 -43.82 15.29
C VAL D 47 -32.77 -44.93 16.30
N GLN D 48 -33.43 -46.07 16.06
CA GLN D 48 -33.25 -47.26 16.89
C GLN D 48 -32.21 -48.18 16.26
N SER D 49 -31.56 -48.97 17.10
CA SER D 49 -30.51 -49.88 16.63
C SER D 49 -31.11 -50.97 15.75
N GLY D 50 -30.50 -51.18 14.58
CA GLY D 50 -30.95 -52.20 13.66
C GLY D 50 -32.24 -51.91 12.94
N ILE D 51 -32.91 -50.80 13.26
CA ILE D 51 -34.20 -50.44 12.66
C ILE D 51 -34.01 -49.18 11.84
N ALA D 52 -34.53 -49.19 10.62
CA ALA D 52 -34.47 -48.02 9.75
C ALA D 52 -35.62 -47.07 10.08
N PHE D 53 -35.36 -45.77 9.98
CA PHE D 53 -36.34 -44.74 10.29
C PHE D 53 -36.64 -43.95 9.02
N LYS D 54 -37.92 -43.88 8.66
CA LYS D 54 -38.34 -43.08 7.51
C LYS D 54 -38.48 -41.63 7.93
N VAL D 55 -37.74 -40.74 7.26
CA VAL D 55 -37.75 -39.32 7.59
C VAL D 55 -38.98 -38.67 6.97
N PRO D 56 -39.90 -38.12 7.77
CA PRO D 56 -41.09 -37.50 7.20
C PRO D 56 -40.79 -36.13 6.60
N VAL D 57 -41.41 -35.86 5.45
CA VAL D 57 -41.26 -34.55 4.81
C VAL D 57 -41.91 -33.47 5.68
N GLY D 58 -42.91 -33.83 6.48
CA GLY D 58 -43.57 -32.87 7.35
C GLY D 58 -42.66 -32.18 8.34
N SER D 59 -41.48 -32.76 8.59
CA SER D 59 -40.51 -32.09 9.45
C SER D 59 -39.95 -30.83 8.82
N LEU D 60 -40.04 -30.70 7.49
CA LEU D 60 -39.54 -29.50 6.82
C LEU D 60 -40.51 -28.33 6.96
N PHE D 61 -41.80 -28.60 7.08
CA PHE D 61 -42.80 -27.56 7.27
C PHE D 61 -42.97 -27.34 8.77
N SER D 62 -42.47 -26.22 9.28
CA SER D 62 -42.55 -25.92 10.70
C SER D 62 -42.32 -24.43 10.90
N ALA D 63 -42.98 -23.88 11.92
CA ALA D 63 -42.75 -22.48 12.26
C ALA D 63 -41.30 -22.24 12.71
N ASN D 64 -40.62 -23.28 13.18
CA ASN D 64 -39.22 -23.17 13.56
C ASN D 64 -38.31 -22.92 12.37
N PHE D 65 -38.83 -23.02 11.15
CA PHE D 65 -38.04 -22.79 9.94
C PHE D 65 -38.63 -21.69 9.06
N ARG D 66 -39.67 -21.00 9.52
CA ARG D 66 -40.41 -20.00 8.75
C ARG D 66 -41.09 -20.62 7.52
N THR D 67 -41.29 -21.93 7.53
CA THR D 67 -41.84 -22.63 6.37
C THR D 67 -43.22 -23.21 6.62
N ASP D 68 -43.87 -22.84 7.73
CA ASP D 68 -45.19 -23.38 8.03
C ASP D 68 -46.25 -22.93 7.04
N SER D 69 -45.95 -21.94 6.19
CA SER D 69 -46.88 -21.50 5.16
C SER D 69 -46.82 -22.35 3.90
N PHE D 70 -45.83 -23.22 3.77
CA PHE D 70 -45.71 -24.09 2.61
C PHE D 70 -46.41 -25.42 2.87
N THR D 71 -46.89 -26.03 1.78
CA THR D 71 -47.46 -27.36 1.82
C THR D 71 -46.76 -28.34 0.90
N SER D 72 -45.73 -27.90 0.18
CA SER D 72 -44.97 -28.76 -0.71
C SER D 72 -43.53 -28.27 -0.74
N VAL D 73 -42.63 -29.15 -1.15
CA VAL D 73 -41.21 -28.82 -1.19
C VAL D 73 -40.52 -29.76 -2.16
N THR D 74 -39.56 -29.22 -2.91
CA THR D 74 -38.78 -29.97 -3.88
C THR D 74 -37.39 -30.23 -3.31
N VAL D 75 -37.15 -31.47 -2.89
CA VAL D 75 -35.87 -31.83 -2.29
C VAL D 75 -34.80 -31.91 -3.37
N MET D 76 -33.62 -31.37 -3.07
CA MET D 76 -32.48 -31.40 -3.98
C MET D 76 -31.37 -32.32 -3.53
N SER D 77 -30.94 -32.22 -2.27
CA SER D 77 -29.91 -33.10 -1.74
C SER D 77 -30.13 -33.28 -0.24
N VAL D 78 -29.67 -34.42 0.27
CA VAL D 78 -29.82 -34.76 1.67
C VAL D 78 -28.44 -35.06 2.25
N ARG D 79 -28.16 -34.51 3.43
CA ARG D 79 -26.92 -34.77 4.16
C ARG D 79 -27.26 -35.18 5.58
N ALA D 80 -26.52 -36.16 6.10
CA ALA D 80 -26.83 -36.73 7.41
C ALA D 80 -25.56 -36.89 8.23
N TRP D 81 -25.58 -36.36 9.45
CA TRP D 81 -24.52 -36.55 10.43
C TRP D 81 -25.08 -37.26 11.66
N THR D 82 -24.23 -38.02 12.33
CA THR D 82 -24.62 -38.62 13.60
C THR D 82 -24.63 -37.55 14.69
N GLN D 83 -25.68 -37.59 15.52
CA GLN D 83 -25.89 -36.55 16.52
C GLN D 83 -25.42 -36.92 17.92
N LEU D 84 -25.32 -38.22 18.23
CA LEU D 84 -24.85 -38.66 19.53
C LEU D 84 -23.70 -39.65 19.33
N THR D 85 -23.04 -39.98 20.45
CA THR D 85 -21.90 -40.87 20.41
C THR D 85 -22.33 -42.29 20.03
N PRO D 86 -21.43 -43.07 19.45
CA PRO D 86 -21.77 -44.46 19.11
C PRO D 86 -21.71 -45.35 20.33
N PRO D 87 -22.11 -46.61 20.22
CA PRO D 87 -21.91 -47.55 21.33
C PRO D 87 -20.44 -47.72 21.66
N VAL D 88 -20.17 -48.35 22.80
CA VAL D 88 -18.80 -48.50 23.27
C VAL D 88 -18.01 -49.35 22.28
N ASN D 89 -16.74 -49.00 22.08
CA ASN D 89 -15.80 -49.71 21.23
C ASN D 89 -16.07 -49.54 19.75
N GLU D 90 -17.16 -48.91 19.35
CA GLU D 90 -17.56 -48.84 17.95
C GLU D 90 -17.27 -47.46 17.36
N TYR D 91 -17.16 -47.44 16.04
CA TYR D 91 -17.08 -46.20 15.28
C TYR D 91 -18.46 -45.86 14.72
N SER D 92 -18.80 -44.58 14.72
CA SER D 92 -20.11 -44.15 14.24
C SER D 92 -20.26 -44.44 12.75
N PHE D 93 -21.48 -44.82 12.36
CA PHE D 93 -21.81 -44.98 10.95
C PHE D 93 -23.25 -44.51 10.73
N VAL D 94 -23.56 -44.18 9.49
CA VAL D 94 -24.90 -43.74 9.12
C VAL D 94 -25.15 -44.13 7.67
N ARG D 95 -26.33 -44.67 7.40
CA ARG D 95 -26.73 -45.08 6.07
C ARG D 95 -27.94 -44.27 5.61
N LEU D 96 -28.09 -44.13 4.30
CA LEU D 96 -29.21 -43.41 3.72
C LEU D 96 -29.74 -44.20 2.53
N LYS D 97 -31.06 -44.38 2.50
CA LYS D 97 -31.73 -45.05 1.38
C LYS D 97 -32.75 -44.09 0.77
N PRO D 98 -32.48 -43.50 -0.38
CA PRO D 98 -33.43 -42.55 -0.97
C PRO D 98 -34.79 -43.20 -1.24
N LEU D 99 -35.85 -42.43 -1.00
CA LEU D 99 -37.21 -42.87 -1.21
C LEU D 99 -37.90 -41.92 -2.19
N PHE D 100 -38.69 -42.51 -3.10
CA PHE D 100 -39.43 -41.73 -4.09
C PHE D 100 -40.82 -42.35 -4.27
N LYS D 101 -41.81 -41.49 -4.50
CA LYS D 101 -43.17 -41.98 -4.70
C LYS D 101 -43.26 -42.84 -5.96
N THR D 102 -42.60 -42.42 -7.04
CA THR D 102 -42.59 -43.21 -8.27
C THR D 102 -41.83 -44.51 -8.11
N GLY D 103 -40.98 -44.62 -7.09
CA GLY D 103 -40.22 -45.84 -6.87
C GLY D 103 -39.09 -45.66 -5.88
N ASP D 104 -39.15 -46.40 -4.77
CA ASP D 104 -38.10 -46.31 -3.76
C ASP D 104 -36.79 -46.91 -4.28
N SER D 105 -35.69 -46.41 -3.73
CA SER D 105 -34.36 -46.89 -4.07
C SER D 105 -33.91 -47.95 -3.08
N THR D 106 -32.87 -48.70 -3.47
CA THR D 106 -32.27 -49.71 -2.61
C THR D 106 -30.82 -49.38 -2.27
N GLU D 107 -30.34 -48.20 -2.65
CA GLU D 107 -28.99 -47.78 -2.28
C GLU D 107 -28.89 -47.56 -0.77
N GLU D 108 -27.70 -47.82 -0.23
CA GLU D 108 -27.41 -47.59 1.18
C GLU D 108 -26.13 -46.76 1.27
N PHE D 109 -26.24 -45.48 0.90
CA PHE D 109 -25.12 -44.55 1.00
C PHE D 109 -24.66 -44.46 2.45
N GLU D 110 -23.54 -45.10 2.76
CA GLU D 110 -23.06 -45.22 4.14
C GLU D 110 -21.79 -44.41 4.33
N GLY D 111 -21.69 -43.75 5.48
CA GLY D 111 -20.49 -43.04 5.85
C GLY D 111 -20.07 -43.39 7.27
N ARG D 112 -18.82 -43.80 7.45
CA ARG D 112 -18.30 -44.20 8.75
C ARG D 112 -17.23 -43.23 9.23
N ALA D 113 -17.13 -43.09 10.54
CA ALA D 113 -16.16 -42.20 11.15
C ALA D 113 -14.86 -42.95 11.44
N SER D 114 -13.74 -42.27 11.17
CA SER D 114 -12.44 -42.85 11.48
C SER D 114 -12.04 -42.63 12.93
N ASN D 115 -12.67 -41.69 13.62
CA ASN D 115 -12.43 -41.42 15.02
C ASN D 115 -13.71 -41.68 15.80
N ILE D 116 -13.61 -42.45 16.89
CA ILE D 116 -14.79 -42.79 17.68
C ILE D 116 -15.45 -41.55 18.27
N ASN D 117 -14.70 -40.47 18.44
CA ASN D 117 -15.22 -39.23 18.98
C ASN D 117 -15.73 -38.28 17.90
N THR D 118 -15.73 -38.70 16.65
CA THR D 118 -16.08 -37.84 15.52
C THR D 118 -17.37 -38.32 14.87
N ARG D 119 -18.17 -37.38 14.39
CA ARG D 119 -19.40 -37.71 13.67
C ARG D 119 -19.07 -38.51 12.41
N ALA D 120 -20.07 -39.27 11.96
CA ALA D 120 -20.02 -39.96 10.68
C ALA D 120 -21.00 -39.28 9.74
N SER D 121 -20.57 -39.00 8.51
CA SER D 121 -21.34 -38.21 7.57
C SER D 121 -21.50 -38.94 6.24
N VAL D 122 -22.61 -38.67 5.57
CA VAL D 122 -22.87 -39.19 4.22
C VAL D 122 -24.04 -38.41 3.64
N GLY D 123 -24.10 -38.31 2.31
CA GLY D 123 -25.18 -37.61 1.65
C GLY D 123 -25.35 -38.10 0.23
N TYR D 124 -26.51 -37.76 -0.35
CA TYR D 124 -26.81 -38.12 -1.72
C TYR D 124 -27.54 -36.98 -2.40
N ARG D 125 -27.32 -36.85 -3.71
CA ARG D 125 -27.94 -35.82 -4.53
C ARG D 125 -29.09 -36.41 -5.34
N ILE D 126 -30.15 -35.64 -5.51
CA ILE D 126 -31.31 -36.04 -6.29
C ILE D 126 -31.14 -35.44 -7.69
N PRO D 127 -31.20 -36.24 -8.76
CA PRO D 127 -31.03 -35.68 -10.10
C PRO D 127 -32.24 -34.86 -10.52
N THR D 128 -32.05 -34.08 -11.58
CA THR D 128 -33.08 -33.16 -12.03
C THR D 128 -34.37 -33.88 -12.38
N ASN D 129 -34.26 -35.03 -13.05
CA ASN D 129 -35.44 -35.79 -13.46
C ASN D 129 -36.23 -36.36 -12.29
N LEU D 130 -35.66 -36.33 -11.07
CA LEU D 130 -36.35 -36.84 -9.88
C LEU D 130 -36.63 -35.73 -8.88
N ARG D 131 -36.62 -34.47 -9.31
CA ARG D 131 -36.85 -33.35 -8.40
C ARG D 131 -38.29 -32.86 -8.54
N GLN D 132 -39.21 -33.71 -8.10
CA GLN D 132 -40.61 -33.37 -8.01
C GLN D 132 -40.96 -32.98 -6.57
N ASN D 133 -42.18 -32.47 -6.40
CA ASN D 133 -42.60 -32.00 -5.09
C ASN D 133 -42.97 -33.18 -4.18
N THR D 134 -42.97 -32.90 -2.88
CA THR D 134 -43.37 -33.86 -1.86
C THR D 134 -44.18 -33.13 -0.80
N VAL D 135 -45.16 -33.84 -0.23
CA VAL D 135 -46.02 -33.27 0.80
C VAL D 135 -45.63 -33.85 2.15
N ALA D 136 -46.28 -33.37 3.22
CA ALA D 136 -45.91 -33.78 4.57
C ALA D 136 -46.08 -35.28 4.78
N ALA D 137 -47.04 -35.90 4.09
CA ALA D 137 -47.26 -37.34 4.23
C ALA D 137 -46.16 -38.17 3.57
N ASP D 138 -45.44 -37.60 2.60
CA ASP D 138 -44.39 -38.33 1.92
C ASP D 138 -43.18 -38.50 2.82
N ASN D 139 -42.26 -39.37 2.38
CA ASN D 139 -41.03 -39.63 3.10
C ASN D 139 -39.84 -39.34 2.20
N VAL D 140 -38.72 -38.95 2.82
CA VAL D 140 -37.53 -38.57 2.08
C VAL D 140 -36.62 -39.78 1.91
N CYS D 141 -36.19 -40.37 3.02
CA CYS D 141 -35.21 -41.45 2.99
C CYS D 141 -35.34 -42.28 4.26
N GLU D 142 -34.56 -43.36 4.31
CA GLU D 142 -34.43 -44.18 5.50
C GLU D 142 -33.04 -43.97 6.10
N VAL D 143 -32.98 -43.89 7.43
CA VAL D 143 -31.74 -43.60 8.14
C VAL D 143 -31.44 -44.78 9.06
N ARG D 144 -30.24 -45.34 8.91
CA ARG D 144 -29.74 -46.40 9.79
C ARG D 144 -28.43 -45.94 10.40
N SER D 145 -28.31 -46.08 11.71
CA SER D 145 -27.10 -45.64 12.42
C SER D 145 -27.01 -46.36 13.76
N ASN D 146 -25.79 -46.70 14.15
CA ASN D 146 -25.56 -47.24 15.49
C ASN D 146 -25.76 -46.20 16.58
N CYS D 147 -25.82 -44.92 16.22
CA CYS D 147 -26.10 -43.86 17.17
C CYS D 147 -27.60 -43.65 17.29
N ARG D 148 -28.02 -43.25 18.49
CA ARG D 148 -29.44 -43.11 18.79
C ARG D 148 -30.09 -41.92 18.10
N GLN D 149 -29.31 -40.99 17.57
CA GLN D 149 -29.86 -39.77 16.99
C GLN D 149 -29.03 -39.36 15.79
N VAL D 150 -29.69 -38.83 14.76
CA VAL D 150 -29.04 -38.45 13.51
C VAL D 150 -29.50 -37.04 13.14
N ALA D 151 -28.55 -36.17 12.82
CA ALA D 151 -28.84 -34.82 12.37
C ALA D 151 -28.92 -34.78 10.85
N LEU D 152 -29.86 -34.00 10.33
CA LEU D 152 -30.11 -33.91 8.90
C LEU D 152 -30.08 -32.45 8.46
N VAL D 153 -29.50 -32.22 7.28
CA VAL D 153 -29.47 -30.91 6.64
C VAL D 153 -29.92 -31.13 5.20
N ILE D 154 -31.19 -30.85 4.92
CA ILE D 154 -31.79 -31.12 3.61
C ILE D 154 -31.82 -29.82 2.82
N SER D 155 -31.16 -29.83 1.66
CA SER D 155 -31.21 -28.70 0.73
C SER D 155 -32.42 -28.90 -0.19
N CYS D 156 -33.37 -27.97 -0.12
CA CYS D 156 -34.64 -28.14 -0.81
C CYS D 156 -35.22 -26.78 -1.15
N CYS D 157 -36.10 -26.77 -2.16
CA CYS D 157 -36.76 -25.57 -2.64
C CYS D 157 -38.22 -25.61 -2.19
N PHE D 158 -38.59 -24.71 -1.29
CA PHE D 158 -39.97 -24.62 -0.84
C PHE D 158 -40.81 -23.89 -1.88
N ASN D 159 -42.04 -24.37 -2.09
CA ASN D 159 -42.95 -23.76 -3.04
C ASN D 159 -44.39 -24.10 -2.70
N ASP E 15 20.30 1.35 7.91
CA ASP E 15 20.01 1.34 9.34
C ASP E 15 19.40 2.68 9.77
N ASN E 16 19.77 3.15 10.96
CA ASN E 16 19.07 4.29 11.55
C ASN E 16 20.05 5.11 12.38
N SER E 17 19.52 6.11 13.08
CA SER E 17 20.30 6.97 13.95
C SER E 17 20.49 6.32 15.31
N ASN E 18 21.43 6.87 16.08
CA ASN E 18 21.77 6.35 17.39
C ASN E 18 21.70 7.38 18.51
N VAL E 19 21.35 8.64 18.21
CA VAL E 19 21.21 9.68 19.21
C VAL E 19 19.95 10.48 18.91
N VAL E 20 19.59 11.35 19.86
CA VAL E 20 18.40 12.18 19.70
C VAL E 20 18.63 13.20 18.60
N THR E 21 17.58 13.49 17.85
CA THR E 21 17.62 14.45 16.76
C THR E 21 16.48 15.45 16.92
N MET E 22 16.75 16.70 16.58
CA MET E 22 15.77 17.77 16.81
C MET E 22 14.62 17.66 15.82
N ILE E 23 13.41 17.95 16.30
CA ILE E 23 12.22 18.03 15.48
C ILE E 23 11.85 19.49 15.31
N ARG E 24 11.75 19.95 14.07
CA ARG E 24 11.40 21.34 13.78
C ARG E 24 9.88 21.48 13.73
N ALA E 25 9.29 21.44 14.92
CA ALA E 25 7.84 21.51 15.05
C ALA E 25 7.32 22.89 14.66
N GLY E 26 6.03 22.95 14.37
CA GLY E 26 5.40 24.19 13.97
C GLY E 26 4.34 24.66 14.94
N SER E 27 3.13 24.93 14.43
CA SER E 27 2.04 25.38 15.27
C SER E 27 1.46 24.22 16.07
N TYR E 28 0.73 24.56 17.11
CA TYR E 28 0.11 23.54 17.95
C TYR E 28 -0.94 22.78 17.14
N PRO E 29 -0.86 21.45 17.07
CA PRO E 29 -1.74 20.68 16.20
C PRO E 29 -3.07 20.39 16.89
N LYS E 30 -3.97 19.76 16.14
CA LYS E 30 -5.21 19.25 16.71
C LYS E 30 -4.91 18.02 17.56
N VAL E 31 -5.49 17.97 18.76
CA VAL E 31 -5.21 16.90 19.71
C VAL E 31 -6.53 16.30 20.19
N ASN E 32 -6.43 15.13 20.80
CA ASN E 32 -7.58 14.40 21.32
C ASN E 32 -7.08 13.48 22.42
N PRO E 33 -7.27 13.85 23.69
CA PRO E 33 -6.76 13.01 24.78
C PRO E 33 -7.54 11.72 24.96
N THR E 34 -8.76 11.64 24.44
CA THR E 34 -9.62 10.46 24.60
C THR E 34 -10.10 10.01 23.23
N PRO E 35 -9.28 9.27 22.49
CA PRO E 35 -9.67 8.88 21.12
C PRO E 35 -10.53 7.63 21.09
N THR E 36 -10.73 7.08 19.89
CA THR E 36 -11.44 5.82 19.73
C THR E 36 -10.46 4.65 19.76
N TRP E 37 -11.00 3.44 19.74
CA TRP E 37 -10.16 2.24 19.84
C TRP E 37 -10.91 1.06 19.23
N VAL E 38 -10.41 0.57 18.10
CA VAL E 38 -10.93 -0.66 17.52
C VAL E 38 -10.32 -1.84 18.29
N ARG E 39 -11.17 -2.77 18.73
CA ARG E 39 -10.73 -3.82 19.64
C ARG E 39 -11.44 -5.12 19.33
N ALA E 40 -10.81 -6.22 19.75
CA ALA E 40 -11.42 -7.55 19.77
C ALA E 40 -11.46 -7.99 21.24
N ILE E 41 -12.66 -7.96 21.82
CA ILE E 41 -12.84 -8.10 23.26
C ILE E 41 -13.21 -9.55 23.57
N PRO E 42 -12.37 -10.31 24.28
CA PRO E 42 -12.75 -11.67 24.68
C PRO E 42 -13.29 -11.72 26.11
N PHE E 43 -14.35 -12.50 26.33
CA PHE E 43 -14.88 -12.73 27.66
C PHE E 43 -15.79 -13.97 27.60
N GLU E 44 -16.28 -14.38 28.77
CA GLU E 44 -17.09 -15.58 28.90
C GLU E 44 -18.40 -15.26 29.59
N VAL E 45 -19.40 -16.10 29.35
CA VAL E 45 -20.72 -15.97 29.96
C VAL E 45 -21.23 -17.36 30.31
N SER E 46 -22.05 -17.41 31.37
CA SER E 46 -22.66 -18.66 31.81
C SER E 46 -24.00 -18.85 31.12
N VAL E 47 -24.23 -20.04 30.60
CA VAL E 47 -25.46 -20.36 29.87
C VAL E 47 -26.11 -21.56 30.52
N GLN E 48 -27.45 -21.59 30.49
CA GLN E 48 -28.24 -22.68 31.05
C GLN E 48 -28.83 -23.53 29.93
N SER E 49 -29.37 -24.67 30.33
CA SER E 49 -29.93 -25.61 29.37
C SER E 49 -31.28 -25.10 28.85
N GLY E 50 -31.38 -24.93 27.53
CA GLY E 50 -32.60 -24.50 26.89
C GLY E 50 -32.98 -23.06 27.11
N ILE E 51 -32.32 -22.35 28.03
CA ILE E 51 -32.63 -20.96 28.35
C ILE E 51 -31.65 -20.06 27.62
N ALA E 52 -32.17 -19.03 26.97
CA ALA E 52 -31.33 -18.08 26.26
C ALA E 52 -30.72 -17.07 27.23
N PHE E 53 -29.50 -16.65 26.91
CA PHE E 53 -28.76 -15.69 27.74
C PHE E 53 -28.51 -14.44 26.91
N LYS E 54 -29.07 -13.31 27.35
CA LYS E 54 -28.84 -12.03 26.69
C LYS E 54 -27.49 -11.47 27.15
N VAL E 55 -26.58 -11.28 26.20
CA VAL E 55 -25.24 -10.79 26.52
C VAL E 55 -25.31 -9.28 26.70
N PRO E 56 -24.87 -8.75 27.84
CA PRO E 56 -24.92 -7.29 28.05
C PRO E 56 -23.74 -6.60 27.39
N VAL E 57 -24.01 -5.42 26.84
CA VAL E 57 -22.95 -4.59 26.29
C VAL E 57 -22.05 -4.08 27.40
N GLY E 58 -22.57 -3.96 28.61
CA GLY E 58 -21.78 -3.47 29.74
C GLY E 58 -20.58 -4.34 30.08
N SER E 59 -20.54 -5.58 29.57
CA SER E 59 -19.38 -6.42 29.80
C SER E 59 -18.16 -5.94 29.01
N LEU E 60 -18.40 -5.26 27.89
CA LEU E 60 -17.29 -4.72 27.11
C LEU E 60 -16.56 -3.62 27.86
N PHE E 61 -17.28 -2.87 28.70
CA PHE E 61 -16.65 -1.83 29.51
C PHE E 61 -16.11 -2.46 30.79
N SER E 62 -14.79 -2.41 30.96
CA SER E 62 -14.15 -2.96 32.14
C SER E 62 -12.68 -2.56 32.13
N ALA E 63 -12.09 -2.52 33.33
CA ALA E 63 -10.66 -2.28 33.45
C ALA E 63 -9.85 -3.47 32.95
N ASN E 64 -10.46 -4.65 32.84
CA ASN E 64 -9.76 -5.81 32.31
C ASN E 64 -9.47 -5.69 30.82
N PHE E 65 -10.14 -4.76 30.14
CA PHE E 65 -9.96 -4.57 28.70
C PHE E 65 -9.41 -3.19 28.37
N ARG E 66 -9.02 -2.40 29.38
CA ARG E 66 -8.60 -1.01 29.19
C ARG E 66 -9.71 -0.20 28.53
N THR E 67 -10.96 -0.46 28.92
CA THR E 67 -12.12 0.18 28.29
C THR E 67 -13.09 0.75 29.32
N ASP E 68 -12.65 0.96 30.56
CA ASP E 68 -13.54 1.52 31.58
C ASP E 68 -13.79 3.00 31.39
N SER E 69 -13.08 3.66 30.48
CA SER E 69 -13.27 5.07 30.21
C SER E 69 -14.31 5.34 29.13
N PHE E 70 -14.74 4.31 28.40
CA PHE E 70 -15.77 4.45 27.39
C PHE E 70 -17.15 4.18 27.98
N THR E 71 -18.15 4.85 27.42
CA THR E 71 -19.55 4.60 27.78
C THR E 71 -20.37 4.05 26.62
N SER E 72 -19.86 4.12 25.39
CA SER E 72 -20.55 3.63 24.21
C SER E 72 -19.59 2.80 23.38
N VAL E 73 -20.15 2.00 22.48
CA VAL E 73 -19.34 1.13 21.63
C VAL E 73 -20.18 0.76 20.41
N THR E 74 -19.50 0.58 19.28
CA THR E 74 -20.14 0.22 18.01
C THR E 74 -19.70 -1.19 17.65
N VAL E 75 -20.59 -2.15 17.89
CA VAL E 75 -20.28 -3.55 17.60
C VAL E 75 -20.28 -3.78 16.09
N MET E 76 -19.28 -4.53 15.62
CA MET E 76 -19.16 -4.88 14.21
C MET E 76 -19.45 -6.34 13.93
N SER E 77 -18.84 -7.25 14.69
CA SER E 77 -19.03 -8.68 14.49
C SER E 77 -18.88 -9.40 15.82
N VAL E 78 -19.66 -10.46 15.99
CA VAL E 78 -19.63 -11.30 17.17
C VAL E 78 -19.26 -12.71 16.77
N ARG E 79 -18.44 -13.36 17.59
CA ARG E 79 -18.06 -14.76 17.39
C ARG E 79 -18.12 -15.48 18.73
N ALA E 80 -18.53 -16.74 18.69
CA ALA E 80 -18.78 -17.51 19.91
C ALA E 80 -18.10 -18.87 19.85
N TRP E 81 -17.74 -19.37 21.02
CA TRP E 81 -17.16 -20.70 21.19
C TRP E 81 -17.67 -21.30 22.49
N THR E 82 -17.93 -22.60 22.47
CA THR E 82 -18.27 -23.30 23.71
C THR E 82 -17.03 -23.40 24.60
N GLN E 83 -17.20 -23.05 25.88
CA GLN E 83 -16.07 -22.95 26.79
C GLN E 83 -15.89 -24.18 27.68
N LEU E 84 -16.93 -24.96 27.90
CA LEU E 84 -16.85 -26.17 28.70
C LEU E 84 -17.35 -27.35 27.87
N THR E 85 -17.07 -28.56 28.37
CA THR E 85 -17.46 -29.77 27.65
C THR E 85 -18.97 -29.93 27.62
N PRO E 86 -19.51 -30.56 26.57
CA PRO E 86 -20.96 -30.73 26.48
C PRO E 86 -21.43 -31.85 27.39
N PRO E 87 -22.74 -32.05 27.50
CA PRO E 87 -23.24 -33.21 28.25
C PRO E 87 -22.76 -34.52 27.65
N VAL E 88 -23.00 -35.60 28.38
CA VAL E 88 -22.52 -36.91 27.95
C VAL E 88 -23.21 -37.32 26.65
N ASN E 89 -22.46 -38.00 25.79
CA ASN E 89 -22.95 -38.56 24.53
C ASN E 89 -23.29 -37.50 23.49
N GLU E 90 -23.23 -36.22 23.87
CA GLU E 90 -23.62 -35.14 22.98
C GLU E 90 -22.42 -34.50 22.30
N TYR E 91 -22.70 -33.78 21.23
CA TYR E 91 -21.75 -32.88 20.59
C TYR E 91 -22.10 -31.44 20.94
N SER E 92 -21.07 -30.61 21.07
CA SER E 92 -21.27 -29.21 21.44
C SER E 92 -21.97 -28.45 20.33
N PHE E 93 -22.80 -27.49 20.73
CA PHE E 93 -23.42 -26.56 19.80
C PHE E 93 -23.55 -25.21 20.48
N VAL E 94 -23.75 -24.17 19.67
CA VAL E 94 -23.91 -22.81 20.16
C VAL E 94 -24.70 -22.02 19.13
N ARG E 95 -25.70 -21.28 19.59
CA ARG E 95 -26.55 -20.46 18.75
C ARG E 95 -26.39 -18.99 19.14
N LEU E 96 -26.64 -18.11 18.19
CA LEU E 96 -26.53 -16.66 18.40
C LEU E 96 -27.71 -15.97 17.75
N LYS E 97 -28.42 -15.14 18.53
CA LYS E 97 -29.54 -14.36 18.02
C LYS E 97 -29.25 -12.87 18.20
N PRO E 98 -28.89 -12.16 17.14
CA PRO E 98 -28.56 -10.73 17.29
C PRO E 98 -29.74 -9.94 17.84
N LEU E 99 -29.42 -8.91 18.61
CA LEU E 99 -30.41 -8.03 19.22
C LEU E 99 -30.07 -6.58 18.89
N PHE E 100 -31.08 -5.82 18.49
CA PHE E 100 -30.90 -4.40 18.16
C PHE E 100 -32.00 -3.59 18.82
N LYS E 101 -31.63 -2.40 19.30
CA LYS E 101 -32.60 -1.55 19.99
C LYS E 101 -33.79 -1.22 19.09
N THR E 102 -33.53 -0.96 17.81
CA THR E 102 -34.60 -0.66 16.87
C THR E 102 -35.43 -1.89 16.51
N GLY E 103 -34.95 -3.09 16.83
CA GLY E 103 -35.68 -4.30 16.53
C GLY E 103 -34.83 -5.55 16.60
N ASP E 104 -35.22 -6.49 17.46
CA ASP E 104 -34.47 -7.72 17.63
C ASP E 104 -34.69 -8.66 16.46
N SER E 105 -33.64 -9.37 16.07
CA SER E 105 -33.70 -10.32 14.97
C SER E 105 -34.11 -11.69 15.47
N THR E 106 -34.54 -12.53 14.52
CA THR E 106 -34.94 -13.91 14.82
C THR E 106 -34.00 -14.93 14.19
N GLU E 107 -32.78 -14.52 13.85
CA GLU E 107 -31.79 -15.44 13.31
C GLU E 107 -31.09 -16.20 14.43
N GLU E 108 -30.95 -17.51 14.25
CA GLU E 108 -30.25 -18.36 15.21
C GLU E 108 -29.02 -18.95 14.51
N PHE E 109 -28.01 -18.11 14.31
CA PHE E 109 -26.76 -18.57 13.72
C PHE E 109 -26.12 -19.63 14.61
N GLU E 110 -26.02 -20.86 14.10
CA GLU E 110 -25.59 -21.99 14.89
C GLU E 110 -24.44 -22.72 14.21
N GLY E 111 -23.47 -23.14 15.03
CA GLY E 111 -22.38 -23.98 14.56
C GLY E 111 -22.12 -25.09 15.57
N ARG E 112 -22.07 -26.34 15.12
CA ARG E 112 -21.91 -27.48 16.00
C ARG E 112 -20.49 -28.04 15.88
N ALA E 113 -20.16 -28.91 16.83
CA ALA E 113 -18.88 -29.58 16.87
C ALA E 113 -19.01 -30.98 16.27
N SER E 114 -18.08 -31.33 15.39
CA SER E 114 -18.03 -32.66 14.81
C SER E 114 -17.21 -33.63 15.65
N ASN E 115 -16.58 -33.15 16.72
CA ASN E 115 -15.85 -33.99 17.66
C ASN E 115 -16.27 -33.60 19.06
N ILE E 116 -16.60 -34.61 19.89
CA ILE E 116 -17.12 -34.33 21.23
C ILE E 116 -16.09 -33.58 22.06
N ASN E 117 -14.81 -33.81 21.81
CA ASN E 117 -13.74 -33.12 22.54
C ASN E 117 -13.45 -31.73 22.00
N THR E 118 -14.16 -31.30 20.96
CA THR E 118 -13.87 -30.04 20.27
C THR E 118 -14.97 -29.03 20.52
N ARG E 119 -14.59 -27.75 20.58
CA ARG E 119 -15.54 -26.67 20.77
C ARG E 119 -16.52 -26.59 19.58
N ALA E 120 -17.58 -25.82 19.78
CA ALA E 120 -18.51 -25.46 18.72
C ALA E 120 -18.45 -23.95 18.52
N SER E 121 -18.36 -23.52 17.27
CA SER E 121 -18.13 -22.13 16.94
C SER E 121 -19.11 -21.65 15.89
N VAL E 122 -19.46 -20.36 15.99
CA VAL E 122 -20.32 -19.68 15.01
C VAL E 122 -20.25 -18.18 15.30
N GLY E 123 -20.51 -17.37 14.29
CA GLY E 123 -20.49 -15.93 14.46
C GLY E 123 -21.33 -15.24 13.40
N TYR E 124 -21.53 -13.94 13.60
CA TYR E 124 -22.29 -13.14 12.64
C TYR E 124 -21.66 -11.76 12.53
N ARG E 125 -21.91 -11.11 11.39
CA ARG E 125 -21.42 -9.78 11.10
C ARG E 125 -22.58 -8.80 11.00
N ILE E 126 -22.41 -7.61 11.57
CA ILE E 126 -23.44 -6.59 11.56
C ILE E 126 -23.23 -5.69 10.34
N PRO E 127 -24.27 -5.44 9.54
CA PRO E 127 -24.10 -4.55 8.39
C PRO E 127 -23.89 -3.11 8.81
N THR E 128 -23.32 -2.33 7.89
CA THR E 128 -22.97 -0.94 8.19
C THR E 128 -24.19 -0.14 8.59
N ASN E 129 -25.32 -0.33 7.90
CA ASN E 129 -26.53 0.43 8.20
C ASN E 129 -27.04 0.17 9.61
N LEU E 130 -26.65 -0.93 10.24
CA LEU E 130 -27.09 -1.27 11.59
C LEU E 130 -26.00 -1.06 12.64
N ARG E 131 -24.88 -0.45 12.27
CA ARG E 131 -23.76 -0.26 13.19
C ARG E 131 -23.92 1.09 13.88
N GLN E 132 -24.70 1.10 14.96
CA GLN E 132 -24.88 2.26 15.82
C GLN E 132 -24.25 1.98 17.19
N ASN E 133 -24.32 2.97 18.07
CA ASN E 133 -23.75 2.84 19.39
C ASN E 133 -24.70 2.09 20.32
N THR E 134 -24.11 1.42 21.31
CA THR E 134 -24.86 0.69 22.33
C THR E 134 -24.24 0.97 23.69
N VAL E 135 -25.09 1.21 24.68
CA VAL E 135 -24.64 1.52 26.03
C VAL E 135 -24.66 0.25 26.89
N ALA E 136 -24.24 0.39 28.15
CA ALA E 136 -24.17 -0.78 29.03
C ALA E 136 -25.53 -1.41 29.26
N ALA E 137 -26.60 -0.60 29.25
CA ALA E 137 -27.94 -1.13 29.45
C ALA E 137 -28.47 -1.88 28.25
N ASP E 138 -27.78 -1.85 27.11
CA ASP E 138 -28.23 -2.53 25.91
C ASP E 138 -27.64 -3.93 25.83
N ASN E 139 -28.31 -4.78 25.05
CA ASN E 139 -27.88 -6.15 24.82
C ASN E 139 -27.46 -6.31 23.37
N VAL E 140 -26.54 -7.23 23.12
CA VAL E 140 -26.00 -7.45 21.79
C VAL E 140 -26.62 -8.66 21.11
N CYS E 141 -26.75 -9.78 21.82
CA CYS E 141 -27.30 -10.99 21.22
C CYS E 141 -27.63 -12.00 22.31
N GLU E 142 -28.49 -12.95 21.95
CA GLU E 142 -28.81 -14.08 22.81
C GLU E 142 -27.94 -15.28 22.45
N VAL E 143 -27.59 -16.06 23.47
CA VAL E 143 -26.70 -17.20 23.32
C VAL E 143 -27.39 -18.44 23.85
N ARG E 144 -27.40 -19.50 23.05
CA ARG E 144 -27.91 -20.81 23.46
C ARG E 144 -26.84 -21.86 23.18
N SER E 145 -26.68 -22.80 24.12
CA SER E 145 -25.67 -23.83 24.00
C SER E 145 -25.96 -24.92 25.05
N ASN E 146 -25.64 -26.16 24.69
CA ASN E 146 -25.74 -27.26 25.65
C ASN E 146 -24.58 -27.27 26.63
N CYS E 147 -23.50 -26.54 26.34
CA CYS E 147 -22.41 -26.38 27.28
C CYS E 147 -22.75 -25.28 28.28
N ARG E 148 -22.16 -25.38 29.47
CA ARG E 148 -22.50 -24.48 30.56
C ARG E 148 -21.83 -23.11 30.44
N GLN E 149 -20.86 -22.94 29.55
CA GLN E 149 -20.20 -21.67 29.35
C GLN E 149 -19.90 -21.47 27.87
N VAL E 150 -19.87 -20.20 27.45
CA VAL E 150 -19.61 -19.82 26.07
C VAL E 150 -18.59 -18.70 26.05
N ALA E 151 -17.51 -18.89 25.29
CA ALA E 151 -16.49 -17.87 25.12
C ALA E 151 -16.82 -17.01 23.91
N LEU E 152 -16.76 -15.69 24.08
CA LEU E 152 -17.16 -14.74 23.06
C LEU E 152 -15.99 -13.83 22.71
N VAL E 153 -15.88 -13.48 21.43
CA VAL E 153 -14.91 -12.51 20.93
C VAL E 153 -15.69 -11.53 20.06
N ILE E 154 -15.77 -10.28 20.51
CA ILE E 154 -16.61 -9.27 19.86
C ILE E 154 -15.70 -8.19 19.28
N SER E 155 -15.70 -8.06 17.96
CA SER E 155 -15.04 -6.94 17.30
C SER E 155 -15.94 -5.71 17.38
N CYS E 156 -15.35 -4.58 17.75
CA CYS E 156 -16.14 -3.37 17.99
C CYS E 156 -15.23 -2.16 17.92
N CYS E 157 -15.86 -0.99 17.99
CA CYS E 157 -15.17 0.30 17.91
C CYS E 157 -15.58 1.15 19.10
N PHE E 158 -14.74 1.19 20.13
CA PHE E 158 -15.04 1.98 21.31
C PHE E 158 -14.95 3.47 21.01
N ASN E 159 -15.93 4.22 21.49
CA ASN E 159 -15.96 5.66 21.26
C ASN E 159 -16.77 6.37 22.35
N THR F 13 -13.90 -3.71 -2.43
CA THR F 13 -15.22 -4.14 -2.85
C THR F 13 -16.24 -3.95 -1.73
N GLY F 14 -15.74 -3.89 -0.50
CA GLY F 14 -16.53 -3.57 0.70
C GLY F 14 -17.42 -4.71 1.14
N ASP F 15 -18.11 -5.35 0.19
CA ASP F 15 -19.09 -6.41 0.48
C ASP F 15 -20.17 -5.89 1.44
N ASN F 16 -20.96 -4.95 0.90
CA ASN F 16 -22.01 -4.34 1.70
C ASN F 16 -23.14 -5.34 1.96
N SER F 17 -24.12 -4.90 2.75
CA SER F 17 -25.28 -5.71 3.09
C SER F 17 -26.24 -4.82 3.88
N ASN F 18 -27.45 -5.32 4.07
CA ASN F 18 -28.47 -4.63 4.87
C ASN F 18 -28.97 -5.46 6.04
N VAL F 19 -28.49 -6.69 6.20
CA VAL F 19 -28.90 -7.56 7.29
C VAL F 19 -27.69 -8.32 7.82
N VAL F 20 -27.87 -8.96 8.97
CA VAL F 20 -26.79 -9.72 9.58
C VAL F 20 -26.49 -10.95 8.73
N THR F 21 -25.21 -11.26 8.59
CA THR F 21 -24.75 -12.42 7.84
C THR F 21 -23.93 -13.32 8.76
N MET F 22 -23.91 -14.61 8.45
CA MET F 22 -23.23 -15.58 9.30
C MET F 22 -21.74 -15.62 8.99
N ILE F 23 -20.94 -15.73 10.05
CA ILE F 23 -19.49 -15.86 9.95
C ILE F 23 -19.13 -17.30 10.28
N ARG F 24 -18.56 -18.01 9.31
CA ARG F 24 -18.14 -19.39 9.51
C ARG F 24 -16.84 -19.39 10.32
N ALA F 25 -16.99 -19.22 11.63
CA ALA F 25 -15.84 -19.14 12.52
C ALA F 25 -15.17 -20.50 12.66
N GLY F 26 -13.87 -20.47 12.96
CA GLY F 26 -13.11 -21.69 13.14
C GLY F 26 -12.69 -21.90 14.58
N SER F 27 -11.47 -22.40 14.76
CA SER F 27 -10.95 -22.65 16.11
C SER F 27 -10.80 -21.33 16.87
N TYR F 28 -10.75 -21.44 18.19
CA TYR F 28 -10.62 -20.26 19.03
C TYR F 28 -9.27 -19.59 18.75
N PRO F 29 -9.24 -18.28 18.50
CA PRO F 29 -7.98 -17.63 18.10
C PRO F 29 -7.11 -17.23 19.28
N LYS F 30 -5.92 -16.70 18.98
CA LYS F 30 -5.06 -16.13 20.00
C LYS F 30 -5.58 -14.74 20.36
N VAL F 31 -5.86 -14.51 21.64
CA VAL F 31 -6.49 -13.29 22.10
C VAL F 31 -5.54 -12.55 23.03
N ASN F 32 -5.87 -11.30 23.31
CA ASN F 32 -5.12 -10.45 24.23
C ASN F 32 -6.02 -9.33 24.73
N PRO F 33 -6.57 -9.45 25.94
CA PRO F 33 -7.54 -8.45 26.41
C PRO F 33 -6.92 -7.10 26.73
N THR F 34 -5.61 -7.04 26.99
CA THR F 34 -4.92 -5.81 27.36
C THR F 34 -3.79 -5.54 26.36
N PRO F 35 -4.13 -5.06 25.17
CA PRO F 35 -3.10 -4.83 24.14
C PRO F 35 -2.35 -3.53 24.39
N THR F 36 -1.44 -3.21 23.47
CA THR F 36 -0.67 -1.99 23.52
C THR F 36 -1.47 -0.85 22.88
N TRP F 37 -0.85 0.32 22.79
CA TRP F 37 -1.55 1.49 22.26
C TRP F 37 -0.53 2.57 21.92
N VAL F 38 -0.34 2.82 20.64
CA VAL F 38 0.47 3.96 20.19
C VAL F 38 -0.39 5.22 20.25
N ARG F 39 0.11 6.24 20.93
CA ARG F 39 -0.69 7.42 21.24
C ARG F 39 0.14 8.69 21.06
N ALA F 40 -0.56 9.82 21.12
CA ALA F 40 0.05 11.16 21.16
C ALA F 40 -0.65 11.90 22.28
N ILE F 41 -0.01 11.98 23.43
CA ILE F 41 -0.65 12.38 24.68
C ILE F 41 -0.41 13.87 24.89
N PRO F 42 -1.46 14.71 24.93
CA PRO F 42 -1.27 16.13 25.23
C PRO F 42 -1.51 16.46 26.70
N PHE F 43 -0.63 17.27 27.29
CA PHE F 43 -0.82 17.77 28.65
C PHE F 43 0.10 18.96 28.86
N GLU F 44 -0.23 19.76 29.86
CA GLU F 44 0.51 20.98 30.17
C GLU F 44 1.26 20.84 31.48
N VAL F 45 2.35 21.60 31.60
CA VAL F 45 3.18 21.61 32.80
C VAL F 45 3.50 23.06 33.16
N SER F 46 3.63 23.31 34.46
CA SER F 46 4.00 24.62 34.97
C SER F 46 5.51 24.76 35.02
N VAL F 47 6.01 25.91 34.58
CA VAL F 47 7.44 26.19 34.54
C VAL F 47 7.69 27.55 35.19
N GLN F 48 8.78 27.64 35.95
CA GLN F 48 9.21 28.88 36.56
C GLN F 48 10.37 29.48 35.77
N SER F 49 10.54 30.80 35.93
CA SER F 49 11.57 31.51 35.18
C SER F 49 12.97 31.13 35.67
N GLY F 50 13.84 30.77 34.73
CA GLY F 50 15.21 30.43 35.05
C GLY F 50 15.42 29.10 35.73
N ILE F 51 14.37 28.31 35.92
CA ILE F 51 14.46 27.02 36.59
C ILE F 51 14.02 25.93 35.62
N ALA F 52 14.76 24.83 35.60
CA ALA F 52 14.42 23.69 34.76
C ALA F 52 13.45 22.78 35.49
N PHE F 53 12.44 22.31 34.76
CA PHE F 53 11.39 21.46 35.30
C PHE F 53 11.47 20.08 34.64
N LYS F 54 11.59 19.04 35.47
CA LYS F 54 11.64 17.67 34.98
C LYS F 54 10.22 17.15 34.76
N VAL F 55 9.94 16.69 33.55
CA VAL F 55 8.61 16.18 33.20
C VAL F 55 8.50 14.74 33.65
N PRO F 56 7.55 14.40 34.52
CA PRO F 56 7.44 13.01 35.00
C PRO F 56 6.64 12.14 34.04
N VAL F 57 7.10 10.90 33.90
CA VAL F 57 6.39 9.92 33.07
C VAL F 57 5.01 9.60 33.64
N GLY F 58 4.82 9.80 34.94
CA GLY F 58 3.55 9.45 35.57
C GLY F 58 2.37 10.20 35.00
N SER F 59 2.60 11.40 34.46
CA SER F 59 1.52 12.17 33.85
C SER F 59 0.94 11.49 32.63
N LEU F 60 1.70 10.59 31.99
CA LEU F 60 1.18 9.87 30.83
C LEU F 60 0.13 8.85 31.22
N PHE F 61 0.18 8.34 32.45
CA PHE F 61 -0.81 7.39 32.94
C PHE F 61 -1.91 8.17 33.64
N SER F 62 -3.12 8.13 33.09
CA SER F 62 -4.26 8.83 33.67
C SER F 62 -5.53 8.34 33.01
N ALA F 63 -6.65 8.54 33.70
CA ALA F 63 -7.96 8.26 33.11
C ALA F 63 -8.35 9.31 32.10
N ASN F 64 -7.79 10.52 32.19
CA ASN F 64 -8.03 11.56 31.20
C ASN F 64 -7.44 11.21 29.84
N PHE F 65 -6.58 10.19 29.77
CA PHE F 65 -5.98 9.74 28.51
C PHE F 65 -6.31 8.30 28.21
N ARG F 66 -7.19 7.67 28.99
CA ARG F 66 -7.51 6.25 28.85
C ARG F 66 -6.27 5.37 28.98
N THR F 67 -5.36 5.76 29.88
CA THR F 67 -4.08 5.07 30.03
C THR F 67 -3.78 4.66 31.46
N ASP F 68 -4.74 4.77 32.37
CA ASP F 68 -4.48 4.43 33.78
C ASP F 68 -4.31 2.93 33.99
N SER F 69 -4.58 2.10 32.98
CA SER F 69 -4.35 0.66 33.08
C SER F 69 -2.90 0.27 32.81
N PHE F 70 -2.10 1.16 32.23
CA PHE F 70 -0.70 0.88 31.95
C PHE F 70 0.18 1.28 33.12
N THR F 71 1.33 0.62 33.24
CA THR F 71 2.34 0.98 34.23
C THR F 71 3.69 1.29 33.61
N SER F 72 3.88 1.03 32.32
CA SER F 72 5.12 1.34 31.62
C SER F 72 4.77 1.84 30.22
N VAL F 73 5.68 2.62 29.64
CA VAL F 73 5.46 3.22 28.34
C VAL F 73 6.80 3.45 27.66
N THR F 74 6.81 3.33 26.34
CA THR F 74 7.99 3.56 25.52
C THR F 74 7.81 4.90 24.79
N VAL F 75 8.62 5.88 25.15
CA VAL F 75 8.53 7.21 24.55
C VAL F 75 9.29 7.22 23.23
N MET F 76 8.67 7.76 22.18
CA MET F 76 9.29 7.87 20.86
C MET F 76 9.73 9.28 20.52
N SER F 77 8.89 10.28 20.80
CA SER F 77 9.24 11.66 20.49
C SER F 77 8.47 12.58 21.44
N VAL F 78 9.02 13.78 21.66
CA VAL F 78 8.44 14.76 22.57
C VAL F 78 8.47 16.12 21.87
N ARG F 79 7.30 16.75 21.74
CA ARG F 79 7.18 18.08 21.20
C ARG F 79 6.62 19.02 22.27
N ALA F 80 6.95 20.29 22.16
CA ALA F 80 6.58 21.26 23.19
C ALA F 80 6.14 22.57 22.54
N TRP F 81 5.20 23.24 23.20
CA TRP F 81 4.73 24.56 22.81
C TRP F 81 4.56 25.42 24.05
N THR F 82 4.80 26.72 23.90
CA THR F 82 4.57 27.66 24.99
C THR F 82 3.07 27.90 25.14
N GLN F 83 2.55 27.67 26.34
CA GLN F 83 1.12 27.70 26.57
C GLN F 83 0.60 29.08 26.97
N LEU F 84 1.44 29.92 27.56
CA LEU F 84 1.04 31.26 27.98
C LEU F 84 1.92 32.31 27.33
N THR F 85 1.55 33.57 27.52
CA THR F 85 2.27 34.67 26.91
C THR F 85 3.62 34.87 27.59
N PRO F 86 4.62 35.35 26.85
CA PRO F 86 5.94 35.60 27.45
C PRO F 86 5.94 36.89 28.25
N PRO F 87 7.02 37.18 28.97
CA PRO F 87 7.12 38.47 29.67
C PRO F 87 7.08 39.63 28.68
N VAL F 88 6.93 40.84 29.24
CA VAL F 88 6.81 42.03 28.41
C VAL F 88 8.13 42.25 27.68
N ASN F 89 8.03 42.70 26.42
CA ASN F 89 9.15 43.02 25.55
C ASN F 89 9.88 41.78 25.04
N GLU F 90 9.58 40.59 25.53
CA GLU F 90 10.31 39.39 25.16
C GLU F 90 9.51 38.56 24.16
N TYR F 91 10.23 37.67 23.48
CA TYR F 91 9.65 36.65 22.62
C TYR F 91 9.71 35.30 23.31
N SER F 92 8.69 34.48 23.07
CA SER F 92 8.60 33.18 23.71
C SER F 92 9.73 32.26 23.26
N PHE F 93 10.19 31.42 24.18
CA PHE F 93 11.14 30.38 23.84
C PHE F 93 10.86 29.17 24.72
N VAL F 94 11.45 28.04 24.35
CA VAL F 94 11.29 26.80 25.11
C VAL F 94 12.46 25.88 24.77
N ARG F 95 12.99 25.22 25.80
CA ARG F 95 14.10 24.29 25.64
C ARG F 95 13.67 22.91 26.14
N LEU F 96 14.29 21.88 25.55
CA LEU F 96 14.01 20.49 25.90
C LEU F 96 15.33 19.75 26.06
N LYS F 97 15.59 19.24 27.27
CA LYS F 97 16.79 18.46 27.53
C LYS F 97 16.40 17.01 27.76
N PRO F 98 16.71 16.10 26.83
CA PRO F 98 16.31 14.69 27.02
C PRO F 98 16.96 14.08 28.25
N LEU F 99 16.22 13.19 28.89
CA LEU F 99 16.67 12.47 30.08
C LEU F 99 16.48 10.98 29.86
N PHE F 100 17.46 10.20 30.31
CA PHE F 100 17.41 8.75 30.17
C PHE F 100 17.95 8.09 31.44
N LYS F 101 17.36 6.95 31.80
CA LYS F 101 17.77 6.25 33.01
C LYS F 101 19.20 5.73 32.89
N THR F 102 19.65 5.42 31.68
CA THR F 102 21.02 4.98 31.48
C THR F 102 22.01 6.13 31.37
N GLY F 103 21.53 7.38 31.35
CA GLY F 103 22.39 8.53 31.25
C GLY F 103 21.69 9.73 30.65
N ASP F 104 21.54 10.80 31.44
CA ASP F 104 20.87 11.99 30.96
C ASP F 104 21.70 12.69 29.88
N SER F 105 21.00 13.39 28.99
CA SER F 105 21.64 14.15 27.93
C SER F 105 21.81 15.60 28.35
N THR F 106 22.70 16.30 27.65
CA THR F 106 22.95 17.71 27.88
C THR F 106 22.47 18.58 26.72
N GLU F 107 21.75 17.99 25.76
CA GLU F 107 21.19 18.78 24.66
C GLU F 107 20.13 19.75 25.17
N GLU F 108 20.00 20.88 24.46
CA GLU F 108 19.00 21.89 24.80
C GLU F 108 18.32 22.33 23.51
N PHE F 109 17.55 21.41 22.92
CA PHE F 109 16.79 21.71 21.71
C PHE F 109 15.82 22.85 21.97
N GLU F 110 16.08 24.01 21.35
CA GLU F 110 15.37 25.23 21.65
C GLU F 110 14.64 25.75 20.41
N GLY F 111 13.48 26.35 20.64
CA GLY F 111 12.73 27.02 19.60
C GLY F 111 12.16 28.34 20.08
N ARG F 112 12.35 29.41 19.32
CA ARG F 112 11.90 30.73 19.70
C ARG F 112 10.84 31.23 18.73
N ALA F 113 9.91 32.01 19.26
CA ALA F 113 8.84 32.59 18.46
C ALA F 113 9.33 33.87 17.80
N SER F 114 9.04 34.02 16.51
CA SER F 114 9.37 35.26 15.81
C SER F 114 8.31 36.34 16.00
N ASN F 115 7.20 36.02 16.67
CA ASN F 115 6.17 36.98 16.98
C ASN F 115 5.87 36.89 18.48
N ILE F 116 5.77 38.04 19.13
CA ILE F 116 5.55 38.05 20.58
C ILE F 116 4.21 37.41 20.93
N ASN F 117 3.25 37.46 20.02
CA ASN F 117 1.91 36.91 20.26
C ASN F 117 1.82 35.43 19.93
N THR F 118 2.83 34.84 19.30
CA THR F 118 2.78 33.45 18.87
C THR F 118 3.47 32.54 19.87
N ARG F 119 3.27 31.24 19.68
CA ARG F 119 3.91 30.23 20.50
C ARG F 119 5.33 29.94 20.01
N ALA F 120 6.14 29.41 20.91
CA ALA F 120 7.47 28.92 20.59
C ALA F 120 7.47 27.40 20.73
N SER F 121 7.95 26.71 19.71
CA SER F 121 7.85 25.26 19.64
C SER F 121 9.20 24.64 19.33
N VAL F 122 9.39 23.41 19.83
CA VAL F 122 10.58 22.62 19.55
C VAL F 122 10.27 21.18 19.94
N GLY F 123 11.07 20.25 19.42
CA GLY F 123 10.88 18.85 19.75
C GLY F 123 12.13 18.06 19.44
N TYR F 124 12.12 16.81 19.87
CA TYR F 124 13.24 15.90 19.61
C TYR F 124 12.72 14.48 19.50
N ARG F 125 13.42 13.68 18.69
CA ARG F 125 13.07 12.29 18.48
C ARG F 125 14.06 11.39 19.22
N ILE F 126 13.52 10.34 19.86
CA ILE F 126 14.35 9.37 20.57
C ILE F 126 14.75 8.27 19.60
N PRO F 127 16.03 7.93 19.49
CA PRO F 127 16.44 6.87 18.56
C PRO F 127 15.95 5.52 19.02
N THR F 128 15.95 4.57 18.08
CA THR F 128 15.44 3.23 18.36
C THR F 128 16.22 2.56 19.48
N ASN F 129 17.54 2.74 19.50
CA ASN F 129 18.38 2.12 20.53
C ASN F 129 18.11 2.67 21.92
N LEU F 130 17.37 3.77 22.05
CA LEU F 130 17.03 4.36 23.34
C LEU F 130 15.54 4.29 23.63
N ARG F 131 14.80 3.43 22.94
CA ARG F 131 13.36 3.30 23.14
C ARG F 131 13.07 2.09 24.02
N GLN F 132 13.41 2.24 25.30
CA GLN F 132 13.07 1.27 26.33
C GLN F 132 11.88 1.78 27.13
N ASN F 133 11.39 0.95 28.05
CA ASN F 133 10.23 1.31 28.85
C ASN F 133 10.61 2.29 29.95
N THR F 134 9.63 3.12 30.34
CA THR F 134 9.77 4.06 31.44
C THR F 134 8.54 3.96 32.32
N VAL F 135 8.76 3.96 33.64
CA VAL F 135 7.66 3.86 34.60
C VAL F 135 7.34 5.25 35.12
N ALA F 136 6.31 5.34 35.98
CA ALA F 136 5.82 6.65 36.43
C ALA F 136 6.89 7.44 37.17
N ALA F 137 7.72 6.75 37.96
CA ALA F 137 8.73 7.44 38.76
C ALA F 137 9.83 8.07 37.91
N ASP F 138 9.92 7.74 36.62
CA ASP F 138 10.98 8.25 35.77
C ASP F 138 10.60 9.63 35.23
N ASN F 139 11.53 10.23 34.49
CA ASN F 139 11.33 11.53 33.86
C ASN F 139 11.65 11.45 32.39
N VAL F 140 10.95 12.27 31.60
CA VAL F 140 11.13 12.27 30.15
C VAL F 140 12.20 13.29 29.73
N CYS F 141 12.08 14.52 30.22
CA CYS F 141 12.98 15.59 29.80
C CYS F 141 12.80 16.78 30.72
N GLU F 142 13.80 17.65 30.73
CA GLU F 142 13.71 18.95 31.40
C GLU F 142 13.20 20.00 30.43
N VAL F 143 12.44 20.96 30.97
CA VAL F 143 11.81 22.00 30.17
C VAL F 143 12.17 23.36 30.77
N ARG F 144 12.67 24.26 29.93
CA ARG F 144 12.96 25.64 30.31
C ARG F 144 12.21 26.58 29.38
N SER F 145 11.70 27.66 29.95
CA SER F 145 10.94 28.63 29.16
C SER F 145 10.73 29.89 29.99
N ASN F 146 10.61 31.02 29.30
CA ASN F 146 10.21 32.27 29.93
C ASN F 146 8.71 32.37 30.12
N CYS F 147 7.95 31.41 29.60
CA CYS F 147 6.51 31.35 29.83
C CYS F 147 6.23 30.43 31.01
N ARG F 148 5.14 30.72 31.72
CA ARG F 148 4.84 30.02 32.96
C ARG F 148 4.17 28.66 32.74
N GLN F 149 3.77 28.33 31.52
CA GLN F 149 3.18 27.04 31.22
C GLN F 149 3.64 26.57 29.86
N VAL F 150 3.84 25.25 29.73
CA VAL F 150 4.32 24.63 28.50
C VAL F 150 3.39 23.48 28.15
N ALA F 151 2.92 23.45 26.90
CA ALA F 151 2.06 22.38 26.41
C ALA F 151 2.92 21.35 25.67
N LEU F 152 2.78 20.08 26.07
CA LEU F 152 3.59 19.00 25.53
C LEU F 152 2.69 17.97 24.83
N VAL F 153 3.17 17.47 23.70
CA VAL F 153 2.53 16.36 23.00
C VAL F 153 3.59 15.27 22.83
N ILE F 154 3.42 14.16 23.55
CA ILE F 154 4.40 13.08 23.58
C ILE F 154 3.84 11.91 22.79
N SER F 155 4.51 11.58 21.68
CA SER F 155 4.19 10.38 20.92
C SER F 155 4.90 9.19 21.56
N CYS F 156 4.12 8.22 22.04
CA CYS F 156 4.68 7.10 22.78
C CYS F 156 3.84 5.86 22.53
N CYS F 157 4.35 4.73 23.02
CA CYS F 157 3.71 3.43 22.87
C CYS F 157 3.46 2.85 24.26
N PHE F 158 2.21 2.84 24.68
CA PHE F 158 1.85 2.29 25.99
C PHE F 158 1.80 0.77 25.92
N ASN F 159 2.46 0.12 26.87
CA ASN F 159 2.45 -1.34 26.95
C ASN F 159 2.37 -1.81 28.40
N GLY G 14 -30.47 23.39 -26.47
CA GLY G 14 -29.55 24.47 -26.79
C GLY G 14 -30.08 25.84 -26.39
N ASP G 15 -30.74 26.50 -27.33
CA ASP G 15 -31.40 27.80 -27.13
C ASP G 15 -30.32 28.88 -26.93
N ASN G 16 -30.55 29.82 -26.02
CA ASN G 16 -29.79 31.06 -25.85
C ASN G 16 -29.24 31.59 -27.18
N SER G 17 -30.06 32.17 -28.08
CA SER G 17 -31.49 32.60 -28.00
C SER G 17 -31.75 33.80 -27.08
N ASN G 18 -32.63 34.70 -27.57
CA ASN G 18 -32.98 35.93 -26.88
C ASN G 18 -34.47 36.06 -26.60
N VAL G 19 -35.29 35.09 -27.00
CA VAL G 19 -36.74 35.17 -26.83
C VAL G 19 -37.24 33.86 -26.22
N VAL G 20 -38.52 33.86 -25.86
CA VAL G 20 -39.13 32.67 -25.28
C VAL G 20 -39.27 31.58 -26.34
N THR G 21 -39.11 30.33 -25.91
CA THR G 21 -39.20 29.19 -26.80
C THR G 21 -40.11 28.14 -26.20
N MET G 22 -40.90 27.48 -27.05
CA MET G 22 -41.86 26.50 -26.57
C MET G 22 -41.14 25.24 -26.07
N ILE G 23 -41.71 24.64 -25.03
CA ILE G 23 -41.22 23.40 -24.45
C ILE G 23 -42.26 22.31 -24.72
N ARG G 24 -41.83 21.22 -25.35
CA ARG G 24 -42.72 20.11 -25.66
C ARG G 24 -42.87 19.21 -24.43
N ALA G 25 -43.59 19.73 -23.45
CA ALA G 25 -43.84 19.00 -22.22
C ALA G 25 -44.73 17.79 -22.49
N GLY G 26 -44.54 16.74 -21.69
CA GLY G 26 -45.29 15.52 -21.85
C GLY G 26 -46.24 15.25 -20.70
N SER G 27 -46.03 14.13 -20.00
CA SER G 27 -46.89 13.78 -18.88
C SER G 27 -46.48 14.55 -17.63
N TYR G 28 -47.42 14.65 -16.70
CA TYR G 28 -47.13 15.34 -15.44
C TYR G 28 -46.06 14.58 -14.66
N PRO G 29 -44.99 15.23 -14.25
CA PRO G 29 -43.88 14.53 -13.61
C PRO G 29 -44.11 14.33 -12.11
N LYS G 30 -43.20 13.56 -11.50
CA LYS G 30 -43.20 13.41 -10.06
C LYS G 30 -42.74 14.71 -9.41
N VAL G 31 -43.48 15.19 -8.42
CA VAL G 31 -43.22 16.48 -7.81
C VAL G 31 -43.07 16.31 -6.31
N ASN G 32 -42.51 17.33 -5.68
CA ASN G 32 -42.28 17.35 -4.24
C ASN G 32 -42.20 18.80 -3.77
N PRO G 33 -43.26 19.32 -3.13
CA PRO G 33 -43.22 20.73 -2.70
C PRO G 33 -42.29 20.99 -1.53
N THR G 34 -41.92 19.96 -0.78
CA THR G 34 -41.08 20.10 0.41
C THR G 34 -39.88 19.16 0.28
N PRO G 35 -38.87 19.53 -0.48
CA PRO G 35 -37.71 18.66 -0.70
C PRO G 35 -36.68 18.82 0.41
N THR G 36 -35.60 18.05 0.30
CA THR G 36 -34.50 18.10 1.25
C THR G 36 -33.58 19.26 0.90
N TRP G 37 -32.53 19.43 1.71
CA TRP G 37 -31.64 20.58 1.52
C TRP G 37 -30.35 20.33 2.29
N VAL G 38 -29.26 20.10 1.57
CA VAL G 38 -27.93 20.10 2.18
C VAL G 38 -27.52 21.52 2.49
N ARG G 39 -27.04 21.76 3.70
CA ARG G 39 -26.80 23.12 4.17
C ARG G 39 -25.56 23.18 5.05
N ALA G 40 -25.02 24.38 5.19
CA ALA G 40 -23.95 24.70 6.13
C ALA G 40 -24.47 25.84 7.01
N ILE G 41 -24.91 25.50 8.21
CA ILE G 41 -25.66 26.42 9.07
C ILE G 41 -24.67 27.10 10.02
N PRO G 42 -24.50 28.42 9.94
CA PRO G 42 -23.64 29.11 10.91
C PRO G 42 -24.42 29.71 12.07
N PHE G 43 -23.99 29.43 13.30
CA PHE G 43 -24.61 30.03 14.47
C PHE G 43 -23.62 29.96 15.63
N GLU G 44 -23.85 30.80 16.63
CA GLU G 44 -22.98 30.91 17.78
C GLU G 44 -23.68 30.42 19.04
N VAL G 45 -22.88 30.09 20.04
CA VAL G 45 -23.38 29.65 21.34
C VAL G 45 -22.56 30.35 22.43
N SER G 46 -23.24 30.76 23.49
CA SER G 46 -22.55 31.36 24.63
C SER G 46 -22.03 30.26 25.54
N VAL G 47 -20.74 30.31 25.84
CA VAL G 47 -20.06 29.27 26.61
C VAL G 47 -19.47 29.90 27.86
N GLN G 48 -19.50 29.15 28.96
CA GLN G 48 -18.91 29.57 30.23
C GLN G 48 -17.64 28.76 30.48
N SER G 49 -16.70 29.38 31.19
CA SER G 49 -15.42 28.74 31.47
C SER G 49 -15.61 27.50 32.33
N GLY G 50 -15.02 26.39 31.89
CA GLY G 50 -15.05 25.16 32.65
C GLY G 50 -16.42 24.52 32.78
N ILE G 51 -17.31 24.77 31.83
CA ILE G 51 -18.66 24.20 31.83
C ILE G 51 -19.00 23.76 30.42
N ALA G 52 -19.35 22.49 30.25
CA ALA G 52 -19.77 21.99 28.96
C ALA G 52 -21.16 22.52 28.61
N PHE G 53 -21.31 23.01 27.39
CA PHE G 53 -22.59 23.51 26.89
C PHE G 53 -23.12 22.56 25.82
N LYS G 54 -24.29 21.99 26.07
CA LYS G 54 -24.91 21.06 25.13
C LYS G 54 -25.60 21.86 24.02
N VAL G 55 -25.08 21.76 22.80
CA VAL G 55 -25.64 22.50 21.67
C VAL G 55 -26.97 21.88 21.27
N PRO G 56 -28.07 22.62 21.34
CA PRO G 56 -29.37 22.05 20.97
C PRO G 56 -29.53 21.96 19.46
N VAL G 57 -30.18 20.88 19.02
CA VAL G 57 -30.45 20.71 17.59
C VAL G 57 -31.44 21.76 17.10
N GLY G 58 -32.32 22.24 18.00
CA GLY G 58 -33.31 23.23 17.61
C GLY G 58 -32.74 24.51 17.06
N SER G 59 -31.46 24.78 17.34
CA SER G 59 -30.82 25.97 16.79
C SER G 59 -30.66 25.90 15.27
N LEU G 60 -30.79 24.71 14.68
CA LEU G 60 -30.68 24.57 13.23
C LEU G 60 -31.99 24.93 12.53
N PHE G 61 -33.13 24.74 13.19
CA PHE G 61 -34.43 25.06 12.61
C PHE G 61 -34.78 26.49 13.00
N SER G 62 -34.68 27.41 12.04
CA SER G 62 -34.94 28.81 12.30
C SER G 62 -35.23 29.52 10.98
N ALA G 63 -36.13 30.50 11.03
CA ALA G 63 -36.40 31.31 9.86
C ALA G 63 -35.19 32.10 9.41
N ASN G 64 -34.23 32.32 10.31
CA ASN G 64 -32.99 33.00 9.92
C ASN G 64 -32.19 32.16 8.92
N PHE G 65 -32.39 30.85 8.93
CA PHE G 65 -31.69 29.94 8.03
C PHE G 65 -32.61 29.37 6.95
N ARG G 66 -33.83 29.89 6.83
CA ARG G 66 -34.85 29.36 5.92
C ARG G 66 -35.21 27.91 6.24
N THR G 67 -34.96 27.47 7.47
CA THR G 67 -35.17 26.08 7.86
C THR G 67 -36.26 25.92 8.91
N ASP G 68 -37.09 26.95 9.10
CA ASP G 68 -38.18 26.85 10.08
C ASP G 68 -39.22 25.82 9.68
N SER G 69 -39.27 25.42 8.41
CA SER G 69 -40.23 24.44 7.94
C SER G 69 -39.81 23.00 8.21
N PHE G 70 -38.55 22.78 8.57
CA PHE G 70 -38.07 21.43 8.88
C PHE G 70 -38.28 21.10 10.34
N THR G 71 -38.40 19.79 10.62
CA THR G 71 -38.47 19.30 11.98
C THR G 71 -37.38 18.30 12.32
N SER G 72 -36.66 17.78 11.33
CA SER G 72 -35.57 16.83 11.56
C SER G 72 -34.39 17.23 10.68
N VAL G 73 -33.23 16.68 11.02
CA VAL G 73 -32.00 17.00 10.29
C VAL G 73 -30.99 15.88 10.54
N THR G 74 -30.21 15.57 9.51
CA THR G 74 -29.17 14.55 9.58
C THR G 74 -27.81 15.26 9.56
N VAL G 75 -27.17 15.32 10.72
CA VAL G 75 -25.89 16.00 10.85
C VAL G 75 -24.79 15.12 10.26
N MET G 76 -23.93 15.73 9.44
CA MET G 76 -22.80 15.03 8.83
C MET G 76 -21.48 15.35 9.50
N SER G 77 -21.16 16.63 9.66
CA SER G 77 -19.92 17.04 10.30
C SER G 77 -20.17 18.34 11.06
N VAL G 78 -19.34 18.57 12.07
CA VAL G 78 -19.44 19.75 12.94
C VAL G 78 -18.07 20.41 13.02
N ARG G 79 -18.04 21.73 12.93
CA ARG G 79 -16.83 22.52 13.07
C ARG G 79 -17.09 23.70 13.99
N ALA G 80 -16.11 24.02 14.83
CA ALA G 80 -16.28 25.05 15.86
C ALA G 80 -15.12 26.03 15.82
N TRP G 81 -15.43 27.31 16.04
CA TRP G 81 -14.43 28.36 16.15
C TRP G 81 -14.74 29.23 17.37
N THR G 82 -13.68 29.71 18.02
CA THR G 82 -13.84 30.64 19.13
C THR G 82 -14.21 32.01 18.59
N GLN G 83 -15.29 32.59 19.14
CA GLN G 83 -15.85 33.83 18.62
C GLN G 83 -15.38 35.07 19.36
N LEU G 84 -14.87 34.93 20.58
CA LEU G 84 -14.39 36.06 21.37
C LEU G 84 -12.94 35.83 21.77
N THR G 85 -12.32 36.88 22.28
CA THR G 85 -10.93 36.80 22.70
C THR G 85 -10.79 35.91 23.93
N PRO G 86 -9.65 35.26 24.10
CA PRO G 86 -9.43 34.42 25.28
C PRO G 86 -9.14 35.26 26.51
N PRO G 87 -9.08 34.64 27.69
CA PRO G 87 -8.63 35.38 28.87
C PRO G 87 -7.21 35.89 28.70
N VAL G 88 -6.82 36.81 29.58
CA VAL G 88 -5.51 37.43 29.48
C VAL G 88 -4.42 36.38 29.62
N ASN G 89 -3.35 36.54 28.84
CA ASN G 89 -2.15 35.70 28.84
C ASN G 89 -2.38 34.30 28.28
N GLU G 90 -3.58 33.97 27.82
CA GLU G 90 -3.89 32.63 27.34
C GLU G 90 -4.12 32.63 25.84
N TYR G 91 -4.00 31.45 25.25
CA TYR G 91 -4.38 31.19 23.87
C TYR G 91 -5.76 30.56 23.83
N SER G 92 -6.47 30.78 22.72
CA SER G 92 -7.82 30.27 22.59
C SER G 92 -7.81 28.76 22.35
N PHE G 93 -8.81 28.08 22.92
CA PHE G 93 -8.98 26.66 22.68
C PHE G 93 -10.47 26.34 22.67
N VAL G 94 -10.83 25.26 21.97
CA VAL G 94 -12.22 24.82 21.87
C VAL G 94 -12.23 23.31 21.78
N ARG G 95 -13.22 22.69 22.43
CA ARG G 95 -13.36 21.24 22.46
C ARG G 95 -14.76 20.85 22.01
N LEU G 96 -14.87 19.61 21.53
CA LEU G 96 -16.13 19.06 21.06
C LEU G 96 -16.25 17.61 21.51
N LYS G 97 -17.40 17.25 22.06
CA LYS G 97 -17.69 15.87 22.44
C LYS G 97 -18.91 15.39 21.67
N PRO G 98 -18.75 14.54 20.65
CA PRO G 98 -19.92 14.11 19.86
C PRO G 98 -20.93 13.36 20.71
N LEU G 99 -22.19 13.79 20.62
CA LEU G 99 -23.30 13.16 21.33
C LEU G 99 -24.18 12.39 20.37
N PHE G 100 -24.79 11.32 20.86
CA PHE G 100 -25.69 10.51 20.06
C PHE G 100 -26.79 9.96 20.95
N LYS G 101 -27.99 9.83 20.38
CA LYS G 101 -29.12 9.29 21.15
C LYS G 101 -28.91 7.82 21.49
N THR G 102 -28.11 7.11 20.70
CA THR G 102 -27.82 5.71 20.94
C THR G 102 -26.60 5.51 21.84
N GLY G 103 -26.04 6.58 22.37
CA GLY G 103 -24.86 6.48 23.22
C GLY G 103 -23.87 7.60 22.98
N ASP G 104 -23.65 8.44 23.98
CA ASP G 104 -22.76 9.58 23.84
C ASP G 104 -21.30 9.12 23.84
N SER G 105 -20.49 9.81 23.06
CA SER G 105 -19.06 9.53 22.98
C SER G 105 -18.31 10.27 24.08
N THR G 106 -17.06 9.87 24.29
CA THR G 106 -16.18 10.52 25.25
C THR G 106 -15.00 11.21 24.60
N GLU G 107 -14.99 11.33 23.28
CA GLU G 107 -13.93 12.05 22.61
C GLU G 107 -13.99 13.54 22.95
N GLU G 108 -12.81 14.17 23.00
CA GLU G 108 -12.69 15.60 23.26
C GLU G 108 -11.79 16.21 22.18
N PHE G 109 -12.30 16.24 20.95
CA PHE G 109 -11.57 16.82 19.83
C PHE G 109 -11.26 18.29 20.13
N GLU G 110 -9.97 18.60 20.31
CA GLU G 110 -9.54 19.91 20.76
C GLU G 110 -8.69 20.60 19.70
N GLY G 111 -8.83 21.92 19.62
CA GLY G 111 -7.98 22.74 18.78
C GLY G 111 -7.58 24.01 19.49
N ARG G 112 -6.28 24.31 19.51
CA ARG G 112 -5.76 25.48 20.18
C ARG G 112 -5.10 26.41 19.17
N ALA G 113 -5.16 27.71 19.45
CA ALA G 113 -4.55 28.70 18.59
C ALA G 113 -3.08 28.90 18.96
N SER G 114 -2.24 29.13 17.96
CA SER G 114 -0.86 29.48 18.17
C SER G 114 -0.63 30.99 18.22
N ASN G 115 -1.70 31.77 18.32
CA ASN G 115 -1.63 33.22 18.44
C ASN G 115 -2.78 33.67 19.32
N ILE G 116 -2.46 34.46 20.34
CA ILE G 116 -3.48 34.92 21.28
C ILE G 116 -4.57 35.73 20.60
N ASN G 117 -4.27 36.30 19.43
CA ASN G 117 -5.24 37.08 18.68
C ASN G 117 -6.00 36.25 17.64
N THR G 118 -5.64 34.98 17.47
CA THR G 118 -6.24 34.12 16.46
C THR G 118 -7.24 33.16 17.09
N ARG G 119 -8.30 32.87 16.36
CA ARG G 119 -9.30 31.92 16.82
C ARG G 119 -8.70 30.53 16.96
N ALA G 120 -9.38 29.71 17.77
CA ALA G 120 -9.13 28.28 17.81
C ALA G 120 -10.18 27.56 16.96
N SER G 121 -9.84 26.36 16.50
CA SER G 121 -10.72 25.64 15.60
C SER G 121 -10.50 24.14 15.74
N VAL G 122 -11.59 23.38 15.57
CA VAL G 122 -11.54 21.93 15.59
C VAL G 122 -12.86 21.43 15.02
N GLY G 123 -12.88 20.19 14.56
CA GLY G 123 -14.08 19.62 13.99
C GLY G 123 -14.01 18.12 13.94
N TYR G 124 -15.19 17.50 13.85
CA TYR G 124 -15.30 16.06 13.73
C TYR G 124 -16.34 15.72 12.68
N ARG G 125 -16.21 14.53 12.10
CA ARG G 125 -17.11 14.04 11.07
C ARG G 125 -17.83 12.80 11.57
N ILE G 126 -19.16 12.84 11.50
CA ILE G 126 -19.98 11.70 11.93
C ILE G 126 -19.90 10.61 10.87
N PRO G 127 -19.54 9.38 11.23
CA PRO G 127 -19.46 8.32 10.22
C PRO G 127 -20.84 8.01 9.65
N THR G 128 -20.84 7.38 8.48
CA THR G 128 -22.08 7.08 7.78
C THR G 128 -23.05 6.30 8.67
N ASN G 129 -22.55 5.27 9.34
CA ASN G 129 -23.42 4.40 10.13
C ASN G 129 -24.10 5.13 11.28
N LEU G 130 -23.59 6.29 11.68
CA LEU G 130 -24.16 7.07 12.78
C LEU G 130 -24.91 8.30 12.30
N ARG G 131 -25.23 8.37 11.00
CA ARG G 131 -25.91 9.53 10.43
C ARG G 131 -27.40 9.27 10.39
N GLN G 132 -28.03 9.36 11.56
CA GLN G 132 -29.48 9.29 11.68
C GLN G 132 -30.04 10.69 11.93
N ASN G 133 -31.37 10.78 11.96
CA ASN G 133 -32.01 12.08 12.12
C ASN G 133 -32.00 12.51 13.60
N THR G 134 -32.09 13.82 13.81
CA THR G 134 -32.22 14.41 15.12
C THR G 134 -33.33 15.45 15.10
N VAL G 135 -33.98 15.64 16.24
CA VAL G 135 -35.08 16.58 16.36
C VAL G 135 -34.67 17.70 17.30
N ALA G 136 -35.56 18.71 17.42
CA ALA G 136 -35.23 19.91 18.19
C ALA G 136 -34.87 19.59 19.64
N ALA G 137 -35.50 18.57 20.22
CA ALA G 137 -35.22 18.22 21.61
C ALA G 137 -33.88 17.52 21.78
N ASP G 138 -33.20 17.17 20.69
CA ASP G 138 -31.92 16.49 20.78
C ASP G 138 -30.78 17.50 20.91
N ASN G 139 -29.58 16.97 21.19
CA ASN G 139 -28.37 17.77 21.30
C ASN G 139 -27.30 17.18 20.39
N VAL G 140 -26.47 18.05 19.82
CA VAL G 140 -25.45 17.64 18.86
C VAL G 140 -24.18 17.26 19.60
N CYS G 141 -23.61 18.20 20.35
CA CYS G 141 -22.34 17.96 21.00
C CYS G 141 -22.16 18.96 22.13
N GLU G 142 -21.25 18.63 23.05
CA GLU G 142 -20.86 19.52 24.13
C GLU G 142 -19.64 20.34 23.72
N VAL G 143 -19.63 21.61 24.08
CA VAL G 143 -18.57 22.54 23.71
C VAL G 143 -17.91 23.06 24.98
N ARG G 144 -16.58 23.06 25.00
CA ARG G 144 -15.80 23.63 26.08
C ARG G 144 -14.80 24.62 25.49
N SER G 145 -14.63 25.76 26.15
CA SER G 145 -13.74 26.80 25.66
C SER G 145 -13.47 27.80 26.77
N ASN G 146 -12.28 28.41 26.71
CA ASN G 146 -11.97 29.53 27.58
C ASN G 146 -12.53 30.86 27.08
N CYS G 147 -12.98 30.90 25.82
CA CYS G 147 -13.65 32.08 25.29
C CYS G 147 -15.15 31.97 25.53
N ARG G 148 -15.79 33.12 25.73
CA ARG G 148 -17.17 33.15 26.17
C ARG G 148 -18.17 32.86 25.06
N GLN G 149 -17.73 32.79 23.81
CA GLN G 149 -18.61 32.45 22.70
C GLN G 149 -17.87 31.56 21.71
N VAL G 150 -18.63 30.71 21.02
CA VAL G 150 -18.09 29.76 20.06
C VAL G 150 -18.94 29.79 18.80
N ALA G 151 -18.31 30.00 17.66
CA ALA G 151 -18.98 29.99 16.37
C ALA G 151 -18.99 28.58 15.81
N LEU G 152 -20.16 28.10 15.41
CA LEU G 152 -20.34 26.75 14.91
C LEU G 152 -20.78 26.78 13.45
N VAL G 153 -20.22 25.87 12.66
CA VAL G 153 -20.63 25.65 11.28
C VAL G 153 -20.89 24.16 11.12
N ILE G 154 -22.15 23.78 10.94
CA ILE G 154 -22.57 22.39 10.92
C ILE G 154 -23.03 22.04 9.51
N SER G 155 -22.35 21.10 8.88
CA SER G 155 -22.76 20.56 7.59
C SER G 155 -23.77 19.45 7.83
N CYS G 156 -25.00 19.65 7.34
CA CYS G 156 -26.09 18.71 7.62
C CYS G 156 -27.02 18.64 6.43
N CYS G 157 -27.97 17.72 6.51
CA CYS G 157 -28.98 17.49 5.48
C CYS G 157 -30.36 17.61 6.11
N PHE G 158 -31.05 18.71 5.83
CA PHE G 158 -32.39 18.92 6.35
C PHE G 158 -33.40 18.06 5.59
N ASN G 159 -34.32 17.47 6.34
CA ASN G 159 -35.38 16.65 5.75
C ASN G 159 -36.61 16.61 6.65
N THR H 13 23.23 52.91 -33.44
CA THR H 13 22.14 51.96 -33.34
C THR H 13 21.18 52.32 -32.22
N GLY H 14 20.47 51.32 -31.70
CA GLY H 14 19.46 51.52 -30.68
C GLY H 14 18.19 50.77 -31.00
N ASP H 15 17.98 50.52 -32.29
CA ASP H 15 16.87 49.74 -32.82
C ASP H 15 15.53 50.47 -32.69
N ASN H 16 14.51 49.94 -33.37
CA ASN H 16 13.20 50.57 -33.49
C ASN H 16 13.29 51.92 -34.21
N SER H 17 12.17 52.60 -34.37
CA SER H 17 12.17 53.89 -35.03
C SER H 17 12.51 54.99 -34.02
N ASN H 18 13.37 55.91 -34.45
CA ASN H 18 13.80 57.03 -33.61
C ASN H 18 13.30 58.37 -34.13
N VAL H 19 12.48 58.38 -35.19
CA VAL H 19 11.95 59.61 -35.75
C VAL H 19 10.47 59.40 -36.09
N VAL H 20 9.80 60.49 -36.43
CA VAL H 20 8.40 60.42 -36.83
C VAL H 20 8.30 59.79 -38.20
N THR H 21 7.35 58.86 -38.35
CA THR H 21 7.10 58.17 -39.61
C THR H 21 5.68 58.47 -40.07
N MET H 22 5.45 58.30 -41.37
CA MET H 22 4.17 58.65 -41.97
C MET H 22 3.17 57.50 -41.85
N ILE H 23 1.91 57.86 -41.59
CA ILE H 23 0.80 56.91 -41.53
C ILE H 23 -0.07 57.16 -42.76
N ARG H 24 -0.23 56.12 -43.58
CA ARG H 24 -1.04 56.22 -44.80
C ARG H 24 -2.51 55.96 -44.46
N ALA H 25 -3.10 56.93 -43.77
CA ALA H 25 -4.48 56.84 -43.36
C ALA H 25 -5.41 56.85 -44.57
N GLY H 26 -6.63 56.35 -44.35
CA GLY H 26 -7.61 56.29 -45.41
C GLY H 26 -8.87 57.09 -45.11
N SER H 27 -10.03 56.46 -45.25
CA SER H 27 -11.28 57.12 -44.95
C SER H 27 -11.41 57.43 -43.47
N TYR H 28 -12.26 58.40 -43.15
CA TYR H 28 -12.49 58.76 -41.76
C TYR H 28 -13.17 57.60 -41.04
N PRO H 29 -12.69 57.19 -39.87
CA PRO H 29 -13.23 56.00 -39.22
C PRO H 29 -14.46 56.27 -38.36
N LYS H 30 -14.98 55.23 -37.71
CA LYS H 30 -16.04 55.39 -36.75
C LYS H 30 -15.44 55.81 -35.41
N VAL H 31 -15.89 56.95 -34.87
CA VAL H 31 -15.31 57.49 -33.67
C VAL H 31 -16.35 57.49 -32.56
N ASN H 32 -15.87 57.63 -31.32
CA ASN H 32 -16.72 57.73 -30.14
C ASN H 32 -15.99 58.53 -29.06
N PRO H 33 -16.36 59.79 -28.85
CA PRO H 33 -15.64 60.60 -27.85
C PRO H 33 -15.93 60.19 -26.41
N THR H 34 -17.05 59.52 -26.15
CA THR H 34 -17.46 59.13 -24.81
C THR H 34 -17.68 57.62 -24.75
N PRO H 35 -16.62 56.83 -24.75
CA PRO H 35 -16.76 55.37 -24.74
C PRO H 35 -17.00 54.85 -23.34
N THR H 36 -17.22 53.53 -23.26
CA THR H 36 -17.45 52.87 -21.99
C THR H 36 -16.12 52.66 -21.25
N TRP H 37 -16.20 52.09 -20.05
CA TRP H 37 -15.01 51.91 -19.23
C TRP H 37 -15.29 50.87 -18.15
N VAL H 38 -14.54 49.78 -18.17
CA VAL H 38 -14.59 48.77 -17.11
C VAL H 38 -13.63 49.19 -16.00
N ARG H 39 -14.12 49.20 -14.76
CA ARG H 39 -13.36 49.78 -13.66
C ARG H 39 -13.53 48.96 -12.40
N ALA H 40 -12.62 49.18 -11.45
CA ALA H 40 -12.72 48.65 -10.09
C ALA H 40 -12.65 49.87 -9.16
N ILE H 41 -13.80 50.28 -8.64
CA ILE H 41 -13.94 51.55 -7.93
C ILE H 41 -13.78 51.31 -6.44
N PRO H 42 -12.80 51.93 -5.78
CA PRO H 42 -12.68 51.81 -4.32
C PRO H 42 -13.31 52.99 -3.60
N PHE H 43 -14.15 52.72 -2.60
CA PHE H 43 -14.74 53.77 -1.78
C PHE H 43 -15.23 53.16 -0.48
N GLU H 44 -15.38 54.02 0.52
CA GLU H 44 -15.73 53.59 1.87
C GLU H 44 -17.11 54.12 2.26
N VAL H 45 -17.78 53.38 3.12
CA VAL H 45 -19.10 53.75 3.64
C VAL H 45 -19.10 53.56 5.15
N SER H 46 -19.81 54.45 5.84
CA SER H 46 -19.94 54.37 7.29
C SER H 46 -21.10 53.46 7.65
N VAL H 47 -20.90 52.64 8.68
CA VAL H 47 -21.89 51.64 9.10
C VAL H 47 -22.06 51.75 10.61
N GLN H 48 -23.31 51.65 11.06
CA GLN H 48 -23.63 51.64 12.48
C GLN H 48 -23.79 50.20 12.96
N SER H 49 -23.83 50.04 14.29
CA SER H 49 -23.94 48.72 14.89
C SER H 49 -25.38 48.24 14.86
N GLY H 50 -25.58 47.02 14.35
CA GLY H 50 -26.91 46.44 14.27
C GLY H 50 -27.82 47.03 13.21
N ILE H 51 -27.31 47.92 12.36
CA ILE H 51 -28.09 48.58 11.33
C ILE H 51 -27.44 48.31 9.98
N ALA H 52 -28.28 48.13 8.95
CA ALA H 52 -27.81 47.93 7.60
C ALA H 52 -27.80 49.26 6.85
N PHE H 53 -26.77 49.46 6.02
CA PHE H 53 -26.61 50.69 5.25
C PHE H 53 -26.74 50.35 3.77
N LYS H 54 -27.69 50.99 3.10
CA LYS H 54 -27.92 50.78 1.68
C LYS H 54 -26.88 51.57 0.89
N VAL H 55 -25.97 50.87 0.22
CA VAL H 55 -24.91 51.51 -0.57
C VAL H 55 -25.54 52.10 -1.83
N PRO H 56 -25.45 53.41 -2.04
CA PRO H 56 -26.04 54.00 -3.24
C PRO H 56 -25.12 53.85 -4.44
N VAL H 57 -25.76 53.67 -5.61
CA VAL H 57 -25.02 53.61 -6.86
C VAL H 57 -24.32 54.94 -7.13
N GLY H 58 -24.87 56.04 -6.63
CA GLY H 58 -24.31 57.35 -6.92
C GLY H 58 -22.90 57.52 -6.41
N SER H 59 -22.50 56.72 -5.41
CA SER H 59 -21.15 56.80 -4.89
C SER H 59 -20.11 56.44 -5.93
N LEU H 60 -20.50 55.74 -7.00
CA LEU H 60 -19.57 55.38 -8.06
C LEU H 60 -19.29 56.54 -9.01
N PHE H 61 -20.15 57.56 -9.04
CA PHE H 61 -19.99 58.70 -9.92
C PHE H 61 -19.34 59.84 -9.13
N SER H 62 -18.11 60.18 -9.50
CA SER H 62 -17.37 61.24 -8.85
C SER H 62 -16.13 61.56 -9.67
N ALA H 63 -15.71 62.82 -9.64
CA ALA H 63 -14.47 63.21 -10.29
C ALA H 63 -13.27 62.54 -9.65
N ASN H 64 -13.40 62.07 -8.40
CA ASN H 64 -12.33 61.30 -7.76
C ASN H 64 -12.09 59.98 -8.47
N PHE H 65 -13.04 59.51 -9.27
CA PHE H 65 -12.91 58.26 -10.02
C PHE H 65 -12.87 58.50 -11.52
N ARG H 66 -12.84 59.76 -11.96
CA ARG H 66 -12.91 60.15 -13.36
C ARG H 66 -14.22 59.75 -14.02
N THR H 67 -15.24 59.37 -13.24
CA THR H 67 -16.49 58.85 -13.78
C THR H 67 -17.65 59.82 -13.58
N ASP H 68 -17.37 61.12 -13.39
CA ASP H 68 -18.43 62.08 -13.20
C ASP H 68 -19.22 62.35 -14.47
N SER H 69 -18.80 61.78 -15.61
CA SER H 69 -19.52 61.93 -16.86
C SER H 69 -20.52 60.81 -17.12
N PHE H 70 -20.48 59.74 -16.33
CA PHE H 70 -21.39 58.62 -16.50
C PHE H 70 -22.62 58.79 -15.64
N THR H 71 -23.77 58.35 -16.16
CA THR H 71 -25.02 58.37 -15.43
C THR H 71 -25.62 57.00 -15.19
N SER H 72 -25.11 55.97 -15.85
CA SER H 72 -25.60 54.60 -15.71
C SER H 72 -24.43 53.65 -15.71
N VAL H 73 -24.46 52.68 -14.80
CA VAL H 73 -23.36 51.73 -14.62
C VAL H 73 -23.94 50.33 -14.49
N THR H 74 -23.22 49.35 -15.04
CA THR H 74 -23.59 47.94 -14.96
C THR H 74 -22.63 47.26 -13.98
N VAL H 75 -23.14 46.91 -12.80
CA VAL H 75 -22.31 46.30 -11.77
C VAL H 75 -22.15 44.81 -12.07
N MET H 76 -20.91 44.33 -11.98
CA MET H 76 -20.59 42.93 -12.20
C MET H 76 -20.31 42.16 -10.91
N SER H 77 -19.65 42.79 -9.95
CA SER H 77 -19.34 42.14 -8.67
C SER H 77 -19.12 43.21 -7.62
N VAL H 78 -19.25 42.80 -6.36
CA VAL H 78 -19.03 43.67 -5.21
C VAL H 78 -18.15 42.93 -4.22
N ARG H 79 -17.15 43.63 -3.67
CA ARG H 79 -16.27 43.09 -2.64
C ARG H 79 -16.12 44.09 -1.52
N ALA H 80 -16.08 43.58 -0.28
CA ALA H 80 -16.09 44.43 0.90
C ALA H 80 -14.95 44.04 1.83
N TRP H 81 -14.47 45.04 2.59
CA TRP H 81 -13.45 44.85 3.61
C TRP H 81 -13.75 45.77 4.78
N THR H 82 -13.53 45.28 6.00
CA THR H 82 -13.70 46.12 7.18
C THR H 82 -12.57 47.14 7.23
N GLN H 83 -12.94 48.42 7.38
CA GLN H 83 -11.96 49.51 7.34
C GLN H 83 -11.51 49.97 8.72
N LEU H 84 -12.26 49.68 9.77
CA LEU H 84 -11.90 50.06 11.13
C LEU H 84 -11.89 48.85 12.03
N THR H 85 -11.24 48.99 13.18
CA THR H 85 -11.09 47.88 14.11
C THR H 85 -12.42 47.54 14.76
N PRO H 86 -12.64 46.27 15.12
CA PRO H 86 -13.91 45.86 15.71
C PRO H 86 -13.99 46.28 17.16
N PRO H 87 -15.14 46.12 17.81
CA PRO H 87 -15.23 46.38 19.24
C PRO H 87 -14.31 45.46 20.04
N VAL H 88 -14.18 45.77 21.33
CA VAL H 88 -13.28 45.02 22.18
C VAL H 88 -13.75 43.58 22.30
N ASN H 89 -12.80 42.65 22.28
CA ASN H 89 -13.02 41.21 22.46
C ASN H 89 -13.75 40.56 21.29
N GLU H 90 -13.99 41.28 20.21
CA GLU H 90 -14.73 40.74 19.07
C GLU H 90 -13.83 40.66 17.84
N TYR H 91 -14.21 39.75 16.94
CA TYR H 91 -13.60 39.64 15.62
C TYR H 91 -14.46 40.37 14.60
N SER H 92 -13.81 40.96 13.60
CA SER H 92 -14.52 41.72 12.59
C SER H 92 -15.37 40.81 11.72
N PHE H 93 -16.47 41.36 11.21
CA PHE H 93 -17.31 40.66 10.25
C PHE H 93 -17.98 41.69 9.36
N VAL H 94 -18.54 41.21 8.25
CA VAL H 94 -19.20 42.07 7.27
C VAL H 94 -20.15 41.23 6.44
N ARG H 95 -21.36 41.74 6.24
CA ARG H 95 -22.38 41.06 5.45
C ARG H 95 -22.78 41.91 4.26
N LEU H 96 -23.17 41.24 3.18
CA LEU H 96 -23.59 41.91 1.94
C LEU H 96 -24.90 41.30 1.48
N LYS H 97 -25.91 42.15 1.28
CA LYS H 97 -27.21 41.71 0.78
C LYS H 97 -27.47 42.37 -0.58
N PRO H 98 -27.35 41.63 -1.68
CA PRO H 98 -27.54 42.24 -3.00
C PRO H 98 -28.94 42.83 -3.17
N LEU H 99 -29.00 43.95 -3.88
CA LEU H 99 -30.25 44.66 -4.13
C LEU H 99 -30.39 44.92 -5.63
N PHE H 100 -31.63 44.80 -6.13
CA PHE H 100 -31.91 45.03 -7.53
C PHE H 100 -33.25 45.73 -7.67
N LYS H 101 -33.43 46.42 -8.79
CA LYS H 101 -34.69 47.12 -9.04
C LYS H 101 -35.81 46.17 -9.43
N THR H 102 -35.48 44.96 -9.89
CA THR H 102 -36.48 43.95 -10.19
C THR H 102 -36.79 43.06 -8.98
N GLY H 103 -36.08 43.26 -7.87
CA GLY H 103 -36.29 42.45 -6.69
C GLY H 103 -35.06 42.38 -5.82
N ASP H 104 -35.23 42.62 -4.52
CA ASP H 104 -34.12 42.62 -3.58
C ASP H 104 -33.90 41.21 -3.03
N SER H 105 -32.64 40.76 -3.07
CA SER H 105 -32.31 39.44 -2.56
C SER H 105 -32.41 39.42 -1.04
N THR H 106 -32.36 38.21 -0.48
CA THR H 106 -32.33 38.02 0.96
C THR H 106 -31.04 37.38 1.44
N GLU H 107 -30.06 37.18 0.56
CA GLU H 107 -28.79 36.61 0.94
C GLU H 107 -28.01 37.58 1.83
N GLU H 108 -27.21 37.03 2.74
CA GLU H 108 -26.33 37.80 3.60
C GLU H 108 -24.94 37.15 3.59
N PHE H 109 -24.24 37.32 2.47
CA PHE H 109 -22.88 36.81 2.33
C PHE H 109 -21.99 37.43 3.38
N GLU H 110 -21.50 36.63 4.32
CA GLU H 110 -20.78 37.12 5.47
C GLU H 110 -19.36 36.54 5.48
N GLY H 111 -18.42 37.36 5.91
CA GLY H 111 -17.07 36.91 6.17
C GLY H 111 -16.59 37.42 7.52
N ARG H 112 -15.77 36.62 8.17
CA ARG H 112 -15.27 36.93 9.50
C ARG H 112 -13.75 36.81 9.53
N ALA H 113 -13.12 37.73 10.25
CA ALA H 113 -11.67 37.71 10.40
C ALA H 113 -11.28 36.74 11.51
N SER H 114 -10.27 35.92 11.25
CA SER H 114 -9.76 34.98 12.23
C SER H 114 -8.71 35.59 13.14
N ASN H 115 -8.44 36.89 13.00
CA ASN H 115 -7.52 37.61 13.88
C ASN H 115 -8.12 38.98 14.16
N ILE H 116 -8.16 39.37 15.43
CA ILE H 116 -8.80 40.62 15.81
C ILE H 116 -8.13 41.81 15.14
N ASN H 117 -6.85 41.68 14.81
CA ASN H 117 -6.10 42.76 14.17
C ASN H 117 -6.24 42.74 12.65
N THR H 118 -6.98 41.79 12.09
CA THR H 118 -7.07 41.59 10.65
C THR H 118 -8.47 41.94 10.15
N ARG H 119 -8.54 42.41 8.91
CA ARG H 119 -9.81 42.73 8.28
C ARG H 119 -10.65 41.48 8.04
N ALA H 120 -11.96 41.67 7.96
CA ALA H 120 -12.89 40.65 7.52
C ALA H 120 -13.40 41.03 6.13
N SER H 121 -13.52 40.04 5.25
CA SER H 121 -13.83 40.30 3.85
C SER H 121 -14.84 39.29 3.34
N VAL H 122 -15.60 39.71 2.32
CA VAL H 122 -16.55 38.86 1.62
C VAL H 122 -17.01 39.62 0.37
N GLY H 123 -17.44 38.88 -0.65
CA GLY H 123 -17.91 39.50 -1.88
C GLY H 123 -18.91 38.62 -2.58
N TYR H 124 -19.65 39.22 -3.51
CA TYR H 124 -20.65 38.50 -4.28
C TYR H 124 -20.58 38.92 -5.75
N ARG H 125 -20.82 37.95 -6.64
CA ARG H 125 -20.84 38.18 -8.07
C ARG H 125 -22.28 38.27 -8.56
N ILE H 126 -22.48 39.05 -9.61
CA ILE H 126 -23.78 39.26 -10.24
C ILE H 126 -23.82 38.47 -11.54
N PRO H 127 -24.81 37.62 -11.76
CA PRO H 127 -24.88 36.87 -13.02
C PRO H 127 -25.26 37.77 -14.18
N THR H 128 -24.94 37.29 -15.38
CA THR H 128 -25.13 38.11 -16.58
C THR H 128 -26.60 38.46 -16.80
N ASN H 129 -27.53 37.58 -16.41
CA ASN H 129 -28.94 37.87 -16.60
C ASN H 129 -29.45 38.96 -15.67
N LEU H 130 -28.67 39.34 -14.65
CA LEU H 130 -29.04 40.41 -13.74
C LEU H 130 -28.16 41.64 -13.90
N ARG H 131 -27.31 41.68 -14.93
CA ARG H 131 -26.37 42.78 -15.13
C ARG H 131 -27.01 43.84 -16.04
N GLN H 132 -27.98 44.55 -15.47
CA GLN H 132 -28.57 45.71 -16.12
C GLN H 132 -27.87 46.97 -15.60
N ASN H 133 -28.38 48.13 -15.99
CA ASN H 133 -27.80 49.39 -15.55
C ASN H 133 -28.48 49.88 -14.27
N THR H 134 -27.76 50.72 -13.53
CA THR H 134 -28.28 51.34 -12.31
C THR H 134 -27.87 52.80 -12.31
N VAL H 135 -28.77 53.67 -11.86
CA VAL H 135 -28.50 55.11 -11.81
C VAL H 135 -28.22 55.52 -10.37
N ALA H 136 -27.92 56.81 -10.16
CA ALA H 136 -27.48 57.29 -8.86
C ALA H 136 -28.51 57.04 -7.77
N ALA H 137 -29.80 57.10 -8.09
CA ALA H 137 -30.86 56.91 -7.11
C ALA H 137 -31.12 55.45 -6.78
N ASP H 138 -30.27 54.53 -7.25
CA ASP H 138 -30.40 53.12 -6.96
C ASP H 138 -29.46 52.70 -5.85
N ASN H 139 -29.66 51.47 -5.36
CA ASN H 139 -28.87 50.91 -4.28
C ASN H 139 -28.24 49.61 -4.74
N VAL H 140 -26.94 49.46 -4.49
CA VAL H 140 -26.24 48.23 -4.89
C VAL H 140 -26.56 47.11 -3.92
N CYS H 141 -26.33 47.33 -2.63
CA CYS H 141 -26.48 46.28 -1.63
C CYS H 141 -26.51 46.94 -0.24
N GLU H 142 -26.90 46.14 0.75
CA GLU H 142 -26.83 46.54 2.15
C GLU H 142 -25.57 45.97 2.78
N VAL H 143 -25.01 46.72 3.73
CA VAL H 143 -23.78 46.35 4.40
C VAL H 143 -24.02 46.37 5.91
N ARG H 144 -23.70 45.25 6.57
CA ARG H 144 -23.78 45.13 8.01
C ARG H 144 -22.40 44.74 8.54
N SER H 145 -22.00 45.36 9.64
CA SER H 145 -20.69 45.10 10.22
C SER H 145 -20.62 45.71 11.61
N ASN H 146 -19.89 45.04 12.50
CA ASN H 146 -19.60 45.60 13.81
C ASN H 146 -18.51 46.67 13.75
N CYS H 147 -17.89 46.86 12.59
CA CYS H 147 -16.92 47.92 12.38
C CYS H 147 -17.60 49.14 11.77
N ARG H 148 -17.24 50.32 12.27
CA ARG H 148 -17.97 51.53 11.92
C ARG H 148 -17.74 51.99 10.48
N GLN H 149 -16.82 51.36 9.75
CA GLN H 149 -16.56 51.75 8.37
C GLN H 149 -16.17 50.52 7.57
N VAL H 150 -16.64 50.46 6.32
CA VAL H 150 -16.41 49.32 5.44
C VAL H 150 -15.88 49.85 4.10
N ALA H 151 -14.79 49.25 3.62
CA ALA H 151 -14.22 49.59 2.34
C ALA H 151 -14.78 48.67 1.26
N LEU H 152 -15.15 49.25 0.13
CA LEU H 152 -15.76 48.52 -0.98
C LEU H 152 -14.91 48.64 -2.23
N VAL H 153 -14.89 47.57 -3.01
CA VAL H 153 -14.26 47.54 -4.33
C VAL H 153 -15.25 46.88 -5.28
N ILE H 154 -15.82 47.68 -6.19
CA ILE H 154 -16.90 47.24 -7.06
C ILE H 154 -16.38 47.19 -8.48
N SER H 155 -16.32 45.98 -9.05
CA SER H 155 -16.04 45.82 -10.47
C SER H 155 -17.32 46.10 -11.26
N CYS H 156 -17.24 47.05 -12.19
CA CYS H 156 -18.43 47.49 -12.90
C CYS H 156 -18.03 48.00 -14.29
N CYS H 157 -19.04 48.27 -15.11
CA CYS H 157 -18.87 48.75 -16.48
C CYS H 157 -19.63 50.06 -16.61
N PHE H 158 -18.90 51.18 -16.64
CA PHE H 158 -19.52 52.48 -16.81
C PHE H 158 -19.89 52.70 -18.27
N ASN H 159 -21.08 53.25 -18.49
CA ASN H 159 -21.57 53.49 -19.85
C ASN H 159 -22.55 54.66 -19.88
N ASN I 16 41.03 27.56 -9.32
CA ASN I 16 42.24 27.92 -10.05
C ASN I 16 43.49 27.63 -9.23
N SER I 17 44.48 28.51 -9.31
CA SER I 17 45.79 28.26 -8.75
C SER I 17 45.93 28.87 -7.35
N ASN I 18 47.09 28.61 -6.74
CA ASN I 18 47.42 29.13 -5.42
C ASN I 18 48.48 30.21 -5.47
N VAL I 19 48.90 30.64 -6.65
CA VAL I 19 49.92 31.66 -6.81
C VAL I 19 49.50 32.62 -7.92
N VAL I 20 50.22 33.73 -8.03
CA VAL I 20 49.94 34.72 -9.06
C VAL I 20 50.32 34.17 -10.43
N THR I 21 49.60 34.61 -11.45
CA THR I 21 49.87 34.22 -12.83
C THR I 21 49.96 35.47 -13.69
N MET I 22 50.72 35.36 -14.79
CA MET I 22 50.95 36.50 -15.66
C MET I 22 49.77 36.70 -16.61
N ILE I 23 49.44 37.97 -16.87
CA ILE I 23 48.39 38.34 -17.81
C ILE I 23 49.06 38.97 -19.02
N ARG I 24 48.93 38.32 -20.18
CA ARG I 24 49.51 38.84 -21.42
C ARG I 24 48.62 39.95 -21.97
N ALA I 25 48.67 41.09 -21.26
CA ALA I 25 47.85 42.24 -21.62
C ALA I 25 48.35 42.88 -22.91
N GLY I 26 47.42 43.48 -23.65
CA GLY I 26 47.76 44.10 -24.91
C GLY I 26 47.66 45.62 -24.88
N SER I 27 46.96 46.19 -25.86
CA SER I 27 46.83 47.63 -25.95
C SER I 27 46.07 48.18 -24.74
N TYR I 28 46.23 49.48 -24.50
CA TYR I 28 45.52 50.11 -23.40
C TYR I 28 44.03 50.17 -23.72
N PRO I 29 43.16 49.70 -22.84
CA PRO I 29 41.74 49.59 -23.17
C PRO I 29 41.01 50.91 -22.98
N LYS I 30 39.74 50.91 -23.38
CA LYS I 30 38.86 52.04 -23.13
C LYS I 30 38.43 52.02 -21.66
N VAL I 31 38.67 53.13 -20.97
CA VAL I 31 38.45 53.21 -19.53
C VAL I 31 37.42 54.28 -19.22
N ASN I 32 36.90 54.24 -18.00
CA ASN I 32 35.93 55.19 -17.50
C ASN I 32 36.03 55.27 -15.98
N PRO I 33 36.68 56.31 -15.43
CA PRO I 33 36.84 56.36 -13.97
C PRO I 33 35.56 56.64 -13.21
N THR I 34 34.51 57.13 -13.87
CA THR I 34 33.24 57.47 -13.22
C THR I 34 32.11 56.82 -14.00
N PRO I 35 31.89 55.52 -13.81
CA PRO I 35 30.86 54.81 -14.56
C PRO I 35 29.49 54.96 -13.90
N THR I 36 28.48 54.39 -14.56
CA THR I 36 27.12 54.40 -14.06
C THR I 36 26.95 53.34 -12.97
N TRP I 37 25.74 53.25 -12.41
CA TRP I 37 25.49 52.33 -11.32
C TRP I 37 23.98 52.14 -11.17
N VAL I 38 23.53 50.89 -11.24
CA VAL I 38 22.13 50.55 -10.97
C VAL I 38 22.00 50.18 -9.51
N ARG I 39 21.02 50.77 -8.83
CA ARG I 39 20.93 50.66 -7.38
C ARG I 39 19.47 50.62 -6.94
N ALA I 40 19.27 50.21 -5.69
CA ALA I 40 18.01 50.36 -4.97
C ALA I 40 18.30 51.15 -3.71
N ILE I 41 17.74 52.36 -3.62
CA ILE I 41 18.11 53.32 -2.57
C ILE I 41 17.01 53.31 -1.52
N PRO I 42 17.27 52.82 -0.30
CA PRO I 42 16.28 52.93 0.77
C PRO I 42 16.44 54.23 1.56
N PHE I 43 15.35 54.97 1.71
CA PHE I 43 15.37 56.20 2.50
C PHE I 43 13.95 56.53 2.93
N GLU I 44 13.82 57.17 4.08
CA GLU I 44 12.54 57.46 4.69
C GLU I 44 12.21 58.95 4.55
N VAL I 45 10.91 59.24 4.45
CA VAL I 45 10.42 60.61 4.35
C VAL I 45 9.34 60.82 5.40
N SER I 46 9.24 62.06 5.86
CA SER I 46 8.23 62.44 6.85
C SER I 46 6.96 62.90 6.15
N VAL I 47 5.82 62.40 6.61
CA VAL I 47 4.52 62.69 6.02
C VAL I 47 3.62 63.26 7.09
N GLN I 48 2.77 64.22 6.70
CA GLN I 48 1.79 64.81 7.60
C GLN I 48 0.40 64.29 7.26
N SER I 49 -0.51 64.41 8.23
CA SER I 49 -1.85 63.86 8.07
C SER I 49 -2.64 64.63 7.03
N GLY I 50 -3.11 63.93 6.01
CA GLY I 50 -3.94 64.54 4.98
C GLY I 50 -3.23 65.49 4.04
N ILE I 51 -1.89 65.51 4.06
CA ILE I 51 -1.11 66.41 3.23
C ILE I 51 -0.12 65.58 2.41
N ALA I 52 -0.10 65.81 1.09
CA ALA I 52 0.82 65.10 0.23
C ALA I 52 2.21 65.72 0.30
N PHE I 53 3.23 64.87 0.25
CA PHE I 53 4.62 65.30 0.33
C PHE I 53 5.35 64.92 -0.95
N LYS I 54 5.97 65.90 -1.59
CA LYS I 54 6.74 65.66 -2.80
C LYS I 54 8.11 65.11 -2.43
N VAL I 55 8.46 63.94 -2.99
CA VAL I 55 9.75 63.32 -2.71
C VAL I 55 10.81 63.97 -3.57
N PRO I 56 11.81 64.63 -2.98
CA PRO I 56 12.85 65.27 -3.79
C PRO I 56 13.85 64.25 -4.32
N VAL I 57 14.24 64.44 -5.58
CA VAL I 57 15.25 63.57 -6.19
C VAL I 57 16.59 63.72 -5.49
N GLY I 58 16.84 64.89 -4.89
CA GLY I 58 18.09 65.12 -4.19
C GLY I 58 18.35 64.18 -3.04
N SER I 59 17.30 63.53 -2.52
CA SER I 59 17.50 62.55 -1.45
C SER I 59 18.30 61.35 -1.94
N LEU I 60 18.27 61.06 -3.24
CA LEU I 60 19.03 59.94 -3.76
C LEU I 60 20.53 60.22 -3.77
N PHE I 61 20.92 61.50 -3.86
CA PHE I 61 22.33 61.88 -3.88
C PHE I 61 22.78 62.14 -2.44
N SER I 62 23.63 61.28 -1.92
CA SER I 62 24.13 61.41 -0.56
C SER I 62 25.32 60.48 -0.38
N ALA I 63 26.24 60.88 0.50
CA ALA I 63 27.36 60.01 0.85
C ALA I 63 26.91 58.77 1.61
N ASN I 64 25.69 58.79 2.17
CA ASN I 64 25.15 57.61 2.82
C ASN I 64 24.77 56.52 1.83
N PHE I 65 24.66 56.87 0.54
CA PHE I 65 24.33 55.90 -0.50
C PHE I 65 25.48 55.74 -1.50
N ARG I 66 26.65 56.29 -1.21
CA ARG I 66 27.82 56.27 -2.10
C ARG I 66 27.54 56.99 -3.42
N THR I 67 26.47 57.78 -3.49
CA THR I 67 26.05 58.41 -4.74
C THR I 67 26.26 59.92 -4.72
N ASP I 68 27.08 60.44 -3.80
CA ASP I 68 27.33 61.87 -3.74
C ASP I 68 28.12 62.38 -4.94
N SER I 69 28.73 61.50 -5.72
CA SER I 69 29.47 61.91 -6.91
C SER I 69 28.59 62.08 -8.13
N PHE I 70 27.36 61.59 -8.10
CA PHE I 70 26.43 61.78 -9.19
C PHE I 70 25.64 63.07 -9.02
N THR I 71 25.14 63.59 -10.14
CA THR I 71 24.24 64.74 -10.12
C THR I 71 22.93 64.47 -10.85
N SER I 72 22.83 63.41 -11.65
CA SER I 72 21.60 63.06 -12.33
C SER I 72 21.32 61.58 -12.11
N VAL I 73 20.06 61.18 -12.32
CA VAL I 73 19.64 59.81 -12.10
C VAL I 73 18.39 59.55 -12.92
N THR I 74 18.27 58.32 -13.43
CA THR I 74 17.10 57.87 -14.17
C THR I 74 16.31 56.91 -13.29
N VAL I 75 15.09 57.29 -12.95
CA VAL I 75 14.24 56.49 -12.07
C VAL I 75 13.48 55.48 -12.91
N MET I 76 13.50 54.22 -12.47
CA MET I 76 12.81 53.14 -13.15
C MET I 76 11.55 52.68 -12.44
N SER I 77 11.58 52.56 -11.11
CA SER I 77 10.42 52.15 -10.35
C SER I 77 10.50 52.72 -8.95
N VAL I 78 9.35 52.85 -8.31
CA VAL I 78 9.23 53.33 -6.93
C VAL I 78 8.43 52.31 -6.13
N ARG I 79 8.80 52.13 -4.87
CA ARG I 79 8.08 51.26 -3.96
C ARG I 79 8.06 51.89 -2.58
N ALA I 80 6.90 51.90 -1.94
CA ALA I 80 6.71 52.60 -0.68
C ALA I 80 6.20 51.64 0.40
N TRP I 81 6.53 51.97 1.65
CA TRP I 81 6.04 51.25 2.81
C TRP I 81 5.79 52.24 3.94
N THR I 82 4.76 51.97 4.74
CA THR I 82 4.48 52.80 5.91
C THR I 82 5.49 52.45 7.01
N GLN I 83 6.28 53.44 7.41
CA GLN I 83 7.41 53.20 8.31
C GLN I 83 7.01 53.16 9.78
N LEU I 84 5.88 53.75 10.15
CA LEU I 84 5.44 53.77 11.54
C LEU I 84 4.02 53.21 11.62
N THR I 85 3.49 53.18 12.85
CA THR I 85 2.16 52.64 13.09
C THR I 85 1.07 53.61 12.63
N PRO I 86 -0.10 53.11 12.25
CA PRO I 86 -1.18 53.98 11.84
C PRO I 86 -1.91 54.55 13.04
N PRO I 87 -2.85 55.49 12.83
CA PRO I 87 -3.67 55.96 13.94
C PRO I 87 -4.49 54.83 14.55
N VAL I 88 -5.01 55.10 15.75
CA VAL I 88 -5.77 54.08 16.46
C VAL I 88 -7.04 53.75 15.68
N ASN I 89 -7.38 52.46 15.63
CA ASN I 89 -8.57 51.93 14.97
C ASN I 89 -8.45 51.90 13.46
N GLU I 90 -7.30 52.26 12.89
CA GLU I 90 -7.14 52.35 11.45
C GLU I 90 -6.12 51.35 10.95
N TYR I 91 -6.28 50.96 9.68
CA TYR I 91 -5.29 50.18 8.96
C TYR I 91 -4.42 51.13 8.14
N SER I 92 -3.13 50.81 8.04
CA SER I 92 -2.21 51.66 7.31
C SER I 92 -2.57 51.69 5.83
N PHE I 93 -2.31 52.84 5.19
CA PHE I 93 -2.47 52.97 3.75
C PHE I 93 -1.45 53.98 3.24
N VAL I 94 -0.97 53.74 2.03
CA VAL I 94 0.01 54.61 1.39
C VAL I 94 -0.37 54.79 -0.07
N ARG I 95 -0.23 56.02 -0.56
CA ARG I 95 -0.53 56.34 -1.95
C ARG I 95 0.73 56.88 -2.63
N LEU I 96 0.75 56.79 -3.95
CA LEU I 96 1.88 57.27 -4.76
C LEU I 96 1.34 57.88 -6.03
N LYS I 97 1.56 59.19 -6.21
CA LYS I 97 1.18 59.87 -7.44
C LYS I 97 2.43 60.20 -8.24
N PRO I 98 2.66 59.56 -9.39
CA PRO I 98 3.89 59.84 -10.15
C PRO I 98 3.95 61.28 -10.62
N LEU I 99 5.17 61.80 -10.70
CA LEU I 99 5.43 63.16 -11.15
C LEU I 99 6.47 63.13 -12.25
N PHE I 100 6.31 64.04 -13.22
CA PHE I 100 7.24 64.13 -14.34
C PHE I 100 7.38 65.59 -14.74
N LYS I 101 8.58 65.96 -15.21
CA LYS I 101 8.82 67.34 -15.62
C LYS I 101 8.03 67.69 -16.88
N THR I 102 7.81 66.72 -17.76
CA THR I 102 7.01 66.96 -18.95
C THR I 102 5.51 67.00 -18.66
N GLY I 103 5.09 66.51 -17.49
CA GLY I 103 3.69 66.51 -17.11
C GLY I 103 3.39 65.57 -15.97
N ASP I 104 2.95 66.13 -14.84
CA ASP I 104 2.63 65.31 -13.68
C ASP I 104 1.44 64.40 -13.97
N SER I 105 1.39 63.28 -13.27
CA SER I 105 0.30 62.32 -13.40
C SER I 105 -0.73 62.51 -12.29
N THR I 106 -1.90 61.92 -12.49
CA THR I 106 -2.98 61.97 -11.51
C THR I 106 -3.33 60.60 -10.96
N GLU I 107 -2.57 59.57 -11.30
CA GLU I 107 -2.80 58.24 -10.73
C GLU I 107 -2.50 58.25 -9.24
N GLU I 108 -3.24 57.44 -8.49
CA GLU I 108 -3.06 57.29 -7.04
C GLU I 108 -2.96 55.79 -6.74
N PHE I 109 -1.79 55.22 -7.00
CA PHE I 109 -1.52 53.82 -6.68
C PHE I 109 -1.53 53.65 -5.17
N GLU I 110 -2.64 53.16 -4.63
CA GLU I 110 -2.83 53.05 -3.19
C GLU I 110 -2.77 51.59 -2.76
N GLY I 111 -2.12 51.36 -1.63
CA GLY I 111 -2.06 50.03 -1.04
C GLY I 111 -2.35 50.08 0.44
N ARG I 112 -3.29 49.26 0.90
CA ARG I 112 -3.70 49.23 2.30
C ARG I 112 -3.28 47.92 2.95
N ALA I 113 -3.13 47.96 4.27
CA ALA I 113 -2.81 46.78 5.06
C ALA I 113 -4.09 46.12 5.54
N SER I 114 -4.09 44.79 5.53
CA SER I 114 -5.21 44.03 6.07
C SER I 114 -5.06 43.73 7.55
N ASN I 115 -3.88 43.98 8.12
CA ASN I 115 -3.64 43.86 9.55
C ASN I 115 -3.12 45.18 10.07
N ILE I 116 -3.66 45.63 11.21
CA ILE I 116 -3.30 46.95 11.72
C ILE I 116 -1.81 47.03 12.04
N ASN I 117 -1.21 45.92 12.44
CA ASN I 117 0.20 45.89 12.79
C ASN I 117 1.11 45.71 11.58
N THR I 118 0.56 45.64 10.37
CA THR I 118 1.33 45.35 9.18
C THR I 118 1.53 46.62 8.35
N ARG I 119 2.69 46.73 7.71
CA ARG I 119 2.96 47.85 6.82
C ARG I 119 2.03 47.81 5.61
N ALA I 120 1.65 49.00 5.14
CA ALA I 120 0.95 49.15 3.87
C ALA I 120 1.97 49.49 2.79
N SER I 121 1.88 48.80 1.66
CA SER I 121 2.88 48.93 0.61
C SER I 121 2.21 49.12 -0.74
N VAL I 122 2.92 49.81 -1.63
CA VAL I 122 2.47 50.00 -3.01
C VAL I 122 3.65 50.51 -3.82
N GLY I 123 3.59 50.33 -5.13
CA GLY I 123 4.66 50.80 -6.00
C GLY I 123 4.19 50.91 -7.42
N TYR I 124 4.92 51.69 -8.20
CA TYR I 124 4.60 51.89 -9.61
C TYR I 124 5.86 51.79 -10.45
N ARG I 125 5.68 51.36 -11.70
CA ARG I 125 6.76 51.26 -12.66
C ARG I 125 6.69 52.42 -13.65
N ILE I 126 7.84 52.95 -14.03
CA ILE I 126 7.93 54.03 -15.01
C ILE I 126 8.20 53.40 -16.37
N PRO I 127 7.41 53.70 -17.40
CA PRO I 127 7.67 53.12 -18.72
C PRO I 127 8.97 53.67 -19.31
N THR I 128 9.49 52.93 -20.29
CA THR I 128 10.76 53.29 -20.90
C THR I 128 10.71 54.69 -21.51
N ASN I 129 9.61 55.02 -22.18
CA ASN I 129 9.48 56.32 -22.84
C ASN I 129 9.45 57.49 -21.85
N LEU I 130 9.28 57.22 -20.55
CA LEU I 130 9.29 58.26 -19.54
C LEU I 130 10.49 58.17 -18.61
N ARG I 131 11.55 57.47 -19.03
CA ARG I 131 12.74 57.28 -18.21
C ARG I 131 13.84 58.22 -18.70
N GLN I 132 13.70 59.50 -18.33
CA GLN I 132 14.72 60.50 -18.57
C GLN I 132 15.50 60.73 -17.28
N ASN I 133 16.38 61.72 -17.30
CA ASN I 133 17.17 62.05 -16.12
C ASN I 133 16.45 63.07 -15.25
N THR I 134 16.81 63.07 -13.96
CA THR I 134 16.27 64.02 -12.99
C THR I 134 17.40 64.51 -12.10
N VAL I 135 17.40 65.81 -11.82
CA VAL I 135 18.43 66.40 -10.97
C VAL I 135 17.90 66.57 -9.56
N ALA I 136 18.75 67.07 -8.66
CA ALA I 136 18.39 67.16 -7.24
C ALA I 136 17.22 68.11 -6.99
N ALA I 137 16.96 69.04 -7.92
CA ALA I 137 15.87 70.00 -7.74
C ALA I 137 14.52 69.45 -8.18
N ASP I 138 14.50 68.32 -8.89
CA ASP I 138 13.26 67.75 -9.37
C ASP I 138 12.58 66.96 -8.24
N ASN I 139 11.44 66.36 -8.56
CA ASN I 139 10.68 65.57 -7.62
C ASN I 139 10.30 64.23 -8.24
N VAL I 140 10.21 63.20 -7.41
CA VAL I 140 9.89 61.86 -7.87
C VAL I 140 8.37 61.69 -7.92
N CYS I 141 7.73 61.74 -6.76
CA CYS I 141 6.29 61.49 -6.67
C CYS I 141 5.76 62.11 -5.38
N GLU I 142 4.44 62.06 -5.24
CA GLU I 142 3.77 62.51 -4.03
C GLU I 142 3.38 61.30 -3.18
N VAL I 143 3.49 61.45 -1.87
CA VAL I 143 3.22 60.38 -0.91
C VAL I 143 2.14 60.83 0.05
N ARG I 144 1.08 60.03 0.16
CA ARG I 144 0.00 60.26 1.11
C ARG I 144 -0.16 59.03 1.99
N SER I 145 -0.42 59.25 3.27
CA SER I 145 -0.54 58.16 4.21
C SER I 145 -1.11 58.68 5.51
N ASN I 146 -1.77 57.80 6.25
CA ASN I 146 -2.18 58.11 7.62
C ASN I 146 -1.03 57.98 8.61
N CYS I 147 0.02 57.24 8.25
CA CYS I 147 1.23 57.18 9.04
C CYS I 147 2.09 58.42 8.78
N ARG I 148 2.93 58.74 9.75
CA ARG I 148 3.74 59.97 9.69
C ARG I 148 5.08 59.78 8.99
N GLN I 149 5.49 58.54 8.71
CA GLN I 149 6.72 58.28 7.98
C GLN I 149 6.51 57.15 7.00
N VAL I 150 7.07 57.30 5.81
CA VAL I 150 6.93 56.32 4.73
C VAL I 150 8.31 55.90 4.26
N ALA I 151 8.55 54.60 4.21
CA ALA I 151 9.80 54.05 3.73
C ALA I 151 9.74 53.84 2.22
N LEU I 152 10.84 54.14 1.54
CA LEU I 152 10.90 54.08 0.08
C LEU I 152 12.09 53.24 -0.36
N VAL I 153 11.90 52.52 -1.47
CA VAL I 153 12.98 51.80 -2.14
C VAL I 153 12.87 52.06 -3.63
N ILE I 154 13.66 53.00 -4.14
CA ILE I 154 13.59 53.44 -5.52
C ILE I 154 14.64 52.71 -6.33
N SER I 155 14.20 51.98 -7.35
CA SER I 155 15.11 51.36 -8.31
C SER I 155 15.43 52.38 -9.40
N CYS I 156 16.69 52.79 -9.48
CA CYS I 156 17.07 53.86 -10.38
C CYS I 156 18.47 53.62 -10.90
N CYS I 157 18.79 54.29 -12.01
CA CYS I 157 20.10 54.22 -12.65
C CYS I 157 20.78 55.58 -12.52
N PHE I 158 21.88 55.62 -11.78
CA PHE I 158 22.65 56.84 -11.64
C PHE I 158 23.58 57.04 -12.83
N ASN I 159 23.68 58.27 -13.29
CA ASN I 159 24.54 58.60 -14.42
C ASN I 159 25.01 60.05 -14.34
N THR J 13 13.35 -4.98 8.38
CA THR J 13 14.33 -5.67 7.56
C THR J 13 15.72 -5.08 7.73
N GLY J 14 15.80 -3.75 7.64
CA GLY J 14 17.06 -3.07 7.77
C GLY J 14 17.57 -2.99 9.20
N ASP J 15 18.43 -3.93 9.58
CA ASP J 15 19.02 -3.96 10.91
C ASP J 15 20.30 -4.78 10.84
N ASN J 16 20.74 -5.29 12.00
CA ASN J 16 21.93 -6.14 12.06
C ASN J 16 21.71 -7.30 13.01
N SER J 17 22.61 -7.46 13.98
CA SER J 17 22.55 -8.57 14.92
C SER J 17 21.92 -8.11 16.24
N ASN J 18 21.74 -9.07 17.14
CA ASN J 18 21.29 -8.79 18.50
C ASN J 18 22.38 -8.99 19.54
N VAL J 19 23.61 -9.29 19.11
CA VAL J 19 24.72 -9.56 20.02
C VAL J 19 25.97 -8.86 19.48
N VAL J 20 27.02 -8.87 20.32
CA VAL J 20 28.29 -8.28 19.93
C VAL J 20 28.97 -9.19 18.89
N THR J 21 29.69 -8.55 17.96
CA THR J 21 30.41 -9.25 16.91
C THR J 21 31.85 -8.79 16.89
N MET J 22 32.75 -9.68 16.49
CA MET J 22 34.17 -9.37 16.47
C MET J 22 34.52 -8.52 15.25
N ILE J 23 35.39 -7.53 15.47
CA ILE J 23 35.90 -6.68 14.41
C ILE J 23 37.34 -7.09 14.14
N ARG J 24 37.64 -7.47 12.90
CA ARG J 24 38.98 -7.89 12.50
C ARG J 24 39.82 -6.65 12.18
N ALA J 25 40.19 -5.94 13.23
CA ALA J 25 40.98 -4.72 13.08
C ALA J 25 42.39 -5.05 12.63
N GLY J 26 43.02 -4.09 11.95
CA GLY J 26 44.36 -4.26 11.45
C GLY J 26 45.39 -3.40 12.16
N SER J 27 46.10 -2.58 11.40
CA SER J 27 47.09 -1.69 11.98
C SER J 27 46.41 -0.53 12.71
N TYR J 28 47.16 0.11 13.59
CA TYR J 28 46.64 1.26 14.33
C TYR J 28 46.38 2.40 13.36
N PRO J 29 45.19 3.02 13.39
CA PRO J 29 44.85 4.01 12.36
C PRO J 29 45.36 5.41 12.68
N LYS J 30 45.13 6.35 11.77
CA LYS J 30 45.40 7.74 12.04
C LYS J 30 44.32 8.31 12.95
N VAL J 31 44.72 8.93 14.05
CA VAL J 31 43.79 9.39 15.07
C VAL J 31 43.93 10.90 15.25
N ASN J 32 42.95 11.48 15.92
CA ASN J 32 42.91 12.90 16.26
C ASN J 32 42.03 13.10 17.48
N PRO J 33 42.62 13.32 18.66
CA PRO J 33 41.79 13.51 19.86
C PRO J 33 41.07 14.85 19.91
N THR J 34 41.49 15.82 19.11
CA THR J 34 40.89 17.16 19.09
C THR J 34 40.56 17.53 17.65
N PRO J 35 39.50 16.97 17.08
CA PRO J 35 39.15 17.27 15.68
C PRO J 35 38.45 18.61 15.56
N THR J 36 38.18 18.99 14.31
CA THR J 36 37.45 20.21 14.02
C THR J 36 35.96 20.01 14.33
N TRP J 37 35.17 21.03 14.02
CA TRP J 37 33.72 20.97 14.25
C TRP J 37 32.99 22.08 13.51
N VAL J 38 31.96 21.72 12.76
CA VAL J 38 31.10 22.69 12.08
C VAL J 38 29.87 22.92 12.95
N ARG J 39 29.59 24.18 13.26
CA ARG J 39 28.56 24.52 14.23
C ARG J 39 27.76 25.73 13.77
N ALA J 40 26.58 25.88 14.37
CA ALA J 40 25.78 27.10 14.30
C ALA J 40 25.52 27.55 15.72
N ILE J 41 26.17 28.63 16.12
CA ILE J 41 26.24 29.05 17.51
C ILE J 41 25.16 30.11 17.77
N PRO J 42 24.17 29.84 18.62
CA PRO J 42 23.20 30.89 18.97
C PRO J 42 23.58 31.64 20.23
N PHE J 43 23.59 32.97 20.16
CA PHE J 43 23.85 33.79 21.33
C PHE J 43 23.31 35.19 21.07
N GLU J 44 23.12 35.93 22.15
CA GLU J 44 22.53 37.27 22.10
C GLU J 44 23.54 38.31 22.54
N VAL J 45 23.29 39.56 22.13
CA VAL J 45 24.10 40.71 22.51
C VAL J 45 23.17 41.85 22.88
N SER J 46 23.73 42.85 23.56
CA SER J 46 22.99 44.05 23.96
C SER J 46 23.39 45.20 23.06
N VAL J 47 22.40 45.89 22.50
CA VAL J 47 22.60 46.99 21.58
C VAL J 47 21.94 48.24 22.15
N GLN J 48 22.62 49.38 22.03
CA GLN J 48 22.10 50.65 22.50
C GLN J 48 21.54 51.45 21.33
N SER J 49 20.63 52.37 21.65
CA SER J 49 19.93 53.13 20.63
C SER J 49 20.88 54.09 19.93
N GLY J 50 21.08 53.89 18.63
CA GLY J 50 21.93 54.75 17.84
C GLY J 50 23.41 54.51 17.98
N ILE J 51 23.82 53.41 18.60
CA ILE J 51 25.23 53.08 18.80
C ILE J 51 25.47 51.66 18.28
N ALA J 52 26.54 51.49 17.51
CA ALA J 52 26.87 50.19 16.95
C ALA J 52 27.65 49.36 17.97
N PHE J 53 27.32 48.07 18.05
CA PHE J 53 27.97 47.14 18.95
C PHE J 53 28.84 46.18 18.16
N LYS J 54 30.11 46.10 18.53
CA LYS J 54 31.03 45.16 17.90
C LYS J 54 30.86 43.79 18.53
N VAL J 55 30.54 42.79 17.72
CA VAL J 55 30.33 41.43 18.22
C VAL J 55 31.68 40.76 18.39
N PRO J 56 32.09 40.42 19.61
CA PRO J 56 33.40 39.78 19.80
C PRO J 56 33.38 38.31 19.40
N VAL J 57 34.47 37.88 18.77
CA VAL J 57 34.60 36.48 18.39
C VAL J 57 34.67 35.59 19.63
N GLY J 58 35.14 36.14 20.75
CA GLY J 58 35.25 35.37 21.97
C GLY J 58 33.93 34.84 22.50
N SER J 59 32.82 35.40 22.05
CA SER J 59 31.51 34.89 22.47
C SER J 59 31.27 33.48 21.96
N LEU J 60 31.97 33.06 20.91
CA LEU J 60 31.79 31.72 20.35
C LEU J 60 32.53 30.66 21.17
N PHE J 61 33.62 31.04 21.83
CA PHE J 61 34.41 30.10 22.63
C PHE J 61 33.89 30.15 24.06
N SER J 62 33.07 29.16 24.42
CA SER J 62 32.47 29.12 25.74
C SER J 62 32.00 27.69 26.04
N ALA J 63 31.94 27.36 27.33
CA ALA J 63 31.46 26.06 27.74
C ALA J 63 29.98 25.87 27.46
N ASN J 64 29.23 26.96 27.30
CA ASN J 64 27.82 26.84 26.94
C ASN J 64 27.62 26.24 25.56
N PHE J 65 28.66 26.25 24.72
CA PHE J 65 28.59 25.73 23.37
C PHE J 65 29.50 24.52 23.17
N ARG J 66 30.09 24.00 24.24
CA ARG J 66 31.10 22.93 24.21
C ARG J 66 32.37 23.35 23.49
N THR J 67 32.51 24.62 23.15
CA THR J 67 33.64 25.11 22.36
C THR J 67 34.72 25.77 23.20
N ASP J 68 34.69 25.59 24.52
CA ASP J 68 35.70 26.19 25.38
C ASP J 68 37.10 25.63 25.12
N SER J 69 37.21 24.54 24.36
CA SER J 69 38.51 23.97 24.02
C SER J 69 39.12 24.60 22.77
N PHE J 70 38.33 25.33 21.98
CA PHE J 70 38.83 25.97 20.78
C PHE J 70 39.33 27.37 21.09
N THR J 71 40.31 27.83 20.29
CA THR J 71 40.80 29.19 20.35
C THR J 71 40.62 29.96 19.05
N SER J 72 40.49 29.28 17.92
CA SER J 72 40.30 29.92 16.62
C SER J 72 39.09 29.31 15.94
N VAL J 73 38.45 30.10 15.09
CA VAL J 73 37.24 29.68 14.38
C VAL J 73 37.18 30.41 13.05
N THR J 74 36.64 29.72 12.04
CA THR J 74 36.47 30.28 10.70
C THR J 74 34.99 30.53 10.48
N VAL J 75 34.59 31.79 10.42
CA VAL J 75 33.19 32.17 10.28
C VAL J 75 32.78 32.06 8.82
N MET J 76 31.57 31.55 8.58
CA MET J 76 31.02 31.40 7.24
C MET J 76 29.88 32.36 6.95
N SER J 77 28.88 32.42 7.85
CA SER J 77 27.75 33.32 7.68
C SER J 77 27.31 33.83 9.04
N VAL J 78 26.69 35.01 9.05
CA VAL J 78 26.25 35.68 10.27
C VAL J 78 24.81 36.14 10.06
N ARG J 79 23.87 35.50 10.77
CA ARG J 79 22.48 35.90 10.77
C ARG J 79 22.14 36.54 12.11
N ALA J 80 21.17 37.45 12.09
CA ALA J 80 20.81 38.20 13.29
C ALA J 80 19.31 38.44 13.32
N TRP J 81 18.74 38.35 14.52
CA TRP J 81 17.33 38.63 14.76
C TRP J 81 17.19 39.59 15.92
N THR J 82 16.18 40.45 15.85
CA THR J 82 15.86 41.34 16.97
C THR J 82 15.23 40.52 18.09
N GLN J 83 15.83 40.59 19.28
CA GLN J 83 15.41 39.74 20.39
C GLN J 83 14.33 40.35 21.27
N LEU J 84 14.19 41.68 21.26
CA LEU J 84 13.18 42.34 22.08
C LEU J 84 12.33 43.24 21.20
N THR J 85 11.23 43.72 21.79
CA THR J 85 10.28 44.54 21.04
C THR J 85 10.88 45.89 20.68
N PRO J 86 10.43 46.51 19.59
CA PRO J 86 10.96 47.82 19.20
C PRO J 86 10.35 48.93 20.03
N PRO J 87 10.85 50.16 19.88
CA PRO J 87 10.19 51.30 20.53
C PRO J 87 8.76 51.45 20.04
N VAL J 88 7.98 52.25 20.77
CA VAL J 88 6.58 52.44 20.43
C VAL J 88 6.48 53.10 19.06
N ASN J 89 5.45 52.71 18.31
CA ASN J 89 5.11 53.19 16.97
C ASN J 89 6.09 52.75 15.90
N GLU J 90 7.15 52.02 16.25
CA GLU J 90 8.21 51.68 15.31
C GLU J 90 8.16 50.21 14.93
N TYR J 91 8.60 49.92 13.70
CA TYR J 91 8.85 48.55 13.26
C TYR J 91 10.31 48.19 13.55
N SER J 92 10.54 46.94 13.92
CA SER J 92 11.88 46.50 14.26
C SER J 92 12.79 46.52 13.03
N PHE J 93 14.06 46.82 13.27
CA PHE J 93 15.07 46.74 12.22
C PHE J 93 16.40 46.34 12.84
N VAL J 94 17.25 45.72 12.03
CA VAL J 94 18.58 45.28 12.47
C VAL J 94 19.54 45.45 11.30
N ARG J 95 20.77 45.86 11.60
CA ARG J 95 21.79 46.07 10.60
C ARG J 95 23.05 45.30 10.96
N LEU J 96 23.83 44.94 9.94
CA LEU J 96 25.06 44.17 10.11
C LEU J 96 26.12 44.74 9.20
N LYS J 97 27.25 45.14 9.77
CA LYS J 97 28.40 45.64 8.99
C LYS J 97 29.57 44.70 9.18
N PRO J 98 29.90 43.87 8.18
CA PRO J 98 30.97 42.89 8.34
C PRO J 98 32.30 43.54 8.67
N LEU J 99 33.06 42.89 9.56
CA LEU J 99 34.38 43.35 9.97
C LEU J 99 35.40 42.28 9.65
N PHE J 100 36.58 42.70 9.20
CA PHE J 100 37.68 41.80 8.88
C PHE J 100 38.99 42.42 9.36
N LYS J 101 39.93 41.55 9.74
CA LYS J 101 41.24 42.05 10.18
C LYS J 101 42.04 42.61 9.03
N THR J 102 41.86 42.09 7.82
CA THR J 102 42.54 42.62 6.64
C THR J 102 41.88 43.87 6.09
N GLY J 103 40.74 44.28 6.65
CA GLY J 103 40.05 45.47 6.18
C GLY J 103 38.57 45.47 6.50
N ASP J 104 38.14 46.39 7.36
CA ASP J 104 36.73 46.48 7.72
C ASP J 104 35.90 46.92 6.53
N SER J 105 34.64 46.51 6.53
CA SER J 105 33.71 46.79 5.46
C SER J 105 32.75 47.91 5.86
N THR J 106 31.99 48.39 4.87
CA THR J 106 31.08 49.50 5.08
C THR J 106 29.64 49.17 4.71
N GLU J 107 29.34 47.91 4.36
CA GLU J 107 27.97 47.56 4.04
C GLU J 107 27.10 47.60 5.29
N GLU J 108 25.84 48.01 5.10
CA GLU J 108 24.89 47.95 6.20
C GLU J 108 23.73 47.03 5.86
N PHE J 109 24.00 45.73 5.77
CA PHE J 109 22.97 44.75 5.47
C PHE J 109 21.84 44.84 6.50
N GLU J 110 20.72 45.43 6.10
CA GLU J 110 19.64 45.75 7.01
C GLU J 110 18.39 44.94 6.68
N GLY J 111 17.70 44.48 7.70
CA GLY J 111 16.41 43.82 7.54
C GLY J 111 15.40 44.41 8.49
N ARG J 112 14.20 44.67 7.98
CA ARG J 112 13.15 45.30 8.75
C ARG J 112 11.95 44.39 8.85
N ALA J 113 11.17 44.57 9.91
CA ALA J 113 9.96 43.79 10.14
C ALA J 113 8.76 44.54 9.60
N SER J 114 7.90 43.84 8.86
CA SER J 114 6.66 44.42 8.38
C SER J 114 5.53 44.33 9.39
N ASN J 115 5.75 43.65 10.51
CA ASN J 115 4.78 43.56 11.59
C ASN J 115 5.47 43.94 12.90
N ILE J 116 4.88 44.88 13.63
CA ILE J 116 5.53 45.40 14.83
C ILE J 116 5.74 44.30 15.86
N ASN J 117 4.87 43.30 15.89
CA ASN J 117 5.02 42.20 16.82
C ASN J 117 5.98 41.12 16.34
N THR J 118 6.60 41.32 15.17
CA THR J 118 7.45 40.32 14.54
C THR J 118 8.89 40.79 14.53
N ARG J 119 9.82 39.84 14.59
CA ARG J 119 11.24 40.14 14.56
C ARG J 119 11.66 40.71 13.22
N ALA J 120 12.83 41.35 13.21
CA ALA J 120 13.51 41.78 12.00
C ALA J 120 14.79 40.99 11.84
N SER J 121 15.02 40.46 10.65
CA SER J 121 16.11 39.54 10.40
C SER J 121 16.88 39.92 9.14
N VAL J 122 18.18 39.62 9.16
CA VAL J 122 19.05 39.84 8.01
C VAL J 122 20.33 39.06 8.26
N GLY J 123 21.06 38.73 7.19
CA GLY J 123 22.30 38.01 7.32
C GLY J 123 23.20 38.27 6.13
N TYR J 124 24.44 37.82 6.26
CA TYR J 124 25.41 37.96 5.16
C TYR J 124 26.35 36.76 5.15
N ARG J 125 26.77 36.39 3.95
CA ARG J 125 27.67 35.28 3.73
C ARG J 125 29.08 35.81 3.47
N ILE J 126 30.07 35.10 4.02
CA ILE J 126 31.48 35.44 3.84
C ILE J 126 32.02 34.64 2.67
N PRO J 127 32.63 35.27 1.67
CA PRO J 127 33.17 34.51 0.53
C PRO J 127 34.35 33.65 0.94
N THR J 128 34.62 32.64 0.11
CA THR J 128 35.68 31.68 0.42
C THR J 128 37.03 32.37 0.56
N ASN J 129 37.29 33.39 -0.25
CA ASN J 129 38.56 34.11 -0.22
C ASN J 129 38.73 34.95 1.05
N LEU J 130 37.72 35.04 1.90
CA LEU J 130 37.81 35.79 3.15
C LEU J 130 37.52 34.94 4.37
N ARG J 131 37.50 33.61 4.23
CA ARG J 131 37.19 32.71 5.34
C ARG J 131 38.49 32.28 6.02
N GLN J 132 39.04 33.18 6.83
CA GLN J 132 40.21 32.91 7.63
C GLN J 132 39.81 32.84 9.11
N ASN J 133 40.75 32.37 9.93
CA ASN J 133 40.46 32.17 11.34
C ASN J 133 40.41 33.50 12.08
N THR J 134 39.72 33.49 13.22
CA THR J 134 39.61 34.64 14.10
C THR J 134 39.67 34.16 15.54
N VAL J 135 40.35 34.94 16.39
CA VAL J 135 40.50 34.60 17.80
C VAL J 135 39.59 35.48 18.64
N ALA J 136 39.60 35.26 19.96
CA ALA J 136 38.66 35.94 20.84
C ALA J 136 38.79 37.46 20.75
N ALA J 137 40.02 37.97 20.61
CA ALA J 137 40.22 39.41 20.56
C ALA J 137 39.65 40.04 19.29
N ASP J 138 39.35 39.23 18.28
CA ASP J 138 38.82 39.75 17.03
C ASP J 138 37.33 40.03 17.14
N ASN J 139 36.80 40.72 16.13
CA ASN J 139 35.39 41.04 16.06
C ASN J 139 34.81 40.51 14.75
N VAL J 140 33.54 40.12 14.79
CA VAL J 140 32.87 39.56 13.63
C VAL J 140 32.28 40.68 12.78
N CYS J 141 31.40 41.48 13.37
CA CYS J 141 30.72 42.55 12.65
C CYS J 141 30.04 43.46 13.65
N GLU J 142 29.65 44.64 13.18
CA GLU J 142 28.87 45.57 13.99
C GLU J 142 27.38 45.26 13.87
N VAL J 143 26.62 45.70 14.86
CA VAL J 143 25.18 45.47 14.92
C VAL J 143 24.50 46.76 15.34
N ARG J 144 23.49 47.17 14.57
CA ARG J 144 22.65 48.32 14.90
C ARG J 144 21.19 47.89 14.85
N SER J 145 20.42 48.36 15.82
CA SER J 145 19.01 48.00 15.92
C SER J 145 18.31 48.96 16.87
N ASN J 146 17.03 49.22 16.59
CA ASN J 146 16.20 49.98 17.51
C ASN J 146 15.79 49.18 18.73
N CYS J 147 16.01 47.86 18.72
CA CYS J 147 15.70 47.01 19.84
C CYS J 147 16.94 46.84 20.72
N ARG J 148 16.71 46.57 22.00
CA ARG J 148 17.79 46.55 22.98
C ARG J 148 18.56 45.23 23.00
N GLN J 149 18.15 44.23 22.23
CA GLN J 149 18.87 42.98 22.15
C GLN J 149 18.76 42.42 20.74
N VAL J 150 19.79 41.69 20.33
CA VAL J 150 19.86 41.07 19.00
C VAL J 150 20.33 39.63 19.18
N ALA J 151 19.54 38.68 18.68
CA ALA J 151 19.89 37.28 18.73
C ALA J 151 20.56 36.89 17.42
N LEU J 152 21.77 36.32 17.52
CA LEU J 152 22.55 35.93 16.36
C LEU J 152 22.71 34.42 16.29
N VAL J 153 22.80 33.92 15.06
CA VAL J 153 23.08 32.50 14.79
C VAL J 153 24.20 32.48 13.75
N ILE J 154 25.43 32.24 14.21
CA ILE J 154 26.60 32.32 13.37
C ILE J 154 27.02 30.91 12.95
N SER J 155 26.98 30.64 11.65
CA SER J 155 27.49 29.39 11.11
C SER J 155 28.99 29.52 10.90
N CYS J 156 29.77 28.66 11.55
CA CYS J 156 31.21 28.76 11.52
C CYS J 156 31.83 27.38 11.66
N CYS J 157 33.15 27.32 11.48
CA CYS J 157 33.92 26.09 11.54
C CYS J 157 34.99 26.24 12.61
N PHE J 158 34.85 25.51 13.70
CA PHE J 158 35.82 25.57 14.80
C PHE J 158 37.02 24.70 14.51
N ASN J 159 38.21 25.20 14.84
CA ASN J 159 39.45 24.47 14.63
C ASN J 159 40.46 24.81 15.72
N GLY K 14 27.99 31.81 -5.52
CA GLY K 14 28.56 30.77 -4.70
C GLY K 14 29.87 30.19 -5.19
N ASP K 15 30.87 30.17 -4.30
CA ASP K 15 32.19 29.63 -4.57
C ASP K 15 32.92 30.44 -5.64
N ASN K 16 32.25 31.45 -6.19
CA ASN K 16 32.90 32.37 -7.12
C ASN K 16 32.83 33.82 -6.68
N SER K 17 32.08 34.15 -5.63
CA SER K 17 32.00 35.54 -5.19
C SER K 17 33.27 35.92 -4.43
N ASN K 18 33.62 37.20 -4.50
CA ASN K 18 34.80 37.71 -3.80
C ASN K 18 34.47 38.74 -2.72
N VAL K 19 33.20 39.00 -2.45
CA VAL K 19 32.78 39.95 -1.44
C VAL K 19 31.61 39.37 -0.67
N VAL K 20 31.28 40.01 0.45
CA VAL K 20 30.16 39.56 1.28
C VAL K 20 28.85 39.74 0.53
N THR K 21 27.94 38.78 0.71
CA THR K 21 26.64 38.79 0.04
C THR K 21 25.53 38.70 1.07
N MET K 22 24.44 39.39 0.80
CA MET K 22 23.33 39.43 1.75
C MET K 22 22.56 38.11 1.76
N ILE K 23 22.18 37.68 2.95
CA ILE K 23 21.35 36.48 3.14
C ILE K 23 19.96 36.94 3.55
N ARG K 24 18.95 36.51 2.81
CA ARG K 24 17.57 36.89 3.09
C ARG K 24 16.96 35.90 4.10
N ALA K 25 17.49 35.97 5.32
CA ALA K 25 17.03 35.09 6.39
C ALA K 25 15.57 35.39 6.74
N GLY K 26 14.89 34.38 7.25
CA GLY K 26 13.50 34.51 7.62
C GLY K 26 13.27 34.48 9.11
N SER K 27 12.38 33.60 9.57
CA SER K 27 12.08 33.49 10.98
C SER K 27 13.28 32.94 11.75
N TYR K 28 13.23 33.06 13.07
CA TYR K 28 14.28 32.51 13.91
C TYR K 28 14.17 30.99 13.89
N PRO K 29 15.22 30.28 13.49
CA PRO K 29 15.13 28.83 13.32
C PRO K 29 15.23 28.11 14.67
N LYS K 30 15.12 26.78 14.60
CA LYS K 30 15.37 25.95 15.78
C LYS K 30 16.86 25.86 16.01
N VAL K 31 17.28 26.03 17.27
CA VAL K 31 18.69 26.06 17.62
C VAL K 31 18.96 25.05 18.74
N ASN K 32 20.24 24.82 19.00
CA ASN K 32 20.69 23.96 20.08
C ASN K 32 22.15 24.27 20.40
N PRO K 33 22.42 24.94 21.52
CA PRO K 33 23.81 25.30 21.84
C PRO K 33 24.68 24.11 22.24
N THR K 34 24.08 22.95 22.51
CA THR K 34 24.81 21.75 22.94
C THR K 34 24.30 20.54 22.18
N PRO K 35 24.65 20.43 20.90
CA PRO K 35 24.23 19.27 20.11
C PRO K 35 25.08 18.05 20.41
N THR K 36 24.76 16.95 19.74
CA THR K 36 25.51 15.71 19.91
C THR K 36 26.80 15.75 19.09
N TRP K 37 27.57 14.67 19.15
CA TRP K 37 28.84 14.61 18.45
C TRP K 37 29.28 13.15 18.34
N VAL K 38 29.46 12.68 17.10
CA VAL K 38 29.99 11.35 16.85
C VAL K 38 31.50 11.44 16.73
N ARG K 39 32.20 10.59 17.47
CA ARG K 39 33.65 10.72 17.62
C ARG K 39 34.31 9.34 17.65
N ALA K 40 35.63 9.36 17.46
CA ALA K 40 36.49 8.20 17.67
C ALA K 40 37.58 8.62 18.64
N ILE K 41 37.48 8.17 19.89
CA ILE K 41 38.30 8.69 20.99
C ILE K 41 39.51 7.78 21.17
N PRO K 42 40.73 8.29 21.00
CA PRO K 42 41.91 7.46 21.31
C PRO K 42 42.47 7.72 22.70
N PHE K 43 42.80 6.66 23.43
CA PHE K 43 43.43 6.78 24.74
C PHE K 43 44.03 5.43 25.10
N GLU K 44 44.86 5.43 26.15
CA GLU K 44 45.58 4.25 26.58
C GLU K 44 45.22 3.91 28.02
N VAL K 45 45.43 2.64 28.38
CA VAL K 45 45.18 2.14 29.72
C VAL K 45 46.35 1.26 30.15
N SER K 46 46.61 1.25 31.45
CA SER K 46 47.65 0.39 32.03
C SER K 46 47.07 -0.98 32.34
N VAL K 47 47.82 -2.02 32.00
CA VAL K 47 47.39 -3.40 32.18
C VAL K 47 48.52 -4.17 32.84
N GLN K 48 48.18 -4.95 33.87
CA GLN K 48 49.13 -5.84 34.53
C GLN K 48 48.94 -7.26 34.03
N SER K 49 50.00 -8.07 34.19
CA SER K 49 49.99 -9.42 33.65
C SER K 49 49.01 -10.31 34.40
N GLY K 50 48.24 -11.09 33.65
CA GLY K 50 47.35 -12.08 34.24
C GLY K 50 46.12 -11.53 34.93
N ILE K 51 45.88 -10.22 34.84
CA ILE K 51 44.73 -9.61 35.48
C ILE K 51 43.96 -8.79 34.44
N ALA K 52 42.65 -8.68 34.63
CA ALA K 52 41.78 -7.93 33.74
C ALA K 52 41.56 -6.53 34.28
N PHE K 53 41.60 -5.55 33.39
CA PHE K 53 41.39 -4.15 33.73
C PHE K 53 40.06 -3.69 33.13
N LYS K 54 39.23 -3.07 33.96
CA LYS K 54 37.93 -2.58 33.53
C LYS K 54 38.07 -1.15 33.01
N VAL K 55 37.89 -0.97 31.71
CA VAL K 55 38.01 0.35 31.08
C VAL K 55 36.84 1.22 31.53
N PRO K 56 37.09 2.32 32.23
CA PRO K 56 35.98 3.18 32.68
C PRO K 56 35.49 4.09 31.56
N VAL K 57 34.18 4.32 31.54
CA VAL K 57 33.61 5.24 30.57
C VAL K 57 34.07 6.67 30.84
N GLY K 58 34.43 6.98 32.09
CA GLY K 58 34.87 8.31 32.44
C GLY K 58 36.11 8.78 31.70
N SER K 59 36.89 7.85 31.14
CA SER K 59 38.05 8.22 30.35
C SER K 59 37.67 8.87 29.02
N LEU K 60 36.38 8.91 28.67
CA LEU K 60 35.92 9.56 27.46
C LEU K 60 35.51 11.01 27.68
N PHE K 61 35.28 11.42 28.92
CA PHE K 61 34.90 12.78 29.25
C PHE K 61 36.13 13.50 29.78
N SER K 62 36.79 14.27 28.92
CA SER K 62 37.98 15.00 29.30
C SER K 62 38.18 16.17 28.36
N ALA K 63 38.78 17.25 28.88
CA ALA K 63 39.06 18.41 28.05
C ALA K 63 40.07 18.10 26.95
N ASN K 64 40.80 16.99 27.05
CA ASN K 64 41.73 16.60 26.00
C ASN K 64 40.99 16.11 24.75
N PHE K 65 39.70 15.82 24.87
CA PHE K 65 38.90 15.34 23.75
C PHE K 65 37.77 16.30 23.38
N ARG K 66 37.74 17.49 23.99
CA ARG K 66 36.63 18.44 23.82
C ARG K 66 35.29 17.83 24.24
N THR K 67 35.32 16.92 25.22
CA THR K 67 34.12 16.22 25.64
C THR K 67 33.86 16.34 27.14
N ASP K 68 34.49 17.32 27.81
CA ASP K 68 34.25 17.49 29.24
C ASP K 68 32.85 18.04 29.52
N SER K 69 32.18 18.59 28.52
CA SER K 69 30.83 19.11 28.69
C SER K 69 29.75 18.03 28.56
N PHE K 70 30.13 16.80 28.29
CA PHE K 70 29.19 15.69 28.18
C PHE K 70 29.13 14.90 29.48
N THR K 71 27.97 14.30 29.74
CA THR K 71 27.77 13.45 30.91
C THR K 71 27.21 12.08 30.54
N SER K 72 27.15 11.75 29.26
CA SER K 72 26.65 10.45 28.81
C SER K 72 27.15 10.20 27.40
N VAL K 73 27.25 8.92 27.05
CA VAL K 73 27.77 8.51 25.75
C VAL K 73 27.22 7.14 25.40
N THR K 74 26.96 6.93 24.11
CA THR K 74 26.47 5.66 23.58
C THR K 74 27.59 5.01 22.78
N VAL K 75 28.23 4.00 23.37
CA VAL K 75 29.35 3.34 22.72
C VAL K 75 28.84 2.45 21.59
N MET K 76 29.53 2.49 20.45
CA MET K 76 29.20 1.70 19.29
C MET K 76 30.18 0.56 19.03
N SER K 77 31.48 0.84 19.06
CA SER K 77 32.49 -0.17 18.80
C SER K 77 33.74 0.15 19.60
N VAL K 78 34.47 -0.89 19.97
CA VAL K 78 35.69 -0.78 20.75
C VAL K 78 36.81 -1.49 20.01
N ARG K 79 37.92 -0.78 19.78
CA ARG K 79 39.10 -1.33 19.14
C ARG K 79 40.31 -1.12 20.03
N ALA K 80 41.18 -2.12 20.12
CA ALA K 80 42.32 -2.08 21.01
C ALA K 80 43.58 -2.53 20.29
N TRP K 81 44.71 -1.91 20.65
CA TRP K 81 46.02 -2.29 20.16
C TRP K 81 46.98 -2.35 21.35
N THR K 82 47.92 -3.30 21.29
CA THR K 82 48.97 -3.37 22.30
C THR K 82 49.92 -2.20 22.12
N GLN K 83 50.05 -1.38 23.16
CA GLN K 83 50.80 -0.13 23.06
C GLN K 83 52.29 -0.29 23.36
N LEU K 84 52.67 -1.28 24.16
CA LEU K 84 54.06 -1.53 24.48
C LEU K 84 54.47 -2.93 24.02
N THR K 85 55.78 -3.17 24.05
CA THR K 85 56.32 -4.43 23.54
C THR K 85 55.93 -5.59 24.46
N PRO K 86 55.82 -6.79 23.92
CA PRO K 86 55.45 -7.96 24.74
C PRO K 86 56.64 -8.46 25.53
N PRO K 87 56.42 -9.41 26.46
CA PRO K 87 57.55 -10.03 27.15
C PRO K 87 58.47 -10.74 26.17
N VAL K 88 59.69 -11.02 26.64
CA VAL K 88 60.68 -11.66 25.78
C VAL K 88 60.17 -13.02 25.33
N ASN K 89 60.51 -13.38 24.09
CA ASN K 89 60.18 -14.65 23.44
C ASN K 89 58.70 -14.81 23.14
N GLU K 90 57.85 -13.87 23.54
CA GLU K 90 56.41 -13.98 23.34
C GLU K 90 55.93 -13.03 22.26
N TYR K 91 54.78 -13.36 21.69
CA TYR K 91 54.08 -12.48 20.76
C TYR K 91 52.95 -11.75 21.48
N SER K 92 52.70 -10.52 21.07
CA SER K 92 51.70 -9.70 21.71
C SER K 92 50.30 -10.28 21.51
N PHE K 93 49.44 -10.07 22.49
CA PHE K 93 48.03 -10.42 22.37
C PHE K 93 47.21 -9.46 23.22
N VAL K 94 45.92 -9.36 22.89
CA VAL K 94 45.00 -8.49 23.61
C VAL K 94 43.61 -9.10 23.54
N ARG K 95 42.89 -9.02 24.65
CA ARG K 95 41.53 -9.56 24.74
C ARG K 95 40.57 -8.45 25.15
N LEU K 96 39.28 -8.65 24.82
CA LEU K 96 38.24 -7.67 25.12
C LEU K 96 36.97 -8.42 25.51
N LYS K 97 36.50 -8.18 26.73
CA LYS K 97 35.23 -8.75 27.19
C LYS K 97 34.21 -7.63 27.35
N PRO K 98 33.21 -7.53 26.48
CA PRO K 98 32.24 -6.43 26.59
C PRO K 98 31.47 -6.48 27.90
N LEU K 99 31.24 -5.29 28.46
CA LEU K 99 30.49 -5.14 29.69
C LEU K 99 29.25 -4.28 29.44
N PHE K 100 28.12 -4.72 29.99
CA PHE K 100 26.86 -4.00 29.86
C PHE K 100 26.17 -3.92 31.22
N LYS K 101 25.48 -2.81 31.45
CA LYS K 101 24.80 -2.62 32.73
C LYS K 101 23.66 -3.62 32.90
N THR K 102 22.97 -3.97 31.82
CA THR K 102 21.93 -4.98 31.89
C THR K 102 22.48 -6.38 32.09
N GLY K 103 23.79 -6.57 31.93
CA GLY K 103 24.41 -7.87 32.10
C GLY K 103 25.72 -8.00 31.37
N ASP K 104 26.79 -8.29 32.09
CA ASP K 104 28.10 -8.45 31.48
C ASP K 104 28.11 -9.68 30.57
N SER K 105 29.02 -9.66 29.61
CA SER K 105 29.19 -10.76 28.66
C SER K 105 30.39 -11.61 29.06
N THR K 106 30.53 -12.75 28.39
CA THR K 106 31.59 -13.70 28.69
C THR K 106 32.47 -14.01 27.47
N GLU K 107 32.43 -13.17 26.44
CA GLU K 107 33.28 -13.37 25.29
C GLU K 107 34.71 -12.96 25.62
N GLU K 108 35.66 -13.39 24.76
CA GLU K 108 37.06 -13.01 24.86
C GLU K 108 37.58 -12.80 23.44
N PHE K 109 37.13 -11.73 22.80
CA PHE K 109 37.61 -11.37 21.47
C PHE K 109 39.10 -11.11 21.52
N GLU K 110 39.89 -12.04 21.02
CA GLU K 110 41.34 -12.03 21.18
C GLU K 110 42.03 -11.94 19.84
N GLY K 111 43.04 -11.09 19.77
CA GLY K 111 43.90 -11.00 18.59
C GLY K 111 45.35 -11.07 18.99
N ARG K 112 46.14 -11.75 18.17
CA ARG K 112 47.56 -11.95 18.45
C ARG K 112 48.38 -11.46 17.26
N ALA K 113 49.53 -10.87 17.56
CA ALA K 113 50.45 -10.45 16.52
C ALA K 113 51.24 -11.64 15.99
N SER K 114 51.43 -11.68 14.68
CA SER K 114 52.26 -12.71 14.06
C SER K 114 53.72 -12.29 13.95
N ASN K 115 54.08 -11.14 14.50
CA ASN K 115 55.45 -10.67 14.55
C ASN K 115 55.67 -10.02 15.91
N ILE K 116 56.76 -10.39 16.59
CA ILE K 116 57.00 -9.91 17.94
C ILE K 116 57.12 -8.40 17.96
N ASN K 117 57.51 -7.79 16.85
CA ASN K 117 57.69 -6.35 16.75
C ASN K 117 56.41 -5.62 16.38
N THR K 118 55.30 -6.33 16.21
CA THR K 118 54.06 -5.75 15.71
C THR K 118 52.99 -5.77 16.79
N ARG K 119 52.11 -4.77 16.74
CA ARG K 119 51.00 -4.70 17.67
C ARG K 119 50.04 -5.87 17.45
N ALA K 120 49.30 -6.21 18.51
CA ALA K 120 48.20 -7.16 18.43
C ALA K 120 46.90 -6.39 18.57
N SER K 121 45.98 -6.59 17.62
CA SER K 121 44.77 -5.80 17.52
C SER K 121 43.54 -6.70 17.53
N VAL K 122 42.43 -6.15 18.02
CA VAL K 122 41.14 -6.83 18.00
C VAL K 122 40.08 -5.79 18.31
N GLY K 123 38.83 -6.11 18.00
CA GLY K 123 37.74 -5.21 18.27
C GLY K 123 36.41 -5.93 18.24
N TYR K 124 35.39 -5.26 18.80
CA TYR K 124 34.04 -5.81 18.80
C TYR K 124 33.04 -4.70 18.56
N ARG K 125 31.98 -5.03 17.82
CA ARG K 125 30.90 -4.10 17.52
C ARG K 125 29.72 -4.36 18.46
N ILE K 126 29.13 -3.27 18.96
CA ILE K 126 27.95 -3.37 19.83
C ILE K 126 26.71 -3.33 18.95
N PRO K 127 25.77 -4.25 19.12
CA PRO K 127 24.57 -4.25 18.28
C PRO K 127 23.64 -3.10 18.63
N THR K 128 22.71 -2.82 17.72
CA THR K 128 21.80 -1.69 17.89
C THR K 128 20.96 -1.83 19.15
N ASN K 129 20.53 -3.05 19.47
CA ASN K 129 19.69 -3.27 20.64
C ASN K 129 20.44 -3.07 21.96
N LEU K 130 21.77 -2.97 21.92
CA LEU K 130 22.56 -2.77 23.13
C LEU K 130 23.30 -1.44 23.12
N ARG K 131 22.82 -0.47 22.34
CA ARG K 131 23.48 0.83 22.25
C ARG K 131 22.69 1.87 23.05
N GLN K 132 22.84 1.78 24.37
CA GLN K 132 22.27 2.74 25.31
C GLN K 132 23.38 3.59 25.89
N ASN K 133 23.00 4.55 26.73
CA ASN K 133 23.97 5.48 27.29
C ASN K 133 24.71 4.85 28.47
N THR K 134 25.93 5.33 28.69
CA THR K 134 26.77 4.91 29.80
C THR K 134 27.43 6.14 30.40
N VAL K 135 27.51 6.18 31.73
CA VAL K 135 28.07 7.33 32.43
C VAL K 135 29.47 7.01 32.92
N ALA K 136 30.14 8.00 33.52
CA ALA K 136 31.54 7.85 33.89
C ALA K 136 31.76 6.68 34.84
N ALA K 137 30.82 6.46 35.75
CA ALA K 137 30.95 5.35 36.71
C ALA K 137 30.84 3.99 36.02
N ASP K 138 30.24 3.92 34.84
CA ASP K 138 30.09 2.65 34.15
C ASP K 138 31.41 2.24 33.50
N ASN K 139 31.48 0.97 33.12
CA ASN K 139 32.66 0.41 32.47
C ASN K 139 32.29 -0.07 31.07
N VAL K 140 33.29 -0.07 30.19
CA VAL K 140 33.09 -0.47 28.80
C VAL K 140 33.36 -1.95 28.64
N CYS K 141 34.60 -2.37 28.92
CA CYS K 141 35.01 -3.74 28.71
C CYS K 141 36.23 -4.04 29.56
N GLU K 142 36.58 -5.32 29.61
CA GLU K 142 37.77 -5.79 30.31
C GLU K 142 38.87 -6.07 29.29
N VAL K 143 40.07 -5.58 29.58
CA VAL K 143 41.22 -5.72 28.68
C VAL K 143 42.24 -6.64 29.35
N ARG K 144 42.73 -7.61 28.59
CA ARG K 144 43.79 -8.51 29.02
C ARG K 144 44.90 -8.51 27.97
N SER K 145 46.15 -8.54 28.43
CA SER K 145 47.28 -8.49 27.52
C SER K 145 48.55 -8.83 28.29
N ASN K 146 49.49 -9.49 27.60
CA ASN K 146 50.80 -9.69 28.19
C ASN K 146 51.64 -8.43 28.18
N CYS K 147 51.25 -7.43 27.40
CA CYS K 147 51.89 -6.13 27.42
C CYS K 147 51.37 -5.31 28.60
N ARG K 148 52.07 -4.22 28.91
CA ARG K 148 51.75 -3.42 30.07
C ARG K 148 50.80 -2.27 29.79
N GLN K 149 50.73 -1.81 28.55
CA GLN K 149 49.81 -0.73 28.17
C GLN K 149 49.09 -1.08 26.89
N VAL K 150 47.80 -0.76 26.85
CA VAL K 150 46.94 -1.06 25.71
C VAL K 150 46.30 0.25 25.23
N ALA K 151 46.52 0.59 23.97
CA ALA K 151 45.88 1.74 23.36
C ALA K 151 44.51 1.35 22.82
N LEU K 152 43.52 2.22 23.03
CA LEU K 152 42.15 1.96 22.66
C LEU K 152 41.60 3.08 21.80
N VAL K 153 40.79 2.71 20.82
CA VAL K 153 40.08 3.65 19.96
C VAL K 153 38.62 3.25 19.99
N ILE K 154 37.77 4.12 20.54
CA ILE K 154 36.36 3.80 20.79
C ILE K 154 35.51 4.73 19.94
N SER K 155 34.80 4.16 18.96
CA SER K 155 33.80 4.90 18.22
C SER K 155 32.52 4.97 19.02
N CYS K 156 32.02 6.19 19.25
CA CYS K 156 30.86 6.38 20.10
C CYS K 156 30.15 7.66 19.68
N CYS K 157 29.08 7.99 20.41
CA CYS K 157 28.25 9.16 20.12
C CYS K 157 27.98 9.89 21.43
N PHE K 158 28.62 11.04 21.61
CA PHE K 158 28.44 11.83 22.82
C PHE K 158 27.11 12.57 22.78
N ASN K 159 26.42 12.60 23.91
CA ASN K 159 25.14 13.28 24.03
C ASN K 159 24.91 13.78 25.45
N ARG L 3 53.66 31.36 -53.35
CA ARG L 3 54.51 30.88 -52.25
C ARG L 3 55.60 29.96 -52.77
N GLY L 4 56.84 30.47 -52.78
CA GLY L 4 57.95 29.71 -53.31
C GLY L 4 59.22 29.81 -52.49
N LYS L 5 59.33 28.96 -51.47
CA LYS L 5 60.57 28.76 -50.72
C LYS L 5 60.93 29.95 -49.83
N VAL L 6 61.53 29.65 -48.67
CA VAL L 6 62.07 30.68 -47.79
C VAL L 6 63.45 30.24 -47.30
N LYS L 7 63.59 28.96 -46.98
CA LYS L 7 64.85 28.42 -46.49
C LYS L 7 64.80 26.90 -46.40
N PRO L 8 65.84 26.19 -46.86
CA PRO L 8 65.82 24.73 -46.76
C PRO L 8 66.49 24.21 -45.49
N ASN L 9 65.69 23.94 -44.46
CA ASN L 9 66.17 23.27 -43.26
C ASN L 9 65.86 21.78 -43.36
N ARG L 10 66.07 21.06 -42.25
CA ARG L 10 65.87 19.61 -42.21
C ARG L 10 64.96 19.26 -41.02
N LYS L 11 63.67 19.53 -41.17
CA LYS L 11 62.66 19.08 -40.21
C LYS L 11 62.03 17.80 -40.72
N SER L 12 62.83 16.73 -40.69
CA SER L 12 62.41 15.44 -41.26
C SER L 12 61.17 14.90 -40.58
N THR L 13 60.00 15.36 -41.02
CA THR L 13 58.69 14.90 -40.55
C THR L 13 58.58 15.05 -39.03
N GLY L 14 58.50 16.30 -38.62
CA GLY L 14 58.16 16.61 -37.23
C GLY L 14 59.22 16.13 -36.26
N ASP L 15 58.78 15.32 -35.28
CA ASP L 15 59.64 14.89 -34.20
C ASP L 15 60.74 13.93 -34.67
N ASN L 16 61.70 14.45 -35.43
CA ASN L 16 62.82 13.65 -35.93
C ASN L 16 63.86 14.52 -36.61
N SER L 17 64.26 15.62 -35.98
CA SER L 17 65.23 16.54 -36.56
C SER L 17 66.62 16.24 -36.02
N ASN L 18 67.63 16.38 -36.88
CA ASN L 18 69.01 16.11 -36.53
C ASN L 18 69.90 17.34 -36.52
N VAL L 19 69.41 18.48 -37.00
CA VAL L 19 70.18 19.72 -37.05
C VAL L 19 69.32 20.86 -36.52
N VAL L 20 69.97 22.00 -36.31
CA VAL L 20 69.27 23.19 -35.82
C VAL L 20 68.28 23.67 -36.89
N THR L 21 67.14 24.19 -36.42
CA THR L 21 66.09 24.66 -37.31
C THR L 21 65.66 26.06 -36.88
N MET L 22 65.34 26.89 -37.87
CA MET L 22 65.04 28.29 -37.58
C MET L 22 63.66 28.44 -36.97
N ILE L 23 63.56 29.27 -35.93
CA ILE L 23 62.31 29.60 -35.28
C ILE L 23 61.88 30.98 -35.76
N ARG L 24 60.67 31.06 -36.33
CA ARG L 24 60.13 32.32 -36.84
C ARG L 24 59.50 33.10 -35.68
N ALA L 25 60.37 33.67 -34.85
CA ALA L 25 59.92 34.44 -33.71
C ALA L 25 59.24 35.73 -34.16
N GLY L 26 58.42 36.28 -33.27
CA GLY L 26 57.69 37.50 -33.56
C GLY L 26 58.02 38.64 -32.61
N SER L 27 57.00 39.20 -31.97
CA SER L 27 57.21 40.30 -31.04
C SER L 27 57.78 39.77 -29.73
N TYR L 28 58.48 40.63 -29.00
CA TYR L 28 59.07 40.24 -27.74
C TYR L 28 57.97 39.85 -26.76
N PRO L 29 58.04 38.67 -26.15
CA PRO L 29 56.93 38.17 -25.33
C PRO L 29 56.96 38.76 -23.93
N LYS L 30 56.00 38.34 -23.12
CA LYS L 30 56.00 38.65 -21.70
C LYS L 30 56.98 37.74 -20.98
N VAL L 31 57.85 38.32 -20.16
CA VAL L 31 58.90 37.56 -19.49
C VAL L 31 58.77 37.74 -17.99
N ASN L 32 59.45 36.86 -17.26
CA ASN L 32 59.50 36.90 -15.80
C ASN L 32 60.74 36.16 -15.33
N PRO L 33 61.82 36.87 -14.99
CA PRO L 33 63.06 36.18 -14.61
C PRO L 33 62.99 35.46 -13.28
N THR L 34 62.01 35.78 -12.44
CA THR L 34 61.88 35.19 -11.11
C THR L 34 60.46 34.65 -10.94
N PRO L 35 60.14 33.49 -11.54
CA PRO L 35 58.78 32.97 -11.45
C PRO L 35 58.52 32.23 -10.15
N THR L 36 57.34 31.63 -10.05
CA THR L 36 57.00 30.81 -8.89
C THR L 36 57.55 29.39 -9.07
N TRP L 37 57.32 28.55 -8.07
CA TRP L 37 57.84 27.18 -8.11
C TRP L 37 57.08 26.34 -7.09
N VAL L 38 56.27 25.40 -7.59
CA VAL L 38 55.61 24.44 -6.72
C VAL L 38 56.61 23.34 -6.35
N ARG L 39 56.74 23.07 -5.06
CA ARG L 39 57.80 22.21 -4.56
C ARG L 39 57.31 21.36 -3.40
N ALA L 40 58.01 20.25 -3.17
CA ALA L 40 57.85 19.42 -1.99
C ALA L 40 59.21 19.37 -1.29
N ILE L 41 59.32 20.08 -0.18
CA ILE L 41 60.61 20.37 0.45
C ILE L 41 60.86 19.32 1.54
N PRO L 42 61.90 18.50 1.43
CA PRO L 42 62.22 17.57 2.51
C PRO L 42 63.27 18.12 3.48
N PHE L 43 62.92 18.18 4.76
CA PHE L 43 63.85 18.61 5.79
C PHE L 43 63.44 18.00 7.12
N GLU L 44 64.38 17.98 8.06
CA GLU L 44 64.19 17.34 9.34
C GLU L 44 64.19 18.37 10.47
N VAL L 45 63.33 18.14 11.46
CA VAL L 45 63.26 18.95 12.66
C VAL L 45 63.37 18.03 13.86
N SER L 46 64.01 18.54 14.92
CA SER L 46 64.26 17.75 16.11
C SER L 46 63.21 18.04 17.18
N VAL L 47 62.80 17.00 17.90
CA VAL L 47 61.74 17.09 18.89
C VAL L 47 62.21 16.40 20.17
N GLN L 48 61.79 16.94 21.31
CA GLN L 48 62.03 16.31 22.60
C GLN L 48 60.78 15.56 23.04
N SER L 49 60.98 14.53 23.86
CA SER L 49 59.88 13.68 24.31
C SER L 49 59.03 14.46 25.33
N GLY L 50 57.85 14.91 24.90
CA GLY L 50 56.90 15.54 25.78
C GLY L 50 56.71 17.03 25.58
N ILE L 51 57.50 17.66 24.70
CA ILE L 51 57.37 19.09 24.44
C ILE L 51 57.06 19.28 22.96
N ALA L 52 56.33 20.35 22.66
CA ALA L 52 55.99 20.71 21.29
C ALA L 52 57.08 21.57 20.69
N PHE L 53 57.25 21.45 19.38
CA PHE L 53 58.26 22.22 18.64
C PHE L 53 57.58 22.91 17.47
N LYS L 54 57.65 24.24 17.45
CA LYS L 54 57.09 25.02 16.35
C LYS L 54 58.05 25.00 15.17
N VAL L 55 57.56 24.58 14.01
CA VAL L 55 58.39 24.49 12.81
C VAL L 55 58.44 25.86 12.14
N PRO L 56 59.59 26.51 12.09
CA PRO L 56 59.66 27.83 11.44
C PRO L 56 59.58 27.72 9.92
N VAL L 57 58.87 28.66 9.31
CA VAL L 57 58.73 28.67 7.86
C VAL L 57 60.08 28.93 7.20
N GLY L 58 60.99 29.62 7.91
CA GLY L 58 62.29 29.95 7.34
C GLY L 58 63.10 28.74 6.92
N SER L 59 62.80 27.56 7.46
CA SER L 59 63.50 26.35 7.06
C SER L 59 63.25 26.00 5.60
N LEU L 60 62.18 26.51 5.00
CA LEU L 60 61.88 26.22 3.61
C LEU L 60 62.83 26.98 2.67
N PHE L 61 63.16 28.22 3.01
CA PHE L 61 64.06 29.03 2.19
C PHE L 61 65.49 28.65 2.52
N SER L 62 66.19 28.06 1.56
CA SER L 62 67.58 27.65 1.77
C SER L 62 68.20 27.33 0.42
N ALA L 63 69.54 27.39 0.38
CA ALA L 63 70.24 27.01 -0.83
C ALA L 63 70.17 25.50 -1.07
N ASN L 64 69.98 24.73 0.00
CA ASN L 64 69.85 23.28 -0.11
C ASN L 64 68.58 22.86 -0.85
N PHE L 65 67.65 23.78 -1.06
CA PHE L 65 66.40 23.50 -1.75
C PHE L 65 66.23 24.31 -3.02
N ARG L 66 67.21 25.12 -3.40
CA ARG L 66 67.12 26.08 -4.51
C ARG L 66 66.05 27.14 -4.29
N THR L 67 65.42 27.16 -3.12
CA THR L 67 64.39 28.14 -2.78
C THR L 67 64.95 29.30 -1.97
N ASP L 68 66.13 29.79 -2.36
CA ASP L 68 66.82 30.81 -1.58
C ASP L 68 66.45 32.23 -1.97
N SER L 69 66.13 32.47 -3.25
CA SER L 69 65.76 33.81 -3.69
C SER L 69 64.36 34.21 -3.24
N PHE L 70 63.58 33.30 -2.68
CA PHE L 70 62.23 33.59 -2.24
C PHE L 70 62.22 34.16 -0.84
N THR L 71 61.18 34.93 -0.54
CA THR L 71 60.94 35.45 0.80
C THR L 71 59.57 35.08 1.35
N SER L 72 58.70 34.48 0.54
CA SER L 72 57.38 34.06 0.98
C SER L 72 57.07 32.71 0.34
N VAL L 73 56.03 32.05 0.86
CA VAL L 73 55.66 30.73 0.38
C VAL L 73 54.23 30.44 0.84
N THR L 74 53.46 29.77 -0.03
CA THR L 74 52.10 29.35 0.26
C THR L 74 52.12 27.84 0.49
N VAL L 75 51.83 27.43 1.72
CA VAL L 75 51.86 26.02 2.09
C VAL L 75 50.52 25.38 1.76
N MET L 76 50.56 24.21 1.13
CA MET L 76 49.36 23.47 0.77
C MET L 76 49.08 22.31 1.72
N SER L 77 50.08 21.49 2.02
CA SER L 77 49.91 20.35 2.91
C SER L 77 51.22 20.08 3.63
N VAL L 78 51.12 19.32 4.73
CA VAL L 78 52.27 18.99 5.56
C VAL L 78 52.20 17.50 5.90
N ARG L 79 53.29 16.78 5.62
CA ARG L 79 53.41 15.37 5.96
C ARG L 79 54.66 15.17 6.80
N ALA L 80 54.55 14.30 7.81
CA ALA L 80 55.63 14.11 8.78
C ALA L 80 55.91 12.63 8.98
N TRP L 81 57.19 12.33 9.27
CA TRP L 81 57.64 10.98 9.59
C TRP L 81 58.65 11.06 10.72
N THR L 82 58.63 10.06 11.60
CA THR L 82 59.61 9.96 12.65
C THR L 82 60.95 9.52 12.08
N GLN L 83 61.98 10.36 12.27
CA GLN L 83 63.28 10.12 11.64
C GLN L 83 64.20 9.25 12.47
N LEU L 84 63.98 9.14 13.78
CA LEU L 84 64.80 8.30 14.64
C LEU L 84 63.92 7.26 15.33
N THR L 85 64.59 6.27 15.91
CA THR L 85 63.89 5.16 16.55
C THR L 85 63.17 5.64 17.82
N PRO L 86 62.10 4.95 18.21
CA PRO L 86 61.38 5.34 19.44
C PRO L 86 62.11 4.84 20.68
N PRO L 87 61.72 5.31 21.86
CA PRO L 87 62.31 4.78 23.09
C PRO L 87 62.05 3.28 23.24
N VAL L 88 62.79 2.67 24.16
CA VAL L 88 62.66 1.23 24.36
C VAL L 88 61.25 0.89 24.80
N ASN L 89 60.73 -0.22 24.27
CA ASN L 89 59.41 -0.78 24.54
C ASN L 89 58.28 0.02 23.90
N GLU L 90 58.57 1.13 23.24
CA GLU L 90 57.54 2.01 22.70
C GLU L 90 57.47 1.92 21.18
N TYR L 91 56.28 2.15 20.65
CA TYR L 91 56.08 2.34 19.22
C TYR L 91 56.16 3.83 18.89
N SER L 92 56.60 4.12 17.67
CA SER L 92 56.75 5.51 17.26
C SER L 92 55.39 6.17 17.08
N PHE L 93 55.33 7.47 17.42
CA PHE L 93 54.14 8.27 17.16
C PHE L 93 54.58 9.69 16.84
N VAL L 94 53.75 10.39 16.07
CA VAL L 94 54.01 11.76 15.67
C VAL L 94 52.67 12.51 15.61
N ARG L 95 52.65 13.72 16.15
CA ARG L 95 51.47 14.56 16.14
C ARG L 95 51.77 15.87 15.42
N LEU L 96 50.77 16.39 14.72
CA LEU L 96 50.88 17.65 14.00
C LEU L 96 49.73 18.56 14.41
N LYS L 97 50.06 19.81 14.74
CA LYS L 97 49.04 20.81 15.07
C LYS L 97 49.19 22.00 14.14
N PRO L 98 48.24 22.22 13.23
CA PRO L 98 48.38 23.34 12.28
C PRO L 98 48.43 24.68 12.99
N LEU L 99 49.23 25.59 12.44
CA LEU L 99 49.39 26.93 12.98
C LEU L 99 49.17 27.95 11.87
N PHE L 100 48.40 28.99 12.18
CA PHE L 100 48.10 30.03 11.20
C PHE L 100 48.22 31.39 11.88
N LYS L 101 48.61 32.40 11.09
CA LYS L 101 48.77 33.74 11.64
C LYS L 101 47.42 34.33 12.07
N THR L 102 46.36 34.01 11.33
CA THR L 102 45.02 34.48 11.67
C THR L 102 44.41 33.71 12.83
N GLY L 103 45.08 32.67 13.33
CA GLY L 103 44.56 31.90 14.43
C GLY L 103 45.07 30.46 14.44
N ASP L 104 45.82 30.11 15.47
CA ASP L 104 46.35 28.75 15.59
C ASP L 104 45.21 27.76 15.83
N SER L 105 45.36 26.57 15.25
CA SER L 105 44.38 25.50 15.44
C SER L 105 44.74 24.67 16.67
N THR L 106 43.81 23.79 17.06
CA THR L 106 43.99 22.90 18.20
C THR L 106 43.90 21.43 17.81
N GLU L 107 43.98 21.13 16.51
CA GLU L 107 43.94 19.75 16.05
C GLU L 107 45.28 19.06 16.31
N GLU L 108 45.22 17.74 16.49
CA GLU L 108 46.39 16.92 16.76
C GLU L 108 46.34 15.67 15.88
N PHE L 109 46.55 15.86 14.57
CA PHE L 109 46.62 14.74 13.65
C PHE L 109 47.80 13.86 14.01
N GLU L 110 47.51 12.61 14.37
CA GLU L 110 48.51 11.72 14.94
C GLU L 110 48.55 10.40 14.17
N GLY L 111 49.75 9.89 13.97
CA GLY L 111 49.94 8.56 13.43
C GLY L 111 50.89 7.76 14.30
N ARG L 112 50.66 6.46 14.37
CA ARG L 112 51.45 5.56 15.18
C ARG L 112 51.88 4.36 14.35
N ALA L 113 53.16 3.98 14.50
CA ALA L 113 53.69 2.82 13.81
C ALA L 113 53.28 1.55 14.53
N SER L 114 52.68 0.61 13.78
CA SER L 114 52.30 -0.67 14.35
C SER L 114 53.48 -1.61 14.51
N ASN L 115 54.66 -1.24 14.02
CA ASN L 115 55.88 -2.02 14.17
C ASN L 115 56.94 -1.13 14.80
N ILE L 116 57.63 -1.65 15.82
CA ILE L 116 58.59 -0.84 16.56
C ILE L 116 59.72 -0.36 15.66
N ASN L 117 60.01 -1.10 14.60
CA ASN L 117 61.09 -0.75 13.67
C ASN L 117 60.63 0.19 12.56
N THR L 118 59.34 0.50 12.48
CA THR L 118 58.77 1.29 11.40
C THR L 118 58.53 2.73 11.85
N ARG L 119 58.62 3.66 10.90
CA ARG L 119 58.30 5.04 11.16
C ARG L 119 56.80 5.22 11.43
N ALA L 120 56.48 6.29 12.15
CA ALA L 120 55.11 6.75 12.30
C ALA L 120 54.89 7.94 11.38
N SER L 121 53.72 7.98 10.74
CA SER L 121 53.44 8.99 9.73
C SER L 121 52.04 9.55 9.92
N VAL L 122 51.90 10.85 9.63
CA VAL L 122 50.62 11.52 9.64
C VAL L 122 50.78 12.84 8.90
N GLY L 123 49.69 13.31 8.28
CA GLY L 123 49.74 14.56 7.55
C GLY L 123 48.42 15.29 7.67
N TYR L 124 48.40 16.50 7.12
CA TYR L 124 47.18 17.30 7.08
C TYR L 124 47.25 18.26 5.89
N ARG L 125 46.09 18.51 5.31
CA ARG L 125 45.95 19.41 4.17
C ARG L 125 45.40 20.76 4.63
N ILE L 126 45.92 21.83 4.06
CA ILE L 126 45.47 23.18 4.37
C ILE L 126 44.38 23.56 3.36
N PRO L 127 43.21 23.99 3.81
CA PRO L 127 42.15 24.37 2.86
C PRO L 127 42.53 25.60 2.07
N THR L 128 41.86 25.76 0.92
CA THR L 128 42.17 26.87 0.02
C THR L 128 41.96 28.22 0.71
N ASN L 129 40.91 28.33 1.53
CA ASN L 129 40.62 29.58 2.22
C ASN L 129 41.66 29.95 3.27
N LEU L 130 42.61 29.07 3.56
CA LEU L 130 43.68 29.35 4.51
C LEU L 130 45.05 29.31 3.86
N ARG L 131 45.12 29.37 2.52
CA ARG L 131 46.38 29.28 1.80
C ARG L 131 46.86 30.68 1.44
N GLN L 132 47.41 31.37 2.44
CA GLN L 132 48.09 32.64 2.23
C GLN L 132 49.59 32.43 2.32
N ASN L 133 50.34 33.52 2.11
CA ASN L 133 51.79 33.43 2.17
C ASN L 133 52.29 33.47 3.61
N THR L 134 53.46 32.88 3.83
CA THR L 134 54.12 32.88 5.13
C THR L 134 55.59 33.21 4.93
N VAL L 135 56.12 34.08 5.78
CA VAL L 135 57.51 34.49 5.71
C VAL L 135 58.33 33.69 6.71
N ALA L 136 59.64 33.93 6.75
CA ALA L 136 60.54 33.14 7.59
C ALA L 136 60.16 33.23 9.06
N ALA L 137 59.73 34.41 9.51
CA ALA L 137 59.39 34.62 10.91
C ALA L 137 58.11 33.89 11.32
N ASP L 138 57.42 33.24 10.40
CA ASP L 138 56.19 32.53 10.71
C ASP L 138 56.48 31.06 11.02
N ASN L 139 55.46 30.39 11.56
CA ASN L 139 55.55 28.97 11.90
C ASN L 139 54.52 28.19 11.10
N VAL L 140 54.79 26.89 10.93
CA VAL L 140 53.92 26.01 10.15
C VAL L 140 53.03 25.22 11.10
N CYS L 141 53.65 24.39 11.94
CA CYS L 141 52.89 23.47 12.79
C CYS L 141 53.73 23.09 13.99
N GLU L 142 53.05 22.61 15.03
CA GLU L 142 53.71 22.06 16.20
C GLU L 142 53.84 20.54 16.04
N VAL L 143 55.04 20.03 16.27
CA VAL L 143 55.35 18.62 16.10
C VAL L 143 55.62 18.02 17.47
N ARG L 144 54.94 16.90 17.77
CA ARG L 144 55.16 16.13 18.98
C ARG L 144 55.49 14.70 18.61
N SER L 145 56.43 14.10 19.34
CA SER L 145 56.85 12.73 19.06
C SER L 145 57.69 12.23 20.22
N ASN L 146 57.69 10.90 20.39
CA ASN L 146 58.61 10.25 21.32
C ASN L 146 59.98 10.04 20.70
N CYS L 147 60.11 10.21 19.39
CA CYS L 147 61.39 10.11 18.70
C CYS L 147 62.07 11.47 18.66
N ARG L 148 63.40 11.45 18.67
CA ARG L 148 64.14 12.69 18.84
C ARG L 148 64.20 13.53 17.58
N GLN L 149 63.85 12.96 16.43
CA GLN L 149 63.91 13.70 15.16
C GLN L 149 62.73 13.30 14.29
N VAL L 150 62.12 14.30 13.66
CA VAL L 150 60.96 14.11 12.79
C VAL L 150 61.30 14.64 11.42
N ALA L 151 61.01 13.85 10.38
CA ALA L 151 61.24 14.25 8.99
C ALA L 151 59.97 14.87 8.42
N LEU L 152 60.13 15.99 7.73
CA LEU L 152 59.01 16.74 7.17
C LEU L 152 59.15 16.85 5.66
N VAL L 153 58.03 16.71 4.97
CA VAL L 153 57.93 16.94 3.53
C VAL L 153 56.75 17.88 3.31
N ILE L 154 57.03 19.14 2.99
CA ILE L 154 56.02 20.18 2.90
C ILE L 154 55.77 20.51 1.44
N SER L 155 54.55 20.25 0.97
CA SER L 155 54.14 20.65 -0.37
C SER L 155 53.67 22.10 -0.32
N CYS L 156 54.29 22.95 -1.13
CA CYS L 156 54.03 24.39 -1.06
C CYS L 156 54.36 25.02 -2.40
N CYS L 157 54.06 26.32 -2.49
CA CYS L 157 54.31 27.11 -3.69
C CYS L 157 55.15 28.33 -3.29
N PHE L 158 56.38 28.39 -3.81
CA PHE L 158 57.27 29.51 -3.52
C PHE L 158 57.00 30.66 -4.48
N ASN L 159 56.80 31.85 -3.93
CA ASN L 159 56.49 33.03 -4.73
C ASN L 159 57.17 34.27 -4.17
N ASN M 16 57.48 -32.14 -32.64
CA ASN M 16 58.48 -31.45 -33.47
C ASN M 16 59.46 -32.46 -34.07
N SER M 17 60.48 -31.94 -34.75
CA SER M 17 61.47 -32.79 -35.39
C SER M 17 62.38 -33.42 -34.33
N ASN M 18 62.80 -34.65 -34.60
CA ASN M 18 63.65 -35.40 -33.69
C ASN M 18 65.03 -35.71 -34.27
N VAL M 19 65.33 -35.24 -35.48
CA VAL M 19 66.62 -35.48 -36.13
C VAL M 19 67.10 -34.18 -36.77
N VAL M 20 68.34 -34.21 -37.23
CA VAL M 20 68.93 -33.05 -37.89
C VAL M 20 68.24 -32.83 -39.23
N THR M 21 68.02 -31.56 -39.57
CA THR M 21 67.37 -31.18 -40.82
C THR M 21 68.25 -30.18 -41.56
N MET M 22 68.25 -30.28 -42.89
CA MET M 22 69.11 -29.43 -43.70
C MET M 22 68.58 -27.99 -43.72
N ILE M 23 69.50 -27.04 -43.72
CA ILE M 23 69.18 -25.62 -43.87
C ILE M 23 69.67 -25.17 -45.24
N ARG M 24 68.73 -24.85 -46.12
CA ARG M 24 69.08 -24.40 -47.47
C ARG M 24 69.63 -22.98 -47.42
N ALA M 25 70.87 -22.84 -46.95
CA ALA M 25 71.48 -21.53 -46.83
C ALA M 25 71.76 -20.94 -48.21
N GLY M 26 72.10 -19.65 -48.22
CA GLY M 26 72.38 -18.95 -49.46
C GLY M 26 73.71 -18.22 -49.44
N SER M 27 73.68 -16.92 -49.70
CA SER M 27 74.91 -16.13 -49.70
C SER M 27 75.40 -15.92 -48.27
N TYR M 28 76.69 -15.60 -48.15
CA TYR M 28 77.27 -15.34 -46.85
C TYR M 28 76.66 -14.08 -46.25
N PRO M 29 76.20 -14.12 -44.99
CA PRO M 29 75.49 -12.99 -44.42
C PRO M 29 76.43 -12.00 -43.74
N LYS M 30 75.87 -10.84 -43.39
CA LYS M 30 76.61 -9.84 -42.63
C LYS M 30 76.81 -10.35 -41.21
N VAL M 31 78.05 -10.29 -40.72
CA VAL M 31 78.40 -10.85 -39.42
C VAL M 31 79.02 -9.76 -38.55
N ASN M 32 79.22 -10.10 -37.28
CA ASN M 32 79.81 -9.20 -36.29
C ASN M 32 80.24 -10.01 -35.08
N PRO M 33 81.51 -10.42 -34.99
CA PRO M 33 81.93 -11.26 -33.85
C PRO M 33 81.82 -10.57 -32.52
N THR M 34 81.82 -9.23 -32.48
CA THR M 34 81.78 -8.46 -31.23
C THR M 34 80.56 -7.54 -31.27
N PRO M 35 79.38 -8.04 -30.93
CA PRO M 35 78.17 -7.21 -30.95
C PRO M 35 77.96 -6.48 -29.62
N THR M 36 76.93 -5.64 -29.62
CA THR M 36 76.56 -4.89 -28.43
C THR M 36 75.83 -5.80 -27.44
N TRP M 37 75.46 -5.24 -26.29
CA TRP M 37 74.87 -6.05 -25.23
C TRP M 37 74.23 -5.12 -24.20
N VAL M 38 72.90 -5.19 -24.08
CA VAL M 38 72.19 -4.50 -23.02
C VAL M 38 72.22 -5.37 -21.77
N ARG M 39 72.53 -4.76 -20.62
CA ARG M 39 72.78 -5.50 -19.40
C ARG M 39 72.22 -4.76 -18.20
N ALA M 40 72.18 -5.46 -17.06
CA ALA M 40 71.84 -4.89 -15.75
C ALA M 40 72.96 -5.35 -14.81
N ILE M 41 73.97 -4.51 -14.65
CA ILE M 41 75.21 -4.89 -13.99
C ILE M 41 75.06 -4.64 -12.49
N PRO M 42 75.18 -5.67 -11.64
CA PRO M 42 75.16 -5.43 -10.19
C PRO M 42 76.55 -5.40 -9.58
N PHE M 43 76.81 -4.38 -8.76
CA PHE M 43 78.08 -4.29 -8.05
C PHE M 43 77.91 -3.35 -6.86
N GLU M 44 78.88 -3.37 -5.96
CA GLU M 44 78.83 -2.61 -4.72
C GLU M 44 80.01 -1.66 -4.63
N VAL M 45 79.84 -0.61 -3.84
CA VAL M 45 80.87 0.39 -3.60
C VAL M 45 80.89 0.73 -2.12
N SER M 46 82.08 1.03 -1.61
CA SER M 46 82.22 1.47 -0.23
C SER M 46 81.93 2.97 -0.13
N VAL M 47 81.26 3.37 0.94
CA VAL M 47 80.84 4.75 1.14
C VAL M 47 81.21 5.18 2.55
N GLN M 48 81.87 6.33 2.67
CA GLN M 48 82.19 6.90 3.96
C GLN M 48 81.10 7.88 4.40
N SER M 49 80.99 8.06 5.71
CA SER M 49 79.96 8.93 6.25
C SER M 49 80.25 10.39 5.91
N GLY M 50 79.20 11.10 5.47
CA GLY M 50 79.33 12.50 5.14
C GLY M 50 80.18 12.82 3.93
N ILE M 51 80.61 11.80 3.19
CA ILE M 51 81.48 11.97 2.02
C ILE M 51 80.83 11.30 0.82
N ALA M 52 80.88 11.96 -0.32
CA ALA M 52 80.36 11.41 -1.57
C ALA M 52 81.42 10.58 -2.25
N PHE M 53 80.97 9.54 -2.96
CA PHE M 53 81.85 8.62 -3.68
C PHE M 53 81.48 8.65 -5.16
N LYS M 54 82.45 9.01 -6.00
CA LYS M 54 82.24 9.06 -7.44
C LYS M 54 82.36 7.64 -8.00
N VAL M 55 81.23 7.06 -8.36
CA VAL M 55 81.19 5.70 -8.89
C VAL M 55 81.89 5.67 -10.24
N PRO M 56 83.01 4.96 -10.37
CA PRO M 56 83.74 4.95 -11.64
C PRO M 56 83.06 4.05 -12.68
N VAL M 57 83.09 4.51 -13.92
CA VAL M 57 82.52 3.73 -15.02
C VAL M 57 83.29 2.44 -15.22
N GLY M 58 84.57 2.43 -14.87
CA GLY M 58 85.40 1.26 -15.12
C GLY M 58 84.93 0.01 -14.42
N SER M 59 84.18 0.16 -13.32
CA SER M 59 83.67 -1.01 -12.60
C SER M 59 82.74 -1.85 -13.46
N LEU M 60 82.12 -1.26 -14.49
CA LEU M 60 81.24 -2.02 -15.35
C LEU M 60 82.01 -2.99 -16.24
N PHE M 61 83.27 -2.69 -16.54
CA PHE M 61 84.10 -3.53 -17.38
C PHE M 61 84.87 -4.51 -16.49
N SER M 62 84.52 -5.78 -16.56
CA SER M 62 85.18 -6.80 -15.75
C SER M 62 84.81 -8.18 -16.30
N ALA M 63 85.70 -9.14 -16.05
CA ALA M 63 85.40 -10.53 -16.41
C ALA M 63 84.32 -11.12 -15.53
N ASN M 64 84.10 -10.56 -14.34
CA ASN M 64 83.00 -11.00 -13.48
C ASN M 64 81.64 -10.66 -14.06
N PHE M 65 81.58 -9.79 -15.07
CA PHE M 65 80.34 -9.43 -15.73
C PHE M 65 80.31 -9.83 -17.20
N ARG M 66 81.35 -10.49 -17.70
CA ARG M 66 81.47 -10.84 -19.11
C ARG M 66 81.64 -9.61 -19.99
N THR M 67 81.92 -8.46 -19.40
CA THR M 67 81.95 -7.20 -20.14
C THR M 67 83.34 -6.60 -20.27
N ASP M 68 84.40 -7.36 -19.96
CA ASP M 68 85.75 -6.82 -20.04
C ASP M 68 86.19 -6.58 -21.48
N SER M 69 85.54 -7.22 -22.45
CA SER M 69 85.88 -7.00 -23.86
C SER M 69 85.42 -5.64 -24.37
N PHE M 70 84.61 -4.92 -23.60
CA PHE M 70 84.17 -3.58 -23.99
C PHE M 70 85.09 -2.52 -23.40
N THR M 71 85.09 -1.35 -24.05
CA THR M 71 85.84 -0.20 -23.57
C THR M 71 84.97 1.02 -23.33
N SER M 72 83.72 1.02 -23.80
CA SER M 72 82.79 2.11 -23.58
C SER M 72 81.42 1.51 -23.26
N VAL M 73 80.53 2.36 -22.74
CA VAL M 73 79.20 1.92 -22.34
C VAL M 73 78.28 3.13 -22.31
N THR M 74 77.04 2.92 -22.72
CA THR M 74 76.00 3.96 -22.71
C THR M 74 75.04 3.65 -21.57
N VAL M 75 75.07 4.47 -20.53
CA VAL M 75 74.24 4.26 -19.35
C VAL M 75 72.83 4.78 -19.63
N MET M 76 71.83 4.01 -19.22
CA MET M 76 70.43 4.38 -19.38
C MET M 76 69.77 4.75 -18.05
N SER M 77 69.89 3.91 -17.04
CA SER M 77 69.32 4.19 -15.73
C SER M 77 70.26 3.66 -14.65
N VAL M 78 70.16 4.24 -13.46
CA VAL M 78 71.00 3.90 -12.32
C VAL M 78 70.10 3.71 -11.11
N ARG M 79 70.25 2.57 -10.43
CA ARG M 79 69.49 2.28 -9.21
C ARG M 79 70.46 1.89 -8.10
N ALA M 80 70.13 2.27 -6.88
CA ALA M 80 71.02 2.07 -5.74
C ALA M 80 70.24 1.59 -4.53
N TRP M 81 70.85 0.65 -3.80
CA TRP M 81 70.31 0.15 -2.54
C TRP M 81 71.40 0.20 -1.48
N THR M 82 70.99 0.34 -0.22
CA THR M 82 71.93 0.29 0.89
C THR M 82 72.28 -1.17 1.18
N GLN M 83 73.57 -1.49 1.15
CA GLN M 83 74.02 -2.87 1.26
C GLN M 83 74.25 -3.31 2.70
N LEU M 84 74.57 -2.39 3.60
CA LEU M 84 74.81 -2.70 5.00
C LEU M 84 73.81 -1.96 5.89
N THR M 85 73.83 -2.28 7.17
CA THR M 85 72.87 -1.72 8.10
C THR M 85 73.22 -0.26 8.42
N PRO M 86 72.23 0.55 8.79
CA PRO M 86 72.50 1.95 9.12
C PRO M 86 73.07 2.09 10.52
N PRO M 87 73.47 3.30 10.92
CA PRO M 87 73.92 3.50 12.31
C PRO M 87 72.80 3.23 13.30
N VAL M 88 73.18 3.23 14.58
CA VAL M 88 72.22 2.97 15.64
C VAL M 88 71.21 4.11 15.69
N ASN M 89 69.93 3.77 15.81
CA ASN M 89 68.81 4.69 15.95
C ASN M 89 68.44 5.41 14.66
N GLU M 90 69.09 5.09 13.54
CA GLU M 90 68.86 5.78 12.28
C GLU M 90 68.19 4.87 11.27
N TYR M 91 67.52 5.48 10.31
CA TYR M 91 66.98 4.80 9.15
C TYR M 91 67.92 4.97 7.97
N SER M 92 68.11 3.90 7.20
CA SER M 92 69.01 3.95 6.06
C SER M 92 68.53 4.97 5.04
N PHE M 93 69.49 5.57 4.33
CA PHE M 93 69.18 6.47 3.23
C PHE M 93 70.31 6.43 2.22
N VAL M 94 69.99 6.81 0.99
CA VAL M 94 70.96 6.82 -0.10
C VAL M 94 70.61 7.97 -1.04
N ARG M 95 71.63 8.66 -1.54
CA ARG M 95 71.45 9.77 -2.46
C ARG M 95 72.23 9.51 -3.74
N LEU M 96 71.75 10.08 -4.84
CA LEU M 96 72.38 9.93 -6.14
C LEU M 96 72.42 11.28 -6.84
N LYS M 97 73.61 11.66 -7.31
CA LYS M 97 73.79 12.88 -8.09
C LYS M 97 74.35 12.53 -9.46
N PRO M 98 73.56 12.65 -10.52
CA PRO M 98 74.06 12.27 -11.85
C PRO M 98 75.26 13.11 -12.27
N LEU M 99 76.20 12.48 -12.94
CA LEU M 99 77.40 13.14 -13.46
C LEU M 99 77.47 12.98 -14.97
N PHE M 100 77.86 14.05 -15.66
CA PHE M 100 77.98 14.04 -17.11
C PHE M 100 79.23 14.81 -17.51
N LYS M 101 79.95 14.27 -18.49
CA LYS M 101 81.18 14.92 -18.95
C LYS M 101 80.90 16.30 -19.52
N THR M 102 79.73 16.50 -20.13
CA THR M 102 79.35 17.81 -20.65
C THR M 102 78.83 18.74 -19.56
N GLY M 103 78.75 18.28 -18.31
CA GLY M 103 78.28 19.10 -17.22
C GLY M 103 77.61 18.32 -16.12
N ASP M 104 78.26 18.22 -14.96
CA ASP M 104 77.71 17.48 -13.84
C ASP M 104 76.43 18.14 -13.35
N SER M 105 75.50 17.31 -12.87
CA SER M 105 74.24 17.79 -12.36
C SER M 105 74.33 18.08 -10.86
N THR M 106 73.27 18.67 -10.31
CA THR M 106 73.19 19.00 -8.90
C THR M 106 71.99 18.37 -8.21
N GLU M 107 71.29 17.45 -8.87
CA GLU M 107 70.18 16.77 -8.24
C GLU M 107 70.69 15.79 -7.19
N GLU M 108 69.89 15.59 -6.14
CA GLU M 108 70.20 14.63 -5.08
C GLU M 108 68.98 13.73 -4.89
N PHE M 109 68.77 12.83 -5.86
CA PHE M 109 67.69 11.86 -5.78
C PHE M 109 67.88 10.97 -4.55
N GLU M 110 67.07 11.19 -3.52
CA GLU M 110 67.23 10.53 -2.24
C GLU M 110 66.10 9.53 -2.01
N GLY M 111 66.43 8.43 -1.34
CA GLY M 111 65.45 7.46 -0.91
C GLY M 111 65.75 6.97 0.49
N ARG M 112 64.76 6.96 1.36
CA ARG M 112 64.93 6.56 2.75
C ARG M 112 64.06 5.36 3.07
N ALA M 113 64.53 4.54 3.99
CA ALA M 113 63.79 3.38 4.43
C ALA M 113 62.81 3.77 5.54
N SER M 114 61.66 3.09 5.56
CA SER M 114 60.68 3.26 6.61
C SER M 114 60.81 2.22 7.71
N ASN M 115 61.70 1.25 7.55
CA ASN M 115 62.00 0.26 8.57
C ASN M 115 63.51 0.17 8.71
N ILE M 116 64.00 0.26 9.95
CA ILE M 116 65.45 0.30 10.17
C ILE M 116 66.12 -0.94 9.63
N ASN M 117 65.42 -2.08 9.61
CA ASN M 117 65.99 -3.32 9.10
C ASN M 117 65.90 -3.43 7.59
N THR M 118 65.22 -2.50 6.92
CA THR M 118 65.02 -2.55 5.48
C THR M 118 65.95 -1.58 4.77
N ARG M 119 66.37 -1.97 3.57
CA ARG M 119 67.23 -1.12 2.76
C ARG M 119 66.52 0.18 2.38
N ALA M 120 67.32 1.14 1.92
CA ALA M 120 66.83 2.34 1.27
C ALA M 120 67.14 2.26 -0.21
N SER M 121 66.20 2.69 -1.04
CA SER M 121 66.33 2.54 -2.48
C SER M 121 65.94 3.82 -3.20
N VAL M 122 66.64 4.11 -4.29
CA VAL M 122 66.32 5.26 -5.13
C VAL M 122 67.05 5.07 -6.46
N GLY M 123 66.59 5.78 -7.49
CA GLY M 123 67.22 5.69 -8.79
C GLY M 123 66.82 6.85 -9.67
N TYR M 124 67.56 7.00 -10.77
CA TYR M 124 67.28 8.07 -11.73
C TYR M 124 67.49 7.57 -13.15
N ARG M 125 66.62 8.01 -14.05
CA ARG M 125 66.73 7.69 -15.46
C ARG M 125 67.48 8.78 -16.19
N ILE M 126 68.26 8.40 -17.19
CA ILE M 126 69.02 9.32 -18.02
C ILE M 126 68.23 9.58 -19.30
N PRO M 127 67.97 10.84 -19.66
CA PRO M 127 67.21 11.11 -20.88
C PRO M 127 68.00 10.71 -22.13
N THR M 128 67.25 10.49 -23.21
CA THR M 128 67.86 10.03 -24.45
C THR M 128 68.90 11.02 -24.96
N ASN M 129 68.65 12.32 -24.80
CA ASN M 129 69.58 13.34 -25.25
C ASN M 129 70.86 13.38 -24.43
N LEU M 130 70.91 12.70 -23.29
CA LEU M 130 72.11 12.63 -22.47
C LEU M 130 72.69 11.21 -22.41
N ARG M 131 72.41 10.38 -23.41
CA ARG M 131 72.89 9.00 -23.45
C ARG M 131 74.02 8.92 -24.47
N GLN M 132 75.21 9.33 -24.03
CA GLN M 132 76.43 9.20 -24.81
C GLN M 132 77.32 8.14 -24.16
N ASN M 133 78.43 7.84 -24.83
CA ASN M 133 79.35 6.83 -24.33
C ASN M 133 80.18 7.38 -23.17
N THR M 134 80.63 6.47 -22.32
CA THR M 134 81.53 6.79 -21.21
C THR M 134 82.60 5.73 -21.12
N VAL M 135 83.82 6.16 -20.78
CA VAL M 135 84.96 5.26 -20.70
C VAL M 135 85.29 5.01 -19.23
N ALA M 136 86.25 4.12 -18.99
CA ALA M 136 86.56 3.67 -17.64
C ALA M 136 86.96 4.83 -16.73
N ALA M 137 87.68 5.81 -17.28
CA ALA M 137 88.14 6.93 -16.47
C ALA M 137 86.99 7.83 -16.02
N ASP M 138 85.83 7.73 -16.67
CA ASP M 138 84.70 8.58 -16.32
C ASP M 138 83.99 8.05 -15.07
N ASN M 139 83.11 8.88 -14.52
CA ASN M 139 82.34 8.55 -13.33
C ASN M 139 80.85 8.58 -13.67
N VAL M 140 80.10 7.70 -13.03
CA VAL M 140 78.66 7.61 -13.28
C VAL M 140 77.91 8.66 -12.47
N CYS M 141 78.06 8.62 -11.16
CA CYS M 141 77.30 9.51 -10.27
C CYS M 141 77.95 9.49 -8.90
N GLU M 142 77.66 10.54 -8.12
CA GLU M 142 78.06 10.61 -6.73
C GLU M 142 77.01 9.91 -5.86
N VAL M 143 77.48 9.21 -4.84
CA VAL M 143 76.61 8.44 -3.95
C VAL M 143 76.89 8.88 -2.52
N ARG M 144 75.82 9.12 -1.76
CA ARG M 144 75.91 9.46 -0.35
C ARG M 144 74.98 8.57 0.44
N SER M 145 75.43 8.15 1.63
CA SER M 145 74.66 7.24 2.46
C SER M 145 75.24 7.21 3.86
N ASN M 146 74.39 6.97 4.85
CA ASN M 146 74.85 6.70 6.20
C ASN M 146 75.35 5.27 6.38
N CYS M 147 75.11 4.40 5.39
CA CYS M 147 75.63 3.05 5.39
C CYS M 147 76.97 3.01 4.67
N ARG M 148 77.75 1.97 4.96
CA ARG M 148 79.11 1.89 4.46
C ARG M 148 79.22 1.27 3.08
N GLN M 149 78.20 0.56 2.61
CA GLN M 149 78.22 -0.03 1.28
C GLN M 149 76.88 0.15 0.60
N VAL M 150 76.92 0.43 -0.70
CA VAL M 150 75.73 0.66 -1.51
C VAL M 150 75.72 -0.36 -2.64
N ALA M 151 74.57 -1.01 -2.83
CA ALA M 151 74.40 -1.99 -3.90
C ALA M 151 73.79 -1.30 -5.12
N LEU M 152 74.49 -1.36 -6.24
CA LEU M 152 74.10 -0.66 -7.46
C LEU M 152 73.67 -1.66 -8.54
N VAL M 153 72.66 -1.28 -9.33
CA VAL M 153 72.24 -2.01 -10.51
C VAL M 153 72.04 -1.00 -11.62
N ILE M 154 72.90 -1.03 -12.63
CA ILE M 154 72.95 -0.01 -13.66
C ILE M 154 72.52 -0.64 -14.98
N SER M 155 71.37 -0.19 -15.51
CA SER M 155 70.93 -0.60 -16.84
C SER M 155 71.68 0.22 -17.87
N CYS M 156 72.52 -0.43 -18.66
CA CYS M 156 73.41 0.25 -19.60
C CYS M 156 73.50 -0.54 -20.89
N CYS M 157 74.19 0.03 -21.86
CA CYS M 157 74.36 -0.56 -23.18
C CYS M 157 75.84 -0.63 -23.52
N PHE M 158 76.41 -1.83 -23.46
CA PHE M 158 77.81 -2.03 -23.79
C PHE M 158 78.01 -2.03 -25.30
N ASN M 159 78.99 -1.26 -25.77
CA ASN M 159 79.31 -1.22 -27.19
C ASN M 159 80.80 -0.98 -27.39
N ASN N 16 26.07 -40.08 -4.53
CA ASN N 16 26.98 -41.09 -3.97
C ASN N 16 26.18 -42.20 -3.30
N SER N 17 26.83 -43.34 -3.06
CA SER N 17 26.20 -44.51 -2.48
C SER N 17 26.64 -44.67 -1.03
N ASN N 18 26.18 -45.77 -0.41
CA ASN N 18 26.51 -46.08 0.97
C ASN N 18 27.02 -47.51 1.15
N VAL N 19 27.01 -48.33 0.10
CA VAL N 19 27.45 -49.72 0.18
C VAL N 19 28.34 -50.01 -1.03
N VAL N 20 28.95 -51.20 -1.01
CA VAL N 20 29.83 -51.61 -2.09
C VAL N 20 29.02 -51.89 -3.35
N THR N 21 29.64 -51.64 -4.50
CA THR N 21 29.01 -51.87 -5.80
C THR N 21 29.97 -52.65 -6.69
N MET N 22 29.41 -53.46 -7.57
CA MET N 22 30.20 -54.35 -8.42
C MET N 22 30.81 -53.59 -9.59
N ILE N 23 32.03 -53.97 -9.95
CA ILE N 23 32.74 -53.41 -11.10
C ILE N 23 32.86 -54.50 -12.15
N ARG N 24 32.31 -54.24 -13.34
CA ARG N 24 32.35 -55.21 -14.44
C ARG N 24 33.71 -55.09 -15.12
N ALA N 25 34.72 -55.67 -14.48
CA ALA N 25 36.08 -55.63 -15.01
C ALA N 25 36.20 -56.53 -16.23
N GLY N 26 37.20 -56.23 -17.06
CA GLY N 26 37.44 -57.01 -18.26
C GLY N 26 38.77 -57.73 -18.25
N SER N 27 39.60 -57.45 -19.24
CA SER N 27 40.92 -58.09 -19.33
C SER N 27 41.88 -57.46 -18.33
N TYR N 28 42.96 -58.19 -18.06
CA TYR N 28 43.99 -57.68 -17.16
C TYR N 28 44.68 -56.48 -17.80
N PRO N 29 44.70 -55.32 -17.14
CA PRO N 29 45.23 -54.11 -17.79
C PRO N 29 46.76 -54.05 -17.73
N LYS N 30 47.30 -53.04 -18.39
CA LYS N 30 48.73 -52.78 -18.31
C LYS N 30 49.05 -52.23 -16.93
N VAL N 31 50.00 -52.86 -16.23
CA VAL N 31 50.31 -52.51 -14.86
C VAL N 31 51.78 -52.10 -14.75
N ASN N 32 52.09 -51.45 -13.63
CA ASN N 32 53.46 -51.03 -13.32
C ASN N 32 53.58 -50.83 -11.82
N PRO N 33 54.31 -51.71 -11.12
CA PRO N 33 54.42 -51.59 -9.66
C PRO N 33 55.36 -50.49 -9.19
N THR N 34 56.20 -49.95 -10.08
CA THR N 34 57.17 -48.91 -9.74
C THR N 34 57.04 -47.78 -10.74
N PRO N 35 56.11 -46.83 -10.52
CA PRO N 35 55.90 -45.76 -11.50
C PRO N 35 56.80 -44.54 -11.27
N THR N 36 56.61 -43.50 -12.08
CA THR N 36 57.31 -42.24 -11.91
C THR N 36 56.65 -41.43 -10.79
N TRP N 37 57.19 -40.26 -10.52
CA TRP N 37 56.64 -39.40 -9.46
C TRP N 37 57.22 -38.01 -9.62
N VAL N 38 56.35 -37.03 -9.83
CA VAL N 38 56.74 -35.63 -9.88
C VAL N 38 56.63 -35.06 -8.48
N ARG N 39 57.72 -34.46 -8.00
CA ARG N 39 57.84 -34.08 -6.60
C ARG N 39 58.45 -32.69 -6.47
N ALA N 40 58.38 -32.16 -5.25
CA ALA N 40 59.06 -30.93 -4.85
C ALA N 40 59.79 -31.25 -3.55
N ILE N 41 61.08 -31.55 -3.64
CA ILE N 41 61.83 -32.14 -2.53
C ILE N 41 62.40 -31.01 -1.69
N PRO N 42 62.04 -30.91 -0.40
CA PRO N 42 62.67 -29.92 0.47
C PRO N 42 63.78 -30.49 1.34
N PHE N 43 64.97 -29.91 1.26
CA PHE N 43 66.08 -30.32 2.11
C PHE N 43 67.04 -29.15 2.27
N GLU N 44 67.97 -29.29 3.20
CA GLU N 44 68.90 -28.22 3.55
C GLU N 44 70.32 -28.63 3.21
N VAL N 45 71.16 -27.62 2.97
CA VAL N 45 72.59 -27.82 2.72
C VAL N 45 73.36 -26.77 3.49
N SER N 46 74.55 -27.15 3.95
CA SER N 46 75.43 -26.25 4.67
C SER N 46 76.33 -25.52 3.67
N VAL N 47 76.36 -24.19 3.77
CA VAL N 47 77.13 -23.35 2.87
C VAL N 47 78.07 -22.48 3.70
N GLN N 48 79.26 -22.23 3.16
CA GLN N 48 80.28 -21.43 3.82
C GLN N 48 80.46 -20.10 3.09
N SER N 49 81.08 -19.15 3.79
CA SER N 49 81.18 -17.78 3.30
C SER N 49 82.15 -17.71 2.13
N GLY N 50 81.72 -17.08 1.04
CA GLY N 50 82.55 -16.92 -0.13
C GLY N 50 82.95 -18.20 -0.84
N ILE N 51 82.31 -19.33 -0.52
CA ILE N 51 82.63 -20.61 -1.13
C ILE N 51 81.33 -21.23 -1.66
N ALA N 52 81.40 -21.82 -2.85
CA ALA N 52 80.24 -22.48 -3.44
C ALA N 52 80.17 -23.93 -2.98
N PHE N 53 78.95 -24.40 -2.73
CA PHE N 53 78.71 -25.79 -2.37
C PHE N 53 77.97 -26.48 -3.51
N LYS N 54 78.51 -27.62 -3.95
CA LYS N 54 77.90 -28.39 -5.03
C LYS N 54 76.80 -29.28 -4.44
N VAL N 55 75.55 -29.01 -4.81
CA VAL N 55 74.43 -29.80 -4.30
C VAL N 55 74.41 -31.16 -5.00
N PRO N 56 74.56 -32.25 -4.25
CA PRO N 56 74.54 -33.57 -4.88
C PRO N 56 73.12 -34.05 -5.16
N VAL N 57 72.96 -34.74 -6.30
CA VAL N 57 71.66 -35.31 -6.63
C VAL N 57 71.31 -36.43 -5.67
N GLY N 58 72.31 -37.07 -5.07
CA GLY N 58 72.06 -38.17 -4.15
C GLY N 58 71.24 -37.80 -2.94
N SER N 59 71.18 -36.51 -2.59
CA SER N 59 70.36 -36.09 -1.47
C SER N 59 68.87 -36.25 -1.77
N LEU N 60 68.49 -36.22 -3.05
CA LEU N 60 67.08 -36.36 -3.40
C LEU N 60 66.58 -37.77 -3.14
N PHE N 61 67.45 -38.78 -3.26
CA PHE N 61 67.07 -40.17 -3.03
C PHE N 61 67.28 -40.49 -1.56
N SER N 62 66.18 -40.60 -0.80
CA SER N 62 66.26 -40.88 0.62
C SER N 62 64.88 -41.34 1.10
N ALA N 63 64.89 -42.17 2.15
CA ALA N 63 63.64 -42.64 2.72
C ALA N 63 62.83 -41.51 3.35
N ASN N 64 63.49 -40.40 3.73
CA ASN N 64 62.78 -39.25 4.26
C ASN N 64 61.93 -38.56 3.20
N PHE N 65 62.09 -38.91 1.93
CA PHE N 65 61.31 -38.34 0.83
C PHE N 65 60.52 -39.40 0.07
N ARG N 66 60.49 -40.64 0.56
CA ARG N 66 59.85 -41.76 -0.11
C ARG N 66 60.45 -42.01 -1.48
N THR N 67 61.74 -41.68 -1.65
CA THR N 67 62.41 -41.83 -2.95
C THR N 67 63.66 -42.70 -2.84
N ASP N 68 63.73 -43.59 -1.86
CA ASP N 68 64.87 -44.47 -1.72
C ASP N 68 64.88 -45.60 -2.75
N SER N 69 63.77 -45.84 -3.43
CA SER N 69 63.71 -46.86 -4.47
C SER N 69 64.15 -46.36 -5.84
N PHE N 70 64.19 -45.04 -6.04
CA PHE N 70 64.64 -44.49 -7.30
C PHE N 70 66.16 -44.41 -7.34
N THR N 71 66.71 -44.53 -8.55
CA THR N 71 68.14 -44.35 -8.77
C THR N 71 68.46 -43.18 -9.70
N SER N 72 67.46 -42.63 -10.39
CA SER N 72 67.65 -41.50 -11.29
C SER N 72 66.52 -40.51 -11.07
N VAL N 73 66.67 -39.31 -11.62
CA VAL N 73 65.68 -38.26 -11.47
C VAL N 73 65.95 -37.21 -12.54
N THR N 74 64.88 -36.53 -12.98
CA THR N 74 64.96 -35.45 -13.95
C THR N 74 64.57 -34.15 -13.24
N VAL N 75 65.53 -33.25 -13.08
CA VAL N 75 65.29 -31.99 -12.38
C VAL N 75 64.72 -30.99 -13.37
N MET N 76 63.66 -30.30 -12.95
CA MET N 76 62.99 -29.30 -13.78
C MET N 76 63.30 -27.88 -13.35
N SER N 77 63.11 -27.55 -12.06
CA SER N 77 63.37 -26.22 -11.55
C SER N 77 63.91 -26.32 -10.13
N VAL N 78 64.79 -25.38 -9.79
CA VAL N 78 65.45 -25.36 -8.49
C VAL N 78 65.16 -24.01 -7.83
N ARG N 79 64.80 -24.05 -6.55
CA ARG N 79 64.55 -22.87 -5.75
C ARG N 79 65.31 -22.98 -4.44
N ALA N 80 65.89 -21.87 -4.00
CA ALA N 80 66.71 -21.83 -2.80
C ALA N 80 66.17 -20.79 -1.82
N TRP N 81 66.56 -20.94 -0.55
CA TRP N 81 66.21 -20.00 0.50
C TRP N 81 67.27 -20.05 1.59
N THR N 82 67.64 -18.88 2.10
CA THR N 82 68.61 -18.82 3.20
C THR N 82 67.93 -19.30 4.48
N GLN N 83 68.47 -20.37 5.07
CA GLN N 83 67.84 -21.02 6.22
C GLN N 83 68.22 -20.38 7.55
N LEU N 84 69.35 -19.69 7.62
CA LEU N 84 69.80 -19.06 8.86
C LEU N 84 69.98 -17.56 8.65
N THR N 85 70.26 -16.86 9.74
CA THR N 85 70.41 -15.42 9.69
C THR N 85 71.74 -15.03 9.05
N PRO N 86 71.82 -13.85 8.44
CA PRO N 86 73.06 -13.42 7.80
C PRO N 86 74.05 -12.93 8.84
N PRO N 87 75.30 -12.68 8.45
CA PRO N 87 76.26 -12.08 9.37
C PRO N 87 75.80 -10.71 9.83
N VAL N 88 76.43 -10.22 10.90
CA VAL N 88 76.07 -8.92 11.46
C VAL N 88 76.29 -7.82 10.43
N ASN N 89 75.33 -6.90 10.37
CA ASN N 89 75.31 -5.73 9.49
C ASN N 89 75.05 -6.06 8.03
N GLU N 90 74.85 -7.33 7.68
CA GLU N 90 74.67 -7.73 6.29
C GLU N 90 73.25 -8.21 6.03
N TYR N 91 72.87 -8.15 4.76
CA TYR N 91 71.62 -8.72 4.27
C TYR N 91 71.89 -10.07 3.64
N SER N 92 70.95 -10.99 3.82
CA SER N 92 71.12 -12.34 3.27
C SER N 92 71.09 -12.31 1.75
N PHE N 93 71.94 -13.14 1.13
CA PHE N 93 71.91 -13.35 -0.30
C PHE N 93 72.23 -14.81 -0.60
N VAL N 94 71.81 -15.26 -1.78
CA VAL N 94 72.00 -16.65 -2.18
C VAL N 94 72.17 -16.68 -3.70
N ARG N 95 73.15 -17.44 -4.16
CA ARG N 95 73.44 -17.58 -5.59
C ARG N 95 73.24 -19.03 -6.01
N LEU N 96 72.91 -19.22 -7.28
CA LEU N 96 72.70 -20.56 -7.85
C LEU N 96 73.38 -20.62 -9.20
N LYS N 97 74.29 -21.58 -9.37
CA LYS N 97 74.95 -21.80 -10.65
C LYS N 97 74.54 -23.16 -11.18
N PRO N 98 73.70 -23.23 -12.22
CA PRO N 98 73.26 -24.54 -12.74
C PRO N 98 74.44 -25.36 -13.24
N LEU N 99 74.39 -26.66 -12.95
CA LEU N 99 75.42 -27.61 -13.37
C LEU N 99 74.79 -28.69 -14.24
N PHE N 100 75.49 -29.06 -15.32
CA PHE N 100 75.02 -30.07 -16.24
C PHE N 100 76.18 -30.97 -16.64
N LYS N 101 75.92 -32.27 -16.75
CA LYS N 101 76.96 -33.21 -17.14
C LYS N 101 77.50 -32.89 -18.52
N THR N 102 76.63 -32.48 -19.45
CA THR N 102 77.07 -32.09 -20.78
C THR N 102 77.81 -30.76 -20.78
N GLY N 103 77.77 -30.01 -19.68
CA GLY N 103 78.47 -28.74 -19.60
C GLY N 103 77.97 -27.85 -18.48
N ASP N 104 78.81 -27.63 -17.47
CA ASP N 104 78.45 -26.74 -16.38
C ASP N 104 78.32 -25.31 -16.87
N SER N 105 77.41 -24.57 -16.25
CA SER N 105 77.14 -23.19 -16.63
C SER N 105 77.94 -22.22 -15.77
N THR N 106 77.84 -20.94 -16.12
CA THR N 106 78.50 -19.87 -15.38
C THR N 106 77.50 -18.83 -14.86
N GLU N 107 76.20 -19.07 -15.03
CA GLU N 107 75.20 -18.15 -14.51
C GLU N 107 75.21 -18.15 -12.99
N GLU N 108 74.95 -16.99 -12.40
CA GLU N 108 74.89 -16.81 -10.95
C GLU N 108 73.58 -16.11 -10.60
N PHE N 109 72.47 -16.83 -10.76
CA PHE N 109 71.16 -16.32 -10.39
C PHE N 109 71.14 -15.99 -8.90
N GLU N 110 71.08 -14.70 -8.57
CA GLU N 110 71.29 -14.22 -7.21
C GLU N 110 70.07 -13.45 -6.73
N GLY N 111 69.74 -13.66 -5.47
CA GLY N 111 68.67 -12.91 -4.83
C GLY N 111 69.12 -12.44 -3.45
N ARG N 112 68.80 -11.19 -3.15
CA ARG N 112 69.21 -10.56 -1.90
C ARG N 112 67.97 -10.15 -1.12
N ALA N 113 68.05 -10.30 0.21
CA ALA N 113 66.96 -9.89 1.08
C ALA N 113 67.04 -8.39 1.35
N SER N 114 65.90 -7.71 1.22
CA SER N 114 65.84 -6.29 1.53
C SER N 114 65.63 -6.02 3.02
N ASN N 115 65.36 -7.06 3.81
CA ASN N 115 65.23 -6.95 5.26
C ASN N 115 66.21 -7.92 5.90
N ILE N 116 66.98 -7.43 6.86
CA ILE N 116 68.05 -8.26 7.45
C ILE N 116 67.46 -9.51 8.11
N ASN N 117 66.22 -9.43 8.60
CA ASN N 117 65.57 -10.54 9.27
C ASN N 117 64.78 -11.43 8.31
N THR N 118 64.93 -11.22 7.00
CA THR N 118 64.16 -11.96 6.00
C THR N 118 65.10 -12.80 5.14
N ARG N 119 64.56 -13.90 4.62
CA ARG N 119 65.34 -14.79 3.78
C ARG N 119 65.59 -14.18 2.40
N ALA N 120 66.60 -14.72 1.72
CA ALA N 120 66.80 -14.52 0.30
C ALA N 120 66.45 -15.81 -0.44
N SER N 121 65.92 -15.66 -1.65
CA SER N 121 65.25 -16.76 -2.33
C SER N 121 65.96 -17.06 -3.62
N VAL N 122 65.53 -16.49 -4.76
CA VAL N 122 66.05 -16.75 -6.11
C VAL N 122 65.84 -18.21 -6.51
N GLY N 123 65.93 -18.46 -7.81
CA GLY N 123 65.74 -19.79 -8.35
C GLY N 123 65.87 -19.74 -9.87
N TYR N 124 65.97 -20.92 -10.47
CA TYR N 124 66.14 -21.02 -11.91
C TYR N 124 65.37 -22.21 -12.44
N ARG N 125 65.04 -22.15 -13.73
CA ARG N 125 64.33 -23.22 -14.42
C ARG N 125 65.25 -23.86 -15.45
N ILE N 126 65.19 -25.19 -15.55
CA ILE N 126 65.98 -25.93 -16.54
C ILE N 126 65.15 -26.06 -17.81
N PRO N 127 65.68 -25.70 -18.98
CA PRO N 127 64.91 -25.85 -20.22
C PRO N 127 64.67 -27.32 -20.54
N THR N 128 63.70 -27.54 -21.43
CA THR N 128 63.32 -28.91 -21.78
C THR N 128 64.46 -29.66 -22.46
N ASN N 129 65.22 -28.96 -23.33
CA ASN N 129 66.32 -29.60 -24.04
C ASN N 129 67.44 -30.05 -23.12
N LEU N 130 67.46 -29.63 -21.86
CA LEU N 130 68.47 -30.02 -20.90
C LEU N 130 67.93 -30.92 -19.80
N ARG N 131 66.66 -31.35 -19.90
CA ARG N 131 66.03 -32.15 -18.85
C ARG N 131 66.30 -33.62 -19.12
N GLN N 132 67.48 -34.06 -18.69
CA GLN N 132 67.86 -35.47 -18.72
C GLN N 132 68.00 -35.98 -17.29
N ASN N 133 68.20 -37.29 -17.17
CA ASN N 133 68.30 -37.92 -15.87
C ASN N 133 69.65 -37.63 -15.22
N THR N 134 69.65 -37.59 -13.88
CA THR N 134 70.85 -37.39 -13.09
C THR N 134 70.86 -38.41 -11.96
N VAL N 135 72.01 -39.05 -11.75
CA VAL N 135 72.15 -40.06 -10.72
C VAL N 135 72.74 -39.45 -9.46
N ALA N 136 72.93 -40.26 -8.42
CA ALA N 136 73.38 -39.74 -7.14
C ALA N 136 74.74 -39.07 -7.24
N ALA N 137 75.65 -39.63 -8.05
CA ALA N 137 76.98 -39.06 -8.17
C ALA N 137 76.98 -37.68 -8.83
N ASP N 138 75.91 -37.33 -9.53
CA ASP N 138 75.86 -36.05 -10.23
C ASP N 138 75.58 -34.91 -9.25
N ASN N 139 75.65 -33.69 -9.77
CA ASN N 139 75.39 -32.49 -8.99
C ASN N 139 74.34 -31.65 -9.69
N VAL N 140 73.52 -30.95 -8.91
CA VAL N 140 72.46 -30.12 -9.44
C VAL N 140 73.02 -28.73 -9.75
N CYS N 141 73.48 -28.03 -8.72
CA CYS N 141 73.94 -26.66 -8.88
C CYS N 141 74.88 -26.32 -7.72
N GLU N 142 75.57 -25.19 -7.88
CA GLU N 142 76.41 -24.63 -6.83
C GLU N 142 75.64 -23.56 -6.08
N VAL N 143 75.81 -23.52 -4.75
CA VAL N 143 75.08 -22.60 -3.89
C VAL N 143 76.08 -21.75 -3.11
N ARG N 144 76.00 -20.44 -3.30
CA ARG N 144 76.76 -19.48 -2.51
C ARG N 144 75.81 -18.66 -1.66
N SER N 145 76.24 -18.35 -0.44
CA SER N 145 75.42 -17.57 0.47
C SER N 145 76.27 -17.14 1.66
N ASN N 146 76.09 -15.89 2.07
CA ASN N 146 76.72 -15.43 3.31
C ASN N 146 76.09 -16.05 4.55
N CYS N 147 74.94 -16.72 4.40
CA CYS N 147 74.36 -17.47 5.50
C CYS N 147 74.96 -18.87 5.55
N ARG N 148 74.90 -19.48 6.74
CA ARG N 148 75.58 -20.75 6.95
C ARG N 148 74.81 -21.94 6.39
N GLN N 149 73.50 -21.79 6.15
CA GLN N 149 72.71 -22.87 5.60
C GLN N 149 71.72 -22.31 4.60
N VAL N 150 71.36 -23.14 3.61
CA VAL N 150 70.44 -22.74 2.55
C VAL N 150 69.37 -23.81 2.41
N ALA N 151 68.10 -23.39 2.48
CA ALA N 151 66.97 -24.28 2.26
C ALA N 151 66.67 -24.36 0.76
N LEU N 152 66.45 -25.58 0.28
CA LEU N 152 66.24 -25.82 -1.15
C LEU N 152 64.94 -26.59 -1.36
N VAL N 153 64.24 -26.24 -2.44
CA VAL N 153 63.05 -26.95 -2.89
C VAL N 153 63.24 -27.22 -4.38
N ILE N 154 63.43 -28.49 -4.74
CA ILE N 154 63.75 -28.89 -6.09
C ILE N 154 62.54 -29.61 -6.69
N SER N 155 61.98 -29.02 -7.75
CA SER N 155 60.89 -29.64 -8.49
C SER N 155 61.48 -30.57 -9.53
N CYS N 156 61.28 -31.88 -9.36
CA CYS N 156 61.90 -32.88 -10.20
C CYS N 156 60.92 -34.02 -10.46
N CYS N 157 61.29 -34.87 -11.41
CA CYS N 157 60.49 -36.03 -11.80
C CYS N 157 61.33 -37.29 -11.58
N PHE N 158 60.95 -38.09 -10.60
CA PHE N 158 61.68 -39.30 -10.27
C PHE N 158 61.31 -40.43 -11.23
N ASN N 159 62.31 -41.15 -11.72
CA ASN N 159 62.09 -42.27 -12.62
C ASN N 159 63.25 -43.25 -12.56
N ARG O 10 -0.43 4.29 -0.31
CA ARG O 10 1.00 4.56 -0.43
C ARG O 10 1.75 4.17 0.83
N LYS O 11 1.36 3.05 1.44
CA LYS O 11 1.96 2.61 2.70
C LYS O 11 2.24 1.11 2.64
N SER O 12 3.43 0.73 3.08
CA SER O 12 3.82 -0.68 3.13
C SER O 12 5.07 -0.86 3.98
N THR O 13 5.45 0.17 4.73
CA THR O 13 6.61 0.10 5.61
C THR O 13 6.21 -0.58 6.93
N GLY O 14 6.79 -1.74 7.20
CA GLY O 14 6.38 -2.49 8.38
C GLY O 14 7.28 -3.60 8.87
N ASP O 15 8.40 -3.23 9.50
CA ASP O 15 9.23 -4.22 10.17
C ASP O 15 9.99 -3.66 11.36
N ASN O 16 9.88 -2.37 11.68
CA ASN O 16 10.54 -1.77 12.82
C ASN O 16 9.49 -1.61 13.93
N SER O 17 9.37 -2.64 14.76
CA SER O 17 8.39 -2.64 15.83
C SER O 17 9.01 -2.11 17.12
N ASN O 18 8.22 -1.35 17.88
CA ASN O 18 8.65 -0.79 19.14
C ASN O 18 8.06 -1.48 20.36
N VAL O 19 6.94 -2.21 20.19
CA VAL O 19 6.28 -2.89 21.29
C VAL O 19 6.28 -4.38 21.02
N VAL O 20 5.95 -5.15 22.07
CA VAL O 20 5.83 -6.59 21.93
C VAL O 20 4.62 -6.93 21.07
N THR O 21 4.75 -7.96 20.25
CA THR O 21 3.67 -8.45 19.40
C THR O 21 3.39 -9.90 19.73
N MET O 22 2.25 -10.39 19.26
CA MET O 22 1.82 -11.74 19.55
C MET O 22 2.33 -12.71 18.49
N ILE O 23 2.71 -13.91 18.93
CA ILE O 23 3.16 -14.97 18.05
C ILE O 23 2.11 -16.07 18.08
N ARG O 24 1.48 -16.33 16.93
CA ARG O 24 0.42 -17.33 16.83
C ARG O 24 1.05 -18.70 16.62
N ALA O 25 1.48 -19.30 17.73
CA ALA O 25 2.11 -20.61 17.68
C ALA O 25 1.08 -21.69 17.40
N GLY O 26 1.58 -22.90 17.14
CA GLY O 26 0.71 -24.04 16.86
C GLY O 26 1.00 -25.22 17.75
N SER O 27 1.28 -26.37 17.15
CA SER O 27 1.61 -27.56 17.92
C SER O 27 3.04 -27.46 18.45
N TYR O 28 3.33 -28.27 19.46
CA TYR O 28 4.65 -28.23 20.07
C TYR O 28 5.71 -28.70 19.08
N PRO O 29 6.79 -27.97 18.90
CA PRO O 29 7.79 -28.32 17.88
C PRO O 29 8.80 -29.34 18.39
N LYS O 30 9.54 -29.90 17.44
CA LYS O 30 10.67 -30.77 17.78
C LYS O 30 11.79 -29.93 18.39
N VAL O 31 12.31 -30.37 19.54
CA VAL O 31 13.31 -29.62 20.27
C VAL O 31 14.52 -30.48 20.54
N ASN O 32 15.63 -29.81 20.86
CA ASN O 32 16.88 -30.46 21.23
C ASN O 32 17.64 -29.55 22.20
N PRO O 33 17.67 -29.90 23.50
CA PRO O 33 18.32 -29.01 24.47
C PRO O 33 19.83 -29.03 24.38
N THR O 34 20.43 -30.03 23.75
CA THR O 34 21.89 -30.16 23.65
C THR O 34 22.26 -30.37 22.19
N PRO O 35 22.27 -29.30 21.40
CA PRO O 35 22.53 -29.42 19.96
C PRO O 35 24.01 -29.49 19.65
N THR O 36 24.32 -29.55 18.36
CA THR O 36 25.70 -29.53 17.88
C THR O 36 26.25 -28.11 17.92
N TRP O 37 27.51 -27.96 17.53
CA TRP O 37 28.16 -26.65 17.53
C TRP O 37 29.42 -26.71 16.69
N VAL O 38 29.48 -25.90 15.64
CA VAL O 38 30.69 -25.75 14.83
C VAL O 38 31.51 -24.62 15.43
N ARG O 39 32.80 -24.88 15.65
CA ARG O 39 33.65 -23.96 16.42
C ARG O 39 35.04 -23.90 15.80
N ALA O 40 35.82 -22.94 16.30
CA ALA O 40 37.25 -22.86 16.04
C ALA O 40 37.92 -22.69 17.39
N ILE O 41 38.52 -23.75 17.92
CA ILE O 41 39.01 -23.79 19.28
C ILE O 41 40.48 -23.37 19.28
N PRO O 42 40.83 -22.26 19.93
CA PRO O 42 42.26 -21.89 20.03
C PRO O 42 42.90 -22.35 21.33
N PHE O 43 44.08 -22.96 21.23
CA PHE O 43 44.82 -23.39 22.41
C PHE O 43 46.27 -23.58 22.02
N GLU O 44 47.11 -23.79 23.03
CA GLU O 44 48.54 -23.92 22.84
C GLU O 44 49.04 -25.20 23.51
N VAL O 45 50.15 -25.71 23.00
CA VAL O 45 50.79 -26.91 23.53
C VAL O 45 52.29 -26.67 23.65
N SER O 46 52.90 -27.30 24.64
CA SER O 46 54.34 -27.21 24.85
C SER O 46 55.05 -28.24 23.99
N VAL O 47 56.05 -27.79 23.25
CA VAL O 47 56.79 -28.63 22.31
C VAL O 47 58.26 -28.65 22.71
N GLN O 48 58.87 -29.82 22.64
CA GLN O 48 60.29 -29.98 22.92
C GLN O 48 61.08 -30.13 21.62
N SER O 49 62.36 -29.80 21.70
CA SER O 49 63.21 -29.80 20.51
C SER O 49 63.42 -31.22 20.00
N GLY O 50 63.11 -31.43 18.72
CA GLY O 50 63.30 -32.72 18.09
C GLY O 50 62.35 -33.81 18.53
N ILE O 51 61.39 -33.51 19.41
CA ILE O 51 60.47 -34.50 19.94
C ILE O 51 59.06 -34.15 19.47
N ALA O 52 58.34 -35.15 18.97
CA ALA O 52 56.96 -34.94 18.54
C ALA O 52 56.02 -35.00 19.73
N PHE O 53 55.04 -34.10 19.74
CA PHE O 53 54.04 -34.02 20.80
C PHE O 53 52.68 -34.38 20.22
N LYS O 54 52.03 -35.39 20.82
CA LYS O 54 50.70 -35.80 20.39
C LYS O 54 49.65 -34.89 21.04
N VAL O 55 48.95 -34.12 20.21
CA VAL O 55 47.92 -33.20 20.69
C VAL O 55 46.70 -34.02 21.12
N PRO O 56 46.31 -33.97 22.39
CA PRO O 56 45.15 -34.75 22.84
C PRO O 56 43.84 -34.08 22.47
N VAL O 57 42.86 -34.91 22.12
CA VAL O 57 41.54 -34.40 21.80
C VAL O 57 40.89 -33.79 23.04
N GLY O 58 41.25 -34.28 24.23
CA GLY O 58 40.67 -33.78 25.47
C GLY O 58 40.89 -32.30 25.70
N SER O 59 41.88 -31.70 25.05
CA SER O 59 42.09 -30.27 25.14
C SER O 59 40.94 -29.48 24.54
N LEU O 60 40.12 -30.11 23.70
CA LEU O 60 38.99 -29.41 23.09
C LEU O 60 37.81 -29.32 24.05
N PHE O 61 37.57 -30.37 24.84
CA PHE O 61 36.47 -30.39 25.80
C PHE O 61 36.92 -29.66 27.06
N SER O 62 36.48 -28.41 27.22
CA SER O 62 36.89 -27.61 28.37
C SER O 62 35.85 -26.54 28.63
N ALA O 63 35.71 -26.17 29.90
CA ALA O 63 34.85 -25.06 30.27
C ALA O 63 35.39 -23.74 29.73
N ASN O 64 36.68 -23.65 29.45
CA ASN O 64 37.27 -22.46 28.83
C ASN O 64 36.80 -22.26 27.39
N PHE O 65 36.15 -23.27 26.80
CA PHE O 65 35.62 -23.18 25.44
C PHE O 65 34.11 -23.36 25.40
N ARG O 66 33.45 -23.46 26.55
CA ARG O 66 32.04 -23.82 26.66
C ARG O 66 31.75 -25.21 26.14
N THR O 67 32.79 -26.02 25.91
CA THR O 67 32.62 -27.35 25.32
C THR O 67 32.83 -28.46 26.35
N ASP O 68 32.75 -28.14 27.64
CA ASP O 68 32.92 -29.15 28.66
C ASP O 68 31.77 -30.15 28.70
N SER O 69 30.63 -29.82 28.10
CA SER O 69 29.48 -30.71 28.07
C SER O 69 29.57 -31.77 26.98
N PHE O 70 30.54 -31.68 26.08
CA PHE O 70 30.69 -32.65 25.01
C PHE O 70 31.65 -33.76 25.41
N THR O 71 31.48 -34.93 24.78
CA THR O 71 32.40 -36.04 24.93
C THR O 71 32.98 -36.53 23.61
N SER O 72 32.49 -36.02 22.48
CA SER O 72 32.99 -36.41 21.17
C SER O 72 33.02 -35.19 20.27
N VAL O 73 33.84 -35.27 19.22
CA VAL O 73 34.00 -34.14 18.30
C VAL O 73 34.49 -34.69 16.97
N THR O 74 34.06 -34.05 15.88
CA THR O 74 34.45 -34.43 14.52
C THR O 74 35.36 -33.34 13.97
N VAL O 75 36.68 -33.59 14.04
CA VAL O 75 37.65 -32.62 13.55
C VAL O 75 37.58 -32.54 12.04
N MET O 76 37.59 -31.31 11.52
CA MET O 76 37.56 -31.05 10.08
C MET O 76 38.89 -30.56 9.53
N SER O 77 39.58 -29.68 10.26
CA SER O 77 40.86 -29.16 9.82
C SER O 77 41.67 -28.73 11.04
N VAL O 78 42.98 -28.65 10.86
CA VAL O 78 43.90 -28.27 11.93
C VAL O 78 44.86 -27.22 11.37
N ARG O 79 45.00 -26.11 12.10
CA ARG O 79 45.94 -25.05 11.76
C ARG O 79 46.83 -24.77 12.95
N ALA O 80 48.12 -24.57 12.71
CA ALA O 80 49.10 -24.41 13.77
C ALA O 80 49.98 -23.19 13.50
N TRP O 81 50.34 -22.50 14.58
CA TRP O 81 51.26 -21.36 14.55
C TRP O 81 52.27 -21.51 15.67
N THR O 82 53.51 -21.12 15.41
CA THR O 82 54.51 -21.06 16.46
C THR O 82 54.14 -19.95 17.44
N GLN O 83 54.23 -20.26 18.74
CA GLN O 83 53.80 -19.33 19.77
C GLN O 83 54.93 -18.54 20.40
N LEU O 84 56.16 -19.04 20.34
CA LEU O 84 57.32 -18.37 20.93
C LEU O 84 58.41 -18.20 19.88
N THR O 85 59.45 -17.46 20.24
CA THR O 85 60.52 -17.16 19.31
C THR O 85 61.36 -18.39 19.02
N PRO O 86 61.97 -18.47 17.83
CA PRO O 86 62.79 -19.63 17.50
C PRO O 86 64.16 -19.52 18.13
N PRO O 87 65.00 -20.56 18.00
CA PRO O 87 66.38 -20.45 18.47
C PRO O 87 67.13 -19.34 17.75
N VAL O 88 68.28 -18.96 18.33
CA VAL O 88 69.10 -17.92 17.73
C VAL O 88 69.56 -18.37 16.35
N ASN O 89 69.65 -17.41 15.43
CA ASN O 89 70.06 -17.58 14.04
C ASN O 89 69.09 -18.40 13.21
N GLU O 90 67.97 -18.86 13.79
CA GLU O 90 67.06 -19.75 13.09
C GLU O 90 65.74 -19.06 12.78
N TYR O 91 65.09 -19.54 11.73
CA TYR O 91 63.72 -19.16 11.41
C TYR O 91 62.77 -20.20 11.99
N SER O 92 61.61 -19.74 12.44
CA SER O 92 60.63 -20.64 13.02
C SER O 92 60.08 -21.62 11.98
N PHE O 93 59.77 -22.83 12.42
CA PHE O 93 59.08 -23.81 11.59
C PHE O 93 58.15 -24.63 12.47
N VAL O 94 57.25 -25.35 11.82
CA VAL O 94 56.27 -26.18 12.52
C VAL O 94 55.81 -27.27 11.56
N ARG O 95 55.64 -28.48 12.08
CA ARG O 95 55.22 -29.62 11.29
C ARG O 95 53.98 -30.25 11.94
N LEU O 96 53.18 -30.92 11.11
CA LEU O 96 51.96 -31.57 11.57
C LEU O 96 51.88 -32.95 10.93
N LYS O 97 51.65 -33.98 11.74
CA LYS O 97 51.47 -35.35 11.26
C LYS O 97 50.09 -35.84 11.67
N PRO O 98 49.12 -35.89 10.75
CA PRO O 98 47.76 -36.29 11.12
C PRO O 98 47.72 -37.70 11.67
N LEU O 99 46.95 -37.88 12.75
CA LEU O 99 46.76 -39.17 13.39
C LEU O 99 45.30 -39.60 13.23
N PHE O 100 45.09 -40.90 13.05
CA PHE O 100 43.75 -41.45 12.90
C PHE O 100 43.68 -42.80 13.60
N LYS O 101 42.52 -43.08 14.21
CA LYS O 101 42.34 -44.35 14.90
C LYS O 101 42.34 -45.52 13.93
N THR O 102 41.89 -45.32 12.70
CA THR O 102 41.92 -46.35 11.68
C THR O 102 43.28 -46.48 11.01
N GLY O 103 44.27 -45.69 11.43
CA GLY O 103 45.59 -45.75 10.84
C GLY O 103 46.27 -44.40 10.78
N ASP O 104 47.35 -44.24 11.54
CA ASP O 104 48.05 -42.97 11.57
C ASP O 104 48.74 -42.70 10.23
N SER O 105 48.80 -41.43 9.87
CA SER O 105 49.38 -41.00 8.60
C SER O 105 50.86 -40.65 8.78
N THR O 106 51.58 -40.63 7.67
CA THR O 106 53.01 -40.35 7.66
C THR O 106 53.34 -39.03 6.94
N GLU O 107 52.36 -38.15 6.78
CA GLU O 107 52.62 -36.85 6.19
C GLU O 107 53.12 -35.87 7.26
N GLU O 108 54.06 -35.02 6.87
CA GLU O 108 54.61 -33.99 7.74
C GLU O 108 54.43 -32.63 7.07
N PHE O 109 53.20 -32.13 7.06
CA PHE O 109 52.90 -30.81 6.52
C PHE O 109 53.68 -29.75 7.28
N GLU O 110 54.64 -29.12 6.61
CA GLU O 110 55.58 -28.21 7.26
C GLU O 110 55.47 -26.81 6.68
N GLY O 111 55.44 -25.83 7.56
CA GLY O 111 55.51 -24.44 7.14
C GLY O 111 56.56 -23.71 7.93
N ARG O 112 57.35 -22.89 7.25
CA ARG O 112 58.45 -22.16 7.85
C ARG O 112 58.18 -20.66 7.78
N ALA O 113 59.00 -19.91 8.51
CA ALA O 113 58.89 -18.45 8.55
C ALA O 113 60.00 -17.85 7.70
N SER O 114 59.62 -16.95 6.79
CA SER O 114 60.60 -16.20 6.02
C SER O 114 61.19 -15.03 6.81
N ASN O 115 60.68 -14.78 8.01
CA ASN O 115 61.20 -13.76 8.91
C ASN O 115 61.38 -14.38 10.28
N ILE O 116 62.55 -14.15 10.88
CA ILE O 116 62.83 -14.75 12.19
C ILE O 116 61.85 -14.25 13.24
N ASN O 117 61.39 -13.00 13.10
CA ASN O 117 60.44 -12.42 14.04
C ASN O 117 59.01 -12.84 13.77
N THR O 118 58.75 -13.54 12.66
CA THR O 118 57.40 -13.90 12.25
C THR O 118 57.11 -15.35 12.57
N ARG O 119 55.87 -15.64 12.97
CA ARG O 119 55.46 -17.00 13.23
C ARG O 119 55.56 -17.85 11.96
N ALA O 120 55.77 -19.14 12.15
CA ALA O 120 55.60 -20.13 11.10
C ALA O 120 54.22 -20.76 11.22
N SER O 121 53.62 -21.06 10.07
CA SER O 121 52.25 -21.55 10.04
C SER O 121 52.10 -22.64 8.99
N VAL O 122 51.19 -23.59 9.27
CA VAL O 122 50.86 -24.65 8.33
C VAL O 122 49.58 -25.31 8.83
N GLY O 123 48.89 -25.99 7.92
CA GLY O 123 47.65 -26.67 8.29
C GLY O 123 47.33 -27.78 7.32
N TYR O 124 46.38 -28.61 7.71
CA TYR O 124 45.92 -29.71 6.87
C TYR O 124 44.42 -29.91 7.04
N ARG O 125 43.76 -30.28 5.95
CA ARG O 125 42.32 -30.53 5.94
C ARG O 125 42.07 -32.03 5.98
N ILE O 126 41.05 -32.43 6.74
CA ILE O 126 40.66 -33.83 6.83
C ILE O 126 39.57 -34.11 5.80
N PRO O 127 39.72 -35.13 4.96
CA PRO O 127 38.69 -35.41 3.95
C PRO O 127 37.41 -35.92 4.58
N THR O 128 36.33 -35.87 3.79
CA THR O 128 35.02 -36.25 4.29
C THR O 128 34.99 -37.71 4.73
N ASN O 129 35.72 -38.58 4.01
CA ASN O 129 35.74 -40.00 4.32
C ASN O 129 36.51 -40.32 5.60
N LEU O 130 37.16 -39.34 6.23
CA LEU O 130 37.92 -39.57 7.46
C LEU O 130 37.44 -38.69 8.61
N ARG O 131 36.20 -38.21 8.56
CA ARG O 131 35.66 -37.33 9.59
C ARG O 131 34.72 -38.13 10.48
N GLN O 132 35.32 -38.87 11.41
CA GLN O 132 34.59 -39.59 12.44
C GLN O 132 34.86 -38.93 13.78
N ASN O 133 34.15 -39.40 14.81
CA ASN O 133 34.28 -38.81 16.13
C ASN O 133 35.59 -39.21 16.78
N THR O 134 36.10 -38.34 17.65
CA THR O 134 37.28 -38.59 18.44
C THR O 134 37.01 -38.20 19.89
N VAL O 135 37.34 -39.09 20.82
CA VAL O 135 37.09 -38.82 22.23
C VAL O 135 38.37 -38.29 22.88
N ALA O 136 38.28 -37.94 24.17
CA ALA O 136 39.40 -37.27 24.83
C ALA O 136 40.66 -38.12 24.81
N ALA O 137 40.53 -39.44 24.93
CA ALA O 137 41.70 -40.31 24.92
C ALA O 137 42.42 -40.29 23.59
N ASP O 138 41.70 -40.00 22.50
CA ASP O 138 42.30 -39.99 21.18
C ASP O 138 43.24 -38.79 21.02
N ASN O 139 44.03 -38.82 19.95
CA ASN O 139 44.95 -37.75 19.62
C ASN O 139 44.61 -37.19 18.24
N VAL O 140 45.05 -35.96 17.98
CA VAL O 140 44.74 -35.29 16.73
C VAL O 140 45.91 -35.42 15.77
N CYS O 141 47.09 -34.99 16.19
CA CYS O 141 48.25 -34.98 15.33
C CYS O 141 49.52 -34.77 16.16
N GLU O 142 50.64 -35.20 15.60
CA GLU O 142 51.94 -34.91 16.19
C GLU O 142 52.43 -33.55 15.74
N VAL O 143 53.10 -32.84 16.65
CA VAL O 143 53.56 -31.47 16.39
C VAL O 143 55.05 -31.40 16.69
N ARG O 144 55.83 -30.93 15.72
CA ARG O 144 57.25 -30.67 15.88
C ARG O 144 57.53 -29.20 15.58
N SER O 145 58.45 -28.60 16.33
CA SER O 145 58.77 -27.19 16.16
C SER O 145 60.05 -26.88 16.89
N ASN O 146 60.91 -26.07 16.27
CA ASN O 146 62.09 -25.56 16.96
C ASN O 146 61.74 -24.58 18.07
N CYS O 147 60.51 -24.10 18.10
CA CYS O 147 60.02 -23.27 19.19
C CYS O 147 59.47 -24.16 20.31
N ARG O 148 59.48 -23.64 21.52
CA ARG O 148 59.05 -24.41 22.69
C ARG O 148 57.54 -24.43 22.86
N GLN O 149 56.79 -23.71 22.05
CA GLN O 149 55.34 -23.65 22.20
C GLN O 149 54.71 -23.40 20.83
N VAL O 150 53.55 -23.99 20.61
CA VAL O 150 52.84 -23.90 19.33
C VAL O 150 51.36 -23.65 19.61
N ALA O 151 50.79 -22.65 18.94
CA ALA O 151 49.38 -22.33 19.06
C ALA O 151 48.59 -23.01 17.94
N LEU O 152 47.44 -23.56 18.29
CA LEU O 152 46.61 -24.30 17.36
C LEU O 152 45.22 -23.67 17.27
N VAL O 153 44.61 -23.80 16.10
CA VAL O 153 43.21 -23.43 15.87
C VAL O 153 42.58 -24.57 15.07
N ILE O 154 41.62 -25.27 15.67
CA ILE O 154 41.03 -26.48 15.10
C ILE O 154 39.58 -26.20 14.78
N SER O 155 39.24 -26.23 13.49
CA SER O 155 37.84 -26.15 13.06
C SER O 155 37.22 -27.53 13.22
N CYS O 156 36.30 -27.67 14.16
CA CYS O 156 35.72 -28.97 14.47
C CYS O 156 34.26 -28.82 14.81
N CYS O 157 33.53 -29.93 14.71
CA CYS O 157 32.10 -29.99 14.98
C CYS O 157 31.87 -30.78 16.27
N PHE O 158 31.52 -30.08 17.33
CA PHE O 158 31.24 -30.74 18.61
C PHE O 158 29.86 -31.39 18.56
N ASN O 159 29.81 -32.67 18.90
CA ASN O 159 28.55 -33.41 18.92
C ASN O 159 28.51 -34.39 20.07
N ASN BA 16 -18.37 37.15 -22.10
CA ASN BA 16 -19.06 37.86 -23.17
C ASN BA 16 -19.09 39.36 -22.87
N SER BA 17 -19.58 40.15 -23.82
CA SER BA 17 -19.67 41.59 -23.64
C SER BA 17 -20.70 41.95 -22.59
N ASN BA 18 -20.41 43.01 -21.84
CA ASN BA 18 -21.31 43.51 -20.81
C ASN BA 18 -21.78 44.93 -21.07
N VAL BA 19 -21.33 45.56 -22.15
CA VAL BA 19 -21.72 46.92 -22.51
C VAL BA 19 -21.95 46.99 -24.01
N VAL BA 20 -22.44 48.15 -24.46
CA VAL BA 20 -22.68 48.36 -25.88
C VAL BA 20 -21.35 48.44 -26.62
N THR BA 21 -21.34 47.95 -27.86
CA THR BA 21 -20.16 47.96 -28.70
C THR BA 21 -20.51 48.56 -30.05
N MET BA 22 -19.53 49.22 -30.67
CA MET BA 22 -19.76 49.90 -31.94
C MET BA 22 -19.75 48.92 -33.10
N ILE BA 23 -20.64 49.15 -34.06
CA ILE BA 23 -20.71 48.37 -35.29
C ILE BA 23 -20.24 49.24 -36.44
N ARG BA 24 -19.14 48.84 -37.08
CA ARG BA 24 -18.57 49.59 -38.20
C ARG BA 24 -19.34 49.22 -39.46
N ALA BA 25 -20.52 49.82 -39.59
CA ALA BA 25 -21.38 49.58 -40.74
C ALA BA 25 -20.89 50.36 -41.95
N GLY BA 26 -21.26 49.88 -43.14
CA GLY BA 26 -20.85 50.51 -44.38
C GLY BA 26 -21.99 51.06 -45.19
N SER BA 27 -22.08 50.65 -46.46
CA SER BA 27 -23.12 51.13 -47.35
C SER BA 27 -24.48 50.63 -46.89
N TYR BA 28 -25.53 51.31 -47.35
CA TYR BA 28 -26.88 50.92 -47.01
C TYR BA 28 -27.21 49.57 -47.64
N PRO BA 29 -27.75 48.62 -46.88
CA PRO BA 29 -27.99 47.28 -47.40
C PRO BA 29 -29.34 47.16 -48.10
N LYS BA 30 -29.50 46.02 -48.79
CA LYS BA 30 -30.79 45.70 -49.41
C LYS BA 30 -31.78 45.30 -48.32
N VAL BA 31 -32.85 46.09 -48.18
CA VAL BA 31 -33.81 45.90 -47.10
C VAL BA 31 -35.14 45.43 -47.67
N ASN BA 32 -36.04 45.03 -46.77
CA ASN BA 32 -37.38 44.59 -47.13
C ASN BA 32 -38.29 44.70 -45.91
N PRO BA 33 -39.23 45.65 -45.90
CA PRO BA 33 -40.08 45.81 -44.71
C PRO BA 33 -41.15 44.74 -44.58
N THR BA 34 -41.52 44.06 -45.67
CA THR BA 34 -42.57 43.05 -45.66
C THR BA 34 -42.00 41.75 -46.21
N PRO BA 35 -41.27 40.99 -45.39
CA PRO BA 35 -40.66 39.75 -45.86
C PRO BA 35 -41.67 38.60 -45.82
N THR BA 36 -41.21 37.44 -46.29
CA THR BA 36 -42.02 36.23 -46.26
C THR BA 36 -41.98 35.60 -44.87
N TRP BA 37 -42.75 34.52 -44.70
CA TRP BA 37 -42.83 33.87 -43.39
C TRP BA 37 -43.32 32.44 -43.59
N VAL BA 38 -42.52 31.48 -43.15
CA VAL BA 38 -42.89 30.07 -43.16
C VAL BA 38 -43.51 29.73 -41.81
N ARG BA 39 -44.71 29.15 -41.83
CA ARG BA 39 -45.50 29.01 -40.62
C ARG BA 39 -46.23 27.67 -40.61
N ALA BA 40 -46.68 27.28 -39.42
CA ALA BA 40 -47.62 26.18 -39.22
C ALA BA 40 -48.82 26.75 -38.48
N ILE BA 41 -49.93 26.90 -39.18
CA ILE BA 41 -51.10 27.63 -38.69
C ILE BA 41 -52.07 26.63 -38.08
N PRO BA 42 -52.36 26.72 -36.77
CA PRO BA 42 -53.40 25.86 -36.20
C PRO BA 42 -54.77 26.54 -36.16
N PHE BA 43 -55.77 25.90 -36.76
CA PHE BA 43 -57.13 26.42 -36.72
C PHE BA 43 -58.09 25.27 -36.95
N GLU BA 44 -59.31 25.43 -36.43
CA GLU BA 44 -60.33 24.40 -36.47
C GLU BA 44 -61.40 24.72 -37.51
N VAL BA 45 -62.01 23.67 -38.04
CA VAL BA 45 -63.12 23.80 -38.99
C VAL BA 45 -64.23 22.87 -38.54
N SER BA 46 -65.46 23.24 -38.88
CA SER BA 46 -66.65 22.48 -38.51
C SER BA 46 -67.03 21.56 -39.66
N VAL BA 47 -67.10 20.26 -39.38
CA VAL BA 47 -67.45 19.24 -40.36
C VAL BA 47 -68.72 18.54 -39.92
N GLN BA 48 -69.53 18.13 -40.89
CA GLN BA 48 -70.84 17.57 -40.63
C GLN BA 48 -70.91 16.14 -41.16
N SER BA 49 -71.79 15.35 -40.55
CA SER BA 49 -71.80 13.91 -40.78
C SER BA 49 -72.09 13.59 -42.25
N GLY BA 50 -71.27 12.71 -42.82
CA GLY BA 50 -71.45 12.30 -44.21
C GLY BA 50 -71.40 13.44 -45.20
N ILE BA 51 -70.48 14.38 -44.98
CA ILE BA 51 -70.45 15.62 -45.75
C ILE BA 51 -69.01 16.12 -45.80
N ALA BA 52 -68.62 16.66 -46.96
CA ALA BA 52 -67.31 17.27 -47.12
C ALA BA 52 -67.38 18.77 -46.85
N PHE BA 53 -66.24 19.34 -46.43
CA PHE BA 53 -66.11 20.76 -46.15
C PHE BA 53 -64.88 21.29 -46.85
N LYS BA 54 -65.07 22.27 -47.72
CA LYS BA 54 -63.97 22.89 -48.46
C LYS BA 54 -63.27 23.90 -47.55
N VAL BA 55 -62.04 23.60 -47.15
CA VAL BA 55 -61.27 24.46 -46.26
C VAL BA 55 -60.85 25.71 -47.02
N PRO BA 56 -61.29 26.90 -46.60
CA PRO BA 56 -60.91 28.12 -47.33
C PRO BA 56 -59.51 28.59 -46.95
N VAL BA 57 -58.79 29.07 -47.96
CA VAL BA 57 -57.46 29.62 -47.72
C VAL BA 57 -57.54 30.90 -46.92
N GLY BA 58 -58.66 31.63 -47.01
CA GLY BA 58 -58.81 32.88 -46.30
C GLY BA 58 -58.70 32.75 -44.79
N SER BA 59 -58.95 31.56 -44.25
CA SER BA 59 -58.76 31.35 -42.82
C SER BA 59 -57.30 31.49 -42.40
N LEU BA 60 -56.36 31.35 -43.35
CA LEU BA 60 -54.95 31.47 -43.00
C LEU BA 60 -54.54 32.93 -42.81
N PHE BA 61 -55.25 33.86 -43.44
CA PHE BA 61 -54.97 35.28 -43.32
C PHE BA 61 -55.82 35.83 -42.18
N SER BA 62 -55.18 36.16 -41.05
CA SER BA 62 -55.89 36.64 -39.89
C SER BA 62 -54.92 37.34 -38.95
N ALA BA 63 -55.45 38.26 -38.15
CA ALA BA 63 -54.65 38.88 -37.09
C ALA BA 63 -54.40 37.93 -35.94
N ASN BA 64 -55.23 36.89 -35.79
CA ASN BA 64 -54.98 35.87 -34.78
C ASN BA 64 -53.77 35.00 -35.11
N PHE BA 65 -53.24 35.11 -36.34
CA PHE BA 65 -52.03 34.41 -36.74
C PHE BA 65 -50.93 35.37 -37.18
N ARG BA 66 -51.14 36.69 -37.02
CA ARG BA 66 -50.20 37.71 -37.49
C ARG BA 66 -50.04 37.69 -39.00
N THR BA 67 -51.04 37.18 -39.73
CA THR BA 67 -50.95 37.01 -41.17
C THR BA 67 -52.00 37.82 -41.92
N ASP BA 68 -52.59 38.84 -41.28
CA ASP BA 68 -53.57 39.66 -41.98
C ASP BA 68 -52.93 40.63 -42.97
N SER BA 69 -51.62 40.78 -42.95
CA SER BA 69 -50.91 41.62 -43.91
C SER BA 69 -50.58 40.87 -45.20
N PHE BA 70 -50.84 39.57 -45.27
CA PHE BA 70 -50.60 38.77 -46.46
C PHE BA 70 -51.88 38.62 -47.27
N THR BA 71 -51.72 38.38 -48.57
CA THR BA 71 -52.83 38.09 -49.45
C THR BA 71 -52.65 36.80 -50.24
N SER BA 72 -51.46 36.22 -50.26
CA SER BA 72 -51.20 34.96 -50.94
C SER BA 72 -50.37 34.07 -50.02
N VAL BA 73 -50.38 32.76 -50.31
CA VAL BA 73 -49.68 31.80 -49.49
C VAL BA 73 -49.45 30.54 -50.32
N THR BA 74 -48.32 29.88 -50.08
CA THR BA 74 -47.97 28.63 -50.76
C THR BA 74 -48.03 27.51 -49.73
N VAL BA 75 -49.02 26.63 -49.86
CA VAL BA 75 -49.21 25.53 -48.92
C VAL BA 75 -48.24 24.42 -49.27
N MET BA 76 -47.54 23.90 -48.27
CA MET BA 76 -46.58 22.81 -48.45
C MET BA 76 -47.11 21.46 -47.99
N SER BA 77 -47.81 21.42 -46.86
CA SER BA 77 -48.34 20.16 -46.34
C SER BA 77 -49.50 20.48 -45.42
N VAL BA 78 -50.44 19.53 -45.33
CA VAL BA 78 -51.65 19.68 -44.53
C VAL BA 78 -51.76 18.48 -43.59
N ARG BA 79 -52.08 18.75 -42.33
CA ARG BA 79 -52.32 17.71 -41.34
C ARG BA 79 -53.62 18.04 -40.61
N ALA BA 80 -54.31 16.98 -40.16
CA ALA BA 80 -55.63 17.15 -39.56
C ALA BA 80 -55.78 16.22 -38.36
N TRP BA 81 -56.61 16.65 -37.41
CA TRP BA 81 -56.96 15.86 -36.23
C TRP BA 81 -58.42 16.12 -35.89
N THR BA 82 -59.12 15.06 -35.47
CA THR BA 82 -60.50 15.23 -35.02
C THR BA 82 -60.53 15.98 -33.70
N GLN BA 83 -61.34 17.03 -33.63
CA GLN BA 83 -61.34 17.94 -32.49
C GLN BA 83 -62.38 17.59 -31.44
N LEU BA 84 -63.44 16.88 -31.79
CA LEU BA 84 -64.48 16.49 -30.84
C LEU BA 84 -64.64 14.98 -30.85
N THR BA 85 -65.45 14.49 -29.90
CA THR BA 85 -65.65 13.06 -29.75
C THR BA 85 -66.50 12.51 -30.88
N PRO BA 86 -66.28 11.25 -31.28
CA PRO BA 86 -67.05 10.66 -32.37
C PRO BA 86 -68.44 10.26 -31.90
N PRO BA 87 -69.32 9.85 -32.81
CA PRO BA 87 -70.63 9.33 -32.38
C PRO BA 87 -70.48 8.13 -31.48
N VAL BA 88 -71.56 7.83 -30.74
CA VAL BA 88 -71.54 6.71 -29.81
C VAL BA 88 -71.34 5.41 -30.57
N ASN BA 89 -70.47 4.56 -30.04
CA ASN BA 89 -70.10 3.23 -30.53
C ASN BA 89 -69.12 3.28 -31.70
N GLU BA 90 -68.73 4.46 -32.19
CA GLU BA 90 -67.88 4.57 -33.36
C GLU BA 90 -66.49 5.05 -32.99
N TYR BA 91 -65.55 4.82 -33.91
CA TYR BA 91 -64.19 5.34 -33.80
C TYR BA 91 -64.05 6.55 -34.72
N SER BA 92 -63.25 7.51 -34.28
CA SER BA 92 -63.05 8.73 -35.06
C SER BA 92 -62.29 8.43 -36.35
N PHE BA 93 -62.61 9.20 -37.38
CA PHE BA 93 -61.88 9.16 -38.65
C PHE BA 93 -61.84 10.56 -39.23
N VAL BA 94 -60.96 10.75 -40.21
CA VAL BA 94 -60.83 12.03 -40.90
C VAL BA 94 -60.23 11.79 -42.28
N ARG BA 95 -60.87 12.37 -43.30
CA ARG BA 95 -60.44 12.23 -44.68
C ARG BA 95 -60.00 13.59 -45.21
N LEU BA 96 -59.06 13.56 -46.16
CA LEU BA 96 -58.56 14.76 -46.79
C LEU BA 96 -58.48 14.54 -48.30
N LYS BA 97 -59.06 15.46 -49.06
CA LYS BA 97 -59.00 15.41 -50.52
C LYS BA 97 -58.31 16.66 -51.05
N PRO BA 98 -57.08 16.57 -51.52
CA PRO BA 98 -56.36 17.78 -51.95
C PRO BA 98 -57.07 18.47 -53.11
N LEU BA 99 -57.12 19.79 -53.04
CA LEU BA 99 -57.73 20.62 -54.07
C LEU BA 99 -56.69 21.54 -54.68
N PHE BA 100 -56.77 21.75 -55.99
CA PHE BA 100 -55.86 22.64 -56.70
C PHE BA 100 -56.64 23.38 -57.77
N LYS BA 101 -56.20 24.61 -58.06
CA LYS BA 101 -56.87 25.43 -59.07
C LYS BA 101 -56.65 24.86 -60.47
N THR BA 102 -55.54 24.17 -60.70
CA THR BA 102 -55.28 23.53 -61.98
C THR BA 102 -55.90 22.15 -62.09
N GLY BA 103 -56.59 21.68 -61.06
CA GLY BA 103 -57.22 20.38 -61.09
C GLY BA 103 -57.40 19.77 -59.71
N ASP BA 104 -58.65 19.58 -59.30
CA ASP BA 104 -58.91 18.97 -58.00
C ASP BA 104 -58.58 17.49 -58.03
N SER BA 105 -58.03 16.99 -56.93
CA SER BA 105 -57.66 15.59 -56.82
C SER BA 105 -58.84 14.76 -56.31
N THR BA 106 -58.73 13.44 -56.46
CA THR BA 106 -59.73 12.51 -55.98
C THR BA 106 -59.21 11.60 -54.89
N GLU BA 107 -58.02 11.86 -54.36
CA GLU BA 107 -57.49 11.06 -53.26
C GLU BA 107 -58.25 11.37 -51.98
N GLU BA 108 -58.42 10.35 -51.14
CA GLU BA 108 -59.09 10.47 -49.85
C GLU BA 108 -58.17 9.88 -48.77
N PHE BA 109 -57.09 10.61 -48.46
CA PHE BA 109 -56.17 10.19 -47.41
C PHE BA 109 -56.90 10.13 -46.08
N GLU BA 110 -57.22 8.91 -45.64
CA GLU BA 110 -58.02 8.68 -44.45
C GLU BA 110 -57.17 8.13 -43.33
N GLY BA 111 -57.43 8.59 -42.10
CA GLY BA 111 -56.79 8.06 -40.92
C GLY BA 111 -57.79 7.84 -39.81
N ARG BA 112 -57.78 6.65 -39.21
CA ARG BA 112 -58.75 6.28 -38.18
C ARG BA 112 -58.07 6.10 -36.83
N ALA BA 113 -58.83 6.34 -35.78
CA ALA BA 113 -58.34 6.16 -34.42
C ALA BA 113 -58.65 4.75 -33.94
N SER BA 114 -57.67 4.12 -33.29
CA SER BA 114 -57.85 2.79 -32.73
C SER BA 114 -58.39 2.82 -31.31
N ASN BA 115 -58.53 4.00 -30.71
CA ASN BA 115 -59.14 4.17 -29.41
C ASN BA 115 -60.25 5.22 -29.54
N ILE BA 116 -61.43 4.89 -29.03
CA ILE BA 116 -62.58 5.78 -29.19
C ILE BA 116 -62.32 7.13 -28.52
N ASN BA 117 -61.54 7.14 -27.44
CA ASN BA 117 -61.23 8.38 -26.75
C ASN BA 117 -60.07 9.14 -27.39
N THR BA 118 -59.44 8.59 -28.43
CA THR BA 118 -58.26 9.17 -29.04
C THR BA 118 -58.61 9.79 -30.39
N ARG BA 119 -57.93 10.88 -30.73
CA ARG BA 119 -58.15 11.55 -32.00
C ARG BA 119 -57.75 10.66 -33.17
N ALA BA 120 -58.29 11.00 -34.35
CA ALA BA 120 -57.89 10.39 -35.60
C ALA BA 120 -57.15 11.43 -36.44
N SER BA 121 -56.03 11.03 -37.04
CA SER BA 121 -55.15 11.96 -37.73
C SER BA 121 -54.79 11.43 -39.11
N VAL BA 122 -54.50 12.37 -40.01
CA VAL BA 122 -54.04 12.05 -41.36
C VAL BA 122 -53.49 13.32 -41.98
N GLY BA 123 -52.63 13.17 -42.98
CA GLY BA 123 -52.05 14.33 -43.64
C GLY BA 123 -51.49 13.98 -45.00
N TYR BA 124 -51.26 15.02 -45.80
CA TYR BA 124 -50.71 14.83 -47.14
C TYR BA 124 -49.72 15.95 -47.44
N ARG BA 125 -48.68 15.61 -48.20
CA ARG BA 125 -47.65 16.54 -48.62
C ARG BA 125 -47.90 16.97 -50.05
N ILE BA 126 -47.70 18.26 -50.32
CA ILE BA 126 -47.88 18.79 -51.67
C ILE BA 126 -46.55 18.73 -52.40
N PRO BA 127 -46.50 18.17 -53.61
CA PRO BA 127 -45.24 18.12 -54.35
C PRO BA 127 -44.80 19.51 -54.78
N THR BA 128 -43.49 19.63 -55.03
CA THR BA 128 -42.92 20.92 -55.41
C THR BA 128 -43.59 21.49 -56.65
N ASN BA 129 -43.85 20.64 -57.65
CA ASN BA 129 -44.46 21.09 -58.89
C ASN BA 129 -45.88 21.61 -58.71
N LEU BA 130 -46.51 21.37 -57.56
CA LEU BA 130 -47.86 21.85 -57.28
C LEU BA 130 -47.88 22.88 -56.16
N ARG BA 131 -46.74 23.51 -55.86
CA ARG BA 131 -46.63 24.49 -54.79
C ARG BA 131 -46.64 25.89 -55.38
N GLN BA 132 -47.84 26.36 -55.73
CA GLN BA 132 -48.06 27.72 -56.18
C GLN BA 132 -48.83 28.48 -55.11
N ASN BA 133 -48.95 29.80 -55.31
CA ASN BA 133 -49.64 30.63 -54.34
C ASN BA 133 -51.15 30.43 -54.44
N THR BA 134 -51.83 30.66 -53.32
CA THR BA 134 -53.28 30.61 -53.25
C THR BA 134 -53.78 31.86 -52.54
N VAL BA 135 -54.95 32.34 -52.98
CA VAL BA 135 -55.55 33.53 -52.39
C VAL BA 135 -56.70 33.13 -51.48
N ALA BA 136 -57.32 34.12 -50.84
CA ALA BA 136 -58.35 33.82 -49.85
C ALA BA 136 -59.54 33.10 -50.45
N ALA BA 137 -59.93 33.47 -51.68
CA ALA BA 137 -61.10 32.86 -52.31
C ALA BA 137 -60.88 31.40 -52.67
N ASP BA 138 -59.63 30.94 -52.69
CA ASP BA 138 -59.33 29.57 -53.04
C ASP BA 138 -59.64 28.64 -51.87
N ASN BA 139 -59.45 27.34 -52.10
CA ASN BA 139 -59.64 26.31 -51.08
C ASN BA 139 -58.40 25.43 -51.01
N VAL BA 140 -58.24 24.79 -49.86
CA VAL BA 140 -57.10 23.90 -49.63
C VAL BA 140 -57.46 22.44 -49.92
N CYS BA 141 -58.50 21.94 -49.27
CA CYS BA 141 -58.87 20.54 -49.39
C CYS BA 141 -60.26 20.34 -48.80
N GLU BA 142 -60.88 19.22 -49.15
CA GLU BA 142 -62.15 18.81 -48.57
C GLU BA 142 -61.89 17.91 -47.37
N VAL BA 143 -62.74 18.04 -46.35
CA VAL BA 143 -62.59 17.30 -45.09
C VAL BA 143 -63.88 16.55 -44.81
N ARG BA 144 -63.74 15.27 -44.44
CA ARG BA 144 -64.86 14.45 -44.01
C ARG BA 144 -64.50 13.80 -42.68
N SER BA 145 -65.48 13.73 -41.78
CA SER BA 145 -65.27 13.14 -40.47
C SER BA 145 -66.62 12.94 -39.78
N ASN BA 146 -66.74 11.86 -39.02
CA ASN BA 146 -67.93 11.66 -38.21
C ASN BA 146 -67.97 12.63 -37.03
N CYS BA 147 -66.83 13.18 -36.64
CA CYS BA 147 -66.79 14.18 -35.60
C CYS BA 147 -67.25 15.53 -36.14
N ARG BA 148 -67.76 16.38 -35.24
CA ARG BA 148 -68.35 17.65 -35.66
C ARG BA 148 -67.30 18.72 -35.92
N GLN BA 149 -66.07 18.54 -35.48
CA GLN BA 149 -65.05 19.56 -35.63
C GLN BA 149 -63.69 18.89 -35.85
N VAL BA 150 -62.87 19.52 -36.68
CA VAL BA 150 -61.55 19.00 -37.06
C VAL BA 150 -60.51 20.08 -36.84
N ALA BA 151 -59.38 19.71 -36.24
CA ALA BA 151 -58.26 20.61 -36.03
C ALA BA 151 -57.25 20.46 -37.16
N LEU BA 152 -56.90 21.57 -37.80
CA LEU BA 152 -55.98 21.57 -38.93
C LEU BA 152 -54.70 22.31 -38.57
N VAL BA 153 -53.57 21.75 -38.97
CA VAL BA 153 -52.26 22.37 -38.83
C VAL BA 153 -51.62 22.37 -40.20
N ILE BA 154 -51.55 23.53 -40.84
CA ILE BA 154 -51.11 23.66 -42.22
C ILE BA 154 -49.73 24.30 -42.24
N SER BA 155 -48.76 23.61 -42.85
CA SER BA 155 -47.43 24.15 -43.06
C SER BA 155 -47.41 24.88 -44.40
N CYS BA 156 -47.20 26.19 -44.37
CA CYS BA 156 -47.32 27.01 -45.56
C CYS BA 156 -46.33 28.16 -45.51
N CYS BA 157 -46.16 28.82 -46.65
CA CYS BA 157 -45.23 29.94 -46.80
C CYS BA 157 -46.05 31.18 -47.19
N PHE BA 158 -46.10 32.16 -46.30
CA PHE BA 158 -46.84 33.39 -46.56
C PHE BA 158 -45.97 34.39 -47.30
N ASN BA 159 -46.52 34.97 -48.37
CA ASN BA 159 -45.80 35.95 -49.16
C ASN BA 159 -46.75 36.94 -49.81
N ASN CA 16 -16.89 4.26 5.02
CA ASN CA 16 -15.98 3.14 5.27
C ASN CA 16 -15.53 3.12 6.73
N SER CA 17 -15.54 4.29 7.37
CA SER CA 17 -15.19 4.40 8.78
C SER CA 17 -16.43 4.18 9.65
N ASN CA 18 -16.19 3.69 10.87
CA ASN CA 18 -17.27 3.34 11.78
C ASN CA 18 -17.29 4.20 13.04
N VAL CA 19 -16.40 5.19 13.16
CA VAL CA 19 -16.34 6.07 14.32
C VAL CA 19 -16.14 7.50 13.85
N VAL CA 20 -16.36 8.43 14.78
CA VAL CA 20 -16.11 9.84 14.51
C VAL CA 20 -14.62 10.07 14.35
N THR CA 21 -14.26 10.88 13.37
CA THR CA 21 -12.88 11.25 13.10
C THR CA 21 -12.72 12.77 13.18
N MET CA 22 -11.51 13.21 13.49
CA MET CA 22 -11.25 14.63 13.69
C MET CA 22 -11.05 15.34 12.35
N ILE CA 23 -11.54 16.57 12.27
CA ILE CA 23 -11.38 17.41 11.10
C ILE CA 23 -10.44 18.55 11.46
N ARG CA 24 -9.26 18.58 10.82
CA ARG CA 24 -8.26 19.61 11.10
C ARG CA 24 -8.66 20.89 10.37
N ALA CA 25 -9.64 21.58 10.94
CA ALA CA 25 -10.13 22.81 10.34
C ALA CA 25 -9.13 23.94 10.49
N GLY CA 26 -9.33 24.99 9.71
CA GLY CA 26 -8.45 26.15 9.74
C GLY CA 26 -9.15 27.43 10.14
N SER CA 27 -8.99 28.48 9.34
CA SER CA 27 -9.62 29.76 9.62
C SER CA 27 -11.14 29.64 9.45
N TYR CA 28 -11.84 30.71 9.85
CA TYR CA 28 -13.29 30.73 9.71
C TYR CA 28 -13.65 30.99 8.25
N PRO CA 29 -14.54 30.19 7.66
CA PRO CA 29 -14.83 30.30 6.23
C PRO CA 29 -15.85 31.40 5.95
N LYS CA 30 -16.10 31.62 4.66
CA LYS CA 30 -17.15 32.54 4.23
C LYS CA 30 -18.50 31.83 4.34
N VAL CA 31 -19.44 32.44 5.06
CA VAL CA 31 -20.71 31.80 5.36
C VAL CA 31 -21.85 32.63 4.78
N ASN CA 32 -23.04 32.03 4.79
CA ASN CA 32 -24.26 32.67 4.33
C ASN CA 32 -25.45 31.96 4.94
N PRO CA 33 -26.05 32.51 6.01
CA PRO CA 33 -27.18 31.83 6.65
C PRO CA 33 -28.44 31.80 5.80
N THR CA 34 -28.55 32.67 4.79
CA THR CA 34 -29.71 32.72 3.90
C THR CA 34 -29.24 32.49 2.47
N PRO CA 35 -29.00 31.24 2.09
CA PRO CA 35 -28.51 30.96 0.74
C PRO CA 35 -29.64 30.96 -0.29
N THR CA 36 -29.28 30.68 -1.53
CA THR CA 36 -30.24 30.59 -2.62
C THR CA 36 -30.76 29.17 -2.74
N TRP CA 37 -31.66 28.95 -3.70
CA TRP CA 37 -32.27 27.64 -3.88
C TRP CA 37 -32.88 27.55 -5.27
N VAL CA 38 -32.60 26.45 -5.97
CA VAL CA 38 -33.23 26.15 -7.25
C VAL CA 38 -34.36 25.16 -7.01
N ARG CA 39 -35.53 25.45 -7.54
CA ARG CA 39 -36.73 24.69 -7.21
C ARG CA 39 -37.61 24.51 -8.44
N ALA CA 40 -38.49 23.51 -8.36
CA ALA CA 40 -39.57 23.29 -9.32
C ALA CA 40 -40.86 23.26 -8.49
N ILE CA 41 -41.59 24.36 -8.48
CA ILE CA 41 -42.68 24.57 -7.55
C ILE CA 41 -43.98 24.07 -8.19
N PRO CA 42 -44.65 23.07 -7.61
CA PRO CA 42 -45.95 22.66 -8.15
C PRO CA 42 -47.12 23.31 -7.41
N PHE CA 43 -48.07 23.86 -8.16
CA PHE CA 43 -49.26 24.44 -7.57
C PHE CA 43 -50.33 24.56 -8.65
N GLU CA 44 -51.57 24.73 -8.21
CA GLU CA 44 -52.73 24.75 -9.10
C GLU CA 44 -53.41 26.12 -9.06
N VAL CA 45 -54.08 26.45 -10.16
CA VAL CA 45 -54.80 27.71 -10.30
C VAL CA 45 -56.18 27.43 -10.86
N SER CA 46 -57.14 28.28 -10.51
CA SER CA 46 -58.51 28.16 -10.99
C SER CA 46 -58.69 29.00 -12.25
N VAL CA 47 -59.28 28.40 -13.28
CA VAL CA 47 -59.43 29.03 -14.59
C VAL CA 47 -60.89 29.04 -14.98
N GLN CA 48 -61.36 30.17 -15.52
CA GLN CA 48 -62.70 30.30 -16.04
C GLN CA 48 -62.70 30.11 -17.55
N SER CA 49 -63.85 29.74 -18.09
CA SER CA 49 -63.96 29.52 -19.54
C SER CA 49 -63.85 30.83 -20.29
N GLY CA 50 -63.05 30.83 -21.35
CA GLY CA 50 -62.89 31.99 -22.20
C GLY CA 50 -62.20 33.17 -21.57
N ILE CA 51 -61.68 33.01 -20.35
CA ILE CA 51 -61.02 34.08 -19.62
C ILE CA 51 -59.59 33.65 -19.30
N ALA CA 52 -58.67 34.59 -19.40
CA ALA CA 52 -57.28 34.35 -19.05
C ALA CA 52 -57.04 34.72 -17.60
N PHE CA 53 -56.27 33.88 -16.90
CA PHE CA 53 -55.93 34.10 -15.50
C PHE CA 53 -54.46 34.43 -15.37
N LYS CA 54 -54.16 35.56 -14.74
CA LYS CA 54 -52.78 35.98 -14.53
C LYS CA 54 -52.22 35.27 -13.30
N VAL CA 55 -51.20 34.45 -13.52
CA VAL CA 55 -50.56 33.69 -12.43
C VAL CA 55 -49.74 34.64 -11.58
N PRO CA 56 -50.08 34.85 -10.31
CA PRO CA 56 -49.29 35.75 -9.47
C PRO CA 56 -48.01 35.10 -9.01
N VAL CA 57 -46.95 35.91 -8.93
CA VAL CA 57 -45.66 35.40 -8.46
C VAL CA 57 -45.73 35.06 -6.97
N GLY CA 58 -46.63 35.72 -6.23
CA GLY CA 58 -46.75 35.47 -4.80
C GLY CA 58 -47.09 34.04 -4.44
N SER CA 59 -47.63 33.27 -5.38
CA SER CA 59 -47.92 31.87 -5.11
C SER CA 59 -46.65 31.06 -4.92
N LEU CA 60 -45.54 31.51 -5.50
CA LEU CA 60 -44.27 30.79 -5.35
C LEU CA 60 -43.70 30.94 -3.95
N PHE CA 61 -44.01 32.04 -3.27
CA PHE CA 61 -43.54 32.25 -1.90
C PHE CA 61 -44.60 31.75 -0.93
N SER CA 62 -44.27 30.70 -0.20
CA SER CA 62 -45.19 30.12 0.77
C SER CA 62 -44.42 29.15 1.67
N ALA CA 63 -44.97 28.93 2.86
CA ALA CA 63 -44.40 27.93 3.76
C ALA CA 63 -44.67 26.51 3.27
N ASN CA 64 -45.64 26.33 2.38
CA ASN CA 64 -45.90 25.02 1.81
C ASN CA 64 -44.77 24.57 0.90
N PHE CA 65 -43.91 25.49 0.44
CA PHE CA 65 -42.79 25.17 -0.41
C PHE CA 65 -41.45 25.47 0.25
N ARG CA 66 -41.45 25.76 1.55
CA ARG CA 66 -40.26 26.20 2.29
C ARG CA 66 -39.66 27.47 1.70
N THR CA 67 -40.48 28.27 1.00
CA THR CA 67 -40.00 29.48 0.32
C THR CA 67 -40.62 30.74 0.88
N ASP CA 68 -41.18 30.68 2.09
CA ASP CA 68 -41.76 31.87 2.72
C ASP CA 68 -40.70 32.87 3.16
N SER CA 69 -39.42 32.50 3.11
CA SER CA 69 -38.35 33.41 3.51
C SER CA 69 -37.86 34.30 2.37
N PHE CA 70 -38.15 33.92 1.13
CA PHE CA 70 -37.72 34.70 -0.03
C PHE CA 70 -38.74 35.79 -0.37
N THR CA 71 -38.23 36.87 -0.96
CA THR CA 71 -39.08 37.93 -1.49
C THR CA 71 -38.88 38.16 -2.99
N SER CA 72 -37.89 37.52 -3.60
CA SER CA 72 -37.65 37.62 -5.03
C SER CA 72 -37.39 36.23 -5.59
N VAL CA 73 -37.62 36.07 -6.88
CA VAL CA 73 -37.46 34.79 -7.55
C VAL CA 73 -37.14 35.05 -9.02
N THR CA 74 -36.29 34.20 -9.60
CA THR CA 74 -35.87 34.30 -10.98
C THR CA 74 -36.39 33.07 -11.72
N VAL CA 75 -37.44 33.26 -12.51
CA VAL CA 75 -38.09 32.16 -13.22
C VAL CA 75 -37.28 31.81 -14.46
N MET CA 76 -37.13 30.51 -14.71
CA MET CA 76 -36.42 30.00 -15.88
C MET CA 76 -37.33 29.35 -16.91
N SER CA 77 -38.29 28.54 -16.47
CA SER CA 77 -39.22 27.88 -17.37
C SER CA 77 -40.53 27.64 -16.63
N VAL CA 78 -41.62 27.57 -17.40
CA VAL CA 78 -42.96 27.36 -16.88
C VAL CA 78 -43.60 26.22 -17.65
N ARG CA 79 -44.12 25.23 -16.94
CA ARG CA 79 -44.86 24.12 -17.53
C ARG CA 79 -46.24 24.03 -16.91
N ALA CA 80 -47.20 23.58 -17.71
CA ALA CA 80 -48.60 23.55 -17.29
C ALA CA 80 -49.23 22.21 -17.63
N TRP CA 81 -50.24 21.83 -16.84
CA TRP CA 81 -51.01 20.62 -17.07
C TRP CA 81 -52.44 20.87 -16.64
N THR CA 82 -53.40 20.47 -17.48
CA THR CA 82 -54.80 20.58 -17.10
C THR CA 82 -55.10 19.67 -15.92
N GLN CA 83 -55.67 20.25 -14.86
CA GLN CA 83 -55.87 19.53 -13.61
C GLN CA 83 -57.21 18.83 -13.53
N LEU CA 84 -58.20 19.24 -14.31
CA LEU CA 84 -59.53 18.64 -14.28
C LEU CA 84 -59.95 18.24 -15.68
N THR CA 85 -61.07 17.52 -15.77
CA THR CA 85 -61.55 17.02 -17.04
C THR CA 85 -62.09 18.17 -17.91
N PRO CA 86 -62.01 18.02 -19.23
CA PRO CA 86 -62.52 19.06 -20.12
C PRO CA 86 -64.04 18.98 -20.22
N PRO CA 87 -64.68 19.97 -20.86
CA PRO CA 87 -66.12 19.86 -21.09
C PRO CA 87 -66.46 18.63 -21.93
N VAL CA 88 -67.75 18.28 -21.93
CA VAL CA 88 -68.20 17.09 -22.63
C VAL CA 88 -67.90 17.22 -24.12
N ASN CA 89 -67.45 16.13 -24.73
CA ASN CA 89 -67.13 16.02 -26.14
C ASN CA 89 -65.87 16.76 -26.54
N GLU CA 90 -65.15 17.36 -25.58
CA GLU CA 90 -63.97 18.15 -25.88
C GLU CA 90 -62.70 17.47 -25.37
N TYR CA 91 -61.59 17.76 -26.05
CA TYR CA 91 -60.27 17.41 -25.56
C TYR CA 91 -59.70 18.56 -24.76
N SER CA 92 -58.88 18.23 -23.76
CA SER CA 92 -58.28 19.25 -22.91
C SER CA 92 -57.26 20.06 -23.71
N PHE CA 93 -57.21 21.37 -23.43
CA PHE CA 93 -56.18 22.23 -23.99
C PHE CA 93 -55.77 23.25 -22.93
N VAL CA 94 -54.58 23.79 -23.11
CA VAL CA 94 -54.04 24.80 -22.19
C VAL CA 94 -53.12 25.72 -22.98
N ARG CA 95 -53.24 27.02 -22.73
CA ARG CA 95 -52.41 28.03 -23.36
C ARG CA 95 -51.61 28.78 -22.31
N LEU CA 96 -50.50 29.38 -22.74
CA LEU CA 96 -49.61 30.12 -21.85
C LEU CA 96 -49.08 31.34 -22.58
N LYS CA 97 -49.36 32.52 -22.02
CA LYS CA 97 -48.83 33.77 -22.58
C LYS CA 97 -47.84 34.37 -21.60
N PRO CA 98 -46.54 34.34 -21.91
CA PRO CA 98 -45.56 34.89 -20.96
C PRO CA 98 -45.74 36.37 -20.72
N LEU CA 99 -45.47 36.80 -19.49
CA LEU CA 99 -45.58 38.19 -19.08
C LEU CA 99 -44.26 38.64 -18.47
N PHE CA 100 -43.85 39.86 -18.80
CA PHE CA 100 -42.61 40.43 -18.29
C PHE CA 100 -42.82 41.89 -17.97
N LYS CA 101 -42.15 42.36 -16.91
CA LYS CA 101 -42.33 43.74 -16.46
C LYS CA 101 -41.87 44.74 -17.52
N THR CA 102 -40.80 44.41 -18.24
CA THR CA 102 -40.28 45.29 -19.28
C THR CA 102 -41.12 45.25 -20.55
N GLY CA 103 -42.07 44.33 -20.66
CA GLY CA 103 -42.90 44.23 -21.85
C GLY CA 103 -43.55 42.87 -21.99
N ASP CA 104 -44.88 42.83 -21.98
CA ASP CA 104 -45.60 41.58 -22.08
C ASP CA 104 -45.52 41.02 -23.49
N SER CA 105 -45.57 39.70 -23.60
CA SER CA 105 -45.52 39.02 -24.88
C SER CA 105 -46.92 38.75 -25.40
N THR CA 106 -46.99 38.36 -26.68
CA THR CA 106 -48.26 38.01 -27.32
C THR CA 106 -48.30 36.54 -27.75
N GLU CA 107 -47.32 35.74 -27.34
CA GLU CA 107 -47.31 34.33 -27.69
C GLU CA 107 -48.43 33.59 -26.95
N GLU CA 108 -48.91 32.50 -27.57
CA GLU CA 108 -49.95 31.66 -27.00
C GLU CA 108 -49.55 30.20 -27.21
N PHE CA 109 -48.49 29.78 -26.50
CA PHE CA 109 -48.06 28.40 -26.55
C PHE CA 109 -49.16 27.49 -26.05
N GLU CA 110 -49.69 26.65 -26.94
CA GLU CA 110 -50.87 25.84 -26.66
C GLU CA 110 -50.54 24.35 -26.77
N GLY CA 111 -51.10 23.57 -25.86
CA GLY CA 111 -51.00 22.13 -25.93
C GLY CA 111 -52.36 21.48 -25.80
N ARG CA 112 -52.68 20.55 -26.70
CA ARG CA 112 -53.96 19.87 -26.71
C ARG CA 112 -53.77 18.38 -26.48
N ALA CA 113 -54.69 17.77 -25.75
CA ALA CA 113 -54.66 16.35 -25.50
C ALA CA 113 -55.27 15.58 -26.66
N SER CA 114 -54.61 14.50 -27.06
CA SER CA 114 -55.14 13.61 -28.09
C SER CA 114 -56.09 12.56 -27.52
N ASN CA 115 -56.26 12.52 -26.20
CA ASN CA 115 -57.18 11.62 -25.55
C ASN CA 115 -58.01 12.42 -24.56
N ILE CA 116 -59.33 12.30 -24.64
CA ILE CA 116 -60.21 13.12 -23.80
C ILE CA 116 -59.95 12.88 -22.32
N ASN CA 117 -59.52 11.67 -21.96
CA ASN CA 117 -59.23 11.34 -20.57
C ASN CA 117 -57.84 11.74 -20.15
N THR CA 118 -57.07 12.40 -21.02
CA THR CA 118 -55.68 12.72 -20.76
C THR CA 118 -55.50 14.23 -20.61
N ARG CA 119 -54.54 14.61 -19.76
CA ARG CA 119 -54.21 16.01 -19.56
C ARG CA 119 -53.67 16.63 -20.85
N ALA CA 120 -53.64 17.96 -20.87
CA ALA CA 120 -52.99 18.73 -21.92
C ALA CA 120 -51.82 19.50 -21.32
N SER CA 121 -50.66 19.39 -21.95
CA SER CA 121 -49.43 19.97 -21.41
C SER CA 121 -48.79 20.88 -22.44
N VAL CA 122 -48.12 21.92 -21.94
CA VAL CA 122 -47.35 22.84 -22.77
C VAL CA 122 -46.47 23.68 -21.84
N GLY CA 123 -45.32 24.11 -22.34
CA GLY CA 123 -44.41 24.92 -21.55
C GLY CA 123 -43.60 25.85 -22.43
N TYR CA 124 -42.98 26.83 -21.78
CA TYR CA 124 -42.12 27.78 -22.47
C TYR CA 124 -40.91 28.09 -21.61
N ARG CA 125 -39.76 28.25 -22.27
CA ARG CA 125 -38.51 28.58 -21.60
C ARG CA 125 -38.26 30.08 -21.69
N ILE CA 126 -37.70 30.65 -20.64
CA ILE CA 126 -37.35 32.06 -20.60
C ILE CA 126 -35.87 32.19 -20.96
N PRO CA 127 -35.51 33.03 -21.94
CA PRO CA 127 -34.11 33.15 -22.33
C PRO CA 127 -33.29 33.84 -21.24
N THR CA 128 -31.97 33.77 -21.41
CA THR CA 128 -31.06 34.33 -20.42
C THR CA 128 -31.26 35.83 -20.26
N ASN CA 129 -31.38 36.55 -21.39
CA ASN CA 129 -31.50 38.00 -21.35
C ASN CA 129 -32.79 38.48 -20.69
N LEU CA 130 -33.72 37.58 -20.36
CA LEU CA 130 -34.97 37.95 -19.71
C LEU CA 130 -35.16 37.25 -18.37
N ARG CA 131 -34.07 36.83 -17.73
CA ARG CA 131 -34.14 36.14 -16.44
C ARG CA 131 -33.69 37.11 -15.34
N GLN CA 132 -34.63 37.95 -14.91
CA GLN CA 132 -34.43 38.85 -13.79
C GLN CA 132 -35.33 38.41 -12.63
N ASN CA 133 -35.31 39.20 -11.56
CA ASN CA 133 -36.12 38.90 -10.39
C ASN CA 133 -37.55 39.41 -10.57
N THR CA 134 -38.46 38.79 -9.84
CA THR CA 134 -39.86 39.21 -9.79
C THR CA 134 -40.35 39.11 -8.35
N VAL CA 135 -41.08 40.13 -7.90
CA VAL CA 135 -41.63 40.13 -6.56
C VAL CA 135 -43.04 39.56 -6.60
N ALA CA 136 -43.70 39.50 -5.44
CA ALA CA 136 -45.00 38.84 -5.34
C ALA CA 136 -46.06 39.55 -6.18
N ALA CA 137 -46.04 40.88 -6.20
CA ALA CA 137 -47.06 41.62 -6.92
C ALA CA 137 -46.99 41.42 -8.42
N ASP CA 138 -45.84 40.98 -8.94
CA ASP CA 138 -45.71 40.73 -10.36
C ASP CA 138 -46.49 39.49 -10.78
N ASN CA 139 -46.51 39.24 -12.08
CA ASN CA 139 -47.22 38.09 -12.64
C ASN CA 139 -46.29 37.32 -13.56
N VAL CA 140 -46.52 36.01 -13.63
CA VAL CA 140 -45.68 35.12 -14.44
C VAL CA 140 -46.21 35.05 -15.86
N CYS CA 141 -47.47 34.65 -16.02
CA CYS CA 141 -48.03 34.45 -17.34
C CYS CA 141 -49.55 34.32 -17.23
N GLU CA 142 -50.22 34.46 -18.37
CA GLU CA 142 -51.65 34.22 -18.47
C GLU CA 142 -51.91 32.78 -18.89
N VAL CA 143 -52.99 32.20 -18.37
CA VAL CA 143 -53.35 30.82 -18.65
C VAL CA 143 -54.78 30.78 -19.17
N ARG CA 144 -54.99 30.03 -20.26
CA ARG CA 144 -56.31 29.82 -20.82
C ARG CA 144 -56.52 28.32 -21.02
N SER CA 145 -57.71 27.84 -20.68
CA SER CA 145 -58.00 26.42 -20.79
C SER CA 145 -59.50 26.21 -20.69
N ASN CA 146 -59.98 25.14 -21.32
CA ASN CA 146 -61.36 24.72 -21.14
C ASN CA 146 -61.58 23.96 -19.84
N CYS CA 147 -60.51 23.62 -19.13
CA CYS CA 147 -60.60 22.98 -17.83
C CYS CA 147 -60.61 24.04 -16.74
N ARG CA 148 -61.32 23.75 -15.65
CA ARG CA 148 -61.50 24.73 -14.59
C ARG CA 148 -60.27 24.90 -13.73
N GLN CA 149 -59.32 23.97 -13.79
CA GLN CA 149 -58.08 24.07 -13.03
C GLN CA 149 -56.90 23.69 -13.91
N VAL CA 150 -55.73 24.24 -13.58
CA VAL CA 150 -54.49 23.98 -14.30
C VAL CA 150 -53.39 23.78 -13.27
N ALA CA 151 -52.59 22.73 -13.44
CA ALA CA 151 -51.47 22.44 -12.55
C ALA CA 151 -50.19 22.97 -13.17
N LEU CA 152 -49.50 23.83 -12.45
CA LEU CA 152 -48.28 24.48 -12.93
C LEU CA 152 -47.07 23.94 -12.19
N VAL CA 153 -45.95 23.79 -12.90
CA VAL CA 153 -44.67 23.42 -12.33
C VAL CA 153 -43.66 24.42 -12.86
N ILE CA 154 -43.23 25.35 -12.01
CA ILE CA 154 -42.37 26.46 -12.42
C ILE CA 154 -40.95 26.17 -11.93
N SER CA 155 -40.04 25.94 -12.87
CA SER CA 155 -38.63 25.82 -12.56
C SER CA 155 -38.04 27.22 -12.43
N CYS CA 156 -37.73 27.63 -11.20
CA CYS CA 156 -37.30 28.99 -10.92
C CYS CA 156 -36.12 28.96 -9.95
N CYS CA 157 -35.58 30.14 -9.65
CA CYS CA 157 -34.45 30.30 -8.76
C CYS CA 157 -34.83 31.28 -7.67
N PHE CA 158 -35.03 30.79 -6.45
CA PHE CA 158 -35.34 31.65 -5.32
C PHE CA 158 -34.07 32.31 -4.79
N ASN CA 159 -34.15 33.61 -4.53
CA ASN CA 159 -33.02 34.37 -4.01
C ASN CA 159 -33.49 35.56 -3.19
N SER DA 17 -27.15 -42.63 -14.39
CA SER DA 17 -27.04 -41.57 -15.37
C SER DA 17 -27.95 -40.40 -15.00
N ASN DA 18 -29.26 -40.62 -15.18
CA ASN DA 18 -30.27 -39.71 -14.68
C ASN DA 18 -30.74 -40.10 -13.28
N VAL DA 19 -29.89 -40.75 -12.50
CA VAL DA 19 -30.24 -41.29 -11.20
C VAL DA 19 -29.33 -40.65 -10.15
N VAL DA 20 -29.61 -40.95 -8.89
CA VAL DA 20 -28.93 -40.28 -7.78
C VAL DA 20 -27.43 -40.62 -7.77
N THR DA 21 -26.66 -39.76 -7.12
CA THR DA 21 -25.25 -39.98 -6.85
C THR DA 21 -25.00 -39.71 -5.37
N MET DA 22 -23.79 -40.04 -4.92
CA MET DA 22 -23.43 -39.87 -3.51
C MET DA 22 -22.62 -38.60 -3.32
N ILE DA 23 -22.91 -37.90 -2.22
CA ILE DA 23 -22.18 -36.69 -1.83
C ILE DA 23 -21.24 -37.07 -0.69
N ARG DA 24 -19.95 -36.71 -0.83
CA ARG DA 24 -18.95 -37.01 0.18
C ARG DA 24 -18.87 -35.82 1.15
N ALA DA 25 -19.83 -35.77 2.06
CA ALA DA 25 -19.93 -34.66 2.99
C ALA DA 25 -18.79 -34.72 4.02
N GLY DA 26 -18.56 -33.59 4.69
CA GLY DA 26 -17.51 -33.49 5.67
C GLY DA 26 -18.04 -33.13 7.06
N SER DA 27 -17.35 -32.22 7.73
CA SER DA 27 -17.76 -31.80 9.06
C SER DA 27 -19.12 -31.12 9.01
N TYR DA 28 -19.81 -31.13 10.14
CA TYR DA 28 -21.12 -30.51 10.22
C TYR DA 28 -21.00 -29.01 9.96
N PRO DA 29 -21.75 -28.46 9.01
CA PRO DA 29 -21.58 -27.05 8.65
C PRO DA 29 -22.31 -26.13 9.60
N LYS DA 30 -22.02 -24.83 9.46
CA LYS DA 30 -22.76 -23.82 10.20
C LYS DA 30 -24.17 -23.69 9.63
N VAL DA 31 -25.16 -23.74 10.51
CA VAL DA 31 -26.56 -23.78 10.09
C VAL DA 31 -27.30 -22.58 10.68
N ASN DA 32 -28.49 -22.33 10.14
CA ASN DA 32 -29.38 -21.29 10.61
C ASN DA 32 -30.81 -21.62 10.22
N PRO DA 33 -31.61 -22.16 11.13
CA PRO DA 33 -32.99 -22.56 10.75
C PRO DA 33 -33.91 -21.39 10.47
N THR DA 34 -33.53 -20.17 10.87
CA THR DA 34 -34.37 -18.99 10.69
C THR DA 34 -33.54 -17.88 10.07
N PRO DA 35 -33.28 -17.96 8.77
CA PRO DA 35 -32.44 -16.96 8.10
C PRO DA 35 -33.23 -15.71 7.75
N THR DA 36 -32.53 -14.76 7.13
CA THR DA 36 -33.15 -13.52 6.68
C THR DA 36 -33.87 -13.74 5.35
N TRP DA 37 -34.48 -12.67 4.83
CA TRP DA 37 -35.24 -12.75 3.59
C TRP DA 37 -35.51 -11.38 3.00
N VAL DA 38 -35.03 -11.14 1.79
CA VAL DA 38 -35.33 -9.91 1.05
C VAL DA 38 -36.64 -10.11 0.30
N ARG DA 39 -37.54 -9.15 0.40
CA ARG DA 39 -38.90 -9.33 -0.11
C ARG DA 39 -39.43 -8.02 -0.66
N ALA DA 40 -40.42 -8.13 -1.54
CA ALA DA 40 -41.23 -7.01 -2.00
C ALA DA 40 -42.68 -7.34 -1.65
N ILE DA 41 -43.21 -6.67 -0.64
CA ILE DA 41 -44.48 -7.04 -0.03
C ILE DA 41 -45.58 -6.18 -0.63
N PRO DA 42 -46.58 -6.75 -1.30
CA PRO DA 42 -47.72 -5.95 -1.76
C PRO DA 42 -48.90 -5.97 -0.79
N PHE DA 43 -49.40 -4.80 -0.43
CA PHE DA 43 -50.59 -4.71 0.41
C PHE DA 43 -51.22 -3.34 0.18
N GLU DA 44 -52.46 -3.20 0.67
CA GLU DA 44 -53.25 -2.01 0.46
C GLU DA 44 -53.70 -1.41 1.78
N VAL DA 45 -53.92 -0.10 1.78
CA VAL DA 45 -54.36 0.62 2.97
C VAL DA 45 -55.49 1.57 2.58
N SER DA 46 -56.48 1.68 3.46
CA SER DA 46 -57.59 2.60 3.21
C SER DA 46 -57.20 4.02 3.58
N VAL DA 47 -57.59 4.97 2.72
CA VAL DA 47 -57.21 6.36 2.88
C VAL DA 47 -58.47 7.22 2.79
N GLN DA 48 -58.54 8.24 3.64
CA GLN DA 48 -59.64 9.20 3.63
C GLN DA 48 -59.25 10.44 2.83
N SER DA 49 -60.25 11.26 2.54
CA SER DA 49 -60.05 12.48 1.74
C SER DA 49 -59.50 13.58 2.63
N GLY DA 50 -58.33 14.10 2.27
CA GLY DA 50 -57.70 15.18 3.00
C GLY DA 50 -57.06 14.78 4.31
N ILE DA 51 -57.06 13.49 4.65
CA ILE DA 51 -56.47 12.99 5.90
C ILE DA 51 -55.28 12.12 5.55
N ALA DA 52 -54.24 12.21 6.37
CA ALA DA 52 -53.02 11.42 6.19
C ALA DA 52 -53.11 10.14 7.00
N PHE DA 53 -52.86 9.01 6.35
CA PHE DA 53 -52.91 7.70 6.99
C PHE DA 53 -51.51 7.21 7.28
N LYS DA 54 -51.27 6.84 8.53
CA LYS DA 54 -49.97 6.29 8.95
C LYS DA 54 -49.97 4.78 8.69
N VAL DA 55 -49.07 4.33 7.83
CA VAL DA 55 -48.99 2.91 7.48
C VAL DA 55 -48.17 2.18 8.55
N PRO DA 56 -48.77 1.24 9.28
CA PRO DA 56 -48.02 0.53 10.31
C PRO DA 56 -47.10 -0.52 9.72
N VAL DA 57 -45.95 -0.69 10.37
CA VAL DA 57 -45.00 -1.72 9.95
C VAL DA 57 -45.57 -3.11 10.21
N GLY DA 58 -46.46 -3.25 11.19
CA GLY DA 58 -47.06 -4.53 11.49
C GLY DA 58 -47.82 -5.16 10.34
N SER DA 59 -48.20 -4.36 9.35
CA SER DA 59 -48.85 -4.91 8.16
C SER DA 59 -47.91 -5.78 7.34
N LEU DA 60 -46.60 -5.65 7.54
CA LEU DA 60 -45.64 -6.47 6.82
C LEU DA 60 -45.51 -7.86 7.42
N PHE DA 61 -45.77 -8.00 8.73
CA PHE DA 61 -45.70 -9.29 9.40
C PHE DA 61 -47.08 -9.95 9.30
N SER DA 62 -47.20 -10.96 8.45
CA SER DA 62 -48.48 -11.64 8.25
C SER DA 62 -48.22 -12.98 7.59
N ALA DA 63 -49.12 -13.94 7.86
CA ALA DA 63 -49.04 -15.24 7.23
C ALA DA 63 -49.32 -15.16 5.74
N ASN DA 64 -50.00 -14.11 5.28
CA ASN DA 64 -50.21 -13.90 3.85
C ASN DA 64 -48.92 -13.58 3.11
N PHE DA 65 -47.83 -13.30 3.82
CA PHE DA 65 -46.55 -13.00 3.21
C PHE DA 65 -45.45 -13.95 3.67
N ARG DA 66 -45.80 -15.02 4.37
CA ARG DA 66 -44.84 -15.95 4.96
C ARG DA 66 -43.90 -15.25 5.93
N THR DA 67 -44.36 -14.16 6.54
CA THR DA 67 -43.52 -13.34 7.40
C THR DA 67 -44.03 -13.26 8.84
N ASP DA 68 -44.98 -14.11 9.22
CA ASP DA 68 -45.51 -14.08 10.58
C ASP DA 68 -44.49 -14.54 11.62
N SER DA 69 -43.34 -15.06 11.20
CA SER DA 69 -42.28 -15.46 12.12
C SER DA 69 -41.28 -14.35 12.40
N PHE DA 70 -41.28 -13.27 11.62
CA PHE DA 70 -40.40 -12.14 11.84
C PHE DA 70 -41.03 -11.15 12.81
N THR DA 71 -40.17 -10.45 13.54
CA THR DA 71 -40.60 -9.36 14.41
C THR DA 71 -39.99 -8.02 14.04
N SER DA 72 -38.95 -7.99 13.21
CA SER DA 72 -38.32 -6.76 12.78
C SER DA 72 -38.06 -6.84 11.29
N VAL DA 73 -37.84 -5.67 10.68
CA VAL DA 73 -37.65 -5.58 9.23
C VAL DA 73 -36.92 -4.29 8.93
N THR DA 74 -36.04 -4.33 7.92
CA THR DA 74 -35.26 -3.19 7.48
C THR DA 74 -35.79 -2.75 6.12
N VAL DA 75 -36.47 -1.61 6.08
CA VAL DA 75 -37.08 -1.12 4.85
C VAL DA 75 -36.06 -0.38 4.01
N MET DA 76 -36.04 -0.67 2.70
CA MET DA 76 -35.17 -0.02 1.75
C MET DA 76 -35.86 1.00 0.88
N SER DA 77 -37.05 0.69 0.37
CA SER DA 77 -37.78 1.61 -0.49
C SER DA 77 -39.27 1.43 -0.27
N VAL DA 78 -40.04 2.44 -0.67
CA VAL DA 78 -41.50 2.42 -0.60
C VAL DA 78 -42.04 2.91 -1.94
N ARG DA 79 -43.00 2.19 -2.50
CA ARG DA 79 -43.65 2.59 -3.74
C ARG DA 79 -45.16 2.48 -3.58
N ALA DA 80 -45.88 3.48 -4.08
CA ALA DA 80 -47.31 3.58 -3.88
C ALA DA 80 -48.04 3.67 -5.22
N TRP DA 81 -49.24 3.07 -5.25
CA TRP DA 81 -50.15 3.18 -6.39
C TRP DA 81 -51.57 3.30 -5.86
N THR DA 82 -52.35 4.20 -6.47
CA THR DA 82 -53.76 4.26 -6.14
C THR DA 82 -54.45 2.96 -6.57
N GLN DA 83 -55.38 2.49 -5.74
CA GLN DA 83 -56.08 1.24 -6.00
C GLN DA 83 -57.51 1.43 -6.47
N LEU DA 84 -58.15 2.55 -6.14
CA LEU DA 84 -59.51 2.83 -6.58
C LEU DA 84 -59.52 4.10 -7.42
N THR DA 85 -60.66 4.34 -8.07
CA THR DA 85 -60.77 5.47 -8.98
C THR DA 85 -60.82 6.79 -8.20
N PRO DA 86 -60.40 7.89 -8.83
CA PRO DA 86 -60.46 9.18 -8.16
C PRO DA 86 -61.87 9.75 -8.17
N PRO DA 87 -62.11 10.88 -7.52
CA PRO DA 87 -63.41 11.54 -7.63
C PRO DA 87 -63.70 11.94 -9.07
N VAL DA 88 -64.97 12.29 -9.31
CA VAL DA 88 -65.38 12.71 -10.64
C VAL DA 88 -64.66 13.99 -11.03
N ASN DA 89 -64.23 14.06 -12.29
CA ASN DA 89 -63.52 15.18 -12.90
C ASN DA 89 -62.10 15.35 -12.40
N GLU DA 90 -61.64 14.53 -11.46
CA GLU DA 90 -60.31 14.68 -10.87
C GLU DA 90 -59.38 13.59 -11.35
N TYR DA 91 -58.10 13.92 -11.45
CA TYR DA 91 -57.05 12.95 -11.70
C TYR DA 91 -56.53 12.38 -10.38
N SER DA 92 -56.09 11.14 -10.41
CA SER DA 92 -55.57 10.49 -9.22
C SER DA 92 -54.23 11.10 -8.83
N PHE DA 93 -54.01 11.21 -7.52
CA PHE DA 93 -52.71 11.61 -6.99
C PHE DA 93 -52.46 10.88 -5.68
N VAL DA 94 -51.19 10.74 -5.33
CA VAL DA 94 -50.78 10.04 -4.12
C VAL DA 94 -49.51 10.68 -3.60
N ARG DA 95 -49.43 10.84 -2.28
CA ARG DA 95 -48.28 11.43 -1.63
C ARG DA 95 -47.72 10.47 -0.59
N LEU DA 96 -46.41 10.59 -0.34
CA LEU DA 96 -45.72 9.73 0.62
C LEU DA 96 -44.78 10.58 1.45
N LYS DA 97 -45.03 10.62 2.76
CA LYS DA 97 -44.14 11.33 3.68
C LYS DA 97 -43.37 10.32 4.52
N PRO DA 98 -42.06 10.15 4.29
CA PRO DA 98 -41.31 9.16 5.09
C PRO DA 98 -41.33 9.50 6.57
N LEU DA 99 -41.38 8.46 7.39
CA LEU DA 99 -41.37 8.57 8.84
C LEU DA 99 -40.24 7.74 9.41
N PHE DA 100 -39.59 8.27 10.44
CA PHE DA 100 -38.46 7.59 11.07
C PHE DA 100 -38.51 7.80 12.57
N LYS DA 101 -38.03 6.80 13.31
CA LYS DA 101 -38.03 6.90 14.77
C LYS DA 101 -37.04 7.95 15.26
N THR DA 102 -35.97 8.21 14.51
CA THR DA 102 -35.02 9.25 14.87
C THR DA 102 -35.48 10.64 14.45
N GLY DA 103 -36.61 10.74 13.73
CA GLY DA 103 -37.12 12.03 13.30
C GLY DA 103 -37.96 11.95 12.05
N ASP DA 104 -39.24 12.28 12.17
CA ASP DA 104 -40.12 12.27 11.01
C ASP DA 104 -39.68 13.29 9.98
N SER DA 105 -39.79 12.93 8.71
CA SER DA 105 -39.46 13.84 7.64
C SER DA 105 -40.67 14.72 7.30
N THR DA 106 -40.43 15.71 6.44
CA THR DA 106 -41.49 16.60 5.99
C THR DA 106 -41.65 16.60 4.47
N GLU DA 107 -41.04 15.63 3.78
CA GLU DA 107 -41.19 15.54 2.33
C GLU DA 107 -42.58 14.98 1.98
N GLU DA 108 -43.10 15.40 0.83
CA GLU DA 108 -44.37 14.92 0.32
C GLU DA 108 -44.18 14.50 -1.14
N PHE DA 109 -43.47 13.40 -1.35
CA PHE DA 109 -43.25 12.86 -2.68
C PHE DA 109 -44.57 12.51 -3.34
N GLU DA 110 -44.99 13.33 -4.31
CA GLU DA 110 -46.31 13.22 -4.91
C GLU DA 110 -46.20 12.77 -6.36
N GLY DA 111 -47.15 11.94 -6.79
CA GLY DA 111 -47.25 11.54 -8.17
C GLY DA 111 -48.69 11.62 -8.66
N ARG DA 112 -48.90 12.21 -9.84
CA ARG DA 112 -50.23 12.40 -10.39
C ARG DA 112 -50.35 11.67 -11.73
N ALA DA 113 -51.54 11.13 -11.99
CA ALA DA 113 -51.79 10.42 -13.23
C ALA DA 113 -52.25 11.40 -14.30
N SER DA 114 -51.69 11.27 -15.49
CA SER DA 114 -52.11 12.09 -16.63
C SER DA 114 -53.36 11.54 -17.31
N ASN DA 115 -54.01 10.56 -16.70
CA ASN DA 115 -55.22 9.97 -17.26
C ASN DA 115 -56.13 9.59 -16.10
N ILE DA 116 -57.40 10.02 -16.17
CA ILE DA 116 -58.33 9.79 -15.07
C ILE DA 116 -58.52 8.30 -14.82
N ASN DA 117 -58.36 7.48 -15.86
CA ASN DA 117 -58.53 6.04 -15.76
C ASN DA 117 -57.24 5.32 -15.37
N THR DA 118 -56.18 6.05 -15.06
CA THR DA 118 -54.87 5.47 -14.80
C THR DA 118 -54.46 5.74 -13.36
N ARG DA 119 -53.72 4.79 -12.79
CA ARG DA 119 -53.21 4.93 -11.43
C ARG DA 119 -52.22 6.09 -11.33
N ALA DA 120 -52.09 6.61 -10.12
CA ALA DA 120 -51.06 7.58 -9.79
C ALA DA 120 -50.00 6.89 -8.95
N SER DA 121 -48.73 7.01 -9.35
CA SER DA 121 -47.64 6.28 -8.74
C SER DA 121 -46.56 7.23 -8.25
N VAL DA 122 -45.93 6.87 -7.13
CA VAL DA 122 -44.82 7.63 -6.58
C VAL DA 122 -44.08 6.70 -5.62
N GLY DA 123 -42.85 7.09 -5.25
CA GLY DA 123 -42.07 6.29 -4.33
C GLY DA 123 -40.87 7.06 -3.84
N TYR DA 124 -40.16 6.45 -2.89
CA TYR DA 124 -38.94 7.05 -2.35
C TYR DA 124 -38.01 5.94 -1.87
N ARG DA 125 -36.71 6.20 -1.96
CA ARG DA 125 -35.68 5.28 -1.52
C ARG DA 125 -35.09 5.73 -0.19
N ILE DA 126 -34.86 4.77 0.70
CA ILE DA 126 -34.27 5.07 2.01
C ILE DA 126 -32.76 4.89 1.92
N PRO DA 127 -31.97 5.88 2.34
CA PRO DA 127 -30.52 5.76 2.22
C PRO DA 127 -29.94 4.77 3.22
N THR DA 128 -28.70 4.33 2.93
CA THR DA 128 -28.05 3.28 3.71
C THR DA 128 -27.36 3.92 4.92
N ASN DA 129 -28.16 4.11 5.97
CA ASN DA 129 -27.74 4.49 7.32
C ASN DA 129 -28.99 4.80 8.11
N LEU DA 130 -30.02 5.28 7.41
CA LEU DA 130 -31.38 5.36 7.93
C LEU DA 130 -32.13 4.05 7.77
N ARG DA 131 -31.44 2.98 7.38
CA ARG DA 131 -32.04 1.66 7.23
C ARG DA 131 -31.78 0.85 8.49
N GLN DA 132 -32.54 1.15 9.54
CA GLN DA 132 -32.52 0.38 10.77
C GLN DA 132 -33.81 -0.45 10.85
N ASN DA 133 -33.87 -1.30 11.87
CA ASN DA 133 -35.01 -2.18 12.04
C ASN DA 133 -36.22 -1.41 12.53
N THR DA 134 -37.40 -1.93 12.22
CA THR DA 134 -38.67 -1.37 12.67
C THR DA 134 -39.58 -2.51 13.12
N VAL DA 135 -40.26 -2.30 14.23
CA VAL DA 135 -41.15 -3.33 14.80
C VAL DA 135 -42.59 -3.04 14.39
N ALA DA 136 -43.51 -3.91 14.83
CA ALA DA 136 -44.90 -3.81 14.39
C ALA DA 136 -45.54 -2.50 14.82
N ALA DA 137 -45.13 -1.95 15.97
CA ALA DA 137 -45.74 -0.71 16.45
C ALA DA 137 -45.26 0.48 15.65
N ASP DA 138 -44.06 0.42 15.06
CA ASP DA 138 -43.52 1.55 14.33
C ASP DA 138 -44.31 1.81 13.05
N ASN DA 139 -44.21 3.04 12.56
CA ASN DA 139 -44.81 3.45 11.30
C ASN DA 139 -43.71 3.70 10.28
N VAL DA 140 -44.06 3.57 9.00
CA VAL DA 140 -43.11 3.73 7.91
C VAL DA 140 -43.27 5.07 7.21
N CYS DA 141 -44.50 5.44 6.86
CA CYS DA 141 -44.73 6.68 6.12
C CYS DA 141 -46.20 7.02 6.15
N GLU DA 142 -46.50 8.31 5.99
CA GLU DA 142 -47.87 8.79 5.83
C GLU DA 142 -48.27 8.73 4.37
N VAL DA 143 -49.55 8.50 4.13
CA VAL DA 143 -50.09 8.37 2.78
C VAL DA 143 -51.28 9.32 2.63
N ARG DA 144 -51.23 10.16 1.60
CA ARG DA 144 -52.34 11.03 1.23
C ARG DA 144 -52.74 10.74 -0.21
N SER DA 145 -54.03 10.88 -0.49
CA SER DA 145 -54.56 10.63 -1.83
C SER DA 145 -56.01 11.07 -1.88
N ASN DA 146 -56.49 11.26 -3.10
CA ASN DA 146 -57.92 11.45 -3.34
C ASN DA 146 -58.63 10.13 -3.59
N CYS DA 147 -57.89 9.07 -3.93
CA CYS DA 147 -58.44 7.73 -4.00
C CYS DA 147 -58.46 7.11 -2.60
N ARG DA 148 -59.29 6.09 -2.43
CA ARG DA 148 -59.66 5.61 -1.11
C ARG DA 148 -58.84 4.42 -0.61
N GLN DA 149 -58.01 3.80 -1.46
CA GLN DA 149 -57.45 2.50 -1.08
C GLN DA 149 -56.03 2.26 -1.59
N VAL DA 150 -55.19 3.30 -1.66
CA VAL DA 150 -53.84 3.25 -2.23
C VAL DA 150 -53.12 1.94 -1.93
N ALA DA 151 -52.54 1.33 -2.96
CA ALA DA 151 -51.80 0.08 -2.85
C ALA DA 151 -50.31 0.36 -2.71
N LEU DA 152 -49.62 -0.52 -1.98
CA LEU DA 152 -48.21 -0.34 -1.65
C LEU DA 152 -47.41 -1.58 -2.03
N VAL DA 153 -46.16 -1.34 -2.42
CA VAL DA 153 -45.17 -2.40 -2.66
C VAL DA 153 -43.88 -1.95 -2.01
N ILE DA 154 -43.50 -2.60 -0.91
CA ILE DA 154 -42.38 -2.17 -0.09
C ILE DA 154 -41.26 -3.19 -0.21
N SER DA 155 -40.11 -2.74 -0.70
CA SER DA 155 -38.90 -3.55 -0.74
C SER DA 155 -38.18 -3.41 0.60
N CYS DA 156 -37.98 -4.54 1.29
CA CYS DA 156 -37.43 -4.52 2.63
C CYS DA 156 -36.63 -5.80 2.87
N CYS DA 157 -36.04 -5.88 4.06
CA CYS DA 157 -35.23 -7.03 4.46
C CYS DA 157 -35.71 -7.52 5.81
N PHE DA 158 -36.40 -8.66 5.82
CA PHE DA 158 -36.88 -9.26 7.06
C PHE DA 158 -35.74 -9.95 7.79
N ASN DA 159 -35.72 -9.80 9.12
CA ASN DA 159 -34.71 -10.45 9.94
C ASN DA 159 -35.25 -10.73 11.34
N THR EA 13 -33.93 -32.28 -51.48
CA THR EA 13 -33.08 -32.16 -52.66
C THR EA 13 -33.87 -31.65 -53.86
N GLY EA 14 -35.14 -31.32 -53.63
CA GLY EA 14 -36.01 -30.90 -54.70
C GLY EA 14 -36.81 -29.64 -54.42
N ASP EA 15 -36.66 -28.64 -55.27
CA ASP EA 15 -37.43 -27.41 -55.17
C ASP EA 15 -37.49 -26.79 -56.57
N ASN EA 16 -37.95 -25.55 -56.63
CA ASN EA 16 -38.07 -24.79 -57.89
C ASN EA 16 -39.01 -25.58 -58.81
N SER EA 17 -38.70 -25.66 -60.11
CA SER EA 17 -39.43 -26.49 -61.07
C SER EA 17 -40.88 -26.04 -61.27
N ASN EA 18 -41.51 -26.55 -62.32
CA ASN EA 18 -42.91 -26.27 -62.59
C ASN EA 18 -43.74 -27.53 -62.84
N VAL EA 19 -43.11 -28.71 -62.86
CA VAL EA 19 -43.79 -29.96 -63.11
C VAL EA 19 -43.40 -30.96 -62.03
N VAL EA 20 -44.10 -32.09 -62.01
CA VAL EA 20 -43.79 -33.16 -61.07
C VAL EA 20 -42.42 -33.74 -61.39
N THR EA 21 -41.67 -34.10 -60.35
CA THR EA 21 -40.34 -34.68 -60.48
C THR EA 21 -40.28 -35.97 -59.69
N MET EA 22 -39.56 -36.95 -60.22
CA MET EA 22 -39.49 -38.27 -59.61
C MET EA 22 -38.59 -38.24 -58.38
N ILE EA 23 -39.09 -38.82 -57.29
CA ILE EA 23 -38.33 -38.98 -56.06
C ILE EA 23 -37.79 -40.40 -56.01
N ARG EA 24 -36.49 -40.54 -55.81
CA ARG EA 24 -35.85 -41.86 -55.72
C ARG EA 24 -35.86 -42.33 -54.26
N ALA EA 25 -37.05 -42.71 -53.81
CA ALA EA 25 -37.24 -43.16 -52.45
C ALA EA 25 -36.54 -44.50 -52.21
N GLY EA 26 -36.30 -44.80 -50.94
CA GLY EA 26 -35.63 -46.04 -50.57
C GLY EA 26 -36.46 -46.94 -49.70
N SER EA 27 -35.87 -47.45 -48.63
CA SER EA 27 -36.58 -48.35 -47.72
C SER EA 27 -37.74 -47.62 -47.04
N TYR EA 28 -38.70 -48.41 -46.57
CA TYR EA 28 -39.83 -47.85 -45.85
C TYR EA 28 -39.33 -47.22 -44.55
N PRO EA 29 -39.57 -45.95 -44.31
CA PRO EA 29 -38.99 -45.26 -43.15
C PRO EA 29 -39.73 -45.61 -41.86
N LYS EA 30 -39.27 -44.99 -40.77
CA LYS EA 30 -39.96 -45.09 -39.49
C LYS EA 30 -41.10 -44.09 -39.48
N VAL EA 31 -42.33 -44.57 -39.24
CA VAL EA 31 -43.52 -43.74 -39.36
C VAL EA 31 -44.19 -43.63 -38.00
N ASN EA 32 -45.09 -42.65 -37.91
CA ASN EA 32 -45.88 -42.41 -36.71
C ASN EA 32 -47.19 -41.74 -37.11
N PRO EA 33 -48.31 -42.47 -37.09
CA PRO EA 33 -49.59 -41.86 -37.49
C PRO EA 33 -50.14 -40.88 -36.48
N THR EA 34 -49.72 -40.94 -35.22
CA THR EA 34 -50.21 -40.06 -34.17
C THR EA 34 -49.03 -39.39 -33.48
N PRO EA 35 -48.47 -38.35 -34.08
CA PRO EA 35 -47.30 -37.69 -33.50
C PRO EA 35 -47.69 -36.70 -32.40
N THR EA 36 -46.67 -36.18 -31.74
CA THR EA 36 -46.86 -35.17 -30.70
C THR EA 36 -47.17 -33.82 -31.35
N TRP EA 37 -47.44 -32.82 -30.51
CA TRP EA 37 -47.80 -31.50 -30.99
C TRP EA 37 -47.55 -30.48 -29.89
N VAL EA 38 -46.75 -29.45 -30.19
CA VAL EA 38 -46.55 -28.34 -29.29
C VAL EA 38 -47.56 -27.25 -29.63
N ARG EA 39 -48.27 -26.76 -28.61
CA ARG EA 39 -49.41 -25.89 -28.84
C ARG EA 39 -49.47 -24.81 -27.77
N ALA EA 40 -50.24 -23.75 -28.08
CA ALA EA 40 -50.65 -22.73 -27.12
C ALA EA 40 -52.17 -22.63 -27.21
N ILE EA 41 -52.85 -23.08 -26.16
CA ILE EA 41 -54.30 -23.29 -26.19
C ILE EA 41 -54.98 -22.07 -25.61
N PRO EA 42 -55.78 -21.33 -26.38
CA PRO EA 42 -56.54 -20.20 -25.80
C PRO EA 42 -57.95 -20.59 -25.41
N PHE EA 43 -58.25 -20.56 -24.11
CA PHE EA 43 -59.60 -20.82 -23.64
C PHE EA 43 -59.87 -19.94 -22.42
N GLU EA 44 -61.15 -19.79 -22.10
CA GLU EA 44 -61.61 -18.89 -21.05
C GLU EA 44 -62.20 -19.67 -19.89
N VAL EA 45 -62.05 -19.13 -18.69
CA VAL EA 45 -62.64 -19.68 -17.48
C VAL EA 45 -63.32 -18.55 -16.72
N SER EA 46 -64.57 -18.78 -16.34
CA SER EA 46 -65.27 -17.85 -15.46
C SER EA 46 -64.67 -17.92 -14.07
N VAL EA 47 -64.70 -16.79 -13.35
CA VAL EA 47 -64.11 -16.68 -12.02
C VAL EA 47 -65.05 -15.88 -11.14
N GLN EA 48 -65.10 -16.24 -9.86
CA GLN EA 48 -65.92 -15.55 -8.88
C GLN EA 48 -65.08 -14.60 -8.04
N SER EA 49 -65.77 -13.71 -7.32
CA SER EA 49 -65.12 -12.73 -6.48
C SER EA 49 -64.68 -13.37 -5.17
N GLY EA 50 -63.40 -13.20 -4.82
CA GLY EA 50 -62.90 -13.73 -3.58
C GLY EA 50 -62.87 -15.24 -3.49
N ILE EA 51 -63.00 -15.95 -4.61
CA ILE EA 51 -63.05 -17.40 -4.64
C ILE EA 51 -62.10 -17.88 -5.73
N ALA EA 52 -61.28 -18.87 -5.40
CA ALA EA 52 -60.34 -19.43 -6.37
C ALA EA 52 -61.03 -20.51 -7.20
N PHE EA 53 -60.56 -20.67 -8.43
CA PHE EA 53 -61.06 -21.70 -9.33
C PHE EA 53 -59.91 -22.55 -9.84
N LYS EA 54 -60.06 -23.87 -9.73
CA LYS EA 54 -59.06 -24.80 -10.22
C LYS EA 54 -59.33 -25.08 -11.70
N VAL EA 55 -58.39 -24.69 -12.55
CA VAL EA 55 -58.51 -24.91 -13.99
C VAL EA 55 -58.26 -26.38 -14.28
N PRO EA 56 -59.23 -27.10 -14.84
CA PRO EA 56 -59.01 -28.52 -15.15
C PRO EA 56 -58.22 -28.68 -16.44
N VAL EA 57 -57.33 -29.68 -16.43
CA VAL EA 57 -56.54 -29.99 -17.63
C VAL EA 57 -57.47 -30.46 -18.75
N GLY EA 58 -58.64 -30.99 -18.41
CA GLY EA 58 -59.56 -31.50 -19.41
C GLY EA 58 -60.02 -30.47 -20.42
N SER EA 59 -59.94 -29.18 -20.07
CA SER EA 59 -60.30 -28.14 -21.03
C SER EA 59 -59.35 -28.10 -22.22
N LEU EA 60 -58.14 -28.65 -22.09
CA LEU EA 60 -57.19 -28.60 -23.18
C LEU EA 60 -57.54 -29.60 -24.28
N PHE EA 61 -58.20 -30.69 -23.93
CA PHE EA 61 -58.58 -31.73 -24.89
C PHE EA 61 -59.96 -31.42 -25.44
N SER EA 62 -60.04 -31.03 -26.71
CA SER EA 62 -61.30 -30.70 -27.33
C SER EA 62 -61.11 -30.69 -28.84
N ALA EA 63 -62.21 -30.95 -29.56
CA ALA EA 63 -62.19 -30.85 -31.01
C ALA EA 63 -62.04 -29.40 -31.48
N ASN EA 64 -62.37 -28.44 -30.61
CA ASN EA 64 -62.17 -27.02 -30.94
C ASN EA 64 -60.70 -26.65 -31.00
N PHE EA 65 -59.81 -27.51 -30.52
CA PHE EA 65 -58.37 -27.27 -30.57
C PHE EA 65 -57.64 -28.33 -31.37
N ARG EA 66 -58.37 -29.22 -32.05
CA ARG EA 66 -57.79 -30.36 -32.77
C ARG EA 66 -57.03 -31.29 -31.83
N THR EA 67 -57.42 -31.33 -30.56
CA THR EA 67 -56.71 -32.11 -29.55
C THR EA 67 -57.59 -33.15 -28.86
N ASP EA 68 -58.78 -33.43 -29.40
CA ASP EA 68 -59.64 -34.43 -28.79
C ASP EA 68 -59.08 -35.85 -28.90
N SER EA 69 -58.05 -36.06 -29.72
CA SER EA 69 -57.45 -37.38 -29.86
C SER EA 69 -56.39 -37.65 -28.80
N PHE EA 70 -55.99 -36.66 -28.02
CA PHE EA 70 -55.00 -36.84 -26.98
C PHE EA 70 -55.66 -37.18 -25.64
N THR EA 71 -54.88 -37.82 -24.78
CA THR EA 71 -55.29 -38.10 -23.41
C THR EA 71 -54.33 -37.55 -22.37
N SER EA 72 -53.15 -37.10 -22.78
CA SER EA 72 -52.15 -36.55 -21.86
C SER EA 72 -51.54 -35.31 -22.49
N VAL EA 73 -50.92 -34.48 -21.65
CA VAL EA 73 -50.30 -33.25 -22.10
C VAL EA 73 -49.29 -32.81 -21.05
N THR EA 74 -48.20 -32.21 -21.51
CA THR EA 74 -47.14 -31.70 -20.64
C THR EA 74 -47.15 -30.17 -20.71
N VAL EA 75 -47.67 -29.54 -19.66
CA VAL EA 75 -47.73 -28.09 -19.62
C VAL EA 75 -46.32 -27.53 -19.42
N MET EA 76 -46.02 -26.44 -20.13
CA MET EA 76 -44.75 -25.74 -20.00
C MET EA 76 -44.86 -24.39 -19.34
N SER EA 77 -45.87 -23.60 -19.70
CA SER EA 77 -46.07 -22.28 -19.10
C SER EA 77 -47.54 -21.90 -19.21
N VAL EA 78 -47.99 -21.09 -18.26
CA VAL EA 78 -49.37 -20.62 -18.19
C VAL EA 78 -49.37 -19.10 -18.18
N ARG EA 79 -50.27 -18.51 -18.94
CA ARG EA 79 -50.44 -17.06 -18.99
C ARG EA 79 -51.93 -16.73 -18.92
N ALA EA 80 -52.29 -15.77 -18.09
CA ALA EA 80 -53.69 -15.45 -17.81
C ALA EA 80 -53.95 -13.97 -18.05
N TRP EA 81 -55.08 -13.68 -18.70
CA TRP EA 81 -55.56 -12.32 -18.91
C TRP EA 81 -56.99 -12.22 -18.44
N THR EA 82 -57.33 -11.12 -17.77
CA THR EA 82 -58.72 -10.86 -17.44
C THR EA 82 -59.53 -10.64 -18.71
N GLN EA 83 -60.72 -11.23 -18.75
CA GLN EA 83 -61.52 -11.25 -19.97
C GLN EA 83 -62.70 -10.27 -19.95
N LEU EA 84 -63.12 -9.82 -18.77
CA LEU EA 84 -64.23 -8.89 -18.65
C LEU EA 84 -63.81 -7.70 -17.79
N THR EA 85 -64.69 -6.70 -17.75
CA THR EA 85 -64.40 -5.48 -17.00
C THR EA 85 -64.36 -5.77 -15.49
N PRO EA 86 -63.61 -4.98 -14.73
CA PRO EA 86 -63.57 -5.17 -13.27
C PRO EA 86 -64.78 -4.53 -12.62
N PRO EA 87 -64.96 -4.74 -11.31
CA PRO EA 87 -66.01 -4.01 -10.59
C PRO EA 87 -65.80 -2.51 -10.68
N VAL EA 88 -66.87 -1.77 -10.37
CA VAL EA 88 -66.82 -0.31 -10.43
C VAL EA 88 -65.78 0.20 -9.45
N ASN EA 89 -65.08 1.26 -9.84
CA ASN EA 89 -64.04 1.95 -9.08
C ASN EA 89 -62.78 1.13 -8.90
N GLU EA 90 -62.72 -0.09 -9.42
CA GLU EA 90 -61.59 -0.99 -9.18
C GLU EA 90 -60.77 -1.20 -10.45
N TYR EA 91 -59.49 -1.48 -10.25
CA TYR EA 91 -58.62 -1.94 -11.32
C TYR EA 91 -58.62 -3.46 -11.35
N SER EA 92 -58.43 -4.00 -12.55
CA SER EA 92 -58.45 -5.45 -12.72
C SER EA 92 -57.19 -6.09 -12.14
N PHE EA 93 -57.34 -7.32 -11.66
CA PHE EA 93 -56.21 -8.11 -11.20
C PHE EA 93 -56.51 -9.58 -11.47
N VAL EA 94 -55.45 -10.38 -11.43
CA VAL EA 94 -55.56 -11.83 -11.67
C VAL EA 94 -54.38 -12.51 -11.00
N ARG EA 95 -54.67 -13.60 -10.28
CA ARG EA 95 -53.65 -14.37 -9.59
C ARG EA 95 -53.58 -15.77 -10.16
N LEU EA 96 -52.44 -16.42 -9.98
CA LEU EA 96 -52.21 -17.78 -10.48
C LEU EA 96 -51.46 -18.57 -9.43
N LYS EA 97 -52.04 -19.67 -8.97
CA LYS EA 97 -51.39 -20.56 -8.02
C LYS EA 97 -51.11 -21.90 -8.69
N PRO EA 98 -49.87 -22.24 -9.00
CA PRO EA 98 -49.59 -23.49 -9.71
C PRO EA 98 -50.01 -24.70 -8.88
N LEU EA 99 -50.53 -25.71 -9.57
CA LEU EA 99 -50.97 -26.96 -8.96
C LEU EA 99 -50.21 -28.12 -9.59
N PHE EA 100 -49.74 -29.04 -8.76
CA PHE EA 100 -49.02 -30.21 -9.22
C PHE EA 100 -49.49 -31.43 -8.45
N LYS EA 101 -49.51 -32.58 -9.14
CA LYS EA 101 -49.95 -33.82 -8.50
C LYS EA 101 -48.99 -34.25 -7.40
N THR EA 102 -47.70 -33.95 -7.54
CA THR EA 102 -46.72 -34.27 -6.51
C THR EA 102 -46.71 -33.25 -5.37
N GLY EA 103 -47.51 -32.20 -5.46
CA GLY EA 103 -47.56 -31.19 -4.41
C GLY EA 103 -47.96 -29.82 -4.94
N ASP EA 104 -49.08 -29.30 -4.42
CA ASP EA 104 -49.57 -28.00 -4.87
C ASP EA 104 -48.67 -26.89 -4.35
N SER EA 105 -48.40 -25.91 -5.22
CA SER EA 105 -47.63 -24.75 -4.81
C SER EA 105 -48.54 -23.76 -4.08
N THR EA 106 -47.92 -22.91 -3.27
CA THR EA 106 -48.62 -21.87 -2.54
C THR EA 106 -48.31 -20.47 -3.08
N GLU EA 107 -47.64 -20.38 -4.23
CA GLU EA 107 -47.39 -19.09 -4.84
C GLU EA 107 -48.69 -18.47 -5.36
N GLU EA 108 -48.71 -17.15 -5.45
CA GLU EA 108 -49.85 -16.41 -5.99
C GLU EA 108 -49.31 -15.32 -6.93
N PHE EA 109 -48.81 -15.75 -8.09
CA PHE EA 109 -48.32 -14.83 -9.10
C PHE EA 109 -49.44 -13.90 -9.57
N GLU EA 110 -49.37 -12.64 -9.16
CA GLU EA 110 -50.45 -11.69 -9.39
C GLU EA 110 -50.00 -10.59 -10.35
N GLY EA 111 -50.93 -10.12 -11.17
CA GLY EA 111 -50.71 -9.00 -12.06
C GLY EA 111 -51.92 -8.09 -12.09
N ARG EA 112 -51.72 -6.79 -11.87
CA ARG EA 112 -52.80 -5.83 -11.83
C ARG EA 112 -52.67 -4.85 -13.00
N ALA EA 113 -53.81 -4.31 -13.40
CA ALA EA 113 -53.85 -3.32 -14.46
C ALA EA 113 -53.69 -1.91 -13.90
N SER EA 114 -52.97 -1.07 -14.61
CA SER EA 114 -52.80 0.33 -14.22
C SER EA 114 -53.83 1.24 -14.86
N ASN EA 115 -54.67 0.72 -15.75
CA ASN EA 115 -55.76 1.46 -16.37
C ASN EA 115 -57.02 0.62 -16.23
N ILE EA 116 -58.10 1.22 -15.69
CA ILE EA 116 -59.31 0.47 -15.38
C ILE EA 116 -59.88 -0.19 -16.63
N ASN EA 117 -59.60 0.38 -17.80
CA ASN EA 117 -60.09 -0.16 -19.06
C ASN EA 117 -59.16 -1.20 -19.67
N THR EA 118 -58.07 -1.53 -19.00
CA THR EA 118 -57.06 -2.43 -19.53
C THR EA 118 -57.06 -3.76 -18.78
N ARG EA 119 -56.74 -4.84 -19.50
CA ARG EA 119 -56.65 -6.15 -18.91
C ARG EA 119 -55.56 -6.20 -17.85
N ALA EA 120 -55.65 -7.20 -16.98
CA ALA EA 120 -54.61 -7.53 -16.03
C ALA EA 120 -54.02 -8.89 -16.40
N SER EA 121 -52.70 -8.97 -16.47
CA SER EA 121 -52.02 -10.15 -16.99
C SER EA 121 -50.96 -10.62 -16.00
N VAL EA 122 -50.72 -11.94 -16.03
CA VAL EA 122 -49.67 -12.55 -15.22
C VAL EA 122 -49.46 -13.97 -15.74
N GLY EA 123 -48.28 -14.52 -15.48
CA GLY EA 123 -47.99 -15.87 -15.93
C GLY EA 123 -46.89 -16.49 -15.09
N TYR EA 124 -46.71 -17.80 -15.28
CA TYR EA 124 -45.65 -18.52 -14.58
C TYR EA 124 -45.14 -19.64 -15.48
N ARG EA 125 -43.89 -20.01 -15.27
CA ARG EA 125 -43.22 -21.04 -16.05
C ARG EA 125 -42.96 -22.26 -15.19
N ILE EA 126 -43.29 -23.44 -15.71
CA ILE EA 126 -43.03 -24.70 -15.01
C ILE EA 126 -41.61 -25.15 -15.32
N PRO EA 127 -40.80 -25.46 -14.31
CA PRO EA 127 -39.43 -25.89 -14.58
C PRO EA 127 -39.39 -27.29 -15.19
N THR EA 128 -38.23 -27.61 -15.79
CA THR EA 128 -38.09 -28.87 -16.49
C THR EA 128 -38.31 -30.06 -15.56
N ASN EA 129 -37.84 -29.97 -14.31
CA ASN EA 129 -37.98 -31.06 -13.37
C ASN EA 129 -39.42 -31.31 -12.94
N LEU EA 130 -40.36 -30.45 -13.34
CA LEU EA 130 -41.76 -30.61 -12.98
C LEU EA 130 -42.65 -30.73 -14.22
N ARG EA 131 -42.07 -31.03 -15.38
CA ARG EA 131 -42.83 -31.11 -16.62
C ARG EA 131 -43.19 -32.57 -16.92
N GLN EA 132 -44.16 -33.06 -16.16
CA GLN EA 132 -44.72 -34.39 -16.35
C GLN EA 132 -46.12 -34.27 -16.94
N ASN EA 133 -46.64 -35.41 -17.40
CA ASN EA 133 -47.93 -35.43 -18.06
C ASN EA 133 -49.06 -35.17 -17.07
N THR EA 134 -50.17 -34.64 -17.57
CA THR EA 134 -51.39 -34.43 -16.81
C THR EA 134 -52.57 -34.86 -17.65
N VAL EA 135 -53.55 -35.47 -17.00
CA VAL EA 135 -54.74 -35.98 -17.70
C VAL EA 135 -55.93 -35.09 -17.41
N ALA EA 136 -57.09 -35.43 -17.99
CA ALA EA 136 -58.26 -34.56 -17.88
C ALA EA 136 -58.73 -34.39 -16.44
N ALA EA 137 -58.51 -35.40 -15.59
CA ALA EA 137 -58.94 -35.31 -14.20
C ALA EA 137 -58.05 -34.40 -13.37
N ASP EA 138 -56.88 -34.02 -13.87
CA ASP EA 138 -55.94 -33.19 -13.13
C ASP EA 138 -56.25 -31.71 -13.33
N ASN EA 139 -55.59 -30.89 -12.51
CA ASN EA 139 -55.75 -29.44 -12.56
C ASN EA 139 -54.44 -28.78 -12.94
N VAL EA 140 -54.52 -27.59 -13.52
CA VAL EA 140 -53.34 -26.84 -13.93
C VAL EA 140 -52.95 -25.88 -12.81
N CYS EA 141 -53.86 -24.96 -12.48
CA CYS EA 141 -53.57 -23.92 -11.49
C CYS EA 141 -54.88 -23.37 -10.96
N GLU EA 142 -54.77 -22.58 -9.90
CA GLU EA 142 -55.90 -21.85 -9.34
C GLU EA 142 -55.89 -20.41 -9.85
N VAL EA 143 -57.07 -19.91 -10.20
CA VAL EA 143 -57.22 -18.56 -10.74
C VAL EA 143 -58.08 -17.75 -9.78
N ARG EA 144 -57.58 -16.59 -9.38
CA ARG EA 144 -58.31 -15.63 -8.57
C ARG EA 144 -58.33 -14.29 -9.27
N SER EA 145 -59.48 -13.62 -9.23
CA SER EA 145 -59.63 -12.34 -9.92
C SER EA 145 -60.92 -11.69 -9.46
N ASN EA 146 -61.00 -10.37 -9.64
CA ASN EA 146 -62.24 -9.63 -9.45
C ASN EA 146 -63.08 -9.57 -10.71
N CYS EA 147 -62.53 -9.98 -11.85
CA CYS EA 147 -63.26 -10.02 -13.10
C CYS EA 147 -64.00 -11.34 -13.21
N ARG EA 148 -65.19 -11.30 -13.82
CA ARG EA 148 -66.04 -12.47 -13.86
C ARG EA 148 -65.46 -13.60 -14.69
N GLN EA 149 -64.66 -13.26 -15.71
CA GLN EA 149 -64.01 -14.26 -16.55
C GLN EA 149 -62.53 -13.94 -16.68
N VAL EA 150 -61.75 -14.98 -17.01
CA VAL EA 150 -60.32 -14.86 -17.21
C VAL EA 150 -59.94 -15.69 -18.44
N ALA EA 151 -59.14 -15.10 -19.33
CA ALA EA 151 -58.66 -15.78 -20.52
C ALA EA 151 -57.28 -16.36 -20.27
N LEU EA 152 -57.07 -17.59 -20.76
CA LEU EA 152 -55.83 -18.31 -20.53
C LEU EA 152 -55.17 -18.66 -21.86
N VAL EA 153 -53.84 -18.71 -21.85
CA VAL EA 153 -53.05 -19.19 -22.99
C VAL EA 153 -51.96 -20.09 -22.41
N ILE EA 154 -52.13 -21.40 -22.58
CA ILE EA 154 -51.25 -22.39 -21.96
C ILE EA 154 -50.34 -22.97 -23.03
N SER EA 155 -49.04 -22.76 -22.88
CA SER EA 155 -48.05 -23.39 -23.74
C SER EA 155 -47.75 -24.79 -23.20
N CYS EA 156 -48.10 -25.81 -23.97
CA CYS EA 156 -48.00 -27.19 -23.52
C CYS EA 156 -47.55 -28.07 -24.68
N CYS EA 157 -47.38 -29.35 -24.39
CA CYS EA 157 -46.93 -30.34 -25.37
C CYS EA 157 -47.85 -31.57 -25.28
N PHE EA 158 -48.78 -31.68 -26.22
CA PHE EA 158 -49.68 -32.82 -26.24
C PHE EA 158 -48.94 -34.08 -26.68
N ASN EA 159 -49.27 -35.20 -26.04
CA ASN EA 159 -48.67 -36.49 -26.39
C ASN EA 159 -49.58 -37.63 -25.97
N ASP FA 15 -35.27 17.68 -64.13
CA ASP FA 15 -33.85 17.74 -64.46
C ASP FA 15 -33.31 19.14 -64.25
N ASN FA 16 -33.87 19.86 -63.28
CA ASN FA 16 -33.43 21.21 -62.93
C ASN FA 16 -33.54 22.17 -64.10
N SER FA 17 -34.24 21.76 -65.16
CA SER FA 17 -34.45 22.61 -66.31
C SER FA 17 -35.79 23.33 -66.19
N ASN FA 18 -35.89 24.46 -66.89
CA ASN FA 18 -37.08 25.32 -66.80
C ASN FA 18 -37.85 25.40 -68.10
N VAL FA 19 -37.49 24.61 -69.12
CA VAL FA 19 -38.19 24.62 -70.40
C VAL FA 19 -38.35 23.19 -70.89
N VAL FA 20 -39.24 23.02 -71.86
CA VAL FA 20 -39.44 21.71 -72.48
C VAL FA 20 -38.20 21.35 -73.29
N THR FA 21 -37.83 20.07 -73.23
CA THR FA 21 -36.70 19.54 -73.97
C THR FA 21 -37.15 18.39 -74.84
N MET FA 22 -36.49 18.23 -75.99
CA MET FA 22 -36.90 17.22 -76.96
C MET FA 22 -36.48 15.83 -76.52
N ILE FA 23 -37.33 14.85 -76.80
CA ILE FA 23 -37.06 13.45 -76.55
C ILE FA 23 -36.86 12.77 -77.91
N ARG FA 24 -35.72 12.10 -78.07
CA ARG FA 24 -35.38 11.45 -79.33
C ARG FA 24 -35.91 10.01 -79.30
N ALA FA 25 -37.22 9.90 -79.48
CA ALA FA 25 -37.86 8.60 -79.46
C ALA FA 25 -37.48 7.79 -80.69
N GLY FA 26 -37.64 6.47 -80.58
CA GLY FA 26 -37.34 5.58 -81.68
C GLY FA 26 -38.56 4.84 -82.20
N SER FA 27 -38.58 3.53 -82.02
CA SER FA 27 -39.71 2.73 -82.48
C SER FA 27 -40.86 2.80 -81.47
N TYR FA 28 -42.03 2.39 -81.93
CA TYR FA 28 -43.20 2.38 -81.05
C TYR FA 28 -43.04 1.27 -80.01
N PRO FA 29 -43.19 1.57 -78.73
CA PRO FA 29 -42.94 0.55 -77.70
C PRO FA 29 -44.16 -0.33 -77.46
N LYS FA 30 -43.94 -1.42 -76.73
CA LYS FA 30 -45.03 -2.26 -76.28
C LYS FA 30 -45.87 -1.48 -75.27
N VAL FA 31 -47.18 -1.45 -75.47
CA VAL FA 31 -48.08 -0.65 -74.66
C VAL FA 31 -49.11 -1.56 -74.01
N ASN FA 32 -49.78 -1.02 -72.99
CA ASN FA 32 -50.87 -1.72 -72.30
C ASN FA 32 -51.83 -0.71 -71.71
N PRO FA 33 -53.03 -0.54 -72.29
CA PRO FA 33 -53.95 0.46 -71.74
C PRO FA 33 -54.61 0.03 -70.45
N THR FA 34 -54.75 -1.28 -70.21
CA THR FA 34 -55.40 -1.80 -69.01
C THR FA 34 -54.41 -2.68 -68.26
N PRO FA 35 -53.50 -2.07 -67.51
CA PRO FA 35 -52.47 -2.85 -66.81
C PRO FA 35 -53.01 -3.38 -65.48
N THR FA 36 -52.12 -4.02 -64.73
CA THR FA 36 -52.45 -4.53 -63.41
C THR FA 36 -52.28 -3.43 -62.37
N TRP FA 37 -52.53 -3.78 -61.10
CA TRP FA 37 -52.43 -2.80 -60.02
C TRP FA 37 -52.37 -3.52 -58.70
N VAL FA 38 -51.34 -3.25 -57.90
CA VAL FA 38 -51.24 -3.74 -56.53
C VAL FA 38 -51.87 -2.70 -55.62
N ARG FA 39 -52.78 -3.16 -54.75
CA ARG FA 39 -53.62 -2.24 -54.00
C ARG FA 39 -53.85 -2.76 -52.59
N ALA FA 40 -54.28 -1.85 -51.71
CA ALA FA 40 -54.71 -2.16 -50.36
C ALA FA 40 -56.09 -1.53 -50.19
N ILE FA 41 -57.13 -2.34 -50.26
CA ILE FA 41 -58.51 -1.87 -50.36
C ILE FA 41 -59.12 -1.82 -48.97
N PRO FA 42 -59.54 -0.65 -48.48
CA PRO FA 42 -60.23 -0.60 -47.18
C PRO FA 42 -61.75 -0.55 -47.33
N PHE FA 43 -62.45 -1.46 -46.65
CA PHE FA 43 -63.91 -1.47 -46.66
C PHE FA 43 -64.39 -2.17 -45.39
N GLU FA 44 -65.69 -2.06 -45.14
CA GLU FA 44 -66.30 -2.55 -43.91
C GLU FA 44 -67.42 -3.54 -44.23
N VAL FA 45 -67.68 -4.42 -43.28
CA VAL FA 45 -68.75 -5.42 -43.40
C VAL FA 45 -69.50 -5.49 -42.08
N SER FA 46 -70.79 -5.78 -42.16
CA SER FA 46 -71.62 -5.94 -40.97
C SER FA 46 -71.60 -7.40 -40.52
N VAL FA 47 -71.41 -7.60 -39.21
CA VAL FA 47 -71.28 -8.94 -38.64
C VAL FA 47 -72.28 -9.06 -37.49
N GLN FA 48 -73.03 -10.16 -37.49
CA GLN FA 48 -73.97 -10.46 -36.42
C GLN FA 48 -73.31 -11.31 -35.35
N SER FA 49 -73.90 -11.28 -34.15
CA SER FA 49 -73.33 -11.99 -33.02
C SER FA 49 -73.49 -13.50 -33.20
N GLY FA 50 -72.37 -14.23 -33.08
CA GLY FA 50 -72.40 -15.67 -33.15
C GLY FA 50 -72.59 -16.25 -34.53
N ILE FA 51 -72.50 -15.42 -35.58
CA ILE FA 51 -72.71 -15.86 -36.96
C ILE FA 51 -71.53 -15.40 -37.79
N ALA FA 52 -70.99 -16.31 -38.61
CA ALA FA 52 -69.87 -15.99 -39.48
C ALA FA 52 -70.35 -15.38 -40.78
N PHE FA 53 -69.74 -14.26 -41.16
CA PHE FA 53 -70.08 -13.55 -42.38
C PHE FA 53 -69.03 -13.84 -43.45
N LYS FA 54 -69.48 -14.29 -44.61
CA LYS FA 54 -68.59 -14.59 -45.73
C LYS FA 54 -68.31 -13.30 -46.49
N VAL FA 55 -67.07 -12.84 -46.46
CA VAL FA 55 -66.68 -11.61 -47.14
C VAL FA 55 -66.60 -11.87 -48.63
N PRO FA 56 -67.44 -11.24 -49.46
CA PRO FA 56 -67.42 -11.51 -50.89
C PRO FA 56 -66.28 -10.79 -51.59
N VAL FA 57 -65.72 -11.43 -52.60
CA VAL FA 57 -64.66 -10.82 -53.40
C VAL FA 57 -65.19 -9.62 -54.17
N GLY FA 58 -66.48 -9.63 -54.52
CA GLY FA 58 -67.06 -8.53 -55.28
C GLY FA 58 -66.98 -7.18 -54.60
N SER FA 59 -66.74 -7.16 -53.29
CA SER FA 59 -66.58 -5.89 -52.59
C SER FA 59 -65.32 -5.14 -53.02
N LEU FA 60 -64.32 -5.86 -53.54
CA LEU FA 60 -63.09 -5.20 -53.97
C LEU FA 60 -63.28 -4.42 -55.26
N PHE FA 61 -64.17 -4.89 -56.14
CA PHE FA 61 -64.45 -4.21 -57.40
C PHE FA 61 -65.49 -3.13 -57.15
N SER FA 62 -65.08 -1.86 -57.24
CA SER FA 62 -65.98 -0.74 -57.03
C SER FA 62 -65.33 0.52 -57.55
N ALA FA 63 -66.16 1.44 -58.05
CA ALA FA 63 -65.65 2.73 -58.49
C ALA FA 63 -65.08 3.54 -57.32
N ASN FA 64 -65.50 3.24 -56.09
CA ASN FA 64 -64.93 3.89 -54.92
C ASN FA 64 -63.47 3.51 -54.71
N PHE FA 65 -62.99 2.45 -55.37
CA PHE FA 65 -61.60 2.04 -55.30
C PHE FA 65 -60.91 2.10 -56.66
N ARG FA 66 -61.54 2.70 -57.67
CA ARG FA 66 -60.98 2.79 -59.02
C ARG FA 66 -60.77 1.42 -59.64
N THR FA 67 -61.51 0.41 -59.18
CA THR FA 67 -61.31 -0.96 -59.63
C THR FA 67 -62.54 -1.55 -60.32
N ASP FA 68 -63.52 -0.72 -60.70
CA ASP FA 68 -64.70 -1.25 -61.38
C ASP FA 68 -64.39 -1.77 -62.78
N SER FA 69 -63.19 -1.52 -63.30
CA SER FA 69 -62.80 -2.06 -64.60
C SER FA 69 -62.22 -3.46 -64.52
N PHE FA 70 -61.85 -3.91 -63.33
CA PHE FA 70 -61.33 -5.26 -63.13
C PHE FA 70 -62.46 -6.25 -62.90
N THR FA 71 -62.18 -7.51 -63.23
CA THR FA 71 -63.12 -8.61 -62.97
C THR FA 71 -62.52 -9.74 -62.17
N SER FA 72 -61.19 -9.80 -62.02
CA SER FA 72 -60.53 -10.82 -61.23
C SER FA 72 -59.46 -10.16 -60.37
N VAL FA 73 -59.08 -10.85 -59.29
CA VAL FA 73 -58.13 -10.29 -58.34
C VAL FA 73 -57.41 -11.45 -57.64
N THR FA 74 -56.13 -11.24 -57.33
CA THR FA 74 -55.31 -12.21 -56.62
C THR FA 74 -54.98 -11.64 -55.25
N VAL FA 75 -55.61 -12.20 -54.22
CA VAL FA 75 -55.45 -11.71 -52.85
C VAL FA 75 -54.13 -12.22 -52.29
N MET FA 76 -53.41 -11.34 -51.59
CA MET FA 76 -52.15 -11.68 -50.94
C MET FA 76 -52.26 -11.80 -49.43
N SER FA 77 -52.96 -10.87 -48.77
CA SER FA 77 -53.14 -10.93 -47.33
C SER FA 77 -54.43 -10.23 -46.95
N VAL FA 78 -54.96 -10.59 -45.79
CA VAL FA 78 -56.21 -10.03 -45.27
C VAL FA 78 -55.98 -9.62 -43.83
N ARG FA 79 -56.28 -8.36 -43.52
CA ARG FA 79 -56.22 -7.85 -42.15
C ARG FA 79 -57.59 -7.29 -41.77
N ALA FA 80 -57.92 -7.42 -40.49
CA ALA FA 80 -59.24 -7.05 -39.98
C ALA FA 80 -59.12 -6.22 -38.71
N TRP FA 81 -60.04 -5.27 -38.56
CA TRP FA 81 -60.15 -4.44 -37.36
C TRP FA 81 -61.61 -4.29 -37.01
N THR FA 82 -61.94 -4.42 -35.72
CA THR FA 82 -63.30 -4.17 -35.27
C THR FA 82 -63.63 -2.69 -35.44
N GLN FA 83 -64.77 -2.42 -36.07
CA GLN FA 83 -65.14 -1.06 -36.44
C GLN FA 83 -66.00 -0.36 -35.40
N LEU FA 84 -66.68 -1.10 -34.54
CA LEU FA 84 -67.55 -0.51 -33.53
C LEU FA 84 -67.17 -1.04 -32.15
N THR FA 85 -67.81 -0.48 -31.13
CA THR FA 85 -67.50 -0.84 -29.76
C THR FA 85 -68.03 -2.23 -29.43
N PRO FA 86 -67.37 -2.97 -28.54
CA PRO FA 86 -67.85 -4.30 -28.17
C PRO FA 86 -69.02 -4.22 -27.22
N PRO FA 87 -69.68 -5.35 -26.94
CA PRO FA 87 -70.77 -5.34 -25.95
C PRO FA 87 -70.27 -4.90 -24.59
N VAL FA 88 -71.23 -4.58 -23.71
CA VAL FA 88 -70.90 -4.09 -22.39
C VAL FA 88 -70.13 -5.15 -21.62
N ASN FA 89 -69.09 -4.71 -20.90
CA ASN FA 89 -68.22 -5.53 -20.05
C ASN FA 89 -67.28 -6.43 -20.83
N GLU FA 90 -67.32 -6.42 -22.17
CA GLU FA 90 -66.51 -7.32 -22.98
C GLU FA 90 -65.40 -6.56 -23.69
N TYR FA 91 -64.32 -7.28 -23.98
CA TYR FA 91 -63.26 -6.78 -24.85
C TYR FA 91 -63.54 -7.20 -26.29
N SER FA 92 -63.07 -6.39 -27.23
CA SER FA 92 -63.29 -6.69 -28.64
C SER FA 92 -62.47 -7.88 -29.08
N PHE FA 93 -63.00 -8.63 -30.04
CA PHE FA 93 -62.27 -9.71 -30.68
C PHE FA 93 -62.74 -9.82 -32.13
N VAL FA 94 -61.91 -10.50 -32.93
CA VAL FA 94 -62.21 -10.70 -34.34
C VAL FA 94 -61.49 -11.95 -34.80
N ARG FA 95 -62.19 -12.78 -35.58
CA ARG FA 95 -61.64 -14.03 -36.09
C ARG FA 95 -61.69 -14.03 -37.61
N LEU FA 96 -60.75 -14.76 -38.22
CA LEU FA 96 -60.66 -14.86 -39.67
C LEU FA 96 -60.43 -16.32 -40.05
N LYS FA 97 -61.26 -16.84 -40.96
CA LYS FA 97 -61.12 -18.21 -41.46
C LYS FA 97 -60.93 -18.17 -42.97
N PRO FA 98 -59.72 -18.36 -43.48
CA PRO FA 98 -59.48 -18.22 -44.92
C PRO FA 98 -60.26 -19.26 -45.73
N LEU FA 99 -60.86 -18.80 -46.82
CA LEU FA 99 -61.62 -19.65 -47.73
C LEU FA 99 -60.91 -19.70 -49.08
N PHE FA 100 -61.00 -20.85 -49.73
CA PHE FA 100 -60.37 -21.06 -51.04
C PHE FA 100 -61.25 -21.95 -51.89
N LYS FA 101 -61.29 -21.67 -53.20
CA LYS FA 101 -62.11 -22.46 -54.10
C LYS FA 101 -61.62 -23.89 -54.22
N THR FA 102 -60.33 -24.14 -53.96
CA THR FA 102 -59.80 -25.49 -53.96
C THR FA 102 -60.11 -26.24 -52.67
N GLY FA 103 -60.51 -25.54 -51.62
CA GLY FA 103 -60.76 -26.16 -50.34
C GLY FA 103 -60.65 -25.20 -49.18
N ASP FA 104 -61.78 -24.92 -48.52
CA ASP FA 104 -61.79 -23.97 -47.43
C ASP FA 104 -61.00 -24.48 -46.24
N SER FA 105 -60.25 -23.58 -45.60
CA SER FA 105 -59.46 -23.92 -44.43
C SER FA 105 -60.31 -23.79 -43.17
N THR FA 106 -59.77 -24.31 -42.06
CA THR FA 106 -60.46 -24.28 -40.78
C THR FA 106 -59.71 -23.47 -39.73
N GLU FA 107 -58.72 -22.68 -40.14
CA GLU FA 107 -58.03 -21.81 -39.19
C GLU FA 107 -58.95 -20.70 -38.72
N GLU FA 108 -58.75 -20.27 -37.47
CA GLU FA 108 -59.52 -19.18 -36.87
C GLU FA 108 -58.53 -18.21 -36.21
N PHE FA 109 -57.78 -17.49 -37.03
CA PHE FA 109 -56.84 -16.49 -36.55
C PHE FA 109 -57.61 -15.42 -35.76
N GLU FA 110 -57.35 -15.35 -34.46
CA GLU FA 110 -58.10 -14.47 -33.57
C GLU FA 110 -57.17 -13.46 -32.90
N GLY FA 111 -57.64 -12.21 -32.86
CA GLY FA 111 -56.95 -11.16 -32.13
C GLY FA 111 -57.90 -10.45 -31.18
N ARG FA 112 -57.47 -10.26 -29.93
CA ARG FA 112 -58.32 -9.62 -28.93
C ARG FA 112 -57.70 -8.32 -28.47
N ALA FA 113 -58.57 -7.40 -28.01
CA ALA FA 113 -58.13 -6.11 -27.53
C ALA FA 113 -57.87 -6.16 -26.03
N SER FA 114 -56.77 -5.55 -25.61
CA SER FA 114 -56.43 -5.45 -24.20
C SER FA 114 -57.07 -4.25 -23.53
N ASN FA 115 -57.74 -3.39 -24.29
CA ASN FA 115 -58.46 -2.24 -23.74
C ASN FA 115 -59.85 -2.23 -24.34
N ILE FA 116 -60.87 -2.05 -23.49
CA ILE FA 116 -62.25 -2.10 -23.96
C ILE FA 116 -62.54 -0.99 -24.97
N ASN FA 117 -61.75 0.07 -24.96
CA ASN FA 117 -61.91 1.18 -25.89
C ASN FA 117 -61.05 1.05 -27.13
N THR FA 118 -60.32 -0.06 -27.28
CA THR FA 118 -59.36 -0.23 -28.37
C THR FA 118 -59.84 -1.32 -29.32
N ARG FA 119 -59.56 -1.14 -30.62
CA ARG FA 119 -59.93 -2.12 -31.62
C ARG FA 119 -59.21 -3.44 -31.39
N ALA FA 120 -59.82 -4.52 -31.86
CA ALA FA 120 -59.16 -5.81 -31.98
C ALA FA 120 -58.69 -5.99 -33.41
N SER FA 121 -57.51 -6.59 -33.58
CA SER FA 121 -56.90 -6.71 -34.89
C SER FA 121 -56.28 -8.09 -35.06
N VAL FA 122 -56.31 -8.59 -36.29
CA VAL FA 122 -55.67 -9.85 -36.64
C VAL FA 122 -55.60 -9.91 -38.16
N GLY FA 123 -54.75 -10.80 -38.67
CA GLY FA 123 -54.60 -10.96 -40.11
C GLY FA 123 -53.88 -12.24 -40.44
N TYR FA 124 -53.95 -12.62 -41.72
CA TYR FA 124 -53.26 -13.80 -42.20
C TYR FA 124 -52.68 -13.53 -43.58
N ARG FA 125 -51.64 -14.29 -43.92
CA ARG FA 125 -50.97 -14.19 -45.20
C ARG FA 125 -51.25 -15.43 -46.04
N ILE FA 126 -51.56 -15.22 -47.30
CA ILE FA 126 -51.80 -16.33 -48.24
C ILE FA 126 -50.47 -16.72 -48.86
N PRO FA 127 -50.08 -18.00 -48.79
CA PRO FA 127 -48.81 -18.41 -49.41
C PRO FA 127 -48.86 -18.27 -50.92
N THR FA 128 -47.68 -18.29 -51.53
CA THR FA 128 -47.57 -18.11 -52.98
C THR FA 128 -48.35 -19.19 -53.72
N ASN FA 129 -48.27 -20.43 -53.25
CA ASN FA 129 -48.94 -21.54 -53.93
C ASN FA 129 -50.45 -21.46 -53.86
N LEU FA 130 -51.02 -20.52 -53.09
CA LEU FA 130 -52.46 -20.37 -52.99
C LEU FA 130 -52.93 -18.99 -53.46
N ARG FA 131 -52.13 -18.31 -54.28
CA ARG FA 131 -52.49 -16.98 -54.77
C ARG FA 131 -52.98 -17.08 -56.21
N GLN FA 132 -54.21 -17.58 -56.34
CA GLN FA 132 -54.91 -17.65 -57.61
C GLN FA 132 -56.02 -16.61 -57.64
N ASN FA 133 -56.52 -16.35 -58.84
CA ASN FA 133 -57.53 -15.31 -59.02
C ASN FA 133 -58.85 -15.70 -58.38
N THR FA 134 -59.60 -14.69 -57.96
CA THR FA 134 -60.94 -14.87 -57.41
C THR FA 134 -61.87 -13.85 -58.06
N VAL FA 135 -63.09 -14.30 -58.40
CA VAL FA 135 -64.05 -13.43 -59.05
C VAL FA 135 -65.09 -12.94 -58.05
N ALA FA 136 -66.00 -12.08 -58.49
CA ALA FA 136 -66.94 -11.44 -57.57
C ALA FA 136 -67.81 -12.46 -56.84
N ALA FA 137 -68.13 -13.59 -57.50
CA ALA FA 137 -68.96 -14.60 -56.87
C ALA FA 137 -68.23 -15.37 -55.77
N ASP FA 138 -66.92 -15.23 -55.67
CA ASP FA 138 -66.14 -15.96 -54.68
C ASP FA 138 -66.12 -15.22 -53.34
N ASN FA 139 -65.60 -15.90 -52.33
CA ASN FA 139 -65.42 -15.34 -50.99
C ASN FA 139 -63.98 -15.52 -50.57
N VAL FA 140 -63.51 -14.61 -49.71
CA VAL FA 140 -62.13 -14.63 -49.25
C VAL FA 140 -61.99 -15.32 -47.90
N CYS FA 141 -62.87 -15.03 -46.96
CA CYS FA 141 -62.77 -15.57 -45.61
C CYS FA 141 -64.06 -15.28 -44.85
N GLU FA 142 -64.23 -15.99 -43.74
CA GLU FA 142 -65.32 -15.73 -42.81
C GLU FA 142 -64.82 -14.85 -41.67
N VAL FA 143 -65.72 -14.02 -41.13
CA VAL FA 143 -65.39 -13.05 -40.09
C VAL FA 143 -66.36 -13.24 -38.94
N ARG FA 144 -65.81 -13.36 -37.73
CA ARG FA 144 -66.60 -13.46 -36.50
C ARG FA 144 -66.11 -12.41 -35.52
N SER FA 145 -67.03 -11.83 -34.77
CA SER FA 145 -66.69 -10.78 -33.82
C SER FA 145 -67.90 -10.50 -32.94
N ASN FA 146 -67.63 -10.02 -31.73
CA ASN FA 146 -68.67 -9.51 -30.86
C ASN FA 146 -69.08 -8.09 -31.21
N CYS FA 147 -68.32 -7.42 -32.06
CA CYS FA 147 -68.68 -6.10 -32.57
C CYS FA 147 -69.54 -6.24 -33.82
N ARG FA 148 -70.34 -5.22 -34.09
CA ARG FA 148 -71.30 -5.30 -35.17
C ARG FA 148 -70.70 -5.02 -36.54
N GLN FA 149 -69.56 -4.34 -36.61
CA GLN FA 149 -68.90 -4.06 -37.88
C GLN FA 149 -67.41 -4.35 -37.77
N VAL FA 150 -66.82 -4.75 -38.90
CA VAL FA 150 -65.40 -5.08 -38.97
C VAL FA 150 -64.82 -4.39 -40.19
N ALA FA 151 -63.74 -3.64 -39.99
CA ALA FA 151 -63.02 -2.99 -41.09
C ALA FA 151 -61.89 -3.90 -41.57
N LEU FA 152 -61.75 -3.99 -42.89
CA LEU FA 152 -60.74 -4.83 -43.51
C LEU FA 152 -59.88 -4.01 -44.46
N VAL FA 153 -58.59 -4.32 -44.51
CA VAL FA 153 -57.65 -3.70 -45.43
C VAL FA 153 -56.96 -4.85 -46.17
N ILE FA 154 -57.51 -5.22 -47.33
CA ILE FA 154 -57.04 -6.38 -48.07
C ILE FA 154 -55.98 -5.94 -49.06
N SER FA 155 -54.81 -6.56 -48.99
CA SER FA 155 -53.73 -6.32 -49.95
C SER FA 155 -53.84 -7.35 -51.07
N CYS FA 156 -54.07 -6.86 -52.29
CA CYS FA 156 -54.31 -7.75 -53.42
C CYS FA 156 -53.70 -7.14 -54.68
N CYS FA 157 -53.74 -7.91 -55.76
CA CYS FA 157 -53.17 -7.50 -57.05
C CYS FA 157 -54.25 -7.61 -58.11
N PHE FA 158 -54.81 -6.48 -58.51
CA PHE FA 158 -55.88 -6.48 -59.51
C PHE FA 158 -55.30 -6.75 -60.89
N ASN FA 159 -55.98 -7.62 -61.65
CA ASN FA 159 -55.58 -7.96 -63.00
C ASN FA 159 -56.79 -8.35 -63.84
P PO4 NA . -9.15 -36.64 19.89
O1 PO4 NA . -9.58 -35.23 20.18
O2 PO4 NA . -10.25 -37.60 20.28
O3 PO4 NA . -8.84 -36.79 18.42
O4 PO4 NA . -7.91 -36.95 20.70
MG MG OA . -1.59 -33.87 27.72
CL CL PA . -9.97 -46.43 23.33
S SO4 QA . -5.99 10.42 37.63
O1 SO4 QA . -5.75 10.44 39.06
O2 SO4 QA . -7.38 10.52 37.17
O3 SO4 QA . -5.40 9.19 37.12
O4 SO4 QA . -5.48 11.69 37.12
MG MG RA . 0.75 31.76 13.51
P PO4 SA . -0.78 39.82 15.06
O1 PO4 SA . -2.02 38.98 15.32
O2 PO4 SA . -1.17 41.27 14.95
O3 PO4 SA . -0.14 39.36 13.77
O4 PO4 SA . 0.20 39.64 16.19
MG MG TA . -10.75 41.43 13.60
P PO4 UA . 60.91 -6.52 11.36
O1 PO4 UA . 59.47 -6.96 11.23
O2 PO4 UA . 60.96 -5.05 11.70
O3 PO4 UA . 61.63 -6.76 10.06
O4 PO4 UA . 61.58 -7.31 12.46
S SO4 VA . 89.50 2.28 13.16
O1 SO4 VA . 89.59 2.22 14.62
O2 SO4 VA . 88.09 2.30 12.76
O3 SO4 VA . 90.15 1.11 12.59
O4 SO4 VA . 90.16 3.49 12.70
S SO4 WA . 102.58 21.69 -20.40
O1 SO4 WA . 102.68 21.67 -18.94
O2 SO4 WA . 101.18 21.71 -20.80
O3 SO4 WA . 103.23 20.51 -20.96
O4 SO4 WA . 103.26 22.89 -20.87
S SO4 XA . 71.09 -19.90 48.35
O1 SO4 XA . 71.20 -19.97 49.81
O2 SO4 XA . 69.68 -19.83 47.96
O3 SO4 XA . 71.71 -21.07 47.75
O4 SO4 XA . 71.78 -18.71 47.88
P PO4 YA . -58.57 5.41 -22.22
O1 PO4 YA . -59.15 6.80 -22.12
O2 PO4 YA . -59.67 4.39 -22.10
O3 PO4 YA . -57.87 5.24 -23.55
O4 PO4 YA . -57.57 5.21 -21.10
P PO4 ZA . -83.93 11.87 -7.45
O1 PO4 ZA . -85.15 11.02 -7.26
O2 PO4 ZA . -83.20 11.90 -6.12
O3 PO4 ZA . -84.39 13.26 -7.83
O4 PO4 ZA . -83.09 11.23 -8.53
MG MG AB . -53.48 0.36 -21.87
MG MG BB . -59.76 -7.25 -15.84
S SO4 CB . -56.06 -29.98 -5.45
O1 SO4 CB . -55.88 -29.89 -4.01
O2 SO4 CB . -57.47 -30.16 -5.76
O3 SO4 CB . -55.29 -31.12 -5.96
O4 SO4 CB . -55.58 -28.75 -6.08
S SO4 DB . -58.79 -24.35 -59.57
O1 SO4 DB . -58.76 -23.52 -58.36
O2 SO4 DB . -60.10 -24.12 -60.17
O3 SO4 DB . -58.43 -25.76 -59.64
O4 SO4 DB . -57.82 -23.62 -60.37
P PO4 EB . -3.08 188.48 -59.72
O1 PO4 EB . -4.30 187.62 -59.52
O2 PO4 EB . -2.30 188.54 -58.43
O3 PO4 EB . -3.50 189.87 -60.12
O4 PO4 EB . -2.22 187.87 -60.81
#